data_3MI6
#
_entry.id   3MI6
#
_cell.length_a   115.938
_cell.length_b   158.818
_cell.length_c   166.017
_cell.angle_alpha   90.00
_cell.angle_beta   90.00
_cell.angle_gamma   90.00
#
_symmetry.space_group_name_H-M   'P 21 21 21'
#
loop_
_entity.id
_entity.type
_entity.pdbx_description
1 polymer Alpha-galactosidase
2 water water
#
_entity_poly.entity_id   1
_entity_poly.type   'polypeptide(L)'
_entity_poly.pdbx_seq_one_letter_code
;(MSE)SIHVNEANLTFHLQTDHTSYIFQI(MSE)KNGEAGQIYYGPRIHVQPTYQNL(MSE)SQEWRDATPSLNEENPNF
QPATIKAEYASLGKGDFRQPAFQVTQANGSRITELTYDHYQLLTGKQRLANLPSTFDDTDDDAQTLVVSFNDRITGLALD
LNYSIFPHQDVIVKSAKFTNPSSEKLVLNRALSSQLDLPDANYDLIQFSGTWARERHLYRHPLRPG(MSE)QSISSLR
(MSE)ASSHQQNPF(MSE)(MSE)LARPQTTDEQGAVFGFNLVYSGNFLDAIEVDQYSTSRILTGINPDEFGWNLAPQAT
FQTPEAILSYTSAG(MSE)NQLSQQ(MSE)ASFYQQHLVNPRFAHEERPVLINNWEATYFDFNEAKL(MSE)TIVNQAKR
LGIE(MSE)FVLDDGWFGHRDDDTTSLGDWFVDQRKFPDGIEHFSQAVHQQG(MSE)KFGLWFEPE(MSE)VSVDSDLYQ
QHPDWLIHAPKSTPTPGRHQFVLD(MSE)ARPEVVDYLFKL(MSE)SQ(MSE)IESANLDYIKWD(MSE)NRYATE
(MSE)FSSRLTSDQQLELPHRYILGVYQLYARLTQAYPNVLFESCASGGGRFDLG(MSE)(MSE)YYAPQAWTSDDTDAA
ERLLIQFGTSYGYPQA(MSE)(MSE)GAHVSAVPNDQ(MSE)GRITSLKTRGAVAFFGDLGYELDITK(MSE)APTELDQ
VKKQVAFYKCYRQLFQFGKFYRIDSPFVEDGNVTSWQVVSDDQKQAIAARYQLLNHPNAPYTRFYFKGLRPNQRYQINDD
PSTYYGDEL(MSE)NAGYFVPTILADGQESKDFYTQLFVVTAILEHHHHHH
;
_entity_poly.pdbx_strand_id   A,B,C,D
#
# COMPACT_ATOMS: atom_id res chain seq x y z
N SER A 2 12.31 -29.81 25.91
CA SER A 2 11.40 -30.83 26.42
C SER A 2 10.16 -30.23 27.07
N ILE A 3 9.30 -31.10 27.60
CA ILE A 3 8.02 -30.72 28.18
C ILE A 3 8.13 -30.61 29.70
N HIS A 4 7.83 -29.41 30.21
CA HIS A 4 7.93 -29.12 31.63
C HIS A 4 6.56 -28.88 32.23
N VAL A 5 6.19 -29.68 33.25
CA VAL A 5 4.94 -29.51 34.01
C VAL A 5 5.19 -29.07 35.43
N ASN A 6 4.40 -28.10 35.91
CA ASN A 6 4.41 -27.65 37.28
C ASN A 6 3.15 -28.11 37.96
N GLU A 7 3.22 -29.21 38.68
CA GLU A 7 2.04 -29.82 39.23
C GLU A 7 1.28 -28.90 40.18
N ALA A 8 2.01 -28.15 40.99
CA ALA A 8 1.40 -27.22 41.93
C ALA A 8 0.53 -26.16 41.25
N ASN A 9 0.91 -25.76 40.05
CA ASN A 9 0.21 -24.69 39.37
C ASN A 9 -0.57 -25.14 38.14
N LEU A 10 -0.29 -26.37 37.70
CA LEU A 10 -0.88 -26.87 36.46
C LEU A 10 -0.43 -26.02 35.26
N THR A 11 0.83 -25.58 35.30
CA THR A 11 1.49 -24.94 34.17
C THR A 11 2.18 -25.93 33.22
N PHE A 12 1.81 -25.88 31.95
CA PHE A 12 2.34 -26.79 30.94
C PHE A 12 3.15 -26.00 29.91
N HIS A 13 4.43 -26.32 29.82
CA HIS A 13 5.40 -25.55 29.04
C HIS A 13 6.12 -26.55 28.16
N LEU A 14 5.85 -26.48 26.85
CA LEU A 14 6.56 -27.26 25.87
C LEU A 14 7.64 -26.39 25.28
N GLN A 15 8.88 -26.85 25.29
CA GLN A 15 10.00 -26.11 24.71
C GLN A 15 10.62 -26.89 23.57
N THR A 16 10.62 -26.34 22.36
CA THR A 16 11.44 -26.91 21.30
C THR A 16 12.83 -26.30 21.46
N ASP A 17 13.75 -26.62 20.56
CA ASP A 17 15.06 -25.99 20.61
C ASP A 17 14.94 -24.45 20.60
N HIS A 18 13.93 -23.91 19.91
CA HIS A 18 13.81 -22.45 19.81
C HIS A 18 12.48 -21.80 20.22
N THR A 19 11.49 -22.58 20.63
CA THR A 19 10.17 -22.00 20.89
C THR A 19 9.56 -22.43 22.22
N SER A 20 8.57 -21.68 22.68
CA SER A 20 7.82 -22.05 23.87
C SER A 20 6.35 -22.00 23.58
N TYR A 21 5.64 -23.01 24.03
CA TYR A 21 4.18 -23.07 23.92
C TYR A 21 3.77 -23.38 25.34
N ILE A 22 3.02 -22.46 25.94
CA ILE A 22 2.72 -22.50 27.37
C ILE A 22 1.25 -22.31 27.64
N PHE A 23 0.68 -23.20 28.44
CA PHE A 23 -0.74 -23.09 28.76
C PHE A 23 -0.96 -23.52 30.21
N GLN A 24 -2.08 -23.07 30.78
CA GLN A 24 -2.29 -23.27 32.20
C GLN A 24 -3.74 -23.69 32.46
N ILE A 25 -3.97 -24.54 33.47
CA ILE A 25 -5.33 -24.85 33.86
C ILE A 25 -5.78 -23.74 34.77
N MSE A 26 -7.04 -23.34 34.66
CA MSE A 26 -7.50 -22.19 35.39
C MSE A 26 -8.56 -22.49 36.43
O MSE A 26 -8.99 -23.62 36.59
CB MSE A 26 -7.97 -21.15 34.41
CG MSE A 26 -6.87 -20.81 33.42
SE MSE A 26 -7.35 -19.29 32.34
CE MSE A 26 -8.94 -20.06 31.49
N LYS A 27 -8.95 -21.46 37.15
CA LYS A 27 -9.86 -21.59 38.30
C LYS A 27 -11.18 -22.28 37.90
N ASN A 28 -11.57 -22.13 36.63
CA ASN A 28 -12.79 -22.74 36.11
C ASN A 28 -12.59 -24.15 35.56
N GLY A 29 -11.34 -24.62 35.54
CA GLY A 29 -11.05 -25.97 35.13
C GLY A 29 -10.63 -26.13 33.69
N GLU A 30 -10.77 -25.09 32.88
CA GLU A 30 -10.38 -25.18 31.47
C GLU A 30 -8.93 -24.78 31.23
N ALA A 31 -8.41 -25.17 30.07
CA ALA A 31 -7.06 -24.76 29.66
C ALA A 31 -7.06 -23.35 29.13
N GLY A 32 -5.99 -22.62 29.42
CA GLY A 32 -5.85 -21.24 29.04
C GLY A 32 -4.47 -20.96 28.50
N GLN A 33 -4.42 -20.45 27.26
CA GLN A 33 -3.19 -20.22 26.54
C GLN A 33 -2.45 -19.04 27.17
N ILE A 34 -1.17 -19.24 27.45
CA ILE A 34 -0.38 -18.20 28.09
C ILE A 34 0.48 -17.48 27.06
N TYR A 35 1.30 -18.23 26.35
CA TYR A 35 2.25 -17.68 25.44
C TYR A 35 2.65 -18.70 24.39
N TYR A 36 2.89 -18.26 23.15
CA TYR A 36 3.50 -19.11 22.14
C TYR A 36 4.31 -18.22 21.21
N GLY A 37 5.62 -18.45 21.20
CA GLY A 37 6.56 -17.61 20.48
C GLY A 37 7.96 -18.19 20.69
N PRO A 38 8.99 -17.34 20.51
CA PRO A 38 10.39 -17.68 20.79
C PRO A 38 10.54 -18.13 22.23
N ARG A 39 11.44 -19.08 22.47
CA ARG A 39 11.61 -19.72 23.78
C ARG A 39 11.87 -18.73 24.90
N ILE A 40 11.21 -18.96 26.03
CA ILE A 40 11.50 -18.25 27.26
C ILE A 40 11.66 -19.21 28.44
N HIS A 41 12.39 -18.77 29.47
CA HIS A 41 12.61 -19.55 30.67
C HIS A 41 11.36 -20.16 31.32
N VAL A 42 11.49 -21.41 31.74
CA VAL A 42 10.48 -22.07 32.53
C VAL A 42 10.28 -21.31 33.87
N GLN A 43 9.02 -21.07 34.22
CA GLN A 43 8.66 -20.49 35.51
C GLN A 43 7.57 -21.32 36.18
N PRO A 44 7.44 -21.21 37.52
CA PRO A 44 6.38 -22.01 38.16
C PRO A 44 5.01 -21.58 37.66
N THR A 45 4.94 -20.36 37.16
CA THR A 45 3.67 -19.73 36.86
C THR A 45 3.99 -18.41 36.15
N TYR A 46 3.04 -17.89 35.40
CA TYR A 46 3.24 -16.63 34.69
C TYR A 46 2.21 -15.57 35.05
N GLN A 47 2.27 -15.08 36.28
CA GLN A 47 1.22 -14.19 36.81
C GLN A 47 0.98 -12.97 35.92
N ASN A 48 2.05 -12.29 35.52
CA ASN A 48 1.93 -11.06 34.78
C ASN A 48 1.17 -11.23 33.47
N LEU A 49 1.45 -12.34 32.80
CA LEU A 49 0.86 -12.61 31.49
C LEU A 49 -0.55 -13.10 31.63
N MSE A 50 -0.89 -13.60 32.81
CA MSE A 50 -2.22 -14.13 33.01
C MSE A 50 -3.09 -13.10 33.68
O MSE A 50 -4.19 -13.42 34.13
CB MSE A 50 -2.17 -15.43 33.83
CG MSE A 50 -1.85 -16.66 32.99
SE MSE A 50 -3.03 -16.82 31.39
CE MSE A 50 -4.62 -17.48 32.35
N SER A 51 -2.63 -11.85 33.73
CA SER A 51 -3.38 -10.77 34.35
C SER A 51 -4.76 -10.61 33.73
N GLN A 52 -5.77 -10.40 34.56
CA GLN A 52 -7.13 -10.18 34.08
C GLN A 52 -7.66 -8.85 34.56
N GLU A 53 -8.30 -8.09 33.66
CA GLU A 53 -8.89 -6.81 34.04
C GLU A 53 -10.35 -6.75 33.63
N TRP A 54 -11.14 -5.95 34.33
CA TRP A 54 -12.55 -5.88 34.01
C TRP A 54 -12.78 -5.22 32.67
N ARG A 55 -13.72 -5.78 31.92
CA ARG A 55 -14.22 -5.19 30.69
C ARG A 55 -15.75 -5.20 30.71
N ASP A 56 -16.36 -4.11 30.28
CA ASP A 56 -17.81 -3.96 30.30
C ASP A 56 -18.56 -4.77 29.24
N ALA A 57 -19.84 -5.01 29.53
CA ALA A 57 -20.76 -5.61 28.58
C ALA A 57 -20.34 -7.00 28.08
N THR A 58 -19.73 -7.79 28.95
CA THR A 58 -19.42 -9.16 28.62
C THR A 58 -19.59 -10.04 29.86
N PRO A 59 -20.05 -11.30 29.70
CA PRO A 59 -20.37 -12.13 30.86
C PRO A 59 -19.18 -12.52 31.74
N SER A 60 -19.45 -12.85 33.01
CA SER A 60 -18.42 -13.22 33.98
C SER A 60 -18.61 -14.65 34.50
N LEU A 61 -17.57 -15.24 35.08
CA LEU A 61 -17.65 -16.60 35.62
C LEU A 61 -18.79 -16.68 36.61
N ASN A 62 -18.78 -15.74 37.54
CA ASN A 62 -19.74 -15.68 38.62
C ASN A 62 -19.50 -14.44 39.48
N GLU A 63 -20.27 -14.30 40.54
CA GLU A 63 -20.25 -13.09 41.35
C GLU A 63 -19.01 -12.91 42.21
N GLU A 64 -18.30 -14.00 42.45
CA GLU A 64 -17.06 -13.90 43.20
C GLU A 64 -15.91 -13.54 42.28
N ASN A 65 -16.13 -13.67 40.98
CA ASN A 65 -15.06 -13.45 40.02
C ASN A 65 -15.46 -12.59 38.82
N PRO A 66 -15.99 -11.39 39.08
CA PRO A 66 -16.44 -10.54 37.97
C PRO A 66 -15.39 -10.42 36.87
N ASN A 67 -14.11 -10.38 37.26
CA ASN A 67 -13.03 -10.08 36.32
C ASN A 67 -12.54 -11.28 35.54
N PHE A 68 -13.10 -12.45 35.84
CA PHE A 68 -12.84 -13.65 35.07
C PHE A 68 -13.86 -13.69 33.95
N GLN A 69 -13.47 -13.19 32.78
CA GLN A 69 -14.39 -13.12 31.64
C GLN A 69 -13.87 -13.85 30.41
N PRO A 70 -14.54 -14.96 30.02
CA PRO A 70 -14.09 -15.79 28.90
C PRO A 70 -13.87 -15.04 27.59
N ALA A 71 -14.54 -13.91 27.39
CA ALA A 71 -14.33 -13.10 26.19
C ALA A 71 -12.91 -12.51 26.09
N THR A 72 -12.22 -12.37 27.21
CA THR A 72 -10.89 -11.80 27.18
C THR A 72 -9.90 -12.79 27.72
N ILE A 73 -10.14 -14.06 27.53
CA ILE A 73 -9.19 -15.05 28.00
C ILE A 73 -8.75 -15.96 26.87
N LYS A 74 -7.46 -15.95 26.58
CA LYS A 74 -6.91 -16.79 25.51
C LYS A 74 -7.13 -18.25 25.84
N ALA A 75 -7.88 -18.94 24.99
CA ALA A 75 -8.28 -20.32 25.30
C ALA A 75 -7.47 -21.33 24.54
N GLU A 76 -7.54 -22.58 24.99
CA GLU A 76 -6.79 -23.67 24.40
C GLU A 76 -7.72 -24.61 23.60
N TYR A 77 -9.01 -24.59 23.89
CA TYR A 77 -9.95 -25.46 23.19
C TYR A 77 -11.34 -25.11 23.65
N ALA A 78 -11.85 -23.96 23.19
CA ALA A 78 -13.08 -23.39 23.77
C ALA A 78 -14.37 -23.94 23.21
N SER A 79 -15.36 -24.02 24.10
CA SER A 79 -16.77 -24.24 23.75
C SER A 79 -17.50 -22.92 23.47
N LEU A 80 -18.68 -23.04 22.92
CA LEU A 80 -19.52 -21.88 22.69
C LEU A 80 -20.68 -21.99 23.69
N GLY A 81 -20.97 -20.90 24.40
CA GLY A 81 -22.07 -20.89 25.34
C GLY A 81 -21.72 -20.62 26.79
N LYS A 82 -20.43 -20.56 27.11
CA LYS A 82 -20.07 -20.23 28.48
C LYS A 82 -19.52 -18.80 28.63
N GLY A 83 -19.81 -17.94 27.66
CA GLY A 83 -19.43 -16.55 27.78
C GLY A 83 -18.50 -16.06 26.68
N ASP A 84 -17.92 -16.99 25.94
CA ASP A 84 -17.07 -16.69 24.81
C ASP A 84 -17.93 -16.75 23.55
N PHE A 85 -17.88 -15.72 22.71
CA PHE A 85 -18.70 -15.72 21.49
C PHE A 85 -17.87 -15.85 20.21
N ARG A 86 -16.62 -16.22 20.40
CA ARG A 86 -15.75 -16.53 19.29
C ARG A 86 -16.05 -17.92 18.75
N GLN A 87 -15.42 -18.27 17.64
CA GLN A 87 -15.69 -19.56 17.05
C GLN A 87 -15.10 -20.60 17.96
N PRO A 88 -15.88 -21.64 18.29
CA PRO A 88 -15.44 -22.69 19.20
C PRO A 88 -14.57 -23.71 18.47
N ALA A 89 -13.77 -24.45 19.23
CA ALA A 89 -12.97 -25.51 18.68
C ALA A 89 -13.81 -26.78 18.54
N PHE A 90 -14.87 -26.90 19.31
CA PHE A 90 -15.73 -28.08 19.25
C PHE A 90 -17.15 -27.74 19.65
N GLN A 91 -18.07 -28.68 19.45
CA GLN A 91 -19.43 -28.53 19.96
C GLN A 91 -20.13 -29.88 20.10
N VAL A 92 -20.83 -30.07 21.22
CA VAL A 92 -21.53 -31.33 21.48
C VAL A 92 -23.01 -31.13 21.76
N THR A 93 -23.85 -31.93 21.10
CA THR A 93 -25.29 -31.89 21.35
C THR A 93 -25.72 -33.06 22.22
N GLN A 94 -26.52 -32.78 23.26
CA GLN A 94 -27.12 -33.83 24.08
C GLN A 94 -28.45 -34.31 23.51
N ALA A 95 -29.01 -35.34 24.15
CA ALA A 95 -30.35 -35.86 23.84
C ALA A 95 -31.43 -34.78 23.98
N ASN A 96 -31.31 -33.91 24.99
CA ASN A 96 -32.33 -32.91 25.27
C ASN A 96 -32.30 -31.65 24.39
N GLY A 97 -31.31 -31.55 23.49
CA GLY A 97 -31.19 -30.45 22.55
C GLY A 97 -30.04 -29.51 22.86
N SER A 98 -29.57 -29.58 24.10
CA SER A 98 -28.60 -28.63 24.63
C SER A 98 -27.19 -28.89 24.14
N ARG A 99 -26.42 -27.81 23.96
CA ARG A 99 -25.11 -27.85 23.29
C ARG A 99 -24.03 -27.29 24.20
N ILE A 100 -24.33 -27.19 25.49
CA ILE A 100 -23.40 -26.62 26.46
C ILE A 100 -22.41 -27.68 26.93
N THR A 101 -21.14 -27.29 27.05
CA THR A 101 -20.13 -28.18 27.60
C THR A 101 -19.32 -27.43 28.63
N GLU A 102 -19.09 -28.08 29.77
CA GLU A 102 -18.23 -27.54 30.82
C GLU A 102 -17.06 -28.47 31.13
N LEU A 103 -16.05 -28.46 30.27
CA LEU A 103 -14.84 -29.21 30.50
C LEU A 103 -14.14 -28.79 31.81
N THR A 104 -13.62 -29.78 32.52
CA THR A 104 -12.88 -29.54 33.76
C THR A 104 -11.67 -30.47 33.76
N TYR A 105 -10.51 -29.93 34.13
CA TYR A 105 -9.29 -30.71 34.13
C TYR A 105 -9.34 -31.80 35.18
N ASP A 106 -8.78 -32.96 34.83
CA ASP A 106 -8.82 -34.13 35.71
C ASP A 106 -7.42 -34.66 35.95
N HIS A 107 -6.71 -35.02 34.91
CA HIS A 107 -5.33 -35.51 35.06
C HIS A 107 -4.53 -35.24 33.79
N TYR A 108 -3.20 -35.35 33.89
CA TYR A 108 -2.34 -35.34 32.71
C TYR A 108 -1.47 -36.61 32.63
N GLN A 109 -0.71 -36.75 31.56
CA GLN A 109 0.14 -37.90 31.32
C GLN A 109 1.31 -37.42 30.44
N LEU A 110 2.53 -37.81 30.76
CA LEU A 110 3.69 -37.41 29.97
C LEU A 110 4.41 -38.64 29.45
N LEU A 111 4.26 -38.92 28.16
CA LEU A 111 4.85 -40.10 27.55
C LEU A 111 6.09 -39.73 26.78
N THR A 112 7.05 -40.65 26.71
CA THR A 112 8.23 -40.47 25.86
C THR A 112 7.90 -40.89 24.42
N GLY A 113 8.36 -40.10 23.46
CA GLY A 113 8.16 -40.44 22.06
C GLY A 113 6.82 -40.03 21.49
N LYS A 114 6.42 -40.66 20.39
CA LYS A 114 5.12 -40.38 19.80
C LYS A 114 4.71 -41.53 18.92
N GLN A 115 3.60 -42.17 19.27
CA GLN A 115 3.08 -43.31 18.52
C GLN A 115 2.09 -42.85 17.44
N ARG A 116 1.99 -43.65 16.38
CA ARG A 116 0.97 -43.46 15.37
C ARG A 116 -0.44 -43.53 15.94
N LEU A 117 -1.37 -42.82 15.32
CA LEU A 117 -2.78 -43.04 15.59
C LEU A 117 -3.14 -44.39 14.99
N ALA A 118 -4.21 -45.03 15.48
CA ALA A 118 -4.52 -46.39 15.05
C ALA A 118 -5.04 -46.50 13.61
N ASN A 119 -5.86 -45.54 13.19
CA ASN A 119 -6.43 -45.59 11.83
C ASN A 119 -6.36 -44.30 11.02
N LEU A 120 -5.48 -43.38 11.36
CA LEU A 120 -5.36 -42.15 10.61
C LEU A 120 -3.90 -42.00 10.28
N PRO A 121 -3.57 -41.50 9.09
CA PRO A 121 -2.20 -41.06 8.85
C PRO A 121 -1.83 -40.20 10.03
N SER A 122 -0.59 -40.22 10.48
CA SER A 122 -0.22 -39.49 11.68
C SER A 122 1.28 -39.41 11.88
N THR A 123 1.71 -38.64 12.87
CA THR A 123 3.13 -38.36 13.11
C THR A 123 3.71 -39.36 14.12
N PHE A 124 5.01 -39.58 14.06
CA PHE A 124 5.64 -40.57 14.93
C PHE A 124 7.08 -40.20 15.29
N ASP A 125 7.64 -40.87 16.30
CA ASP A 125 9.07 -40.73 16.57
C ASP A 125 9.80 -42.08 16.55
N ASP A 126 10.17 -42.52 15.36
CA ASP A 126 10.86 -43.79 15.19
C ASP A 126 12.36 -43.64 15.34
N THR A 127 12.80 -42.38 15.47
CA THR A 127 14.22 -42.08 15.29
C THR A 127 14.96 -41.44 16.48
N ASP A 128 14.51 -41.72 17.70
CA ASP A 128 15.19 -41.20 18.89
C ASP A 128 15.49 -39.71 18.76
N ASP A 129 14.47 -38.92 18.41
CA ASP A 129 14.65 -37.52 18.10
C ASP A 129 14.11 -36.67 19.22
N ASP A 130 14.01 -37.27 20.40
CA ASP A 130 13.70 -36.53 21.63
C ASP A 130 12.25 -36.04 21.70
N ALA A 131 11.36 -36.70 20.96
CA ALA A 131 9.94 -36.34 21.04
C ALA A 131 9.30 -36.75 22.35
N GLN A 132 8.32 -35.98 22.78
CA GLN A 132 7.48 -36.35 23.93
C GLN A 132 6.03 -36.07 23.62
N THR A 133 5.13 -36.83 24.24
CA THR A 133 3.70 -36.54 24.10
C THR A 133 3.00 -36.26 25.42
N LEU A 134 2.36 -35.11 25.50
CA LEU A 134 1.58 -34.72 26.65
C LEU A 134 0.10 -34.96 26.36
N VAL A 135 -0.53 -35.82 27.15
CA VAL A 135 -1.97 -35.98 27.12
C VAL A 135 -2.60 -35.31 28.34
N VAL A 136 -3.56 -34.41 28.09
CA VAL A 136 -4.21 -33.64 29.14
C VAL A 136 -5.69 -33.97 29.08
N SER A 137 -6.24 -34.54 30.15
CA SER A 137 -7.60 -35.05 30.10
C SER A 137 -8.58 -34.12 30.78
N PHE A 138 -9.84 -34.19 30.40
CA PHE A 138 -10.86 -33.38 31.03
C PHE A 138 -12.09 -34.22 31.11
N ASN A 139 -13.02 -33.84 31.97
CA ASN A 139 -14.34 -34.41 31.94
C ASN A 139 -15.34 -33.26 31.85
N ASP A 140 -16.45 -33.48 31.15
CA ASP A 140 -17.56 -32.53 31.13
C ASP A 140 -18.45 -32.66 32.38
N ARG A 141 -18.65 -31.57 33.11
CA ARG A 141 -19.45 -31.60 34.33
C ARG A 141 -20.91 -31.92 34.03
N ILE A 142 -21.33 -31.67 32.80
CA ILE A 142 -22.72 -31.84 32.41
C ILE A 142 -23.02 -33.23 31.83
N THR A 143 -22.26 -33.66 30.82
CA THR A 143 -22.58 -34.92 30.15
C THR A 143 -21.78 -36.15 30.60
N GLY A 144 -20.66 -35.95 31.30
CA GLY A 144 -19.80 -37.07 31.64
C GLY A 144 -18.76 -37.33 30.56
N LEU A 145 -18.87 -36.59 29.46
CA LEU A 145 -17.95 -36.67 28.34
C LEU A 145 -16.47 -36.52 28.71
N ALA A 146 -15.64 -37.32 28.08
CA ALA A 146 -14.20 -37.31 28.35
C ALA A 146 -13.43 -36.80 27.12
N LEU A 147 -12.53 -35.85 27.35
CA LEU A 147 -11.75 -35.24 26.28
C LEU A 147 -10.24 -35.29 26.56
N ASP A 148 -9.48 -35.88 25.64
CA ASP A 148 -8.01 -35.85 25.73
C ASP A 148 -7.42 -34.84 24.74
N LEU A 149 -6.69 -33.86 25.23
CA LEU A 149 -5.93 -33.01 24.33
C LEU A 149 -4.51 -33.53 24.23
N ASN A 150 -4.05 -33.77 23.02
CA ASN A 150 -2.72 -34.30 22.84
C ASN A 150 -1.76 -33.27 22.25
N TYR A 151 -0.65 -33.04 22.93
CA TYR A 151 0.35 -32.16 22.40
C TYR A 151 1.62 -32.95 22.34
N SER A 152 2.23 -33.07 21.16
CA SER A 152 3.53 -33.75 21.04
C SER A 152 4.65 -32.79 20.60
N ILE A 153 5.71 -32.72 21.42
CA ILE A 153 6.87 -31.88 21.15
C ILE A 153 7.88 -32.60 20.26
N PHE A 154 8.17 -32.02 19.11
CA PHE A 154 9.33 -32.45 18.34
C PHE A 154 10.40 -31.35 18.36
N PRO A 155 11.22 -31.32 19.44
CA PRO A 155 12.08 -30.18 19.76
C PRO A 155 13.05 -29.76 18.67
N HIS A 156 13.59 -30.70 17.90
CA HIS A 156 14.66 -30.36 16.95
C HIS A 156 14.18 -29.79 15.61
N GLN A 157 12.88 -29.76 15.37
CA GLN A 157 12.39 -29.12 14.16
C GLN A 157 11.44 -27.99 14.52
N ASP A 158 11.45 -27.64 15.81
CA ASP A 158 10.54 -26.64 16.33
C ASP A 158 9.06 -26.88 15.95
N VAL A 159 8.65 -28.13 16.01
CA VAL A 159 7.29 -28.52 15.68
C VAL A 159 6.51 -29.07 16.87
N ILE A 160 5.25 -28.68 16.96
CA ILE A 160 4.34 -29.19 17.96
C ILE A 160 3.18 -29.83 17.21
N VAL A 161 2.76 -31.01 17.63
CA VAL A 161 1.65 -31.69 16.95
C VAL A 161 0.42 -31.83 17.86
N LYS A 162 -0.74 -31.46 17.36
CA LYS A 162 -1.90 -31.39 18.20
C LYS A 162 -3.06 -32.21 17.66
N SER A 163 -3.86 -32.77 18.57
CA SER A 163 -5.08 -33.48 18.23
C SER A 163 -5.97 -33.60 19.45
N ALA A 164 -7.23 -33.95 19.24
CA ALA A 164 -8.17 -34.18 20.32
C ALA A 164 -8.75 -35.56 20.14
N LYS A 165 -8.94 -36.26 21.27
CA LYS A 165 -9.67 -37.53 21.28
C LYS A 165 -10.85 -37.36 22.20
N PHE A 166 -12.04 -37.64 21.67
CA PHE A 166 -13.25 -37.55 22.48
C PHE A 166 -13.64 -38.94 22.97
N THR A 167 -14.00 -39.06 24.24
CA THR A 167 -14.42 -40.34 24.80
C THR A 167 -15.76 -40.19 25.53
N ASN A 168 -16.62 -41.19 25.41
CA ASN A 168 -17.94 -41.13 26.02
C ASN A 168 -18.19 -42.24 27.05
N PRO A 169 -17.73 -42.04 28.29
CA PRO A 169 -17.91 -43.06 29.33
C PRO A 169 -19.30 -43.03 29.94
N SER A 170 -20.18 -42.17 29.40
CA SER A 170 -21.54 -42.01 29.92
C SER A 170 -22.48 -43.04 29.31
N SER A 171 -23.76 -42.92 29.64
CA SER A 171 -24.73 -43.88 29.15
C SER A 171 -25.68 -43.27 28.13
N GLU A 172 -25.34 -42.09 27.63
CA GLU A 172 -26.25 -41.37 26.71
C GLU A 172 -25.55 -40.98 25.42
N LYS A 173 -26.30 -41.05 24.32
CA LYS A 173 -25.79 -40.68 23.01
C LYS A 173 -25.38 -39.21 22.99
N LEU A 174 -24.22 -38.93 22.38
CA LEU A 174 -23.74 -37.56 22.20
C LEU A 174 -23.38 -37.32 20.74
N VAL A 175 -23.81 -36.19 20.19
CA VAL A 175 -23.44 -35.86 18.82
C VAL A 175 -22.35 -34.80 18.77
N LEU A 176 -21.23 -35.11 18.11
CA LEU A 176 -20.19 -34.14 17.86
C LEU A 176 -20.52 -33.30 16.64
N ASN A 177 -20.99 -32.07 16.83
CA ASN A 177 -21.33 -31.20 15.71
C ASN A 177 -20.10 -30.59 15.06
N ARG A 178 -19.04 -30.48 15.85
CA ARG A 178 -17.80 -29.85 15.43
C ARG A 178 -16.65 -30.35 16.29
N ALA A 179 -15.58 -30.85 15.65
CA ALA A 179 -14.41 -31.39 16.34
C ALA A 179 -13.08 -30.98 15.69
N LEU A 180 -12.60 -29.78 15.99
CA LEU A 180 -11.40 -29.27 15.33
C LEU A 180 -10.16 -29.89 15.94
N SER A 181 -9.04 -29.81 15.22
CA SER A 181 -7.78 -30.42 15.65
C SER A 181 -6.95 -29.55 16.56
N SER A 182 -6.98 -28.25 16.35
CA SER A 182 -6.16 -27.39 17.17
C SER A 182 -6.67 -25.97 17.14
N GLN A 183 -6.57 -25.30 18.28
CA GLN A 183 -6.91 -23.91 18.35
C GLN A 183 -5.73 -23.17 18.96
N LEU A 184 -5.33 -22.05 18.35
CA LEU A 184 -4.34 -21.18 18.95
C LEU A 184 -4.93 -19.80 19.12
N ASP A 185 -4.81 -19.23 20.32
CA ASP A 185 -5.23 -17.87 20.60
C ASP A 185 -3.98 -16.99 20.79
N LEU A 186 -3.86 -15.91 20.03
CA LEU A 186 -2.70 -15.02 20.15
C LEU A 186 -3.10 -13.61 20.65
N PRO A 187 -2.19 -12.95 21.38
CA PRO A 187 -2.60 -11.71 22.05
C PRO A 187 -2.78 -10.53 21.09
N ASP A 188 -2.23 -10.62 19.88
CA ASP A 188 -2.49 -9.55 18.90
C ASP A 188 -2.91 -10.10 17.54
N ALA A 189 -3.15 -9.21 16.58
CA ALA A 189 -3.67 -9.59 15.27
C ALA A 189 -2.92 -8.87 14.13
N ASN A 190 -1.73 -8.36 14.42
CA ASN A 190 -0.86 -7.80 13.40
C ASN A 190 -0.11 -8.92 12.70
N TYR A 191 -0.78 -9.55 11.76
CA TYR A 191 -0.16 -10.58 10.96
C TYR A 191 -0.79 -10.48 9.59
N ASP A 192 -0.11 -11.06 8.60
CA ASP A 192 -0.72 -11.27 7.30
C ASP A 192 -1.13 -12.72 7.29
N LEU A 193 -2.31 -13.00 6.72
CA LEU A 193 -2.72 -14.35 6.46
C LEU A 193 -2.08 -14.71 5.17
N ILE A 194 -1.40 -15.83 5.14
CA ILE A 194 -0.80 -16.29 3.91
C ILE A 194 -1.38 -17.62 3.57
N GLN A 195 -2.00 -17.72 2.40
CA GLN A 195 -2.78 -18.89 2.01
C GLN A 195 -2.35 -19.43 0.65
N PHE A 196 -2.84 -20.61 0.30
CA PHE A 196 -2.49 -21.13 -1.01
C PHE A 196 -3.71 -21.58 -1.80
N SER A 197 -4.14 -20.70 -2.71
CA SER A 197 -5.42 -20.85 -3.39
C SER A 197 -5.19 -20.93 -4.90
N GLY A 198 -6.16 -21.51 -5.60
CA GLY A 198 -6.10 -21.62 -7.04
C GLY A 198 -7.18 -22.55 -7.51
N THR A 199 -6.89 -23.39 -8.50
CA THR A 199 -7.82 -24.42 -8.95
C THR A 199 -7.07 -25.41 -9.84
N TRP A 200 -7.80 -26.23 -10.60
CA TRP A 200 -7.17 -27.18 -11.53
C TRP A 200 -6.10 -26.51 -12.46
N ALA A 201 -4.96 -27.18 -12.63
CA ALA A 201 -3.86 -26.68 -13.47
C ALA A 201 -3.27 -25.32 -13.02
N ARG A 202 -3.78 -24.77 -11.93
CA ARG A 202 -3.19 -23.58 -11.34
C ARG A 202 -3.37 -23.59 -9.82
N GLU A 203 -2.77 -24.58 -9.18
CA GLU A 203 -2.94 -24.75 -7.72
C GLU A 203 -1.95 -23.94 -6.88
N ARG A 204 -2.38 -23.63 -5.67
CA ARG A 204 -1.49 -23.18 -4.59
C ARG A 204 -0.67 -21.94 -4.91
N HIS A 205 -1.20 -21.05 -5.73
CA HIS A 205 -0.63 -19.71 -5.85
C HIS A 205 -0.67 -19.05 -4.46
N LEU A 206 0.33 -18.20 -4.20
CA LEU A 206 0.49 -17.55 -2.90
C LEU A 206 -0.31 -16.27 -2.83
N TYR A 207 -1.15 -16.17 -1.80
CA TYR A 207 -1.91 -14.95 -1.51
C TYR A 207 -1.54 -14.45 -0.09
N ARG A 208 -1.42 -13.14 0.06
CA ARG A 208 -0.95 -12.54 1.31
C ARG A 208 -1.81 -11.36 1.73
N HIS A 209 -2.41 -11.42 2.90
CA HIS A 209 -3.33 -10.35 3.31
C HIS A 209 -3.28 -10.04 4.80
N PRO A 210 -3.31 -8.75 5.13
CA PRO A 210 -3.38 -8.39 6.54
C PRO A 210 -4.66 -8.97 7.11
N LEU A 211 -4.64 -9.38 8.38
CA LEU A 211 -5.83 -9.76 9.12
C LEU A 211 -6.78 -8.59 9.30
N ARG A 212 -8.07 -8.83 9.30
CA ARG A 212 -9.01 -7.78 9.69
C ARG A 212 -9.97 -8.29 10.75
N PRO A 213 -10.67 -7.38 11.45
CA PRO A 213 -11.67 -7.83 12.42
C PRO A 213 -12.67 -8.81 11.81
N GLY A 214 -12.92 -9.93 12.48
CA GLY A 214 -13.89 -10.90 12.03
C GLY A 214 -13.24 -12.16 11.46
N MSE A 215 -14.00 -12.85 10.64
CA MSE A 215 -13.59 -14.15 10.14
C MSE A 215 -12.88 -14.08 8.81
O MSE A 215 -13.37 -13.43 7.90
CB MSE A 215 -14.82 -15.04 9.98
CG MSE A 215 -14.46 -16.35 9.36
SE MSE A 215 -13.55 -17.34 10.75
CE MSE A 215 -15.21 -17.86 11.67
N GLN A 216 -11.74 -14.74 8.69
CA GLN A 216 -11.13 -15.04 7.40
C GLN A 216 -10.66 -16.49 7.38
N SER A 217 -11.33 -17.30 6.58
CA SER A 217 -11.08 -18.73 6.55
C SER A 217 -10.92 -19.21 5.12
N ILE A 218 -10.24 -20.35 4.95
CA ILE A 218 -10.24 -21.14 3.72
C ILE A 218 -10.64 -22.56 4.10
N SER A 219 -11.33 -23.25 3.20
CA SER A 219 -11.96 -24.51 3.58
C SER A 219 -12.18 -25.41 2.38
N SER A 220 -12.70 -26.60 2.61
CA SER A 220 -13.13 -27.44 1.50
C SER A 220 -14.41 -28.23 1.82
N LEU A 221 -15.31 -28.37 0.85
CA LEU A 221 -16.54 -29.17 1.04
C LEU A 221 -16.57 -30.31 0.04
N ARG A 222 -15.48 -30.38 -0.71
CA ARG A 222 -15.35 -31.26 -1.85
C ARG A 222 -15.01 -32.71 -1.47
N MSE A 223 -15.15 -33.04 -0.18
CA MSE A 223 -14.80 -34.39 0.31
C MSE A 223 -13.33 -34.70 0.14
O MSE A 223 -12.91 -35.84 0.28
CB MSE A 223 -15.61 -35.48 -0.41
CG MSE A 223 -16.93 -35.84 0.26
SE MSE A 223 -17.24 -37.76 0.11
CE MSE A 223 -18.97 -37.91 0.96
N ALA A 224 -12.57 -33.67 -0.20
CA ALA A 224 -11.16 -33.77 -0.52
C ALA A 224 -10.55 -32.44 -0.12
N SER A 225 -9.25 -32.41 0.14
CA SER A 225 -8.59 -31.14 0.37
C SER A 225 -8.52 -30.48 -1.01
N SER A 226 -8.97 -29.24 -1.11
CA SER A 226 -9.20 -28.64 -2.42
C SER A 226 -8.06 -28.73 -3.48
N HIS A 227 -8.45 -28.60 -4.75
CA HIS A 227 -7.56 -28.03 -5.76
C HIS A 227 -7.55 -26.55 -5.45
N GLN A 228 -8.67 -26.11 -4.88
CA GLN A 228 -9.00 -24.71 -4.69
C GLN A 228 -8.25 -24.06 -3.51
N GLN A 229 -8.04 -24.83 -2.47
CA GLN A 229 -7.49 -24.33 -1.22
C GLN A 229 -6.72 -25.43 -0.57
N ASN A 230 -5.46 -25.16 -0.24
CA ASN A 230 -4.66 -26.12 0.49
C ASN A 230 -4.77 -25.93 2.01
N PRO A 231 -4.57 -26.98 2.79
CA PRO A 231 -4.65 -26.77 4.25
C PRO A 231 -3.46 -26.00 4.83
N PHE A 232 -2.31 -25.99 4.18
CA PHE A 232 -1.16 -25.27 4.74
C PHE A 232 -1.39 -23.76 4.75
N MSE A 233 -1.17 -23.12 5.90
CA MSE A 233 -1.24 -21.67 5.96
C MSE A 233 -0.18 -21.08 6.85
O MSE A 233 0.48 -21.82 7.59
CB MSE A 233 -2.63 -21.22 6.43
CG MSE A 233 -3.07 -21.79 7.76
SE MSE A 233 -4.53 -20.71 8.55
CE MSE A 233 -3.40 -19.26 9.24
N MSE A 234 -0.02 -19.75 6.82
CA MSE A 234 0.96 -19.06 7.65
C MSE A 234 0.40 -17.76 8.20
O MSE A 234 -0.39 -17.08 7.56
CB MSE A 234 2.25 -18.77 6.87
CG MSE A 234 3.08 -19.98 6.53
SE MSE A 234 4.73 -19.59 5.51
CE MSE A 234 3.88 -18.61 4.06
N LEU A 235 0.82 -17.42 9.41
CA LEU A 235 0.66 -16.09 9.92
C LEU A 235 2.05 -15.49 10.00
N ALA A 236 2.29 -14.48 9.15
CA ALA A 236 3.56 -13.81 9.13
C ALA A 236 3.37 -12.41 9.71
N ARG A 237 4.36 -11.91 10.45
CA ARG A 237 4.38 -10.51 10.84
C ARG A 237 4.44 -9.71 9.55
N PRO A 238 4.07 -8.42 9.61
CA PRO A 238 3.93 -7.66 8.34
C PRO A 238 5.22 -7.55 7.53
N GLN A 239 6.36 -7.55 8.22
CA GLN A 239 7.62 -7.30 7.54
C GLN A 239 8.42 -8.57 7.30
N THR A 240 7.83 -9.72 7.61
CA THR A 240 8.53 -11.00 7.48
C THR A 240 8.58 -11.42 6.01
N THR A 241 9.68 -12.04 5.61
CA THR A 241 9.91 -12.43 4.22
C THR A 241 10.47 -13.85 4.20
N ASP A 242 10.95 -14.30 3.06
CA ASP A 242 11.56 -15.61 3.01
C ASP A 242 12.88 -15.64 3.77
N GLU A 243 13.48 -14.48 3.96
CA GLU A 243 14.84 -14.43 4.52
C GLU A 243 14.91 -14.16 6.04
N GLN A 244 13.84 -13.61 6.61
CA GLN A 244 13.88 -13.10 7.98
C GLN A 244 12.47 -12.89 8.55
N GLY A 245 12.33 -13.03 9.85
CA GLY A 245 11.13 -12.59 10.52
C GLY A 245 10.30 -13.68 11.19
N ALA A 246 9.44 -13.27 12.13
CA ALA A 246 8.54 -14.17 12.84
C ALA A 246 7.42 -14.60 11.93
N VAL A 247 7.10 -15.90 12.01
CA VAL A 247 5.99 -16.49 11.27
C VAL A 247 5.56 -17.81 11.88
N PHE A 248 4.26 -18.00 12.03
CA PHE A 248 3.66 -19.29 12.42
C PHE A 248 3.26 -20.06 11.17
N GLY A 249 3.44 -21.38 11.23
CA GLY A 249 2.97 -22.27 10.18
C GLY A 249 2.00 -23.28 10.74
N PHE A 250 0.97 -23.58 9.99
CA PHE A 250 -0.04 -24.54 10.39
C PHE A 250 -0.32 -25.51 9.27
N ASN A 251 -0.37 -26.79 9.58
CA ASN A 251 -0.88 -27.74 8.61
C ASN A 251 -1.78 -28.78 9.23
N LEU A 252 -2.28 -29.71 8.41
CA LEU A 252 -3.27 -30.71 8.81
C LEU A 252 -3.02 -32.04 8.12
N VAL A 253 -2.71 -33.09 8.88
CA VAL A 253 -2.53 -34.44 8.32
C VAL A 253 -3.88 -35.11 8.05
N TYR A 254 -4.56 -34.68 6.98
CA TYR A 254 -5.92 -35.10 6.68
C TYR A 254 -6.20 -34.75 5.22
N SER A 255 -7.01 -35.55 4.55
CA SER A 255 -7.21 -35.37 3.11
C SER A 255 -8.66 -35.10 2.73
N GLY A 256 -9.52 -34.99 3.73
CA GLY A 256 -10.94 -34.80 3.51
C GLY A 256 -11.31 -33.34 3.58
N ASN A 257 -12.48 -33.05 4.14
CA ASN A 257 -12.95 -31.69 4.27
C ASN A 257 -12.25 -31.00 5.43
N PHE A 258 -11.65 -29.84 5.17
CA PHE A 258 -10.97 -29.10 6.24
C PHE A 258 -11.45 -27.65 6.41
N LEU A 259 -11.11 -27.08 7.57
CA LEU A 259 -11.23 -25.65 7.82
C LEU A 259 -9.90 -25.12 8.33
N ASP A 260 -9.32 -24.10 7.85
CA ASP A 260 -8.31 -23.21 8.42
C ASP A 260 -9.02 -21.88 8.65
N ALA A 261 -9.26 -21.48 9.78
CA ALA A 261 -10.04 -20.28 10.11
C ALA A 261 -9.26 -19.36 11.02
N ILE A 262 -9.45 -18.05 10.85
CA ILE A 262 -8.80 -17.10 11.73
C ILE A 262 -9.73 -15.97 12.06
N GLU A 263 -10.14 -15.91 13.32
CA GLU A 263 -10.99 -14.84 13.81
C GLU A 263 -10.19 -13.83 14.60
N VAL A 264 -10.29 -12.57 14.19
CA VAL A 264 -9.76 -11.45 14.95
C VAL A 264 -10.96 -10.83 15.65
N ASP A 265 -10.93 -10.81 16.99
CA ASP A 265 -12.11 -10.37 17.74
C ASP A 265 -12.10 -8.90 18.20
N GLN A 266 -13.02 -8.57 19.11
CA GLN A 266 -13.23 -7.20 19.50
C GLN A 266 -11.99 -6.59 20.14
N TYR A 267 -11.02 -7.43 20.50
CA TYR A 267 -9.87 -6.96 21.22
C TYR A 267 -8.60 -7.17 20.42
N SER A 268 -8.77 -7.25 19.11
CA SER A 268 -7.66 -7.47 18.21
C SER A 268 -6.79 -8.64 18.68
N THR A 269 -7.44 -9.72 19.07
CA THR A 269 -6.74 -10.96 19.33
C THR A 269 -7.05 -11.92 18.19
N SER A 270 -6.18 -12.89 17.96
CA SER A 270 -6.38 -13.89 16.92
C SER A 270 -6.79 -15.26 17.46
N ARG A 271 -7.74 -15.92 16.79
CA ARG A 271 -7.97 -17.33 17.03
C ARG A 271 -7.74 -18.10 15.74
N ILE A 272 -6.82 -19.04 15.77
CA ILE A 272 -6.56 -19.86 14.61
C ILE A 272 -7.04 -21.29 14.85
N LEU A 273 -8.07 -21.69 14.10
CA LEU A 273 -8.63 -23.00 14.18
C LEU A 273 -8.39 -23.78 12.88
N THR A 274 -7.98 -25.04 13.01
CA THR A 274 -7.85 -25.94 11.88
C THR A 274 -8.34 -27.33 12.30
N GLY A 275 -8.84 -28.10 11.35
CA GLY A 275 -9.40 -29.41 11.61
C GLY A 275 -10.40 -29.77 10.52
N ILE A 276 -11.13 -30.86 10.71
CA ILE A 276 -12.19 -31.19 9.80
C ILE A 276 -13.23 -30.07 9.70
N ASN A 277 -13.67 -29.76 8.49
CA ASN A 277 -14.68 -28.74 8.29
C ASN A 277 -15.94 -29.08 9.07
N PRO A 278 -16.30 -28.26 10.06
CA PRO A 278 -17.52 -28.38 10.89
C PRO A 278 -18.78 -28.48 10.05
N ASP A 279 -18.78 -27.87 8.86
CA ASP A 279 -19.90 -28.00 7.93
C ASP A 279 -19.94 -29.39 7.28
N GLU A 280 -21.13 -29.97 7.14
CA GLU A 280 -21.25 -31.32 6.57
C GLU A 280 -20.43 -32.26 7.42
N PHE A 281 -20.50 -32.08 8.73
CA PHE A 281 -19.84 -32.96 9.67
C PHE A 281 -20.70 -33.14 10.90
N GLY A 282 -20.87 -34.38 11.31
CA GLY A 282 -21.60 -34.70 12.51
C GLY A 282 -21.16 -36.09 12.89
N TRP A 283 -20.90 -36.33 14.16
CA TRP A 283 -20.45 -37.65 14.53
C TRP A 283 -21.21 -38.14 15.74
N ASN A 284 -21.85 -39.28 15.58
CA ASN A 284 -22.61 -39.87 16.65
C ASN A 284 -21.70 -40.67 17.57
N LEU A 285 -21.54 -40.17 18.78
CA LEU A 285 -20.67 -40.78 19.77
C LEU A 285 -21.53 -41.60 20.74
N ALA A 286 -21.61 -42.89 20.51
CA ALA A 286 -22.40 -43.72 21.40
C ALA A 286 -21.65 -43.94 22.70
N PRO A 287 -22.35 -44.43 23.73
CA PRO A 287 -21.64 -44.92 24.91
C PRO A 287 -20.44 -45.82 24.56
N GLN A 288 -19.32 -45.55 25.23
CA GLN A 288 -18.13 -46.39 25.15
C GLN A 288 -17.39 -46.12 23.84
N ALA A 289 -17.97 -45.23 23.04
CA ALA A 289 -17.40 -44.85 21.77
C ALA A 289 -16.34 -43.76 21.91
N THR A 290 -15.44 -43.70 20.94
CA THR A 290 -14.45 -42.65 20.88
C THR A 290 -14.37 -42.08 19.48
N PHE A 291 -13.78 -40.89 19.39
CA PHE A 291 -13.54 -40.23 18.11
C PHE A 291 -12.23 -39.48 18.16
N GLN A 292 -11.35 -39.82 17.23
CA GLN A 292 -10.02 -39.21 17.12
C GLN A 292 -9.99 -38.21 15.96
N THR A 293 -9.58 -36.97 16.23
CA THR A 293 -9.38 -35.99 15.16
C THR A 293 -8.01 -36.14 14.52
N PRO A 294 -7.88 -35.70 13.26
CA PRO A 294 -6.59 -35.60 12.60
C PRO A 294 -5.63 -34.72 13.41
N GLU A 295 -4.35 -34.84 13.11
CA GLU A 295 -3.33 -34.09 13.80
C GLU A 295 -3.06 -32.76 13.09
N ALA A 296 -3.07 -31.67 13.85
CA ALA A 296 -2.63 -30.41 13.27
C ALA A 296 -1.13 -30.27 13.51
N ILE A 297 -0.42 -29.67 12.56
CA ILE A 297 1.01 -29.43 12.72
C ILE A 297 1.22 -27.97 12.95
N LEU A 298 1.89 -27.63 14.05
CA LEU A 298 2.23 -26.24 14.36
C LEU A 298 3.76 -25.97 14.34
N SER A 299 4.16 -24.77 13.97
CA SER A 299 5.56 -24.41 14.05
C SER A 299 5.77 -22.89 14.08
N TYR A 300 6.83 -22.45 14.72
CA TYR A 300 7.16 -21.04 14.71
C TYR A 300 8.64 -20.83 14.43
N THR A 301 8.98 -19.65 13.94
CA THR A 301 10.38 -19.29 13.74
C THR A 301 10.49 -17.78 13.65
N SER A 302 11.62 -17.26 14.10
CA SER A 302 11.93 -15.85 13.96
C SER A 302 12.76 -15.64 12.72
N ALA A 303 13.20 -16.76 12.14
CA ALA A 303 14.23 -16.73 11.15
C ALA A 303 13.73 -16.67 9.71
N GLY A 304 12.44 -16.37 9.53
CA GLY A 304 11.90 -16.23 8.19
C GLY A 304 11.27 -17.48 7.62
N MSE A 305 10.59 -17.31 6.50
CA MSE A 305 9.75 -18.35 5.92
C MSE A 305 10.53 -19.51 5.29
O MSE A 305 10.03 -20.64 5.25
CB MSE A 305 8.78 -17.72 4.92
CG MSE A 305 7.79 -16.80 5.59
SE MSE A 305 6.31 -16.26 4.44
CE MSE A 305 7.22 -15.04 3.22
N ASN A 306 11.73 -19.25 4.81
CA ASN A 306 12.56 -20.37 4.35
C ASN A 306 12.85 -21.27 5.51
N GLN A 307 13.27 -20.67 6.62
CA GLN A 307 13.55 -21.44 7.81
C GLN A 307 12.30 -22.25 8.22
N LEU A 308 11.14 -21.61 8.19
CA LEU A 308 9.91 -22.31 8.54
C LEU A 308 9.70 -23.54 7.66
N SER A 309 9.78 -23.37 6.35
CA SER A 309 9.51 -24.45 5.42
C SER A 309 10.46 -25.60 5.68
N GLN A 310 11.73 -25.25 5.86
CA GLN A 310 12.79 -26.23 5.99
C GLN A 310 12.66 -27.10 7.24
N GLN A 311 12.19 -26.53 8.34
CA GLN A 311 12.10 -27.33 9.56
C GLN A 311 10.84 -28.17 9.51
N MSE A 312 9.83 -27.70 8.80
CA MSE A 312 8.63 -28.52 8.68
C MSE A 312 8.95 -29.62 7.66
O MSE A 312 8.52 -30.77 7.83
CB MSE A 312 7.40 -27.67 8.33
CG MSE A 312 7.00 -26.67 9.44
SE MSE A 312 5.32 -25.63 9.18
CE MSE A 312 5.90 -24.62 7.62
N ALA A 313 9.76 -29.30 6.66
CA ALA A 313 10.21 -30.31 5.69
C ALA A 313 11.00 -31.42 6.38
N SER A 314 12.03 -31.06 7.14
CA SER A 314 12.74 -32.06 7.97
C SER A 314 11.78 -32.83 8.84
N PHE A 315 10.91 -32.13 9.57
CA PHE A 315 9.93 -32.82 10.37
C PHE A 315 9.15 -33.86 9.56
N TYR A 316 8.59 -33.50 8.40
CA TYR A 316 7.82 -34.48 7.66
C TYR A 316 8.71 -35.64 7.21
N GLN A 317 9.93 -35.32 6.79
CA GLN A 317 10.83 -36.33 6.30
C GLN A 317 11.16 -37.41 7.35
N GLN A 318 11.26 -37.03 8.63
CA GLN A 318 11.60 -38.00 9.67
C GLN A 318 10.40 -38.51 10.45
N HIS A 319 9.34 -37.72 10.50
CA HIS A 319 8.29 -37.99 11.46
C HIS A 319 6.90 -38.29 10.87
N LEU A 320 6.79 -38.35 9.55
CA LEU A 320 5.48 -38.48 8.89
C LEU A 320 5.48 -39.29 7.61
N VAL A 321 6.18 -38.77 6.60
CA VAL A 321 6.35 -39.49 5.35
C VAL A 321 6.84 -40.93 5.48
N ASN A 322 6.15 -41.84 4.80
CA ASN A 322 6.53 -43.26 4.75
C ASN A 322 8.04 -43.47 4.80
N PRO A 323 8.50 -44.12 5.87
CA PRO A 323 9.92 -44.32 6.21
C PRO A 323 10.68 -45.12 5.14
N ARG A 324 9.95 -45.94 4.38
CA ARG A 324 10.56 -46.85 3.41
C ARG A 324 11.07 -46.08 2.20
N PHE A 325 10.47 -44.92 1.95
CA PHE A 325 10.83 -44.11 0.79
C PHE A 325 11.32 -42.72 1.18
N ALA A 326 11.07 -42.29 2.41
CA ALA A 326 11.27 -40.90 2.80
C ALA A 326 12.65 -40.36 2.46
N HIS A 327 13.65 -41.24 2.49
CA HIS A 327 15.02 -40.84 2.16
C HIS A 327 15.56 -41.57 0.93
N GLU A 328 14.71 -42.30 0.22
CA GLU A 328 15.17 -43.10 -0.92
C GLU A 328 15.06 -42.35 -2.24
N GLU A 329 16.13 -42.32 -3.03
CA GLU A 329 16.08 -41.59 -4.29
C GLU A 329 14.89 -42.10 -5.11
N ARG A 330 14.16 -41.19 -5.73
CA ARG A 330 13.01 -41.59 -6.54
C ARG A 330 13.42 -41.76 -7.99
N PRO A 331 12.82 -42.73 -8.70
CA PRO A 331 13.29 -43.02 -10.05
C PRO A 331 12.84 -42.01 -11.12
N VAL A 332 13.60 -41.94 -12.21
CA VAL A 332 13.21 -41.13 -13.34
C VAL A 332 12.27 -41.91 -14.23
N LEU A 333 10.98 -41.61 -14.13
CA LEU A 333 9.99 -42.42 -14.80
C LEU A 333 9.63 -41.84 -16.15
N ILE A 334 9.07 -42.67 -17.01
CA ILE A 334 8.39 -42.17 -18.19
C ILE A 334 6.92 -42.59 -18.13
N ASN A 335 6.06 -41.74 -18.67
CA ASN A 335 4.61 -41.92 -18.62
C ASN A 335 4.07 -41.82 -20.03
N ASN A 336 3.01 -42.55 -20.34
CA ASN A 336 2.44 -42.48 -21.68
C ASN A 336 1.18 -41.61 -21.79
N TRP A 337 0.79 -40.96 -20.69
CA TRP A 337 -0.48 -40.20 -20.64
C TRP A 337 -0.64 -39.08 -21.68
N GLU A 338 0.17 -38.03 -21.57
CA GLU A 338 0.15 -36.93 -22.53
C GLU A 338 0.76 -37.35 -23.88
N ALA A 339 1.49 -38.46 -23.84
CA ALA A 339 2.19 -38.99 -25.00
C ALA A 339 1.23 -39.54 -26.05
N THR A 340 0.28 -40.33 -25.60
CA THR A 340 -0.58 -41.06 -26.50
C THR A 340 -2.06 -40.84 -26.13
N TYR A 341 -2.31 -40.55 -24.87
CA TYR A 341 -3.65 -40.63 -24.27
C TYR A 341 -4.17 -42.04 -24.55
N PHE A 342 -5.47 -42.16 -24.81
CA PHE A 342 -6.09 -43.49 -24.89
C PHE A 342 -5.65 -44.33 -26.10
N ASP A 343 -5.09 -43.69 -27.10
CA ASP A 343 -4.75 -44.36 -28.36
C ASP A 343 -3.41 -45.12 -28.30
N PHE A 344 -3.46 -46.37 -27.87
CA PHE A 344 -2.25 -47.20 -27.79
C PHE A 344 -2.55 -48.70 -27.68
N ASN A 345 -1.48 -49.49 -27.69
CA ASN A 345 -1.52 -50.92 -27.36
C ASN A 345 -0.11 -51.40 -27.06
N GLU A 346 0.04 -52.68 -26.69
CA GLU A 346 1.34 -53.20 -26.26
C GLU A 346 2.43 -53.03 -27.31
N ALA A 347 2.01 -52.84 -28.56
CA ALA A 347 2.93 -52.63 -29.66
C ALA A 347 3.60 -51.26 -29.58
N LYS A 348 2.82 -50.20 -29.69
CA LYS A 348 3.40 -48.86 -29.65
C LYS A 348 3.91 -48.50 -28.25
N LEU A 349 3.56 -49.30 -27.24
CA LEU A 349 4.00 -49.05 -25.87
C LEU A 349 5.37 -49.65 -25.56
N MSE A 350 5.81 -50.57 -26.40
CA MSE A 350 7.14 -51.17 -26.24
C MSE A 350 8.19 -50.33 -26.97
O MSE A 350 9.38 -50.36 -26.64
CB MSE A 350 7.15 -52.61 -26.76
CG MSE A 350 8.27 -53.45 -26.19
SE MSE A 350 7.96 -53.91 -24.32
CE MSE A 350 6.26 -54.85 -24.58
N THR A 351 7.76 -49.58 -27.98
CA THR A 351 8.65 -48.68 -28.69
C THR A 351 9.11 -47.58 -27.74
N ILE A 352 8.19 -47.05 -26.95
CA ILE A 352 8.53 -46.05 -25.94
C ILE A 352 9.32 -46.66 -24.78
N VAL A 353 9.11 -47.94 -24.50
CA VAL A 353 9.85 -48.63 -23.44
C VAL A 353 11.29 -48.86 -23.85
N ASN A 354 11.50 -49.34 -25.06
CA ASN A 354 12.85 -49.60 -25.53
C ASN A 354 13.69 -48.33 -25.67
N GLN A 355 13.01 -47.24 -26.04
CA GLN A 355 13.65 -45.93 -26.21
C GLN A 355 13.97 -45.31 -24.85
N ALA A 356 13.08 -45.52 -23.89
CA ALA A 356 13.30 -45.08 -22.52
C ALA A 356 14.63 -45.59 -22.00
N LYS A 357 14.85 -46.88 -22.11
CA LYS A 357 16.08 -47.51 -21.64
C LYS A 357 17.32 -46.80 -22.19
N ARG A 358 17.25 -46.38 -23.45
CA ARG A 358 18.41 -45.80 -24.12
C ARG A 358 18.78 -44.43 -23.54
N LEU A 359 17.78 -43.71 -23.06
CA LEU A 359 17.99 -42.38 -22.50
C LEU A 359 18.46 -42.44 -21.03
N GLY A 360 18.35 -43.61 -20.41
CA GLY A 360 18.69 -43.73 -19.01
C GLY A 360 17.50 -43.71 -18.05
N ILE A 361 16.31 -43.47 -18.57
CA ILE A 361 15.07 -43.55 -17.78
C ILE A 361 15.05 -44.88 -17.00
N GLU A 362 14.33 -44.93 -15.89
CA GLU A 362 14.50 -46.04 -14.96
C GLU A 362 13.20 -46.74 -14.58
N MSE A 363 12.10 -46.23 -15.11
CA MSE A 363 10.81 -46.79 -14.80
C MSE A 363 9.79 -46.37 -15.85
O MSE A 363 9.78 -45.23 -16.31
CB MSE A 363 10.35 -46.38 -13.40
CG MSE A 363 8.89 -46.69 -13.12
SE MSE A 363 8.23 -46.05 -11.40
CE MSE A 363 9.24 -47.20 -10.21
N PHE A 364 8.92 -47.30 -16.23
CA PHE A 364 7.86 -46.96 -17.15
C PHE A 364 6.56 -47.03 -16.40
N VAL A 365 5.74 -46.00 -16.57
CA VAL A 365 4.41 -46.01 -15.99
C VAL A 365 3.39 -46.12 -17.10
N LEU A 366 2.55 -47.13 -17.00
CA LEU A 366 1.41 -47.30 -17.90
C LEU A 366 0.20 -46.56 -17.32
N ASP A 367 -0.26 -45.52 -18.00
CA ASP A 367 -1.29 -44.65 -17.44
C ASP A 367 -2.69 -45.11 -17.80
N ASP A 368 -3.63 -44.18 -17.77
CA ASP A 368 -5.05 -44.44 -18.01
C ASP A 368 -5.28 -45.15 -19.35
N GLY A 369 -6.18 -46.14 -19.35
CA GLY A 369 -6.59 -46.80 -20.59
C GLY A 369 -6.36 -48.30 -20.68
N TRP A 370 -5.64 -48.87 -19.72
CA TRP A 370 -5.17 -50.24 -19.82
C TRP A 370 -6.18 -51.30 -19.37
N PHE A 371 -7.35 -50.87 -18.88
CA PHE A 371 -8.31 -51.79 -18.26
C PHE A 371 -9.68 -51.82 -18.93
N GLY A 372 -10.45 -52.87 -18.64
CA GLY A 372 -11.78 -53.06 -19.18
C GLY A 372 -11.91 -52.88 -20.68
N HIS A 373 -12.69 -51.90 -21.08
CA HIS A 373 -12.78 -51.48 -22.47
C HIS A 373 -12.56 -49.96 -22.56
N ARG A 374 -11.69 -49.46 -21.68
CA ARG A 374 -11.46 -48.03 -21.56
C ARG A 374 -10.65 -47.45 -22.71
N ASP A 375 -11.34 -46.78 -23.62
CA ASP A 375 -10.68 -46.11 -24.72
C ASP A 375 -11.22 -44.68 -24.70
N ASP A 376 -12.25 -44.50 -23.89
CA ASP A 376 -12.88 -43.20 -23.67
C ASP A 376 -12.66 -42.85 -22.21
N ASP A 377 -12.81 -41.58 -21.85
CA ASP A 377 -12.84 -41.22 -20.44
C ASP A 377 -14.22 -41.51 -19.84
N THR A 378 -15.00 -42.34 -20.54
CA THR A 378 -16.44 -42.46 -20.28
C THR A 378 -16.88 -43.82 -19.78
N THR A 379 -15.97 -44.79 -19.75
CA THR A 379 -16.36 -46.16 -19.50
C THR A 379 -15.36 -46.93 -18.64
N SER A 380 -15.84 -48.00 -18.00
CA SER A 380 -14.98 -49.06 -17.47
C SER A 380 -14.33 -48.88 -16.08
N LEU A 381 -14.50 -47.73 -15.43
CA LEU A 381 -13.92 -47.51 -14.11
C LEU A 381 -14.52 -48.47 -13.09
N GLY A 382 -13.67 -49.27 -12.45
CA GLY A 382 -14.14 -50.31 -11.54
C GLY A 382 -13.85 -51.70 -12.09
N ASP A 383 -13.58 -51.77 -13.38
CA ASP A 383 -13.20 -53.00 -14.07
C ASP A 383 -11.68 -53.11 -14.11
N TRP A 384 -11.06 -53.36 -12.96
CA TRP A 384 -9.60 -53.36 -12.88
C TRP A 384 -8.96 -54.70 -13.27
N PHE A 385 -9.03 -54.98 -14.57
CA PHE A 385 -8.37 -56.13 -15.18
C PHE A 385 -8.06 -55.75 -16.63
N VAL A 386 -7.17 -56.50 -17.26
CA VAL A 386 -6.60 -56.14 -18.56
C VAL A 386 -7.59 -55.83 -19.69
N ASP A 387 -7.21 -54.93 -20.60
CA ASP A 387 -7.94 -54.70 -21.85
C ASP A 387 -7.25 -55.49 -22.96
N GLN A 388 -7.83 -56.63 -23.30
CA GLN A 388 -7.17 -57.59 -24.18
C GLN A 388 -7.06 -57.14 -25.63
N ARG A 389 -7.68 -56.01 -25.97
CA ARG A 389 -7.49 -55.41 -27.29
C ARG A 389 -6.07 -54.86 -27.44
N LYS A 390 -5.59 -54.22 -26.38
CA LYS A 390 -4.29 -53.55 -26.41
C LYS A 390 -3.22 -54.32 -25.65
N PHE A 391 -3.62 -55.38 -24.96
CA PHE A 391 -2.67 -56.26 -24.28
C PHE A 391 -3.01 -57.73 -24.45
N PRO A 392 -2.92 -58.23 -25.69
CA PRO A 392 -3.32 -59.61 -26.04
C PRO A 392 -2.96 -60.63 -24.96
N ASP A 393 -1.78 -60.49 -24.38
CA ASP A 393 -1.32 -61.44 -23.36
C ASP A 393 -1.39 -60.84 -21.95
N GLY A 394 -2.38 -59.99 -21.74
CA GLY A 394 -2.56 -59.37 -20.45
C GLY A 394 -1.36 -58.52 -20.08
N ILE A 395 -1.28 -58.17 -18.80
CA ILE A 395 -0.25 -57.24 -18.31
C ILE A 395 1.02 -57.94 -17.84
N GLU A 396 0.87 -59.15 -17.31
CA GLU A 396 2.02 -59.93 -16.87
C GLU A 396 3.11 -59.92 -17.93
N HIS A 397 2.69 -59.90 -19.19
CA HIS A 397 3.59 -59.96 -20.33
C HIS A 397 4.39 -58.67 -20.46
N PHE A 398 3.67 -57.58 -20.69
CA PHE A 398 4.26 -56.26 -20.81
C PHE A 398 5.15 -55.92 -19.63
N SER A 399 4.64 -56.11 -18.42
CA SER A 399 5.39 -55.76 -17.21
C SER A 399 6.71 -56.53 -17.16
N GLN A 400 6.77 -57.68 -17.81
CA GLN A 400 7.98 -58.47 -17.81
C GLN A 400 9.00 -57.91 -18.82
N ALA A 401 8.51 -57.55 -20.00
CA ALA A 401 9.37 -57.03 -21.06
C ALA A 401 10.16 -55.85 -20.56
N VAL A 402 9.55 -55.12 -19.64
CA VAL A 402 10.16 -53.95 -19.02
C VAL A 402 11.13 -54.38 -17.93
N HIS A 403 10.69 -55.31 -17.09
CA HIS A 403 11.53 -55.77 -15.99
C HIS A 403 12.87 -56.28 -16.47
N GLN A 404 12.92 -56.75 -17.71
CA GLN A 404 14.15 -57.30 -18.25
C GLN A 404 15.04 -56.25 -18.94
N GLN A 405 14.43 -55.18 -19.43
CA GLN A 405 15.20 -54.05 -19.96
C GLN A 405 15.89 -53.28 -18.84
N GLY A 406 15.69 -53.70 -17.60
CA GLY A 406 16.35 -53.11 -16.45
C GLY A 406 15.58 -52.04 -15.72
N MSE A 407 14.27 -51.98 -15.92
CA MSE A 407 13.48 -50.87 -15.43
C MSE A 407 12.31 -51.27 -14.53
O MSE A 407 11.67 -52.30 -14.72
CB MSE A 407 12.94 -50.05 -16.61
CG MSE A 407 13.99 -49.81 -17.69
SE MSE A 407 13.39 -48.62 -19.12
CE MSE A 407 11.57 -49.27 -19.39
N LYS A 408 12.04 -50.42 -13.52
CA LYS A 408 10.89 -50.61 -12.66
C LYS A 408 9.61 -50.31 -13.44
N PHE A 409 8.51 -50.93 -13.02
CA PHE A 409 7.25 -50.79 -13.73
C PHE A 409 6.17 -50.34 -12.76
N GLY A 410 5.36 -49.38 -13.18
CA GLY A 410 4.25 -48.93 -12.36
C GLY A 410 3.00 -48.75 -13.19
N LEU A 411 1.84 -48.81 -12.56
CA LEU A 411 0.61 -48.55 -13.32
C LEU A 411 -0.47 -47.74 -12.59
N TRP A 412 -1.46 -47.31 -13.35
CA TRP A 412 -2.47 -46.35 -12.92
C TRP A 412 -3.77 -46.98 -12.40
N PHE A 413 -4.30 -46.43 -11.31
CA PHE A 413 -5.61 -46.81 -10.80
C PHE A 413 -6.41 -45.58 -10.34
N GLU A 414 -7.75 -45.71 -10.35
CA GLU A 414 -8.63 -44.68 -9.82
C GLU A 414 -9.70 -45.34 -8.99
N PRO A 415 -9.28 -46.06 -7.92
CA PRO A 415 -10.10 -46.95 -7.09
C PRO A 415 -11.45 -46.40 -6.61
N GLU A 416 -11.55 -45.15 -6.21
CA GLU A 416 -12.78 -44.67 -5.59
C GLU A 416 -13.89 -44.40 -6.60
N MSE A 417 -13.61 -44.62 -7.88
CA MSE A 417 -14.55 -44.25 -8.93
C MSE A 417 -15.24 -45.45 -9.56
O MSE A 417 -14.74 -46.56 -9.50
CB MSE A 417 -13.85 -43.42 -9.99
CG MSE A 417 -13.27 -42.12 -9.45
SE MSE A 417 -14.60 -41.04 -8.52
CE MSE A 417 -13.38 -39.77 -7.67
N VAL A 418 -16.40 -45.20 -10.17
CA VAL A 418 -17.18 -46.24 -10.85
C VAL A 418 -17.89 -45.67 -12.08
N SER A 419 -17.66 -46.27 -13.24
CA SER A 419 -18.36 -45.82 -14.43
C SER A 419 -19.67 -46.58 -14.62
N VAL A 420 -20.73 -45.86 -14.99
CA VAL A 420 -22.02 -46.49 -15.26
C VAL A 420 -21.93 -47.64 -16.28
N ASP A 421 -21.16 -47.44 -17.35
CA ASP A 421 -20.89 -48.53 -18.30
C ASP A 421 -19.72 -49.38 -17.83
N SER A 422 -19.97 -50.30 -16.92
CA SER A 422 -18.93 -51.16 -16.40
C SER A 422 -19.52 -52.35 -15.66
N ASP A 423 -18.70 -53.36 -15.39
CA ASP A 423 -19.17 -54.60 -14.76
C ASP A 423 -19.57 -54.40 -13.31
N LEU A 424 -19.07 -53.32 -12.72
CA LEU A 424 -19.27 -53.05 -11.31
C LEU A 424 -20.68 -52.53 -11.06
N TYR A 425 -21.18 -51.73 -12.00
CA TYR A 425 -22.50 -51.11 -11.86
C TYR A 425 -23.64 -52.09 -12.15
N GLN A 426 -23.30 -53.26 -12.68
CA GLN A 426 -24.30 -54.30 -12.93
C GLN A 426 -24.30 -55.28 -11.76
N GLN A 427 -23.15 -55.39 -11.10
CA GLN A 427 -23.02 -56.28 -9.95
C GLN A 427 -23.38 -55.62 -8.62
N HIS A 428 -23.09 -54.32 -8.52
CA HIS A 428 -23.27 -53.60 -7.27
C HIS A 428 -23.72 -52.14 -7.43
N PRO A 429 -24.83 -51.90 -8.14
CA PRO A 429 -25.30 -50.53 -8.36
C PRO A 429 -25.58 -49.81 -7.05
N ASP A 430 -25.68 -50.54 -5.95
CA ASP A 430 -25.92 -49.95 -4.64
C ASP A 430 -24.65 -49.39 -4.01
N TRP A 431 -23.53 -49.51 -4.74
CA TRP A 431 -22.24 -49.03 -4.27
C TRP A 431 -21.93 -47.62 -4.78
N LEU A 432 -22.78 -47.12 -5.67
CA LEU A 432 -22.72 -45.71 -6.07
C LEU A 432 -23.22 -44.80 -4.96
N ILE A 433 -22.49 -43.72 -4.71
CA ILE A 433 -22.95 -42.68 -3.80
C ILE A 433 -24.06 -41.91 -4.47
N HIS A 434 -25.24 -41.91 -3.85
CA HIS A 434 -26.40 -41.30 -4.46
C HIS A 434 -27.54 -41.01 -3.49
N ALA A 435 -28.06 -39.79 -3.52
CA ALA A 435 -29.22 -39.45 -2.70
C ALA A 435 -30.46 -40.07 -3.31
N PRO A 436 -31.39 -40.51 -2.47
CA PRO A 436 -32.60 -41.26 -2.85
C PRO A 436 -33.39 -40.77 -4.09
N LYS A 437 -34.06 -39.61 -4.04
CA LYS A 437 -34.87 -39.19 -5.20
C LYS A 437 -34.16 -38.20 -6.13
N SER A 438 -32.84 -38.07 -5.97
CA SER A 438 -32.09 -37.02 -6.64
C SER A 438 -31.63 -37.46 -8.02
N THR A 439 -31.52 -36.49 -8.92
CA THR A 439 -30.99 -36.75 -10.25
C THR A 439 -29.48 -36.68 -10.21
N PRO A 440 -28.81 -37.82 -10.41
CA PRO A 440 -27.34 -37.92 -10.36
C PRO A 440 -26.61 -36.88 -11.25
N THR A 441 -25.49 -36.37 -10.75
CA THR A 441 -24.70 -35.37 -11.46
C THR A 441 -23.30 -35.92 -11.81
N PRO A 442 -23.02 -36.07 -13.12
CA PRO A 442 -21.75 -36.66 -13.54
C PRO A 442 -20.57 -35.70 -13.47
N GLY A 443 -19.38 -36.26 -13.25
CA GLY A 443 -18.14 -35.51 -13.30
C GLY A 443 -17.12 -36.35 -14.05
N ARG A 444 -16.60 -35.82 -15.14
CA ARG A 444 -15.80 -36.60 -16.07
C ARG A 444 -16.51 -37.93 -16.35
N HIS A 445 -17.82 -37.84 -16.59
CA HIS A 445 -18.65 -38.98 -16.98
C HIS A 445 -18.43 -40.19 -16.09
N GLN A 446 -18.48 -39.97 -14.79
CA GLN A 446 -18.27 -41.04 -13.81
C GLN A 446 -18.89 -40.67 -12.47
N PHE A 447 -18.99 -41.64 -11.58
CA PHE A 447 -19.55 -41.42 -10.26
C PHE A 447 -18.61 -42.04 -9.24
N VAL A 448 -18.87 -41.81 -7.96
CA VAL A 448 -17.90 -42.24 -6.96
C VAL A 448 -18.39 -43.39 -6.07
N LEU A 449 -17.49 -44.30 -5.76
CA LEU A 449 -17.78 -45.43 -4.87
C LEU A 449 -17.97 -45.01 -3.42
N ASP A 450 -18.79 -45.77 -2.71
CA ASP A 450 -19.03 -45.53 -1.30
C ASP A 450 -17.91 -46.16 -0.48
N MSE A 451 -16.90 -45.36 -0.13
CA MSE A 451 -15.72 -45.85 0.56
C MSE A 451 -15.96 -46.08 2.04
O MSE A 451 -15.11 -46.65 2.74
CB MSE A 451 -14.55 -44.88 0.38
CG MSE A 451 -14.05 -44.77 -1.04
SE MSE A 451 -13.37 -46.45 -1.78
CE MSE A 451 -11.88 -46.82 -0.56
N ALA A 452 -17.12 -45.63 2.53
CA ALA A 452 -17.50 -45.87 3.92
C ALA A 452 -17.88 -47.34 4.11
N ARG A 453 -18.07 -48.05 3.00
CA ARG A 453 -18.39 -49.47 3.02
C ARG A 453 -17.16 -50.34 3.04
N PRO A 454 -16.96 -51.07 4.14
CA PRO A 454 -15.80 -51.97 4.27
C PRO A 454 -15.75 -53.01 3.15
N GLU A 455 -16.90 -53.60 2.79
CA GLU A 455 -16.94 -54.52 1.66
C GLU A 455 -16.31 -53.92 0.42
N VAL A 456 -16.63 -52.66 0.13
CA VAL A 456 -16.03 -52.00 -1.02
C VAL A 456 -14.52 -51.88 -0.87
N VAL A 457 -14.06 -51.62 0.35
CA VAL A 457 -12.62 -51.54 0.57
C VAL A 457 -11.95 -52.91 0.35
N ASP A 458 -12.63 -53.97 0.78
CA ASP A 458 -12.15 -55.35 0.62
C ASP A 458 -12.11 -55.80 -0.85
N TYR A 459 -13.13 -55.43 -1.60
CA TYR A 459 -13.18 -55.78 -3.00
C TYR A 459 -12.01 -55.11 -3.69
N LEU A 460 -11.74 -53.85 -3.31
CA LEU A 460 -10.63 -53.13 -3.90
C LEU A 460 -9.24 -53.65 -3.47
N PHE A 461 -9.08 -54.00 -2.19
CA PHE A 461 -7.84 -54.59 -1.73
C PHE A 461 -7.53 -55.90 -2.48
N LYS A 462 -8.57 -56.63 -2.86
CA LYS A 462 -8.39 -57.88 -3.60
C LYS A 462 -7.90 -57.63 -5.02
N LEU A 463 -8.53 -56.69 -5.71
CA LEU A 463 -8.20 -56.40 -7.09
C LEU A 463 -6.79 -55.89 -7.22
N MSE A 464 -6.39 -55.02 -6.28
CA MSE A 464 -5.09 -54.40 -6.32
C MSE A 464 -3.99 -55.35 -5.80
O MSE A 464 -2.91 -55.39 -6.36
CB MSE A 464 -5.11 -53.05 -5.59
CG MSE A 464 -5.84 -51.96 -6.40
SE MSE A 464 -6.16 -50.19 -5.56
CE MSE A 464 -8.10 -50.24 -5.45
N SER A 465 -4.29 -56.14 -4.77
CA SER A 465 -3.40 -57.22 -4.32
C SER A 465 -3.08 -58.17 -5.46
N GLN A 466 -4.14 -58.72 -6.06
CA GLN A 466 -3.98 -59.64 -7.18
C GLN A 466 -3.15 -59.02 -8.27
N MSE A 467 -3.42 -57.76 -8.57
CA MSE A 467 -2.76 -57.05 -9.66
C MSE A 467 -1.28 -56.72 -9.37
O MSE A 467 -0.44 -56.87 -10.24
CB MSE A 467 -3.54 -55.79 -10.02
CG MSE A 467 -3.09 -55.12 -11.30
SE MSE A 467 -3.22 -56.27 -12.89
CE MSE A 467 -5.08 -56.89 -12.66
N ILE A 468 -0.99 -56.29 -8.15
CA ILE A 468 0.40 -56.06 -7.73
C ILE A 468 1.22 -57.35 -7.78
N GLU A 469 0.63 -58.47 -7.38
CA GLU A 469 1.32 -59.76 -7.46
C GLU A 469 1.42 -60.25 -8.91
N SER A 470 0.32 -60.14 -9.64
CA SER A 470 0.24 -60.57 -11.03
C SER A 470 1.35 -59.91 -11.87
N ALA A 471 1.57 -58.62 -11.68
CA ALA A 471 2.51 -57.88 -12.54
C ALA A 471 3.85 -57.50 -11.89
N ASN A 472 4.03 -57.84 -10.62
CA ASN A 472 5.24 -57.46 -9.90
C ASN A 472 5.49 -55.95 -9.87
N LEU A 473 4.41 -55.18 -9.75
CA LEU A 473 4.44 -53.71 -9.75
C LEU A 473 5.48 -53.11 -8.83
N ASP A 474 6.13 -52.06 -9.31
CA ASP A 474 7.11 -51.32 -8.52
C ASP A 474 6.50 -50.00 -8.03
N TYR A 475 5.34 -49.66 -8.60
CA TYR A 475 4.79 -48.32 -8.48
C TYR A 475 3.32 -48.40 -8.80
N ILE A 476 2.55 -47.47 -8.24
CA ILE A 476 1.14 -47.34 -8.55
C ILE A 476 0.78 -45.85 -8.55
N LYS A 477 0.15 -45.39 -9.61
CA LYS A 477 -0.33 -44.02 -9.63
C LYS A 477 -1.78 -44.15 -9.24
N TRP A 478 -2.16 -43.48 -8.16
CA TRP A 478 -3.51 -43.56 -7.61
C TRP A 478 -4.28 -42.25 -7.76
N ASP A 479 -5.02 -42.13 -8.86
CA ASP A 479 -5.77 -40.92 -9.20
C ASP A 479 -7.16 -40.83 -8.56
N MSE A 480 -7.87 -39.75 -8.87
CA MSE A 480 -9.10 -39.36 -8.19
C MSE A 480 -9.65 -38.14 -8.94
O MSE A 480 -9.31 -37.00 -8.61
CB MSE A 480 -8.79 -39.01 -6.74
CG MSE A 480 -9.95 -39.09 -5.78
SE MSE A 480 -11.42 -37.83 -6.06
CE MSE A 480 -10.46 -36.13 -5.92
N ASN A 481 -10.49 -38.35 -9.94
CA ASN A 481 -10.69 -37.31 -10.96
C ASN A 481 -11.99 -36.52 -10.93
N ARG A 482 -12.76 -36.65 -9.85
CA ARG A 482 -13.93 -35.79 -9.69
C ARG A 482 -14.21 -35.51 -8.23
N TYR A 483 -15.12 -34.55 -7.99
CA TYR A 483 -15.61 -34.25 -6.64
C TYR A 483 -17.01 -34.81 -6.40
N ALA A 484 -17.16 -35.62 -5.35
CA ALA A 484 -18.46 -36.27 -5.07
C ALA A 484 -19.62 -35.28 -5.08
N THR A 485 -20.80 -35.80 -5.38
CA THR A 485 -21.98 -34.99 -5.60
C THR A 485 -23.20 -35.75 -5.06
N GLU A 486 -24.18 -35.02 -4.53
CA GLU A 486 -25.36 -35.63 -3.90
C GLU A 486 -25.02 -36.71 -2.87
N MSE A 487 -24.25 -36.36 -1.84
CA MSE A 487 -23.73 -37.38 -0.92
C MSE A 487 -24.79 -38.06 -0.08
O MSE A 487 -25.56 -37.42 0.64
CB MSE A 487 -22.68 -36.78 0.02
CG MSE A 487 -21.45 -36.27 -0.69
SE MSE A 487 -20.37 -35.17 0.50
CE MSE A 487 -19.58 -33.99 -0.88
N PHE A 488 -24.80 -39.39 -0.17
CA PHE A 488 -25.70 -40.21 0.62
C PHE A 488 -25.22 -41.65 0.57
N SER A 489 -25.32 -42.33 1.70
CA SER A 489 -24.99 -43.74 1.75
C SER A 489 -26.16 -44.47 2.38
N SER A 490 -26.56 -45.56 1.73
CA SER A 490 -27.68 -46.36 2.20
C SER A 490 -27.29 -47.25 3.38
N ARG A 491 -25.99 -47.51 3.51
CA ARG A 491 -25.47 -48.29 4.63
C ARG A 491 -25.60 -47.56 5.98
N LEU A 492 -25.51 -46.23 5.93
CA LEU A 492 -25.59 -45.40 7.13
C LEU A 492 -27.02 -45.00 7.54
N THR A 493 -27.24 -44.97 8.86
CA THR A 493 -28.48 -44.49 9.43
C THR A 493 -28.79 -43.09 8.92
N SER A 494 -29.99 -42.62 9.19
CA SER A 494 -30.36 -41.27 8.78
C SER A 494 -29.59 -40.28 9.63
N ASP A 495 -29.41 -40.64 10.89
CA ASP A 495 -28.62 -39.84 11.83
C ASP A 495 -27.12 -39.85 11.51
N GLN A 496 -26.71 -40.73 10.62
CA GLN A 496 -25.30 -40.94 10.34
C GLN A 496 -24.82 -40.29 9.04
N GLN A 497 -25.73 -39.68 8.27
CA GLN A 497 -25.35 -39.14 6.96
C GLN A 497 -24.22 -38.10 6.99
N LEU A 498 -24.23 -37.23 8.00
CA LEU A 498 -23.15 -36.27 8.18
C LEU A 498 -21.84 -36.91 8.60
N GLU A 499 -21.85 -38.24 8.72
CA GLU A 499 -20.65 -38.99 9.05
C GLU A 499 -19.98 -39.42 7.76
N LEU A 500 -20.66 -39.20 6.65
CA LEU A 500 -20.19 -39.80 5.40
C LEU A 500 -18.83 -39.31 4.88
N PRO A 501 -18.69 -37.98 4.68
CA PRO A 501 -17.41 -37.48 4.14
C PRO A 501 -16.21 -38.02 4.89
N HIS A 502 -16.27 -38.07 6.23
CA HIS A 502 -15.13 -38.45 7.03
C HIS A 502 -14.89 -39.97 7.03
N ARG A 503 -15.97 -40.76 7.13
CA ARG A 503 -15.91 -42.22 7.01
C ARG A 503 -15.37 -42.62 5.65
N TYR A 504 -15.67 -41.82 4.63
CA TYR A 504 -15.17 -42.06 3.29
C TYR A 504 -13.65 -41.92 3.27
N ILE A 505 -13.16 -40.78 3.74
CA ILE A 505 -11.71 -40.61 3.82
C ILE A 505 -11.07 -41.72 4.68
N LEU A 506 -11.66 -42.07 5.81
CA LEU A 506 -11.11 -43.17 6.59
C LEU A 506 -11.00 -44.44 5.74
N GLY A 507 -11.94 -44.63 4.83
CA GLY A 507 -11.99 -45.80 3.97
C GLY A 507 -10.87 -45.77 2.95
N VAL A 508 -10.68 -44.61 2.34
CA VAL A 508 -9.49 -44.35 1.57
C VAL A 508 -8.24 -44.74 2.35
N TYR A 509 -8.12 -44.28 3.60
CA TYR A 509 -6.96 -44.60 4.43
C TYR A 509 -6.82 -46.11 4.72
N GLN A 510 -7.91 -46.78 5.07
CA GLN A 510 -7.88 -48.24 5.19
C GLN A 510 -7.19 -48.88 3.98
N LEU A 511 -7.59 -48.46 2.79
CA LEU A 511 -7.12 -49.06 1.56
C LEU A 511 -5.62 -48.85 1.42
N TYR A 512 -5.21 -47.59 1.50
CA TYR A 512 -3.79 -47.23 1.47
C TYR A 512 -3.07 -47.99 2.58
N ALA A 513 -3.66 -48.02 3.77
CA ALA A 513 -2.97 -48.62 4.90
C ALA A 513 -2.70 -50.07 4.57
N ARG A 514 -3.73 -50.79 4.19
CA ARG A 514 -3.63 -52.23 3.98
C ARG A 514 -2.72 -52.62 2.80
N LEU A 515 -2.79 -51.87 1.71
CA LEU A 515 -1.87 -52.07 0.59
C LEU A 515 -0.39 -51.84 0.95
N THR A 516 -0.09 -50.73 1.64
CA THR A 516 1.28 -50.44 2.01
C THR A 516 1.80 -51.40 3.09
N GLN A 517 0.90 -51.94 3.92
CA GLN A 517 1.30 -52.95 4.92
C GLN A 517 1.74 -54.22 4.22
N ALA A 518 0.91 -54.62 3.25
CA ALA A 518 1.09 -55.85 2.50
C ALA A 518 2.21 -55.82 1.46
N TYR A 519 2.47 -54.64 0.91
CA TYR A 519 3.52 -54.53 -0.09
C TYR A 519 4.41 -53.32 0.20
N PRO A 520 5.17 -53.39 1.29
CA PRO A 520 5.95 -52.27 1.79
C PRO A 520 6.91 -51.73 0.73
N ASN A 521 7.06 -52.43 -0.38
CA ASN A 521 8.07 -52.05 -1.34
C ASN A 521 7.52 -51.37 -2.58
N VAL A 522 6.20 -51.26 -2.65
CA VAL A 522 5.59 -50.58 -3.80
C VAL A 522 5.52 -49.09 -3.52
N LEU A 523 6.08 -48.30 -4.42
CA LEU A 523 6.03 -46.84 -4.35
C LEU A 523 4.68 -46.35 -4.89
N PHE A 524 3.96 -45.59 -4.07
CA PHE A 524 2.72 -44.96 -4.49
C PHE A 524 2.92 -43.49 -4.84
N GLU A 525 2.27 -43.04 -5.91
CA GLU A 525 2.15 -41.62 -6.13
C GLU A 525 0.67 -41.31 -6.07
N SER A 526 0.30 -40.51 -5.07
CA SER A 526 -1.03 -39.91 -4.97
C SER A 526 -1.29 -38.92 -6.12
N CYS A 527 -2.56 -38.85 -6.52
CA CYS A 527 -2.96 -37.98 -7.61
C CYS A 527 -4.46 -37.67 -7.49
N ALA A 528 -4.85 -36.46 -7.82
CA ALA A 528 -6.27 -36.10 -7.87
C ALA A 528 -6.46 -34.97 -8.87
N SER A 529 -6.57 -35.35 -10.16
CA SER A 529 -6.43 -34.39 -11.24
C SER A 529 -5.24 -33.49 -10.97
N GLY A 530 -4.12 -34.09 -10.58
CA GLY A 530 -2.91 -33.34 -10.28
C GLY A 530 -2.94 -32.61 -8.93
N GLY A 531 -3.07 -33.34 -7.85
CA GLY A 531 -3.00 -32.67 -6.56
C GLY A 531 -4.17 -31.76 -6.24
N GLY A 532 -5.36 -32.34 -6.26
CA GLY A 532 -6.51 -31.79 -5.57
C GLY A 532 -6.59 -32.58 -4.28
N ARG A 533 -5.48 -33.23 -3.92
CA ARG A 533 -5.35 -33.93 -2.65
C ARG A 533 -3.88 -33.99 -2.28
N PHE A 534 -3.20 -32.89 -2.58
CA PHE A 534 -1.79 -32.69 -2.24
C PHE A 534 -1.70 -32.23 -0.79
N ASP A 535 -1.71 -33.21 0.12
CA ASP A 535 -1.84 -32.94 1.54
C ASP A 535 -1.09 -34.00 2.35
N LEU A 536 -0.81 -33.69 3.61
CA LEU A 536 0.02 -34.57 4.45
C LEU A 536 -0.66 -35.90 4.71
N GLY A 537 -1.98 -35.94 4.58
CA GLY A 537 -2.71 -37.17 4.77
C GLY A 537 -2.19 -38.21 3.82
N MSE A 538 -2.02 -37.83 2.57
CA MSE A 538 -1.53 -38.76 1.57
C MSE A 538 -0.06 -39.09 1.76
O MSE A 538 0.36 -40.21 1.50
CB MSE A 538 -1.76 -38.20 0.18
CG MSE A 538 -3.21 -37.82 -0.07
SE MSE A 538 -4.34 -39.41 -0.28
CE MSE A 538 -4.59 -39.30 -2.22
N MSE A 539 0.72 -38.10 2.19
CA MSE A 539 2.18 -38.24 2.24
C MSE A 539 2.62 -39.29 3.23
O MSE A 539 3.66 -39.91 3.06
CB MSE A 539 2.82 -36.89 2.58
CG MSE A 539 2.42 -35.72 1.64
SE MSE A 539 2.98 -35.89 -0.24
CE MSE A 539 2.24 -34.18 -0.89
N TYR A 540 1.83 -39.51 4.27
CA TYR A 540 2.05 -40.62 5.18
C TYR A 540 2.21 -41.94 4.40
N TYR A 541 1.28 -42.21 3.48
CA TYR A 541 1.27 -43.46 2.73
C TYR A 541 2.12 -43.42 1.46
N ALA A 542 1.95 -42.35 0.69
CA ALA A 542 2.59 -42.21 -0.62
C ALA A 542 3.49 -40.97 -0.58
N PRO A 543 4.80 -41.17 -0.69
CA PRO A 543 5.80 -40.14 -0.38
C PRO A 543 5.96 -39.09 -1.46
N GLN A 544 5.11 -39.14 -2.49
CA GLN A 544 5.07 -38.10 -3.51
C GLN A 544 3.67 -38.00 -4.14
N ALA A 545 3.40 -36.84 -4.73
CA ALA A 545 2.12 -36.58 -5.37
C ALA A 545 2.34 -35.91 -6.71
N TRP A 546 1.44 -36.18 -7.64
CA TRP A 546 1.47 -35.48 -8.92
C TRP A 546 1.03 -34.05 -8.64
N THR A 547 2.02 -33.18 -8.42
CA THR A 547 1.80 -31.78 -8.13
C THR A 547 0.59 -31.16 -8.86
N SER A 548 0.60 -31.19 -10.19
CA SER A 548 -0.42 -30.53 -10.98
C SER A 548 -0.48 -31.11 -12.39
N ASP A 549 -1.67 -31.07 -13.01
CA ASP A 549 -1.81 -31.55 -14.39
C ASP A 549 -1.21 -30.56 -15.37
N ASP A 550 -0.99 -29.35 -14.87
CA ASP A 550 -0.30 -28.32 -15.63
C ASP A 550 1.18 -28.67 -15.71
N THR A 551 1.67 -28.96 -16.92
CA THR A 551 3.06 -29.40 -17.10
C THR A 551 3.89 -28.33 -17.80
N ASP A 552 3.25 -27.19 -18.04
CA ASP A 552 3.95 -26.05 -18.59
C ASP A 552 5.02 -25.51 -17.64
N ALA A 553 6.24 -25.37 -18.14
CA ALA A 553 7.37 -24.86 -17.36
C ALA A 553 7.12 -23.53 -16.63
N ALA A 554 6.42 -22.59 -17.26
CA ALA A 554 6.21 -21.29 -16.65
C ALA A 554 5.10 -21.36 -15.60
N GLU A 555 4.05 -22.11 -15.89
CA GLU A 555 3.01 -22.31 -14.91
C GLU A 555 3.50 -23.18 -13.74
N ARG A 556 4.43 -24.08 -14.02
CA ARG A 556 5.00 -24.93 -12.98
C ARG A 556 5.90 -24.13 -12.04
N LEU A 557 6.59 -23.14 -12.58
CA LEU A 557 7.30 -22.18 -11.74
C LEU A 557 6.38 -21.66 -10.62
N LEU A 558 5.16 -21.27 -10.95
CA LEU A 558 4.34 -20.64 -9.92
C LEU A 558 3.79 -21.67 -8.94
N ILE A 559 3.59 -22.88 -9.44
CA ILE A 559 2.95 -23.90 -8.64
C ILE A 559 3.98 -24.52 -7.73
N GLN A 560 5.15 -24.82 -8.26
CA GLN A 560 6.17 -25.43 -7.43
C GLN A 560 6.68 -24.43 -6.41
N PHE A 561 6.77 -23.17 -6.83
CA PHE A 561 7.21 -22.12 -5.94
C PHE A 561 6.22 -21.93 -4.81
N GLY A 562 4.93 -21.97 -5.14
CA GLY A 562 3.91 -21.83 -4.13
C GLY A 562 3.87 -23.04 -3.21
N THR A 563 4.15 -24.21 -3.74
CA THR A 563 3.92 -25.43 -2.99
C THR A 563 5.07 -25.64 -2.03
N SER A 564 6.24 -25.19 -2.44
CA SER A 564 7.44 -25.30 -1.62
C SER A 564 7.29 -24.62 -0.25
N TYR A 565 6.36 -23.68 -0.12
CA TYR A 565 6.07 -23.10 1.18
C TYR A 565 5.71 -24.16 2.19
N GLY A 566 4.81 -25.07 1.83
CA GLY A 566 4.33 -26.08 2.77
C GLY A 566 4.91 -27.46 2.57
N TYR A 567 5.53 -27.72 1.42
CA TYR A 567 5.94 -29.10 1.11
C TYR A 567 7.29 -29.16 0.40
N PRO A 568 8.17 -30.07 0.82
CA PRO A 568 9.50 -30.26 0.23
C PRO A 568 9.43 -30.72 -1.23
N GLN A 569 10.42 -30.31 -2.03
CA GLN A 569 10.50 -30.74 -3.43
C GLN A 569 10.51 -32.27 -3.62
N ALA A 570 10.96 -33.00 -2.60
CA ALA A 570 10.91 -34.46 -2.60
C ALA A 570 9.49 -34.99 -2.81
N MSE A 571 8.49 -34.15 -2.49
CA MSE A 571 7.10 -34.56 -2.59
C MSE A 571 6.43 -34.22 -3.91
O MSE A 571 5.32 -34.66 -4.14
CB MSE A 571 6.26 -33.95 -1.47
CG MSE A 571 6.56 -34.51 -0.10
SE MSE A 571 5.59 -33.46 1.25
CE MSE A 571 6.19 -34.36 2.88
N MSE A 572 7.06 -33.43 -4.77
CA MSE A 572 6.37 -32.98 -5.98
C MSE A 572 6.87 -33.71 -7.22
O MSE A 572 8.02 -33.55 -7.62
CB MSE A 572 6.57 -31.50 -6.21
CG MSE A 572 6.46 -30.64 -5.00
SE MSE A 572 6.83 -28.75 -5.45
CE MSE A 572 7.99 -28.35 -3.92
N GLY A 573 6.00 -34.50 -7.84
CA GLY A 573 6.36 -35.10 -9.09
C GLY A 573 6.45 -33.95 -10.05
N ALA A 574 7.35 -34.03 -11.03
CA ALA A 574 7.48 -32.97 -12.01
C ALA A 574 7.92 -33.55 -13.35
N HIS A 575 7.12 -33.35 -14.39
CA HIS A 575 7.42 -33.98 -15.68
C HIS A 575 7.71 -33.00 -16.80
N VAL A 576 8.76 -33.28 -17.57
CA VAL A 576 9.00 -32.61 -18.85
C VAL A 576 7.97 -33.08 -19.87
N SER A 577 7.26 -32.14 -20.48
CA SER A 577 6.15 -32.47 -21.37
C SER A 577 6.26 -31.85 -22.78
N ALA A 578 5.32 -32.23 -23.64
CA ALA A 578 5.34 -31.81 -25.03
C ALA A 578 4.92 -30.36 -25.24
N VAL A 579 5.45 -29.76 -26.31
CA VAL A 579 5.19 -28.36 -26.64
C VAL A 579 4.66 -28.21 -28.07
N PRO A 580 3.72 -27.27 -28.30
CA PRO A 580 3.08 -26.35 -27.36
C PRO A 580 2.20 -27.05 -26.33
N ASN A 581 2.36 -26.66 -25.07
CA ASN A 581 1.64 -27.24 -23.94
C ASN A 581 0.16 -27.55 -24.19
N ASP A 582 -0.22 -28.79 -23.90
CA ASP A 582 -1.59 -29.26 -24.16
C ASP A 582 -2.68 -28.49 -23.38
N GLN A 583 -2.35 -28.03 -22.17
CA GLN A 583 -3.33 -27.40 -21.29
C GLN A 583 -3.64 -25.92 -21.58
N MSE A 584 -2.66 -25.17 -22.09
CA MSE A 584 -2.89 -23.74 -22.34
C MSE A 584 -2.06 -23.12 -23.48
O MSE A 584 -2.19 -21.93 -23.78
CB MSE A 584 -2.76 -22.93 -21.05
CG MSE A 584 -1.74 -23.49 -20.04
SE MSE A 584 0.10 -23.16 -20.56
CE MSE A 584 -0.09 -21.25 -20.95
N GLY A 585 -1.19 -23.92 -24.11
CA GLY A 585 -0.62 -23.57 -25.39
C GLY A 585 0.71 -22.84 -25.48
N ARG A 586 1.48 -22.84 -24.40
CA ARG A 586 2.76 -22.15 -24.36
C ARG A 586 3.88 -22.96 -25.02
N ILE A 587 4.82 -22.28 -25.67
CA ILE A 587 6.02 -22.94 -26.18
C ILE A 587 7.26 -22.63 -25.35
N THR A 588 7.87 -23.66 -24.79
CA THR A 588 9.08 -23.48 -23.99
C THR A 588 10.29 -24.21 -24.59
N SER A 589 11.50 -23.78 -24.20
CA SER A 589 12.70 -24.51 -24.57
C SER A 589 12.76 -25.82 -23.78
N LEU A 590 13.26 -26.88 -24.41
CA LEU A 590 13.44 -28.14 -23.71
C LEU A 590 14.35 -27.93 -22.49
N LYS A 591 15.28 -26.98 -22.60
CA LYS A 591 16.21 -26.66 -21.52
C LYS A 591 15.47 -26.18 -20.28
N THR A 592 14.52 -25.27 -20.49
CA THR A 592 13.73 -24.72 -19.40
C THR A 592 12.77 -25.72 -18.80
N ARG A 593 12.01 -26.42 -19.64
CA ARG A 593 11.03 -27.40 -19.13
C ARG A 593 11.72 -28.38 -18.20
N GLY A 594 12.91 -28.82 -18.59
CA GLY A 594 13.75 -29.67 -17.78
C GLY A 594 14.23 -29.00 -16.51
N ALA A 595 14.96 -27.90 -16.63
CA ALA A 595 15.43 -27.16 -15.45
C ALA A 595 14.34 -26.89 -14.39
N VAL A 596 13.10 -26.70 -14.81
CA VAL A 596 12.02 -26.51 -13.85
C VAL A 596 11.68 -27.84 -13.16
N ALA A 597 11.80 -28.95 -13.88
CA ALA A 597 11.43 -30.25 -13.36
C ALA A 597 12.49 -30.89 -12.43
N PHE A 598 13.70 -30.36 -12.44
CA PHE A 598 14.80 -30.90 -11.63
C PHE A 598 14.52 -30.76 -10.14
N PHE A 599 13.85 -29.67 -9.79
CA PHE A 599 13.57 -29.34 -8.40
C PHE A 599 12.25 -30.00 -7.96
N GLY A 600 12.23 -31.32 -8.10
CA GLY A 600 11.13 -32.18 -7.76
C GLY A 600 11.55 -33.60 -8.13
N ASP A 601 10.58 -34.47 -8.33
CA ASP A 601 10.87 -35.82 -8.76
C ASP A 601 10.72 -35.93 -10.28
N LEU A 602 11.83 -35.74 -10.98
CA LEU A 602 11.87 -35.72 -12.44
C LEU A 602 11.22 -36.93 -13.11
N GLY A 603 10.63 -36.72 -14.28
CA GLY A 603 9.98 -37.74 -15.05
C GLY A 603 9.58 -37.18 -16.41
N TYR A 604 9.27 -38.05 -17.37
CA TYR A 604 8.97 -37.58 -18.71
C TYR A 604 7.60 -38.05 -19.20
N GLU A 605 6.92 -37.18 -19.95
CA GLU A 605 5.53 -37.44 -20.27
C GLU A 605 5.24 -36.94 -21.67
N LEU A 606 6.02 -37.44 -22.62
CA LEU A 606 5.79 -37.11 -24.01
C LEU A 606 6.30 -38.23 -24.88
N ASP A 607 5.94 -38.20 -26.16
CA ASP A 607 6.36 -39.24 -27.08
C ASP A 607 7.82 -39.03 -27.45
N ILE A 608 8.68 -39.87 -26.92
CA ILE A 608 10.12 -39.78 -27.16
C ILE A 608 10.52 -40.46 -28.46
N THR A 609 9.62 -41.26 -29.02
CA THR A 609 9.87 -41.88 -30.32
C THR A 609 9.85 -40.81 -31.42
N LYS A 610 9.12 -39.73 -31.16
CA LYS A 610 8.89 -38.67 -32.15
C LYS A 610 10.02 -37.64 -32.23
N MSE A 611 11.05 -37.84 -31.43
CA MSE A 611 12.09 -36.83 -31.32
C MSE A 611 13.22 -37.02 -32.31
O MSE A 611 13.68 -38.15 -32.53
CB MSE A 611 12.67 -36.80 -29.90
CG MSE A 611 11.67 -36.39 -28.83
SE MSE A 611 12.54 -36.17 -27.09
CE MSE A 611 11.01 -35.48 -26.09
N ALA A 612 13.68 -35.92 -32.88
CA ALA A 612 14.89 -35.91 -33.69
C ALA A 612 16.07 -36.39 -32.86
N PRO A 613 17.13 -36.86 -33.51
CA PRO A 613 18.29 -37.38 -32.77
C PRO A 613 18.92 -36.35 -31.83
N THR A 614 18.81 -35.06 -32.14
CA THR A 614 19.38 -34.00 -31.30
C THR A 614 18.59 -33.77 -30.01
N GLU A 615 17.27 -33.82 -30.11
CA GLU A 615 16.40 -33.72 -28.95
C GLU A 615 16.56 -34.95 -28.06
N LEU A 616 16.48 -36.13 -28.66
CA LEU A 616 16.70 -37.37 -27.94
C LEU A 616 17.96 -37.28 -27.09
N ASP A 617 19.01 -36.70 -27.64
CA ASP A 617 20.29 -36.66 -26.92
C ASP A 617 20.28 -35.65 -25.76
N GLN A 618 19.44 -34.63 -25.87
CA GLN A 618 19.34 -33.62 -24.83
C GLN A 618 18.66 -34.22 -23.60
N VAL A 619 17.55 -34.91 -23.83
CA VAL A 619 16.90 -35.68 -22.78
C VAL A 619 17.94 -36.57 -22.11
N LYS A 620 18.72 -37.30 -22.91
CA LYS A 620 19.72 -38.22 -22.37
C LYS A 620 20.71 -37.51 -21.45
N LYS A 621 21.15 -36.32 -21.84
CA LYS A 621 22.06 -35.53 -21.03
C LYS A 621 21.39 -35.02 -19.76
N GLN A 622 20.10 -34.69 -19.86
CA GLN A 622 19.32 -34.17 -18.74
C GLN A 622 19.17 -35.22 -17.65
N VAL A 623 18.88 -36.43 -18.08
CA VAL A 623 18.71 -37.53 -17.15
C VAL A 623 20.01 -37.88 -16.45
N ALA A 624 21.13 -37.77 -17.14
CA ALA A 624 22.40 -38.10 -16.52
C ALA A 624 22.77 -37.02 -15.51
N PHE A 625 22.59 -35.76 -15.92
CA PHE A 625 22.85 -34.62 -15.04
C PHE A 625 22.01 -34.71 -13.79
N TYR A 626 20.73 -35.00 -13.97
CA TYR A 626 19.82 -35.17 -12.84
C TYR A 626 20.29 -36.28 -11.93
N LYS A 627 20.62 -37.42 -12.52
CA LYS A 627 21.13 -38.54 -11.74
C LYS A 627 22.40 -38.14 -10.98
N CYS A 628 23.26 -37.35 -11.64
CA CYS A 628 24.54 -36.97 -11.07
C CYS A 628 24.31 -36.24 -9.76
N TYR A 629 23.29 -35.38 -9.76
CA TYR A 629 23.00 -34.48 -8.65
C TYR A 629 21.65 -34.78 -7.96
N ARG A 630 21.25 -36.04 -7.97
CA ARG A 630 19.88 -36.36 -7.62
C ARG A 630 19.61 -36.25 -6.15
N GLN A 631 20.61 -36.62 -5.36
CA GLN A 631 20.55 -36.50 -3.91
C GLN A 631 20.33 -35.05 -3.49
N LEU A 632 20.94 -34.14 -4.24
CA LEU A 632 20.81 -32.70 -3.98
C LEU A 632 19.48 -32.11 -4.50
N PHE A 633 19.05 -32.46 -5.71
CA PHE A 633 17.74 -32.00 -6.18
C PHE A 633 16.62 -32.45 -5.27
N GLN A 634 16.57 -33.75 -4.98
CA GLN A 634 15.42 -34.29 -4.26
C GLN A 634 15.40 -34.00 -2.75
N PHE A 635 16.55 -34.11 -2.09
CA PHE A 635 16.56 -33.92 -0.63
C PHE A 635 17.33 -32.69 -0.13
N GLY A 636 17.97 -31.97 -1.04
CA GLY A 636 18.75 -30.81 -0.66
C GLY A 636 17.88 -29.82 0.12
N LYS A 637 18.51 -29.06 1.01
CA LYS A 637 17.82 -27.99 1.71
C LYS A 637 17.34 -26.96 0.69
N PHE A 638 16.05 -26.68 0.70
CA PHE A 638 15.46 -25.85 -0.34
C PHE A 638 15.32 -24.39 0.08
N TYR A 639 15.75 -23.49 -0.79
CA TYR A 639 15.66 -22.06 -0.52
C TYR A 639 14.89 -21.35 -1.61
N ARG A 640 13.87 -20.60 -1.23
CA ARG A 640 13.24 -19.66 -2.15
C ARG A 640 14.06 -18.39 -2.19
N ILE A 641 14.21 -17.78 -3.36
CA ILE A 641 14.92 -16.51 -3.48
C ILE A 641 14.06 -15.40 -4.12
N ASP A 642 14.13 -15.23 -5.44
CA ASP A 642 13.26 -14.27 -6.12
C ASP A 642 11.87 -14.87 -6.23
N SER A 643 10.86 -14.16 -5.76
CA SER A 643 9.49 -14.67 -5.82
C SER A 643 8.70 -14.11 -7.00
N PRO A 644 7.91 -14.98 -7.64
CA PRO A 644 6.96 -14.62 -8.71
C PRO A 644 5.75 -13.95 -8.08
N PHE A 645 5.61 -14.08 -6.77
CA PHE A 645 4.45 -13.51 -6.11
C PHE A 645 4.73 -12.14 -5.51
N VAL A 646 5.95 -11.65 -5.72
CA VAL A 646 6.34 -10.33 -5.25
C VAL A 646 6.79 -9.42 -6.40
N GLU A 647 6.20 -8.22 -6.48
CA GLU A 647 6.40 -7.26 -7.57
C GLU A 647 6.03 -7.84 -8.95
N ASP A 648 6.78 -7.48 -9.98
CA ASP A 648 6.39 -7.83 -11.34
C ASP A 648 6.25 -9.35 -11.47
N GLY A 649 6.97 -10.06 -10.60
CA GLY A 649 6.97 -11.51 -10.61
C GLY A 649 7.48 -12.07 -11.92
N ASN A 650 8.40 -11.35 -12.55
CA ASN A 650 8.94 -11.79 -13.82
C ASN A 650 10.13 -12.73 -13.64
N VAL A 651 10.86 -12.54 -12.56
CA VAL A 651 11.95 -13.42 -12.21
C VAL A 651 11.58 -14.34 -11.04
N THR A 652 11.90 -15.63 -11.17
CA THR A 652 11.74 -16.60 -10.09
C THR A 652 13.11 -17.22 -9.88
N SER A 653 13.47 -17.46 -8.62
CA SER A 653 14.71 -18.17 -8.34
C SER A 653 14.65 -18.93 -7.03
N TRP A 654 15.13 -20.17 -7.04
CA TRP A 654 15.39 -20.88 -5.79
C TRP A 654 16.68 -21.65 -5.89
N GLN A 655 17.02 -22.38 -4.81
CA GLN A 655 18.35 -23.00 -4.70
C GLN A 655 18.30 -24.23 -3.81
N VAL A 656 19.14 -25.23 -4.06
CA VAL A 656 19.25 -26.35 -3.12
C VAL A 656 20.67 -26.50 -2.61
N VAL A 657 20.83 -26.87 -1.34
CA VAL A 657 22.14 -26.95 -0.70
C VAL A 657 22.25 -28.25 0.07
N SER A 658 23.42 -28.89 -0.03
CA SER A 658 23.60 -30.21 0.58
C SER A 658 23.83 -30.08 2.09
N ASP A 659 23.75 -31.19 2.81
CA ASP A 659 23.86 -31.13 4.28
C ASP A 659 25.08 -30.34 4.76
N ASP A 660 26.25 -30.62 4.17
CA ASP A 660 27.50 -29.99 4.58
C ASP A 660 27.71 -28.64 3.93
N GLN A 661 26.85 -28.30 2.98
CA GLN A 661 26.89 -26.99 2.33
C GLN A 661 28.04 -26.87 1.34
N LYS A 662 28.66 -27.99 0.98
CA LYS A 662 29.83 -27.94 0.14
C LYS A 662 29.42 -27.95 -1.32
N GLN A 663 28.15 -28.21 -1.58
CA GLN A 663 27.66 -28.35 -2.96
C GLN A 663 26.31 -27.67 -3.07
N ALA A 664 26.00 -27.04 -4.21
CA ALA A 664 24.64 -26.50 -4.42
C ALA A 664 24.24 -26.27 -5.87
N ILE A 665 22.95 -26.27 -6.15
CA ILE A 665 22.46 -25.86 -7.45
C ILE A 665 21.37 -24.81 -7.37
N ALA A 666 21.64 -23.65 -7.95
CA ALA A 666 20.64 -22.60 -8.00
C ALA A 666 20.08 -22.49 -9.41
N ALA A 667 18.84 -22.06 -9.54
CA ALA A 667 18.30 -21.69 -10.85
C ALA A 667 17.53 -20.37 -10.80
N ARG A 668 17.80 -19.50 -11.78
CA ARG A 668 17.07 -18.26 -12.01
C ARG A 668 16.25 -18.34 -13.33
N TYR A 669 14.95 -18.04 -13.27
CA TYR A 669 14.06 -18.16 -14.42
C TYR A 669 13.42 -16.84 -14.76
N GLN A 670 13.33 -16.52 -16.04
CA GLN A 670 12.73 -15.26 -16.45
C GLN A 670 11.66 -15.46 -17.50
N LEU A 671 10.46 -14.97 -17.23
CA LEU A 671 9.29 -15.21 -18.08
C LEU A 671 9.34 -14.39 -19.37
N LEU A 672 9.49 -13.08 -19.22
CA LEU A 672 9.58 -12.22 -20.38
C LEU A 672 10.96 -11.56 -20.43
N ASN A 673 11.61 -11.63 -21.58
CA ASN A 673 12.90 -10.99 -21.73
C ASN A 673 12.74 -9.54 -22.21
N HIS A 674 13.53 -8.63 -21.65
CA HIS A 674 13.39 -7.24 -22.03
C HIS A 674 14.68 -6.68 -22.60
N PRO A 675 14.57 -5.62 -23.43
CA PRO A 675 15.69 -4.98 -24.11
C PRO A 675 16.43 -3.99 -23.21
N ASN A 676 17.66 -3.65 -23.59
CA ASN A 676 18.45 -2.68 -22.86
C ASN A 676 18.30 -2.90 -21.37
N ALA A 677 18.74 -4.05 -20.91
CA ALA A 677 18.43 -4.50 -19.55
C ALA A 677 19.42 -4.06 -18.45
N PRO A 678 18.91 -3.85 -17.23
CA PRO A 678 19.82 -3.66 -16.10
C PRO A 678 20.75 -4.88 -15.96
N TYR A 679 21.95 -4.67 -15.43
CA TYR A 679 22.80 -5.80 -15.16
C TYR A 679 22.08 -6.78 -14.24
N THR A 680 22.36 -8.07 -14.39
CA THR A 680 21.79 -9.07 -13.49
C THR A 680 22.72 -9.35 -12.31
N ARG A 681 22.18 -9.32 -11.10
CA ARG A 681 22.96 -9.83 -9.99
C ARG A 681 22.19 -10.86 -9.16
N PHE A 682 22.73 -12.08 -9.11
CA PHE A 682 22.09 -13.18 -8.39
C PHE A 682 22.68 -13.39 -7.00
N TYR A 683 21.84 -13.36 -5.97
CA TYR A 683 22.35 -13.54 -4.62
C TYR A 683 22.16 -14.98 -4.12
N PHE A 684 23.25 -15.70 -3.95
CA PHE A 684 23.13 -17.08 -3.48
C PHE A 684 22.73 -17.12 -2.00
N LYS A 685 22.00 -18.15 -1.60
CA LYS A 685 21.65 -18.30 -0.21
C LYS A 685 22.27 -19.59 0.30
N GLY A 686 22.36 -19.72 1.63
CA GLY A 686 22.62 -20.99 2.30
C GLY A 686 24.04 -21.51 2.37
N LEU A 687 24.98 -20.77 1.81
CA LEU A 687 26.38 -21.21 1.82
C LEU A 687 27.13 -20.89 3.13
N ARG A 688 28.38 -21.34 3.22
CA ARG A 688 29.26 -21.00 4.33
C ARG A 688 30.05 -19.77 3.93
N PRO A 689 29.98 -18.73 4.75
CA PRO A 689 30.70 -17.48 4.48
C PRO A 689 32.20 -17.69 4.23
N ASN A 690 32.83 -18.60 4.97
CA ASN A 690 34.29 -18.70 4.93
C ASN A 690 34.82 -19.79 4.03
N GLN A 691 33.91 -20.38 3.25
CA GLN A 691 34.22 -21.47 2.33
C GLN A 691 34.37 -20.90 0.91
N ARG A 692 35.45 -21.23 0.22
CA ARG A 692 35.61 -20.82 -1.16
C ARG A 692 34.84 -21.75 -2.11
N TYR A 693 34.24 -21.22 -3.17
CA TYR A 693 33.47 -22.05 -4.11
C TYR A 693 33.83 -21.76 -5.54
N GLN A 694 33.55 -22.71 -6.44
CA GLN A 694 33.58 -22.46 -7.88
C GLN A 694 32.18 -22.63 -8.47
N ILE A 695 31.87 -21.90 -9.53
CA ILE A 695 30.53 -21.86 -10.09
C ILE A 695 30.42 -22.13 -11.57
N ASN A 696 29.93 -23.32 -11.92
CA ASN A 696 29.96 -23.82 -13.29
C ASN A 696 31.41 -23.81 -13.76
N ASP A 697 31.62 -23.44 -15.03
CA ASP A 697 32.95 -23.47 -15.63
C ASP A 697 33.64 -22.09 -15.57
N ASP A 698 33.34 -21.31 -14.53
CA ASP A 698 34.00 -20.03 -14.26
C ASP A 698 35.28 -20.29 -13.45
N PRO A 699 36.44 -19.88 -14.00
CA PRO A 699 37.79 -20.10 -13.46
C PRO A 699 38.03 -19.52 -12.06
N SER A 700 37.44 -18.36 -11.77
CA SER A 700 37.62 -17.70 -10.47
C SER A 700 37.11 -18.50 -9.26
N THR A 701 37.70 -18.24 -8.08
CA THR A 701 37.13 -18.77 -6.84
C THR A 701 36.41 -17.67 -6.04
N TYR A 702 35.31 -18.03 -5.38
CA TYR A 702 34.55 -17.08 -4.58
C TYR A 702 34.30 -17.59 -3.14
N TYR A 703 34.57 -16.74 -2.16
CA TYR A 703 34.10 -17.01 -0.81
C TYR A 703 32.59 -16.95 -0.82
N GLY A 704 31.97 -17.68 0.08
CA GLY A 704 30.53 -17.68 0.17
C GLY A 704 29.91 -16.34 0.52
N ASP A 705 30.55 -15.56 1.39
CA ASP A 705 30.00 -14.25 1.71
C ASP A 705 30.05 -13.33 0.49
N GLU A 706 30.97 -13.57 -0.43
CA GLU A 706 30.94 -12.86 -1.70
C GLU A 706 29.64 -13.17 -2.43
N LEU A 707 29.30 -14.44 -2.50
CA LEU A 707 28.21 -14.87 -3.36
C LEU A 707 26.87 -14.52 -2.77
N MSE A 708 26.83 -14.34 -1.45
CA MSE A 708 25.61 -14.06 -0.73
C MSE A 708 25.41 -12.56 -0.51
O MSE A 708 24.30 -12.06 -0.55
CB MSE A 708 25.60 -14.79 0.61
CG MSE A 708 25.59 -16.31 0.47
SE MSE A 708 25.36 -17.28 2.19
CE MSE A 708 26.90 -16.59 3.17
N ASN A 709 26.50 -11.85 -0.27
CA ASN A 709 26.40 -10.45 0.07
C ASN A 709 26.49 -9.52 -1.12
N ALA A 710 27.48 -9.75 -1.98
CA ALA A 710 27.66 -8.88 -3.12
C ALA A 710 26.90 -9.43 -4.31
N GLY A 711 26.68 -10.73 -4.28
CA GLY A 711 26.00 -11.40 -5.38
C GLY A 711 26.94 -11.73 -6.52
N TYR A 712 26.40 -12.42 -7.52
CA TYR A 712 27.17 -12.95 -8.65
C TYR A 712 26.59 -12.36 -9.91
N PHE A 713 27.46 -11.84 -10.76
CA PHE A 713 27.03 -11.17 -11.99
C PHE A 713 26.68 -12.20 -13.04
N VAL A 714 25.49 -12.06 -13.60
CA VAL A 714 25.00 -13.01 -14.58
C VAL A 714 24.87 -12.28 -15.91
N PRO A 715 25.35 -12.90 -16.99
CA PRO A 715 25.37 -12.25 -18.30
C PRO A 715 23.96 -11.95 -18.80
N THR A 716 23.79 -10.85 -19.55
CA THR A 716 22.47 -10.55 -20.12
C THR A 716 22.01 -11.64 -21.09
N ILE A 717 20.69 -11.83 -21.16
CA ILE A 717 20.06 -12.72 -22.13
C ILE A 717 19.93 -11.99 -23.48
N LEU A 718 20.67 -12.45 -24.47
CA LEU A 718 20.72 -11.78 -25.76
C LEU A 718 19.98 -12.53 -26.87
N ALA A 719 19.33 -11.78 -27.75
CA ALA A 719 18.69 -12.36 -28.93
C ALA A 719 19.75 -12.97 -29.86
N ASP A 720 19.46 -14.13 -30.41
CA ASP A 720 20.40 -14.74 -31.35
C ASP A 720 19.77 -15.03 -32.72
N GLY A 721 18.59 -14.47 -32.94
CA GLY A 721 17.88 -14.66 -34.20
C GLY A 721 17.24 -16.03 -34.31
N GLN A 722 17.78 -17.00 -33.58
CA GLN A 722 17.33 -18.39 -33.68
C GLN A 722 16.04 -18.64 -32.90
N GLU A 723 16.12 -18.52 -31.57
CA GLU A 723 15.02 -18.92 -30.67
C GLU A 723 14.49 -17.78 -29.78
N SER A 724 13.31 -18.01 -29.19
CA SER A 724 12.71 -17.08 -28.25
C SER A 724 13.50 -17.02 -26.94
N LYS A 725 13.76 -15.80 -26.46
CA LYS A 725 14.51 -15.65 -25.23
C LYS A 725 13.59 -15.62 -24.03
N ASP A 726 12.30 -15.81 -24.28
CA ASP A 726 11.34 -15.88 -23.20
C ASP A 726 11.44 -17.23 -22.46
N PHE A 727 10.90 -17.25 -21.24
CA PHE A 727 10.93 -18.43 -20.37
C PHE A 727 12.32 -19.02 -20.32
N TYR A 728 13.25 -18.21 -19.84
CA TYR A 728 14.68 -18.47 -19.96
C TYR A 728 15.28 -18.91 -18.63
N THR A 729 16.25 -19.82 -18.71
CA THR A 729 16.80 -20.44 -17.54
C THR A 729 18.30 -20.28 -17.46
N GLN A 730 18.77 -20.03 -16.25
CA GLN A 730 20.19 -19.92 -15.96
C GLN A 730 20.46 -20.82 -14.76
N LEU A 731 21.25 -21.88 -14.97
CA LEU A 731 21.59 -22.77 -13.88
C LEU A 731 22.92 -22.37 -13.29
N PHE A 732 23.09 -22.66 -12.00
CA PHE A 732 24.35 -22.41 -11.32
C PHE A 732 24.76 -23.57 -10.44
N VAL A 733 25.72 -24.37 -10.89
CA VAL A 733 26.22 -25.45 -10.07
C VAL A 733 27.35 -24.97 -9.18
N VAL A 734 27.14 -24.93 -7.87
CA VAL A 734 28.14 -24.42 -6.95
C VAL A 734 28.84 -25.54 -6.22
N THR A 735 30.18 -25.45 -6.13
CA THR A 735 31.00 -26.49 -5.53
C THR A 735 32.17 -25.94 -4.69
N ALA A 736 32.31 -26.43 -3.47
CA ALA A 736 33.39 -25.97 -2.61
C ALA A 736 34.75 -26.27 -3.25
N ILE A 737 35.73 -25.45 -2.92
CA ILE A 737 37.11 -25.75 -3.20
C ILE A 737 37.68 -26.10 -1.85
N LEU A 738 37.84 -27.38 -1.61
CA LEU A 738 38.32 -27.83 -0.32
C LEU A 738 39.84 -27.86 -0.33
N GLU A 739 40.43 -27.19 0.65
CA GLU A 739 41.84 -26.90 0.60
C GLU A 739 42.21 -26.17 1.89
N HIS A 740 43.42 -26.40 2.37
CA HIS A 740 43.97 -25.54 3.40
C HIS A 740 44.17 -24.18 2.78
N HIS A 741 43.80 -23.13 3.51
CA HIS A 741 44.03 -21.76 3.07
C HIS A 741 44.28 -20.86 4.27
N HIS A 742 45.11 -19.82 4.10
CA HIS A 742 45.34 -18.86 5.18
C HIS A 742 44.42 -17.63 5.11
N HIS A 743 43.14 -17.84 5.43
CA HIS A 743 42.11 -16.82 5.33
C HIS A 743 42.38 -15.62 6.24
N SER B 2 40.21 -3.33 8.49
CA SER B 2 41.14 -2.28 8.09
C SER B 2 41.14 -2.11 6.59
N ILE B 3 42.03 -1.25 6.11
CA ILE B 3 42.09 -0.92 4.70
C ILE B 3 43.16 -1.76 4.00
N HIS B 4 42.77 -2.42 2.93
CA HIS B 4 43.67 -3.28 2.18
C HIS B 4 43.77 -2.76 0.77
N VAL B 5 45.01 -2.57 0.32
CA VAL B 5 45.27 -2.03 -1.00
C VAL B 5 46.05 -3.04 -1.83
N ASN B 6 45.40 -3.63 -2.83
CA ASN B 6 46.15 -4.47 -3.75
C ASN B 6 46.77 -3.60 -4.84
N GLU B 7 48.08 -3.41 -4.78
CA GLU B 7 48.76 -2.49 -5.69
C GLU B 7 48.83 -3.03 -7.12
N ALA B 8 48.86 -4.34 -7.27
CA ALA B 8 48.90 -4.94 -8.61
C ALA B 8 47.73 -4.48 -9.49
N ASN B 9 46.49 -4.57 -8.98
CA ASN B 9 45.31 -4.24 -9.76
C ASN B 9 44.64 -2.97 -9.25
N LEU B 10 45.30 -2.28 -8.34
CA LEU B 10 44.79 -1.03 -7.78
C LEU B 10 43.40 -1.19 -7.15
N THR B 11 43.26 -2.16 -6.26
CA THR B 11 42.00 -2.41 -5.59
C THR B 11 42.06 -1.84 -4.19
N PHE B 12 41.06 -1.02 -3.85
CA PHE B 12 40.95 -0.44 -2.52
C PHE B 12 39.78 -1.07 -1.80
N HIS B 13 40.05 -1.76 -0.69
CA HIS B 13 39.03 -2.52 0.06
C HIS B 13 39.01 -2.11 1.54
N LEU B 14 38.01 -1.31 1.89
CA LEU B 14 37.86 -0.81 3.25
C LEU B 14 36.98 -1.77 4.04
N GLN B 15 37.56 -2.41 5.06
CA GLN B 15 36.80 -3.32 5.92
C GLN B 15 36.59 -2.76 7.33
N THR B 16 35.35 -2.51 7.71
CA THR B 16 35.04 -2.27 9.10
C THR B 16 34.75 -3.61 9.82
N ASP B 17 34.36 -3.57 11.08
CA ASP B 17 34.05 -4.82 11.75
C ASP B 17 32.97 -5.62 11.03
N HIS B 18 32.08 -4.95 10.30
CA HIS B 18 30.96 -5.65 9.66
C HIS B 18 30.67 -5.29 8.19
N THR B 19 31.46 -4.40 7.59
CA THR B 19 31.14 -3.92 6.25
C THR B 19 32.36 -3.90 5.35
N SER B 20 32.15 -4.04 4.04
CA SER B 20 33.23 -3.81 3.07
C SER B 20 32.88 -2.61 2.20
N TYR B 21 33.87 -1.86 1.77
CA TYR B 21 33.63 -0.76 0.86
C TYR B 21 34.76 -0.87 -0.12
N ILE B 22 34.45 -1.20 -1.37
CA ILE B 22 35.48 -1.59 -2.33
C ILE B 22 35.42 -0.77 -3.62
N PHE B 23 36.51 -0.07 -3.92
CA PHE B 23 36.64 0.62 -5.21
C PHE B 23 37.95 0.31 -5.92
N GLN B 24 37.97 0.61 -7.21
CA GLN B 24 39.06 0.20 -8.05
C GLN B 24 39.36 1.29 -9.09
N ILE B 25 40.62 1.42 -9.45
CA ILE B 25 41.02 2.30 -10.52
C ILE B 25 40.96 1.56 -11.82
N MSE B 26 40.45 2.21 -12.83
CA MSE B 26 40.12 1.54 -14.06
C MSE B 26 40.93 1.97 -15.29
O MSE B 26 41.77 2.87 -15.23
CB MSE B 26 38.64 1.73 -14.31
CG MSE B 26 37.80 1.27 -13.14
SE MSE B 26 35.91 1.30 -13.55
CE MSE B 26 35.61 3.24 -13.74
N LYS B 27 40.65 1.29 -16.39
CA LYS B 27 41.21 1.58 -17.69
C LYS B 27 41.46 3.09 -17.92
N ASN B 28 40.47 3.92 -17.64
CA ASN B 28 40.57 5.33 -17.94
C ASN B 28 41.14 6.13 -16.78
N GLY B 29 41.59 5.42 -15.74
CA GLY B 29 42.17 6.07 -14.58
C GLY B 29 41.22 6.70 -13.57
N GLU B 30 39.90 6.59 -13.80
CA GLU B 30 38.93 7.01 -12.80
C GLU B 30 38.63 5.88 -11.82
N ALA B 31 38.14 6.23 -10.63
CA ALA B 31 37.78 5.22 -9.63
C ALA B 31 36.40 4.65 -9.87
N GLY B 32 36.31 3.32 -9.84
CA GLY B 32 35.05 2.62 -9.99
C GLY B 32 34.61 1.96 -8.69
N GLN B 33 33.36 2.21 -8.29
CA GLN B 33 32.77 1.58 -7.13
C GLN B 33 32.42 0.14 -7.44
N ILE B 34 32.88 -0.78 -6.60
CA ILE B 34 32.63 -2.20 -6.79
C ILE B 34 31.51 -2.73 -5.89
N TYR B 35 31.53 -2.34 -4.62
CA TYR B 35 30.61 -2.91 -3.65
C TYR B 35 30.66 -2.16 -2.35
N TYR B 36 29.51 -2.06 -1.70
CA TYR B 36 29.39 -1.52 -0.36
C TYR B 36 28.27 -2.27 0.31
N GLY B 37 28.56 -2.86 1.46
CA GLY B 37 27.56 -3.62 2.18
C GLY B 37 28.22 -4.54 3.19
N PRO B 38 27.48 -5.57 3.63
CA PRO B 38 27.96 -6.56 4.59
C PRO B 38 29.35 -7.01 4.18
N ARG B 39 30.22 -7.19 5.17
CA ARG B 39 31.64 -7.43 4.91
C ARG B 39 31.87 -8.66 4.08
N ILE B 40 32.78 -8.58 3.12
CA ILE B 40 33.18 -9.74 2.34
C ILE B 40 34.70 -9.94 2.36
N HIS B 41 35.17 -11.06 1.82
CA HIS B 41 36.58 -11.40 1.91
C HIS B 41 37.40 -10.55 0.94
N VAL B 42 38.61 -10.20 1.36
CA VAL B 42 39.55 -9.48 0.52
C VAL B 42 40.08 -10.39 -0.60
N GLN B 43 40.13 -9.85 -1.81
CA GLN B 43 40.59 -10.58 -2.98
C GLN B 43 41.40 -9.65 -3.89
N PRO B 44 42.41 -10.21 -4.58
CA PRO B 44 43.24 -9.37 -5.43
C PRO B 44 42.36 -8.51 -6.32
N THR B 45 41.27 -9.09 -6.83
CA THR B 45 40.36 -8.36 -7.69
C THR B 45 38.96 -8.99 -7.71
N TYR B 46 38.01 -8.28 -8.32
CA TYR B 46 36.64 -8.75 -8.47
C TYR B 46 36.22 -8.65 -9.94
N GLN B 47 36.78 -9.52 -10.76
CA GLN B 47 36.52 -9.47 -12.20
C GLN B 47 35.05 -9.66 -12.49
N ASN B 48 34.41 -10.54 -11.72
CA ASN B 48 33.01 -10.82 -11.91
C ASN B 48 32.16 -9.59 -11.62
N LEU B 49 32.38 -9.01 -10.44
CA LEU B 49 31.60 -7.84 -10.03
C LEU B 49 31.87 -6.65 -10.94
N MSE B 50 33.00 -6.67 -11.62
CA MSE B 50 33.34 -5.60 -12.55
C MSE B 50 33.07 -5.95 -14.01
O MSE B 50 33.69 -5.40 -14.92
CB MSE B 50 34.81 -5.16 -12.38
CG MSE B 50 35.06 -4.16 -11.23
SE MSE B 50 33.88 -2.56 -11.12
CE MSE B 50 34.12 -1.86 -12.96
N SER B 51 32.13 -6.86 -14.24
CA SER B 51 31.79 -7.27 -15.61
C SER B 51 31.15 -6.13 -16.37
N GLN B 52 31.41 -6.06 -17.66
CA GLN B 52 30.80 -5.04 -18.50
C GLN B 52 30.09 -5.66 -19.69
N GLU B 53 29.02 -5.03 -20.13
CA GLU B 53 28.34 -5.48 -21.34
C GLU B 53 27.83 -4.30 -22.14
N TRP B 54 27.89 -4.44 -23.46
CA TRP B 54 27.44 -3.39 -24.36
C TRP B 54 26.00 -2.95 -24.08
N ARG B 55 25.77 -1.65 -24.21
CA ARG B 55 24.42 -1.11 -24.20
C ARG B 55 24.25 -0.13 -25.38
N ASP B 56 23.11 -0.20 -26.06
CA ASP B 56 22.84 0.70 -27.18
C ASP B 56 22.55 2.13 -26.72
N ALA B 57 22.64 3.05 -27.69
CA ALA B 57 22.32 4.47 -27.51
C ALA B 57 23.06 5.18 -26.37
N THR B 58 24.27 4.73 -26.05
CA THR B 58 25.06 5.37 -25.00
C THR B 58 26.56 5.49 -25.36
N PRO B 59 27.19 6.62 -24.99
CA PRO B 59 28.60 6.87 -25.29
C PRO B 59 29.58 5.83 -24.72
N SER B 60 30.63 5.51 -25.48
CA SER B 60 31.69 4.58 -25.06
C SER B 60 33.01 5.34 -24.82
N LEU B 61 33.99 4.69 -24.19
CA LEU B 61 35.29 5.33 -23.90
C LEU B 61 36.07 5.80 -25.14
N ASN B 62 36.57 4.85 -25.91
CA ASN B 62 37.23 5.11 -27.19
C ASN B 62 36.85 4.02 -28.20
N GLU B 63 37.32 4.12 -29.44
CA GLU B 63 36.92 3.15 -30.47
C GLU B 63 37.31 1.68 -30.19
N GLU B 64 38.27 1.45 -29.30
CA GLU B 64 38.77 0.09 -29.03
C GLU B 64 38.27 -0.48 -27.72
N ASN B 65 37.29 0.20 -27.12
CA ASN B 65 36.65 -0.25 -25.89
C ASN B 65 35.17 0.06 -25.92
N PRO B 66 34.43 -0.54 -26.86
CA PRO B 66 33.02 -0.15 -27.02
C PRO B 66 32.17 -0.47 -25.79
N ASN B 67 32.61 -1.42 -24.96
CA ASN B 67 31.84 -1.87 -23.81
C ASN B 67 32.07 -1.02 -22.55
N PHE B 68 33.18 -0.30 -22.50
CA PHE B 68 33.46 0.61 -21.41
C PHE B 68 32.65 1.90 -21.60
N GLN B 69 31.49 1.99 -20.94
CA GLN B 69 30.58 3.11 -21.15
C GLN B 69 30.10 3.68 -19.83
N PRO B 70 30.57 4.90 -19.51
CA PRO B 70 30.34 5.54 -18.21
C PRO B 70 28.91 5.42 -17.70
N ALA B 71 27.94 5.29 -18.59
CA ALA B 71 26.53 5.23 -18.18
C ALA B 71 26.23 3.98 -17.36
N THR B 72 26.99 2.91 -17.59
CA THR B 72 26.74 1.64 -16.92
C THR B 72 27.88 1.25 -15.98
N ILE B 73 28.63 2.25 -15.50
CA ILE B 73 29.66 1.99 -14.52
C ILE B 73 29.44 2.76 -13.23
N LYS B 74 29.37 2.04 -12.11
CA LYS B 74 29.28 2.69 -10.84
C LYS B 74 30.57 3.48 -10.63
N ALA B 75 30.41 4.79 -10.43
CA ALA B 75 31.50 5.74 -10.24
C ALA B 75 31.72 6.08 -8.76
N GLU B 76 32.86 6.67 -8.45
CA GLU B 76 33.20 6.96 -7.09
C GLU B 76 33.12 8.47 -6.88
N TYR B 77 33.42 9.23 -7.92
CA TYR B 77 33.36 10.67 -7.82
C TYR B 77 33.30 11.25 -9.24
N ALA B 78 32.11 11.26 -9.83
CA ALA B 78 31.98 11.44 -11.27
C ALA B 78 31.76 12.88 -11.73
N SER B 79 32.37 13.20 -12.87
CA SER B 79 32.15 14.48 -13.52
C SER B 79 30.96 14.34 -14.44
N LEU B 80 30.53 15.45 -15.02
CA LEU B 80 29.50 15.43 -16.04
C LEU B 80 30.13 15.83 -17.36
N GLY B 81 29.85 15.07 -18.42
CA GLY B 81 30.33 15.43 -19.74
C GLY B 81 31.27 14.45 -20.44
N LYS B 82 31.47 13.27 -19.87
CA LYS B 82 32.36 12.29 -20.47
C LYS B 82 31.65 10.97 -20.78
N GLY B 83 30.33 11.03 -20.97
CA GLY B 83 29.51 9.86 -21.25
C GLY B 83 28.46 9.49 -20.20
N ASP B 84 28.63 9.99 -18.97
CA ASP B 84 27.67 9.75 -17.88
C ASP B 84 26.76 10.97 -17.68
N PHE B 85 25.46 10.79 -17.82
CA PHE B 85 24.52 11.92 -17.73
C PHE B 85 23.79 12.02 -16.42
N ARG B 86 24.28 11.28 -15.43
CA ARG B 86 23.75 11.44 -14.10
C ARG B 86 24.28 12.70 -13.43
N GLN B 87 23.62 13.12 -12.36
CA GLN B 87 24.09 14.24 -11.57
C GLN B 87 25.49 13.96 -11.06
N PRO B 88 26.42 14.90 -11.29
CA PRO B 88 27.83 14.67 -10.98
C PRO B 88 28.20 15.01 -9.55
N ALA B 89 29.31 14.43 -9.11
CA ALA B 89 29.91 14.81 -7.84
C ALA B 89 30.37 16.28 -7.86
N PHE B 90 31.13 16.66 -8.87
CA PHE B 90 31.74 17.98 -8.90
C PHE B 90 31.66 18.54 -10.30
N GLN B 91 32.01 19.82 -10.44
CA GLN B 91 32.11 20.44 -11.75
C GLN B 91 33.09 21.61 -11.65
N VAL B 92 33.92 21.79 -12.70
CA VAL B 92 34.95 22.80 -12.69
C VAL B 92 34.93 23.59 -13.98
N THR B 93 34.97 24.92 -13.88
CA THR B 93 34.99 25.74 -15.08
C THR B 93 36.37 26.30 -15.41
N GLN B 94 36.80 26.15 -16.66
CA GLN B 94 38.10 26.67 -17.08
C GLN B 94 38.02 28.15 -17.45
N ALA B 95 39.17 28.79 -17.66
CA ALA B 95 39.17 30.20 -18.07
C ALA B 95 38.43 30.39 -19.40
N ASN B 96 38.44 29.35 -20.24
CA ASN B 96 37.76 29.37 -21.55
C ASN B 96 36.31 28.94 -21.49
N GLY B 97 35.85 28.49 -20.33
CA GLY B 97 34.45 28.19 -20.16
C GLY B 97 34.14 26.72 -20.27
N SER B 98 35.06 25.94 -20.83
CA SER B 98 34.89 24.49 -20.86
C SER B 98 34.67 23.99 -19.43
N ARG B 99 33.93 22.90 -19.27
CA ARG B 99 33.62 22.34 -17.96
C ARG B 99 33.94 20.85 -17.92
N ILE B 100 34.73 20.40 -18.88
CA ILE B 100 35.11 19.00 -18.95
C ILE B 100 36.29 18.74 -18.03
N THR B 101 36.25 17.60 -17.35
CA THR B 101 37.37 17.17 -16.52
C THR B 101 37.69 15.71 -16.73
N GLU B 102 38.95 15.40 -16.96
CA GLU B 102 39.38 14.01 -17.07
C GLU B 102 40.36 13.61 -15.96
N LEU B 103 39.82 13.21 -14.82
CA LEU B 103 40.61 12.68 -13.71
C LEU B 103 41.31 11.38 -14.03
N THR B 104 42.52 11.21 -13.49
CA THR B 104 43.32 10.02 -13.73
C THR B 104 44.16 9.77 -12.52
N TYR B 105 44.06 8.55 -12.01
CA TYR B 105 44.73 8.16 -10.78
C TYR B 105 46.21 8.45 -10.90
N ASP B 106 46.80 8.94 -9.81
CA ASP B 106 48.24 9.18 -9.76
C ASP B 106 48.97 8.42 -8.64
N HIS B 107 48.52 8.60 -7.41
CA HIS B 107 49.07 7.84 -6.30
C HIS B 107 48.08 7.77 -5.16
N TYR B 108 48.45 7.07 -4.10
CA TYR B 108 47.62 6.99 -2.92
C TYR B 108 48.49 7.04 -1.70
N GLN B 109 47.86 7.10 -0.54
CA GLN B 109 48.56 7.22 0.74
C GLN B 109 47.73 6.61 1.86
N LEU B 110 48.39 5.86 2.75
CA LEU B 110 47.72 5.14 3.84
C LEU B 110 48.27 5.59 5.20
N LEU B 111 47.48 6.32 5.97
CA LEU B 111 47.93 6.86 7.25
C LEU B 111 47.27 6.18 8.45
N THR B 112 47.99 6.05 9.57
CA THR B 112 47.32 5.63 10.79
C THR B 112 46.54 6.80 11.41
N GLY B 113 45.33 6.51 11.88
CA GLY B 113 44.56 7.47 12.63
C GLY B 113 43.73 8.38 11.75
N LYS B 114 43.30 9.49 12.34
CA LYS B 114 42.52 10.48 11.62
C LYS B 114 42.73 11.85 12.24
N GLN B 115 43.27 12.79 11.45
CA GLN B 115 43.50 14.15 11.94
C GLN B 115 42.31 15.01 11.58
N ARG B 116 42.00 16.01 12.40
CA ARG B 116 40.96 16.97 12.06
C ARG B 116 41.35 17.77 10.82
N LEU B 117 40.37 18.40 10.17
CA LEU B 117 40.69 19.26 9.06
C LEU B 117 40.94 20.67 9.63
N ALA B 118 41.76 21.45 8.94
CA ALA B 118 42.16 22.76 9.46
C ALA B 118 41.00 23.57 10.06
N ASN B 119 40.07 24.03 9.23
CA ASN B 119 39.08 25.02 9.75
C ASN B 119 37.60 24.60 9.73
N LEU B 120 37.35 23.29 9.71
CA LEU B 120 36.02 22.69 9.63
C LEU B 120 35.82 21.78 10.80
N PRO B 121 34.65 21.85 11.44
CA PRO B 121 34.42 20.77 12.41
C PRO B 121 34.67 19.49 11.64
N SER B 122 35.12 18.43 12.30
CA SER B 122 35.47 17.23 11.56
C SER B 122 35.67 16.02 12.47
N THR B 123 36.25 14.96 11.95
CA THR B 123 36.34 13.75 12.74
C THR B 123 37.79 13.42 13.02
N PHE B 124 38.02 12.64 14.07
CA PHE B 124 39.37 12.41 14.58
C PHE B 124 39.43 11.13 15.39
N ASP B 125 40.58 10.46 15.36
CA ASP B 125 40.80 9.34 16.27
C ASP B 125 41.88 9.68 17.32
N ASP B 126 41.44 10.18 18.48
CA ASP B 126 42.37 10.51 19.55
C ASP B 126 42.39 9.43 20.62
N THR B 127 41.63 8.36 20.42
CA THR B 127 41.46 7.40 21.49
C THR B 127 42.05 6.05 21.12
N ASP B 128 42.80 6.01 20.02
CA ASP B 128 43.44 4.78 19.63
C ASP B 128 42.39 3.72 19.28
N ASP B 129 41.47 4.09 18.38
CA ASP B 129 40.32 3.23 18.08
C ASP B 129 40.48 2.53 16.73
N ASP B 130 41.74 2.35 16.33
CA ASP B 130 42.06 1.58 15.13
C ASP B 130 41.58 2.20 13.82
N ALA B 131 41.47 3.53 13.77
CA ALA B 131 41.02 4.22 12.57
C ALA B 131 42.16 4.34 11.59
N GLN B 132 41.84 4.46 10.30
CA GLN B 132 42.85 4.71 9.26
C GLN B 132 42.38 5.73 8.24
N THR B 133 43.31 6.46 7.64
CA THR B 133 42.95 7.36 6.56
C THR B 133 43.64 6.99 5.24
N LEU B 134 42.82 6.76 4.22
CA LEU B 134 43.27 6.52 2.87
C LEU B 134 43.04 7.76 2.00
N VAL B 135 44.10 8.34 1.48
CA VAL B 135 43.99 9.49 0.60
C VAL B 135 44.33 9.03 -0.78
N VAL B 136 43.39 9.16 -1.71
CA VAL B 136 43.61 8.70 -3.07
C VAL B 136 43.68 9.92 -3.96
N SER B 137 44.74 10.03 -4.77
CA SER B 137 44.98 11.27 -5.54
C SER B 137 44.79 11.14 -7.04
N PHE B 138 44.22 12.17 -7.65
CA PHE B 138 44.01 12.20 -9.09
C PHE B 138 44.52 13.50 -9.67
N ASN B 139 44.92 13.48 -10.94
CA ASN B 139 45.19 14.72 -11.66
C ASN B 139 44.33 14.78 -12.88
N ASP B 140 43.87 15.98 -13.21
CA ASP B 140 43.07 16.22 -14.41
C ASP B 140 43.96 16.40 -15.65
N ARG B 141 43.95 15.41 -16.52
CA ARG B 141 44.77 15.50 -17.74
C ARG B 141 44.63 16.86 -18.44
N ILE B 142 43.45 17.47 -18.33
CA ILE B 142 43.14 18.71 -19.05
C ILE B 142 43.64 19.98 -18.39
N THR B 143 43.36 20.14 -17.11
CA THR B 143 43.63 21.43 -16.46
C THR B 143 44.76 21.34 -15.45
N GLY B 144 45.26 20.15 -15.16
CA GLY B 144 46.28 20.00 -14.15
C GLY B 144 45.78 20.11 -12.71
N LEU B 145 44.48 20.33 -12.54
CA LEU B 145 43.87 20.34 -11.21
C LEU B 145 44.10 19.02 -10.48
N ALA B 146 44.48 19.10 -9.20
CA ALA B 146 44.67 17.90 -8.41
C ALA B 146 43.46 17.63 -7.51
N LEU B 147 43.04 16.38 -7.43
CA LEU B 147 41.93 16.03 -6.57
C LEU B 147 42.32 14.95 -5.58
N ASP B 148 42.06 15.19 -4.31
CA ASP B 148 42.27 14.16 -3.30
C ASP B 148 40.96 13.64 -2.72
N LEU B 149 40.69 12.36 -2.92
CA LEU B 149 39.54 11.73 -2.28
C LEU B 149 39.94 11.06 -0.98
N ASN B 150 39.31 11.47 0.12
CA ASN B 150 39.66 10.97 1.44
C ASN B 150 38.69 9.93 2.01
N TYR B 151 39.23 8.88 2.61
CA TYR B 151 38.41 7.83 3.16
C TYR B 151 38.92 7.41 4.53
N SER B 152 38.23 7.81 5.60
CA SER B 152 38.63 7.40 6.94
C SER B 152 37.74 6.30 7.53
N ILE B 153 38.34 5.14 7.77
CA ILE B 153 37.64 3.98 8.29
C ILE B 153 37.70 3.90 9.82
N PHE B 154 36.54 3.79 10.44
CA PHE B 154 36.45 3.63 11.88
C PHE B 154 35.80 2.28 12.12
N PRO B 155 36.61 1.23 12.11
CA PRO B 155 36.13 -0.15 12.03
C PRO B 155 35.16 -0.54 13.14
N HIS B 156 35.27 0.05 14.32
CA HIS B 156 34.55 -0.49 15.48
C HIS B 156 33.12 0.02 15.58
N GLN B 157 32.79 1.00 14.74
CA GLN B 157 31.44 1.55 14.68
C GLN B 157 30.88 1.39 13.27
N ASP B 158 31.65 0.77 12.40
CA ASP B 158 31.24 0.53 11.03
C ASP B 158 30.91 1.82 10.31
N VAL B 159 31.67 2.85 10.65
CA VAL B 159 31.54 4.15 10.01
C VAL B 159 32.68 4.33 9.02
N ILE B 160 32.35 4.93 7.87
CA ILE B 160 33.33 5.37 6.90
C ILE B 160 33.14 6.87 6.70
N VAL B 161 34.24 7.62 6.77
CA VAL B 161 34.20 9.07 6.59
C VAL B 161 34.85 9.48 5.30
N LYS B 162 34.16 10.31 4.54
CA LYS B 162 34.63 10.71 3.21
C LYS B 162 34.69 12.22 3.02
N SER B 163 35.68 12.70 2.28
CA SER B 163 35.69 14.07 1.85
C SER B 163 36.51 14.19 0.59
N ALA B 164 36.41 15.37 -0.04
CA ALA B 164 37.20 15.67 -1.22
C ALA B 164 38.01 16.91 -0.96
N LYS B 165 39.17 16.99 -1.59
CA LYS B 165 40.03 18.17 -1.48
C LYS B 165 40.60 18.57 -2.82
N PHE B 166 40.45 19.84 -3.17
CA PHE B 166 40.83 20.32 -4.49
C PHE B 166 42.05 21.20 -4.40
N THR B 167 43.07 20.86 -5.16
CA THR B 167 44.26 21.68 -5.22
C THR B 167 44.48 22.11 -6.65
N ASN B 168 44.85 23.38 -6.82
CA ASN B 168 45.15 23.92 -8.14
C ASN B 168 46.65 24.16 -8.38
N PRO B 169 47.41 23.10 -8.70
CA PRO B 169 48.83 23.34 -8.91
C PRO B 169 49.09 24.17 -10.16
N SER B 170 48.07 24.34 -10.99
CA SER B 170 48.25 24.96 -12.30
C SER B 170 48.45 26.46 -12.20
N SER B 171 48.53 27.13 -13.35
CA SER B 171 48.72 28.58 -13.37
C SER B 171 47.48 29.36 -13.82
N GLU B 172 46.46 28.65 -14.30
CA GLU B 172 45.22 29.33 -14.68
C GLU B 172 44.11 29.22 -13.60
N LYS B 173 43.27 30.24 -13.52
CA LYS B 173 42.13 30.32 -12.59
C LYS B 173 41.05 29.23 -12.87
N LEU B 174 40.62 28.54 -11.82
CA LEU B 174 39.59 27.53 -12.00
C LEU B 174 38.45 27.81 -11.04
N VAL B 175 37.23 27.50 -11.46
CA VAL B 175 36.07 27.68 -10.60
C VAL B 175 35.27 26.38 -10.37
N LEU B 176 35.13 26.02 -9.10
CA LEU B 176 34.33 24.89 -8.68
C LEU B 176 32.88 25.33 -8.60
N ASN B 177 32.01 24.74 -9.41
CA ASN B 177 30.60 25.11 -9.45
C ASN B 177 29.80 24.19 -8.53
N ARG B 178 30.43 23.07 -8.22
CA ARG B 178 29.81 21.99 -7.47
C ARG B 178 30.89 21.13 -6.82
N ALA B 179 30.83 20.95 -5.49
CA ALA B 179 31.87 20.19 -4.80
C ALA B 179 31.33 19.30 -3.66
N LEU B 180 30.75 18.17 -4.01
CA LEU B 180 30.08 17.32 -3.03
C LEU B 180 31.09 16.50 -2.21
N SER B 181 30.73 16.18 -0.97
CA SER B 181 31.55 15.35 -0.08
C SER B 181 31.58 13.85 -0.44
N SER B 182 30.45 13.32 -0.86
CA SER B 182 30.36 11.89 -1.07
C SER B 182 29.39 11.54 -2.16
N GLN B 183 29.82 10.71 -3.09
CA GLN B 183 28.92 10.10 -4.04
C GLN B 183 28.94 8.61 -3.78
N LEU B 184 27.76 7.99 -3.69
CA LEU B 184 27.68 6.54 -3.57
C LEU B 184 26.79 6.01 -4.68
N ASP B 185 27.34 5.06 -5.45
CA ASP B 185 26.65 4.41 -6.55
C ASP B 185 26.35 2.96 -6.15
N LEU B 186 25.11 2.54 -6.34
CA LEU B 186 24.62 1.23 -5.90
C LEU B 186 23.97 0.42 -7.03
N PRO B 187 24.09 -0.90 -6.95
CA PRO B 187 23.68 -1.83 -8.02
C PRO B 187 22.17 -1.77 -8.34
N ASP B 188 21.35 -1.32 -7.40
CA ASP B 188 19.90 -1.30 -7.63
C ASP B 188 19.23 -0.16 -6.89
N ALA B 189 17.90 -0.20 -6.85
CA ALA B 189 17.12 0.93 -6.36
C ALA B 189 15.96 0.46 -5.50
N ASN B 190 15.99 -0.78 -5.07
CA ASN B 190 14.89 -1.24 -4.24
C ASN B 190 15.17 -0.88 -2.80
N TYR B 191 14.94 0.40 -2.52
CA TYR B 191 15.22 1.01 -1.24
C TYR B 191 14.13 2.02 -0.96
N ASP B 192 13.89 2.30 0.32
CA ASP B 192 13.09 3.46 0.68
C ASP B 192 14.07 4.55 1.05
N LEU B 193 13.78 5.79 0.66
CA LEU B 193 14.49 6.95 1.18
C LEU B 193 13.73 7.35 2.43
N ILE B 194 14.41 7.34 3.57
CA ILE B 194 13.84 7.87 4.81
C ILE B 194 14.50 9.22 5.10
N GLN B 195 13.70 10.20 5.48
CA GLN B 195 14.16 11.57 5.57
C GLN B 195 13.50 12.26 6.75
N PHE B 196 13.98 13.44 7.11
CA PHE B 196 13.43 14.11 8.26
C PHE B 196 13.09 15.56 7.94
N SER B 197 11.79 15.82 7.88
CA SER B 197 11.28 17.08 7.40
C SER B 197 10.30 17.69 8.39
N GLY B 198 10.19 19.00 8.32
CA GLY B 198 9.17 19.69 9.05
C GLY B 198 9.40 21.16 8.93
N THR B 199 9.13 21.88 10.00
CA THR B 199 9.47 23.29 10.08
C THR B 199 9.64 23.72 11.54
N TRP B 200 9.62 25.03 11.78
CA TRP B 200 9.68 25.53 13.15
C TRP B 200 8.60 24.87 14.04
N ALA B 201 8.99 24.52 15.26
CA ALA B 201 8.13 23.82 16.24
C ALA B 201 7.68 22.41 15.85
N ARG B 202 8.08 21.94 14.67
CA ARG B 202 7.71 20.60 14.18
C ARG B 202 8.87 19.99 13.39
N GLU B 203 10.07 20.04 13.93
CA GLU B 203 11.24 19.57 13.20
C GLU B 203 11.32 18.05 13.03
N ARG B 204 11.98 17.62 11.98
CA ARG B 204 12.44 16.23 11.87
C ARG B 204 11.42 15.10 12.10
N HIS B 205 10.16 15.32 11.73
CA HIS B 205 9.26 14.18 11.51
C HIS B 205 9.81 13.33 10.38
N LEU B 206 9.60 12.00 10.50
CA LEU B 206 10.12 10.99 9.61
C LEU B 206 9.16 10.70 8.45
N TYR B 207 9.69 10.81 7.24
CA TYR B 207 8.97 10.41 6.04
C TYR B 207 9.70 9.25 5.35
N ARG B 208 8.93 8.38 4.70
CA ARG B 208 9.48 7.11 4.21
C ARG B 208 8.81 6.77 2.89
N HIS B 209 9.58 6.81 1.82
CA HIS B 209 9.04 6.69 0.47
C HIS B 209 9.94 5.88 -0.42
N PRO B 210 9.35 4.95 -1.19
CA PRO B 210 10.16 4.14 -2.09
C PRO B 210 10.82 5.03 -3.11
N LEU B 211 12.03 4.67 -3.49
CA LEU B 211 12.75 5.34 -4.56
C LEU B 211 11.95 5.21 -5.83
N ARG B 212 12.03 6.22 -6.70
CA ARG B 212 11.45 6.15 -8.04
C ARG B 212 12.36 6.82 -9.05
N PRO B 213 12.26 6.41 -10.33
CA PRO B 213 13.19 6.87 -11.37
C PRO B 213 13.29 8.40 -11.41
N GLY B 214 14.50 8.92 -11.61
CA GLY B 214 14.70 10.35 -11.62
C GLY B 214 15.24 10.82 -10.27
N MSE B 215 14.98 12.08 -9.95
CA MSE B 215 15.52 12.72 -8.77
C MSE B 215 14.60 12.75 -7.54
O MSE B 215 13.44 13.16 -7.64
CB MSE B 215 15.89 14.16 -9.09
CG MSE B 215 16.56 14.86 -7.94
SE MSE B 215 18.38 14.19 -7.75
CE MSE B 215 19.06 14.80 -9.49
N GLN B 216 15.11 12.33 -6.39
CA GLN B 216 14.51 12.69 -5.11
C GLN B 216 15.58 13.26 -4.16
N SER B 217 15.31 14.42 -3.61
CA SER B 217 16.30 15.09 -2.78
C SER B 217 15.70 15.98 -1.67
N ILE B 218 16.46 16.17 -0.59
CA ILE B 218 16.23 17.27 0.34
C ILE B 218 17.43 18.20 0.35
N SER B 219 17.21 19.45 0.74
CA SER B 219 18.27 20.46 0.62
C SER B 219 17.94 21.72 1.40
N SER B 220 18.94 22.56 1.66
CA SER B 220 18.66 23.90 2.18
C SER B 220 19.27 24.99 1.30
N LEU B 221 18.67 26.18 1.31
CA LEU B 221 19.23 27.33 0.63
C LEU B 221 19.29 28.51 1.58
N ARG B 222 19.09 28.20 2.86
CA ARG B 222 18.94 29.24 3.86
C ARG B 222 20.21 29.49 4.66
N MSE B 223 21.34 29.00 4.16
CA MSE B 223 22.62 29.28 4.78
C MSE B 223 22.75 28.61 6.14
O MSE B 223 23.73 28.84 6.86
CB MSE B 223 22.82 30.78 4.94
CG MSE B 223 24.03 31.29 4.19
SE MSE B 223 24.19 33.24 4.24
CE MSE B 223 23.66 33.59 6.08
N ALA B 224 21.76 27.79 6.50
CA ALA B 224 21.78 26.94 7.67
C ALA B 224 21.20 25.60 7.24
N SER B 225 21.70 24.49 7.76
CA SER B 225 20.98 23.24 7.53
C SER B 225 19.62 23.66 8.06
N SER B 226 18.52 23.33 7.40
CA SER B 226 17.30 24.03 7.84
C SER B 226 16.51 23.46 9.05
N HIS B 227 15.44 24.14 9.46
CA HIS B 227 14.37 23.49 10.20
C HIS B 227 13.66 22.47 9.29
N GLN B 228 13.68 22.75 7.99
CA GLN B 228 12.76 22.13 7.05
C GLN B 228 13.18 20.72 6.66
N GLN B 229 14.48 20.56 6.47
CA GLN B 229 15.06 19.31 6.01
C GLN B 229 16.41 19.15 6.65
N ASN B 230 16.62 18.03 7.33
CA ASN B 230 17.86 17.77 8.03
C ASN B 230 18.79 16.97 7.13
N PRO B 231 20.11 17.17 7.28
CA PRO B 231 21.11 16.44 6.50
C PRO B 231 21.14 14.91 6.63
N PHE B 232 20.70 14.35 7.75
CA PHE B 232 20.77 12.90 7.94
C PHE B 232 19.70 12.21 7.12
N MSE B 233 20.07 11.17 6.39
CA MSE B 233 19.08 10.43 5.65
C MSE B 233 19.44 8.95 5.61
O MSE B 233 20.58 8.59 5.88
CB MSE B 233 18.95 10.98 4.26
CG MSE B 233 20.29 11.08 3.53
SE MSE B 233 20.02 10.87 1.58
CE MSE B 233 19.58 8.96 1.67
N MSE B 234 18.46 8.10 5.29
CA MSE B 234 18.69 6.67 5.23
C MSE B 234 18.09 6.08 3.98
O MSE B 234 17.01 6.49 3.55
CB MSE B 234 18.08 5.97 6.44
CG MSE B 234 18.82 6.10 7.74
SE MSE B 234 17.84 5.25 9.25
CE MSE B 234 16.30 6.42 9.22
N LEU B 235 18.80 5.13 3.38
CA LEU B 235 18.24 4.27 2.36
C LEU B 235 18.09 2.93 3.01
N ALA B 236 16.85 2.43 3.06
CA ALA B 236 16.53 1.18 3.74
C ALA B 236 15.86 0.22 2.77
N ARG B 237 16.00 -1.07 3.00
CA ARG B 237 15.27 -2.03 2.20
C ARG B 237 13.79 -1.94 2.57
N PRO B 238 12.91 -2.32 1.65
CA PRO B 238 11.47 -2.17 1.87
C PRO B 238 10.99 -2.78 3.20
N GLN B 239 11.56 -3.92 3.59
CA GLN B 239 11.14 -4.62 4.79
C GLN B 239 11.99 -4.36 6.03
N THR B 240 12.85 -3.37 5.95
CA THR B 240 13.73 -3.05 7.06
C THR B 240 12.96 -2.22 8.07
N THR B 241 13.27 -2.45 9.35
CA THR B 241 12.61 -1.82 10.49
C THR B 241 13.64 -1.35 11.53
N ASP B 242 13.16 -0.85 12.65
CA ASP B 242 14.10 -0.43 13.70
C ASP B 242 14.81 -1.65 14.29
N GLU B 243 14.28 -2.84 14.02
CA GLU B 243 14.77 -4.04 14.69
C GLU B 243 15.61 -4.98 13.84
N GLN B 244 15.47 -4.88 12.52
CA GLN B 244 16.11 -5.83 11.61
C GLN B 244 16.31 -5.21 10.21
N GLY B 245 17.27 -5.72 9.45
CA GLY B 245 17.35 -5.41 8.04
C GLY B 245 18.43 -4.45 7.54
N ALA B 246 18.82 -4.62 6.27
CA ALA B 246 19.79 -3.77 5.59
C ALA B 246 19.37 -2.30 5.52
N VAL B 247 20.30 -1.42 5.82
CA VAL B 247 20.03 0.00 5.69
C VAL B 247 21.33 0.79 5.68
N PHE B 248 21.33 1.91 4.96
CA PHE B 248 22.50 2.81 4.91
C PHE B 248 22.15 4.12 5.59
N GLY B 249 23.11 4.65 6.34
CA GLY B 249 22.95 5.97 6.90
C GLY B 249 23.91 6.91 6.20
N PHE B 250 23.56 8.19 6.19
CA PHE B 250 24.34 9.23 5.54
C PHE B 250 24.20 10.50 6.38
N ASN B 251 25.30 11.12 6.77
CA ASN B 251 25.20 12.46 7.36
C ASN B 251 26.28 13.44 6.87
N LEU B 252 26.09 14.71 7.21
CA LEU B 252 27.01 15.76 6.83
C LEU B 252 27.57 16.47 8.05
N VAL B 253 28.89 16.52 8.17
CA VAL B 253 29.48 17.37 9.20
C VAL B 253 29.61 18.79 8.66
N TYR B 254 28.48 19.49 8.56
CA TYR B 254 28.39 20.79 7.91
C TYR B 254 27.08 21.47 8.30
N SER B 255 27.07 22.79 8.42
CA SER B 255 25.91 23.49 8.98
C SER B 255 25.29 24.53 8.06
N GLY B 256 25.76 24.61 6.82
CA GLY B 256 25.19 25.56 5.86
C GLY B 256 24.29 24.89 4.84
N ASN B 257 24.14 25.49 3.66
CA ASN B 257 23.42 24.89 2.55
C ASN B 257 23.91 23.49 2.27
N PHE B 258 23.01 22.52 2.32
CA PHE B 258 23.37 21.16 1.96
C PHE B 258 22.44 20.58 0.91
N LEU B 259 22.86 19.44 0.34
CA LEU B 259 22.04 18.68 -0.59
C LEU B 259 22.14 17.19 -0.31
N ASP B 260 21.00 16.54 -0.15
CA ASP B 260 20.95 15.09 -0.12
C ASP B 260 20.18 14.65 -1.36
N ALA B 261 20.78 13.83 -2.20
CA ALA B 261 20.13 13.52 -3.47
C ALA B 261 20.32 12.09 -3.87
N ILE B 262 19.23 11.44 -4.21
CA ILE B 262 19.28 10.09 -4.73
C ILE B 262 18.67 10.08 -6.12
N GLU B 263 19.45 9.63 -7.09
CA GLU B 263 19.03 9.59 -8.47
C GLU B 263 18.97 8.14 -8.89
N VAL B 264 17.81 7.73 -9.40
CA VAL B 264 17.69 6.41 -9.99
C VAL B 264 17.73 6.62 -11.49
N ASP B 265 18.68 5.95 -12.15
CA ASP B 265 18.83 6.13 -13.59
C ASP B 265 18.12 5.05 -14.43
N GLN B 266 18.34 5.07 -15.75
CA GLN B 266 17.65 4.19 -16.70
C GLN B 266 17.80 2.70 -16.39
N TYR B 267 18.86 2.33 -15.67
CA TYR B 267 19.13 0.91 -15.43
C TYR B 267 18.75 0.48 -14.02
N SER B 268 17.99 1.34 -13.35
CA SER B 268 17.57 1.07 -12.00
C SER B 268 18.73 0.93 -11.00
N THR B 269 19.76 1.77 -11.15
CA THR B 269 20.79 1.89 -10.12
C THR B 269 20.65 3.23 -9.44
N SER B 270 21.27 3.36 -8.27
CA SER B 270 21.14 4.56 -7.44
C SER B 270 22.45 5.32 -7.28
N ARG B 271 22.35 6.64 -7.42
CA ARG B 271 23.45 7.49 -7.05
C ARG B 271 23.03 8.35 -5.84
N ILE B 272 23.82 8.30 -4.78
CA ILE B 272 23.54 9.06 -3.56
C ILE B 272 24.59 10.16 -3.38
N LEU B 273 24.14 11.40 -3.42
CA LEU B 273 25.02 12.55 -3.31
C LEU B 273 24.71 13.37 -2.06
N THR B 274 25.73 13.62 -1.23
CA THR B 274 25.54 14.50 -0.10
C THR B 274 26.74 15.45 -0.05
N GLY B 275 26.48 16.68 0.40
CA GLY B 275 27.50 17.69 0.52
C GLY B 275 26.91 19.08 0.50
N ILE B 276 27.74 20.08 0.23
CA ILE B 276 27.27 21.45 0.14
C ILE B 276 26.35 21.57 -1.05
N ASN B 277 25.24 22.30 -0.89
CA ASN B 277 24.32 22.49 -1.99
C ASN B 277 25.01 23.17 -3.18
N PRO B 278 24.98 22.50 -4.35
CA PRO B 278 25.49 23.10 -5.59
C PRO B 278 24.85 24.44 -5.93
N ASP B 279 23.55 24.61 -5.69
CA ASP B 279 22.87 25.89 -5.94
C ASP B 279 23.32 26.98 -4.97
N GLU B 280 23.61 28.17 -5.49
CA GLU B 280 24.15 29.27 -4.68
C GLU B 280 25.54 28.94 -4.14
N PHE B 281 26.38 28.35 -4.98
CA PHE B 281 27.72 27.98 -4.57
C PHE B 281 28.66 27.98 -5.76
N GLY B 282 29.83 28.58 -5.57
CA GLY B 282 30.88 28.54 -6.58
C GLY B 282 32.17 29.03 -5.97
N TRP B 283 33.16 28.16 -5.86
CA TRP B 283 34.40 28.57 -5.25
C TRP B 283 35.42 29.00 -6.29
N ASN B 284 35.97 30.21 -6.12
CA ASN B 284 37.07 30.63 -6.97
C ASN B 284 38.36 30.06 -6.45
N LEU B 285 38.89 29.12 -7.21
CA LEU B 285 40.09 28.38 -6.87
C LEU B 285 41.29 28.92 -7.68
N ALA B 286 42.04 29.84 -7.07
CA ALA B 286 43.11 30.51 -7.76
C ALA B 286 44.32 29.59 -7.81
N PRO B 287 45.34 29.97 -8.59
CA PRO B 287 46.48 29.06 -8.74
C PRO B 287 47.16 28.80 -7.40
N GLN B 288 47.32 27.50 -7.10
CA GLN B 288 47.89 26.98 -5.84
C GLN B 288 46.91 26.93 -4.67
N ALA B 289 45.69 27.40 -4.87
CA ALA B 289 44.71 27.40 -3.79
C ALA B 289 44.09 26.01 -3.59
N THR B 290 43.40 25.85 -2.46
CA THR B 290 42.78 24.58 -2.14
C THR B 290 41.34 24.73 -1.68
N PHE B 291 40.55 23.69 -1.92
CA PHE B 291 39.19 23.61 -1.36
C PHE B 291 38.93 22.27 -0.67
N GLN B 292 38.63 22.34 0.63
CA GLN B 292 38.31 21.15 1.41
C GLN B 292 36.79 21.06 1.61
N THR B 293 36.16 19.97 1.14
CA THR B 293 34.73 19.76 1.43
C THR B 293 34.50 19.24 2.85
N PRO B 294 33.34 19.54 3.44
CA PRO B 294 33.03 18.98 4.76
C PRO B 294 33.02 17.47 4.69
N GLU B 295 33.22 16.79 5.81
CA GLU B 295 33.17 15.33 5.79
C GLU B 295 31.75 14.78 5.71
N ALA B 296 31.61 13.66 5.01
CA ALA B 296 30.35 12.91 4.92
C ALA B 296 30.48 11.67 5.82
N ILE B 297 29.47 11.39 6.64
CA ILE B 297 29.50 10.14 7.42
C ILE B 297 28.71 9.07 6.72
N LEU B 298 29.36 7.98 6.35
CA LEU B 298 28.61 6.87 5.75
C LEU B 298 28.62 5.66 6.68
N SER B 299 27.57 4.86 6.67
CA SER B 299 27.52 3.70 7.55
C SER B 299 26.47 2.70 7.09
N TYR B 300 26.66 1.44 7.43
CA TYR B 300 25.75 0.39 6.98
C TYR B 300 25.49 -0.63 8.08
N THR B 301 24.30 -1.20 8.10
CA THR B 301 24.10 -2.37 8.95
C THR B 301 23.03 -3.30 8.40
N SER B 302 23.21 -4.60 8.65
CA SER B 302 22.18 -5.58 8.34
C SER B 302 21.18 -5.66 9.46
N ALA B 303 21.45 -4.98 10.55
CA ALA B 303 20.82 -5.31 11.81
C ALA B 303 19.70 -4.38 12.23
N GLY B 304 19.21 -3.54 11.32
CA GLY B 304 18.09 -2.69 11.64
C GLY B 304 18.54 -1.29 12.01
N MSE B 305 17.59 -0.40 12.18
CA MSE B 305 17.89 1.03 12.32
C MSE B 305 18.28 1.45 13.73
O MSE B 305 19.05 2.42 13.88
CB MSE B 305 16.76 1.90 11.76
CG MSE B 305 16.39 1.54 10.31
SE MSE B 305 15.06 2.74 9.52
CE MSE B 305 13.38 2.06 10.31
N ASN B 306 17.77 0.76 14.76
CA ASN B 306 18.33 0.96 16.08
C ASN B 306 19.84 0.68 16.04
N GLN B 307 20.23 -0.45 15.48
CA GLN B 307 21.65 -0.73 15.39
C GLN B 307 22.34 0.37 14.58
N LEU B 308 21.69 0.83 13.51
CA LEU B 308 22.29 1.88 12.69
C LEU B 308 22.53 3.13 13.53
N SER B 309 21.50 3.64 14.18
CA SER B 309 21.60 4.82 15.02
C SER B 309 22.66 4.68 16.11
N GLN B 310 22.56 3.59 16.86
CA GLN B 310 23.47 3.28 17.95
C GLN B 310 24.94 3.32 17.54
N GLN B 311 25.32 2.63 16.46
CA GLN B 311 26.72 2.67 16.05
C GLN B 311 27.18 4.07 15.58
N MSE B 312 26.36 4.80 14.83
CA MSE B 312 26.70 6.18 14.56
C MSE B 312 26.75 7.00 15.84
O MSE B 312 27.61 7.85 16.00
CB MSE B 312 25.75 6.78 13.53
CG MSE B 312 25.89 6.16 12.15
SE MSE B 312 24.52 6.67 10.84
CE MSE B 312 24.60 5.00 9.92
N ALA B 313 25.84 6.77 16.78
CA ALA B 313 25.82 7.52 18.03
C ALA B 313 27.15 7.33 18.77
N SER B 314 27.62 6.09 18.73
CA SER B 314 28.81 5.67 19.38
C SER B 314 29.97 6.42 18.73
N PHE B 315 29.93 6.49 17.40
CA PHE B 315 31.02 7.06 16.64
C PHE B 315 31.14 8.57 16.90
N TYR B 316 30.00 9.23 17.09
CA TYR B 316 30.00 10.66 17.33
C TYR B 316 30.57 10.97 18.72
N GLN B 317 30.26 10.09 19.66
CA GLN B 317 30.60 10.33 21.04
C GLN B 317 32.10 10.19 21.20
N GLN B 318 32.74 9.42 20.32
CA GLN B 318 34.17 9.14 20.45
C GLN B 318 35.00 9.92 19.48
N HIS B 319 34.44 10.22 18.31
CA HIS B 319 35.23 10.81 17.25
C HIS B 319 34.68 12.07 16.58
N LEU B 320 33.66 12.70 17.15
CA LEU B 320 33.20 13.97 16.60
C LEU B 320 32.91 14.99 17.69
N VAL B 321 32.03 14.63 18.61
CA VAL B 321 31.61 15.58 19.64
C VAL B 321 32.78 16.12 20.47
N ASN B 322 32.70 17.41 20.81
CA ASN B 322 33.65 18.07 21.69
C ASN B 322 34.01 17.16 22.86
N PRO B 323 35.29 16.72 22.93
CA PRO B 323 35.80 15.67 23.82
C PRO B 323 35.78 16.10 25.26
N ARG B 324 35.76 17.42 25.47
CA ARG B 324 35.62 18.00 26.79
C ARG B 324 34.26 17.65 27.41
N PHE B 325 33.23 17.51 26.59
CA PHE B 325 31.86 17.30 27.08
C PHE B 325 31.18 16.02 26.59
N ALA B 326 31.87 15.26 25.75
CA ALA B 326 31.27 14.12 25.07
C ALA B 326 30.73 13.08 26.05
N HIS B 327 31.45 12.90 27.17
CA HIS B 327 31.17 11.83 28.12
C HIS B 327 30.80 12.42 29.49
N GLU B 328 30.54 13.71 29.52
CA GLU B 328 30.35 14.41 30.79
C GLU B 328 28.89 14.73 30.99
N GLU B 329 28.31 14.19 32.06
CA GLU B 329 26.92 14.47 32.41
C GLU B 329 26.63 15.96 32.32
N ARG B 330 25.42 16.25 31.88
CA ARG B 330 25.00 17.61 31.60
C ARG B 330 24.09 18.13 32.72
N PRO B 331 24.28 19.40 33.09
CA PRO B 331 23.61 20.00 34.25
C PRO B 331 22.12 19.96 34.05
N VAL B 332 21.35 19.81 35.11
CA VAL B 332 19.92 20.00 35.04
C VAL B 332 19.64 21.49 35.21
N LEU B 333 19.37 22.18 34.11
CA LEU B 333 19.26 23.63 34.15
C LEU B 333 17.83 24.15 34.26
N ILE B 334 17.70 25.47 34.38
CA ILE B 334 16.42 26.16 34.29
C ILE B 334 16.62 27.45 33.47
N ASN B 335 15.90 27.54 32.35
CA ASN B 335 16.01 28.66 31.42
C ASN B 335 14.78 29.51 31.67
N ASN B 336 14.90 30.84 31.64
CA ASN B 336 13.75 31.69 32.01
C ASN B 336 12.90 32.15 30.86
N TRP B 337 13.27 31.75 29.64
CA TRP B 337 12.61 32.24 28.46
C TRP B 337 11.09 32.18 28.53
N GLU B 338 10.51 30.98 28.58
CA GLU B 338 9.03 30.87 28.66
C GLU B 338 8.48 31.30 30.01
N ALA B 339 9.36 31.37 31.00
CA ALA B 339 9.02 31.79 32.35
C ALA B 339 8.61 33.26 32.41
N THR B 340 9.41 34.11 31.78
CA THR B 340 9.23 35.56 31.87
C THR B 340 9.04 36.19 30.49
N TYR B 341 9.71 35.62 29.49
CA TYR B 341 9.94 36.29 28.21
C TYR B 341 10.66 37.56 28.61
N PHE B 342 10.38 38.66 27.91
CA PHE B 342 11.16 39.89 28.06
C PHE B 342 10.84 40.64 29.35
N ASP B 343 9.86 40.12 30.09
CA ASP B 343 9.35 40.77 31.29
C ASP B 343 10.01 40.30 32.60
N PHE B 344 11.12 40.94 32.96
CA PHE B 344 11.84 40.59 34.17
C PHE B 344 12.89 41.66 34.54
N ASN B 345 13.47 41.51 35.73
CA ASN B 345 14.70 42.21 36.13
C ASN B 345 15.41 41.31 37.11
N GLU B 346 16.60 41.70 37.54
CA GLU B 346 17.41 40.86 38.45
C GLU B 346 16.67 40.31 39.68
N ALA B 347 15.84 41.13 40.31
CA ALA B 347 15.14 40.71 41.52
C ALA B 347 14.13 39.58 41.26
N LYS B 348 13.39 39.70 40.16
CA LYS B 348 12.43 38.69 39.77
C LYS B 348 13.14 37.38 39.44
N LEU B 349 14.24 37.50 38.68
CA LEU B 349 15.07 36.36 38.30
C LEU B 349 15.77 35.72 39.49
N MSE B 350 16.00 36.50 40.53
CA MSE B 350 16.58 35.93 41.74
C MSE B 350 15.58 35.09 42.55
O MSE B 350 15.99 34.14 43.23
CB MSE B 350 17.25 37.02 42.60
CG MSE B 350 18.30 36.47 43.55
SE MSE B 350 19.85 35.72 42.58
CE MSE B 350 20.44 37.40 41.80
N THR B 351 14.28 35.39 42.46
CA THR B 351 13.28 34.52 43.11
C THR B 351 13.25 33.14 42.45
N ILE B 352 13.40 33.10 41.13
CA ILE B 352 13.45 31.85 40.40
C ILE B 352 14.71 31.06 40.76
N VAL B 353 15.84 31.77 40.83
CA VAL B 353 17.12 31.19 41.18
C VAL B 353 17.10 30.53 42.56
N ASN B 354 16.59 31.24 43.55
CA ASN B 354 16.46 30.70 44.91
C ASN B 354 15.66 29.40 44.94
N GLN B 355 14.52 29.39 44.27
CA GLN B 355 13.66 28.21 44.22
C GLN B 355 14.34 27.08 43.48
N ALA B 356 15.05 27.38 42.41
CA ALA B 356 15.67 26.33 41.64
C ALA B 356 16.61 25.56 42.57
N LYS B 357 17.43 26.30 43.29
CA LYS B 357 18.35 25.71 44.28
C LYS B 357 17.69 24.61 45.12
N ARG B 358 16.59 24.95 45.77
CA ARG B 358 15.94 24.01 46.67
C ARG B 358 15.36 22.80 45.92
N LEU B 359 15.01 22.99 44.64
CA LEU B 359 14.49 21.89 43.85
C LEU B 359 15.60 20.91 43.43
N GLY B 360 16.85 21.30 43.62
CA GLY B 360 17.95 20.43 43.26
C GLY B 360 18.52 20.82 41.90
N ILE B 361 17.98 21.88 41.31
CA ILE B 361 18.44 22.30 40.00
C ILE B 361 19.87 22.85 40.08
N GLU B 362 20.65 22.62 39.03
CA GLU B 362 22.08 22.77 39.11
C GLU B 362 22.62 23.99 38.38
N MSE B 363 21.79 24.61 37.55
CA MSE B 363 22.22 25.69 36.66
C MSE B 363 21.08 26.63 36.27
O MSE B 363 19.96 26.20 36.04
CB MSE B 363 22.84 25.13 35.38
CG MSE B 363 23.31 26.22 34.42
SE MSE B 363 23.95 25.60 32.65
CE MSE B 363 25.75 24.97 33.06
N PHE B 364 21.39 27.92 36.20
CA PHE B 364 20.44 28.91 35.70
C PHE B 364 20.95 29.44 34.37
N VAL B 365 20.06 29.49 33.37
CA VAL B 365 20.38 30.12 32.09
C VAL B 365 19.58 31.40 31.83
N LEU B 366 20.26 32.54 31.86
CA LEU B 366 19.69 33.84 31.53
C LEU B 366 19.50 33.92 30.03
N ASP B 367 18.25 34.02 29.60
CA ASP B 367 17.91 33.97 28.18
C ASP B 367 17.65 35.37 27.65
N ASP B 368 17.03 35.46 26.47
CA ASP B 368 16.86 36.73 25.75
C ASP B 368 16.36 37.84 26.66
N GLY B 369 16.85 39.06 26.42
CA GLY B 369 16.37 40.27 27.08
C GLY B 369 17.30 40.97 28.05
N TRP B 370 18.55 40.52 28.13
CA TRP B 370 19.45 41.01 29.18
C TRP B 370 20.40 42.11 28.74
N PHE B 371 20.52 42.30 27.44
CA PHE B 371 21.47 43.23 26.85
C PHE B 371 20.78 44.48 26.29
N GLY B 372 21.58 45.52 26.01
CA GLY B 372 21.14 46.74 25.38
C GLY B 372 19.91 47.40 25.98
N HIS B 373 18.88 47.48 25.14
CA HIS B 373 17.54 47.86 25.56
C HIS B 373 16.51 46.87 25.03
N ARG B 374 16.79 45.58 25.18
CA ARG B 374 15.90 44.55 24.63
C ARG B 374 14.71 44.22 25.54
N ASP B 375 13.59 44.89 25.29
CA ASP B 375 12.33 44.62 25.99
C ASP B 375 11.37 43.90 25.04
N ASP B 376 11.90 43.52 23.89
CA ASP B 376 11.15 43.28 22.66
C ASP B 376 11.96 42.33 21.82
N ASP B 377 11.34 41.74 20.81
CA ASP B 377 12.17 41.17 19.75
C ASP B 377 12.29 42.14 18.56
N THR B 378 12.39 43.43 18.87
CA THR B 378 12.44 44.47 17.83
C THR B 378 13.72 45.29 17.85
N THR B 379 14.50 45.17 18.91
CA THR B 379 15.66 46.03 19.12
C THR B 379 16.88 45.34 19.72
N SER B 380 18.00 46.05 19.69
CA SER B 380 19.19 45.76 20.53
C SER B 380 20.18 44.64 20.15
N LEU B 381 19.89 43.87 19.10
CA LEU B 381 20.86 42.86 18.61
C LEU B 381 22.14 43.50 18.05
N GLY B 382 23.29 43.03 18.54
CA GLY B 382 24.57 43.57 18.15
C GLY B 382 25.21 44.32 19.31
N ASP B 383 24.41 44.55 20.35
CA ASP B 383 24.81 45.37 21.48
C ASP B 383 24.93 44.47 22.70
N TRP B 384 25.91 43.58 22.66
CA TRP B 384 26.04 42.55 23.69
C TRP B 384 26.74 43.04 24.96
N PHE B 385 26.06 43.91 25.69
CA PHE B 385 26.51 44.43 26.97
C PHE B 385 25.29 44.71 27.83
N VAL B 386 25.39 44.49 29.14
CA VAL B 386 24.27 44.61 30.08
C VAL B 386 23.29 45.78 29.86
N ASP B 387 22.00 45.48 29.91
CA ASP B 387 20.95 46.47 30.12
C ASP B 387 20.84 46.75 31.62
N GLN B 388 21.17 47.96 32.05
CA GLN B 388 21.25 48.22 33.50
C GLN B 388 19.90 48.51 34.15
N ARG B 389 18.88 48.82 33.35
CA ARG B 389 17.53 48.87 33.87
C ARG B 389 17.13 47.55 34.55
N LYS B 390 17.65 46.44 34.02
CA LYS B 390 17.29 45.09 34.47
C LYS B 390 18.30 44.56 35.46
N PHE B 391 19.54 45.01 35.32
CA PHE B 391 20.61 44.60 36.22
C PHE B 391 21.41 45.81 36.64
N PRO B 392 21.00 46.45 37.73
CA PRO B 392 21.65 47.69 38.14
C PRO B 392 23.14 47.53 38.25
N ASP B 393 23.61 46.35 38.68
CA ASP B 393 25.05 46.12 38.94
C ASP B 393 25.71 45.19 37.93
N GLY B 394 25.11 45.08 36.75
CA GLY B 394 25.62 44.26 35.67
C GLY B 394 25.33 42.79 35.86
N ILE B 395 25.70 42.00 34.86
CA ILE B 395 25.54 40.55 34.87
C ILE B 395 26.49 39.94 35.88
N GLU B 396 27.63 40.60 36.07
CA GLU B 396 28.66 40.15 37.01
C GLU B 396 28.06 39.94 38.42
N HIS B 397 27.24 40.90 38.86
CA HIS B 397 26.53 40.79 40.13
C HIS B 397 25.55 39.59 40.21
N PHE B 398 24.81 39.38 39.13
CA PHE B 398 23.83 38.30 39.06
C PHE B 398 24.51 36.93 39.08
N SER B 399 25.42 36.69 38.16
CA SER B 399 26.11 35.40 38.14
C SER B 399 26.82 35.07 39.44
N GLN B 400 27.39 36.07 40.11
CA GLN B 400 27.98 35.86 41.42
C GLN B 400 26.95 35.34 42.44
N ALA B 401 25.71 35.80 42.30
CA ALA B 401 24.65 35.38 43.22
C ALA B 401 24.19 33.98 42.89
N VAL B 402 24.24 33.62 41.62
CA VAL B 402 23.86 32.28 41.21
C VAL B 402 24.96 31.30 41.63
N HIS B 403 26.20 31.74 41.48
CA HIS B 403 27.36 30.93 41.83
C HIS B 403 27.46 30.72 43.33
N GLN B 404 27.11 31.75 44.08
CA GLN B 404 27.14 31.65 45.53
C GLN B 404 26.11 30.63 46.02
N GLN B 405 25.18 30.24 45.15
CA GLN B 405 24.14 29.29 45.53
C GLN B 405 24.48 27.84 45.18
N GLY B 406 25.70 27.63 44.70
CA GLY B 406 26.20 26.31 44.37
C GLY B 406 25.85 25.94 42.94
N MSE B 407 25.33 26.92 42.19
CA MSE B 407 24.81 26.67 40.85
C MSE B 407 25.68 27.24 39.74
O MSE B 407 26.39 28.24 39.93
CB MSE B 407 23.43 27.29 40.73
CG MSE B 407 22.44 26.80 41.76
SE MSE B 407 20.65 27.16 41.13
CE MSE B 407 20.31 28.86 41.92
N LYS B 408 25.61 26.63 38.56
CA LYS B 408 26.35 27.14 37.42
C LYS B 408 25.55 28.24 36.73
N PHE B 409 26.20 29.01 35.86
CA PHE B 409 25.48 30.10 35.23
C PHE B 409 25.68 30.12 33.73
N GLY B 410 24.56 30.18 33.00
CA GLY B 410 24.60 30.27 31.56
C GLY B 410 23.97 31.53 31.00
N LEU B 411 24.34 31.85 29.76
CA LEU B 411 23.85 33.07 29.15
C LEU B 411 23.73 33.01 27.61
N TRP B 412 22.76 33.78 27.11
CA TRP B 412 22.23 33.69 25.75
C TRP B 412 22.81 34.78 24.86
N PHE B 413 23.21 34.40 23.66
CA PHE B 413 23.68 35.35 22.68
C PHE B 413 23.07 35.00 21.32
N GLU B 414 22.97 35.99 20.44
CA GLU B 414 22.63 35.74 19.05
C GLU B 414 23.61 36.50 18.13
N PRO B 415 24.88 36.07 18.11
CA PRO B 415 25.97 36.87 17.51
C PRO B 415 25.96 36.99 15.99
N GLU B 416 25.20 36.20 15.26
CA GLU B 416 25.20 36.37 13.81
C GLU B 416 24.28 37.49 13.38
N MSE B 417 23.57 38.08 14.33
CA MSE B 417 22.40 38.94 14.05
C MSE B 417 22.58 40.42 14.42
O MSE B 417 23.41 40.75 15.26
CB MSE B 417 21.16 38.39 14.77
CG MSE B 417 20.76 37.00 14.31
SE MSE B 417 20.49 36.97 12.36
CE MSE B 417 21.14 35.14 12.00
N VAL B 418 21.80 41.31 13.81
CA VAL B 418 21.93 42.76 14.07
C VAL B 418 20.58 43.48 13.89
N SER B 419 20.17 44.24 14.89
CA SER B 419 18.95 45.05 14.78
C SER B 419 19.26 46.38 14.10
N VAL B 420 18.26 47.03 13.53
CA VAL B 420 18.52 48.35 12.96
C VAL B 420 18.61 49.37 14.08
N ASP B 421 17.77 49.17 15.09
CA ASP B 421 17.87 49.95 16.30
C ASP B 421 18.92 49.36 17.24
N SER B 422 20.19 49.66 16.96
CA SER B 422 21.31 49.26 17.81
C SER B 422 22.56 50.11 17.54
N ASP B 423 23.42 50.23 18.55
CA ASP B 423 24.69 50.94 18.38
C ASP B 423 25.49 50.30 17.26
N LEU B 424 25.52 48.97 17.21
CA LEU B 424 26.24 48.29 16.14
C LEU B 424 25.81 48.83 14.79
N TYR B 425 24.51 48.94 14.58
CA TYR B 425 24.05 49.37 13.28
C TYR B 425 24.46 50.81 13.00
N GLN B 426 24.38 51.64 14.02
CA GLN B 426 24.68 53.07 13.88
C GLN B 426 26.18 53.27 13.54
N GLN B 427 27.04 52.40 14.08
CA GLN B 427 28.48 52.46 13.85
C GLN B 427 29.01 51.59 12.72
N HIS B 428 28.21 50.64 12.24
CA HIS B 428 28.67 49.72 11.22
C HIS B 428 27.56 49.21 10.30
N PRO B 429 26.90 50.12 9.57
CA PRO B 429 25.83 49.71 8.67
C PRO B 429 26.37 48.79 7.58
N ASP B 430 27.64 48.96 7.25
CA ASP B 430 28.23 48.16 6.18
C ASP B 430 28.46 46.69 6.56
N TRP B 431 28.07 46.32 7.78
CA TRP B 431 28.17 44.92 8.24
C TRP B 431 26.91 44.07 8.02
N LEU B 432 25.75 44.69 7.81
CA LEU B 432 24.58 43.93 7.36
C LEU B 432 24.90 43.17 6.08
N ILE B 433 24.23 42.04 5.89
CA ILE B 433 24.18 41.45 4.57
C ILE B 433 23.08 42.17 3.75
N HIS B 434 23.49 42.89 2.72
CA HIS B 434 22.52 43.66 1.94
C HIS B 434 22.91 43.80 0.48
N ALA B 435 22.00 43.44 -0.41
CA ALA B 435 22.25 43.57 -1.83
C ALA B 435 22.06 45.02 -2.28
N PRO B 436 23.12 45.62 -2.86
CA PRO B 436 23.30 47.05 -3.14
C PRO B 436 22.06 47.88 -3.44
N LYS B 437 21.19 47.51 -4.39
CA LYS B 437 20.06 48.41 -4.68
C LYS B 437 18.71 47.93 -4.15
N SER B 438 18.73 46.87 -3.33
CA SER B 438 17.51 46.16 -2.98
C SER B 438 16.79 46.68 -1.72
N THR B 439 15.48 46.49 -1.67
CA THR B 439 14.71 46.73 -0.47
C THR B 439 14.84 45.58 0.52
N PRO B 440 15.47 45.83 1.68
CA PRO B 440 15.83 44.79 2.65
C PRO B 440 14.61 44.13 3.30
N THR B 441 14.72 42.83 3.55
CA THR B 441 13.61 42.06 4.05
C THR B 441 13.93 41.64 5.47
N PRO B 442 13.21 42.20 6.46
CA PRO B 442 13.41 41.85 7.87
C PRO B 442 12.94 40.43 8.20
N GLY B 443 13.65 39.77 9.12
CA GLY B 443 13.20 38.52 9.69
C GLY B 443 13.24 38.64 11.20
N ARG B 444 12.09 38.42 11.86
CA ARG B 444 11.94 38.71 13.28
C ARG B 444 12.53 40.08 13.54
N HIS B 445 12.10 41.06 12.77
CA HIS B 445 12.56 42.43 12.98
C HIS B 445 14.09 42.60 13.08
N GLN B 446 14.86 41.75 12.41
CA GLN B 446 16.31 41.82 12.50
C GLN B 446 17.00 41.44 11.21
N PHE B 447 18.32 41.63 11.17
CA PHE B 447 19.10 41.37 9.97
C PHE B 447 20.38 40.63 10.30
N VAL B 448 21.08 40.13 9.28
CA VAL B 448 22.20 39.25 9.53
C VAL B 448 23.54 39.88 9.21
N LEU B 449 24.52 39.62 10.07
CA LEU B 449 25.85 40.20 9.96
C LEU B 449 26.68 39.41 8.99
N ASP B 450 27.53 40.11 8.23
CA ASP B 450 28.38 39.48 7.24
C ASP B 450 29.50 38.71 7.92
N MSE B 451 29.21 37.47 8.32
CA MSE B 451 30.16 36.63 9.03
C MSE B 451 31.35 36.24 8.20
O MSE B 451 32.26 35.58 8.70
CB MSE B 451 29.45 35.39 9.56
CG MSE B 451 28.37 35.72 10.54
SE MSE B 451 29.06 36.36 12.27
CE MSE B 451 30.04 34.77 12.84
N ALA B 452 31.36 36.63 6.93
CA ALA B 452 32.48 36.34 6.05
C ALA B 452 33.61 37.34 6.26
N ARG B 453 33.34 38.39 7.04
CA ARG B 453 34.33 39.41 7.38
C ARG B 453 35.12 39.09 8.63
N PRO B 454 36.44 38.93 8.49
CA PRO B 454 37.28 38.70 9.67
C PRO B 454 37.01 39.71 10.79
N GLU B 455 36.82 40.98 10.44
CA GLU B 455 36.62 41.96 11.50
C GLU B 455 35.31 41.78 12.28
N VAL B 456 34.26 41.28 11.62
CA VAL B 456 33.01 41.02 12.33
C VAL B 456 33.21 39.97 13.42
N VAL B 457 33.80 38.84 13.02
CA VAL B 457 34.14 37.73 13.91
C VAL B 457 34.98 38.20 15.08
N ASP B 458 36.05 38.95 14.77
CA ASP B 458 36.89 39.59 15.78
C ASP B 458 36.08 40.44 16.75
N TYR B 459 35.15 41.21 16.23
CA TYR B 459 34.29 42.03 17.09
C TYR B 459 33.49 41.17 18.05
N LEU B 460 32.88 40.10 17.55
CA LEU B 460 32.03 39.26 18.36
C LEU B 460 32.83 38.38 19.34
N PHE B 461 34.05 38.01 18.94
CA PHE B 461 34.90 37.28 19.87
C PHE B 461 35.31 38.14 21.04
N LYS B 462 35.48 39.43 20.80
CA LYS B 462 35.88 40.35 21.87
C LYS B 462 34.73 40.59 22.84
N LEU B 463 33.52 40.70 22.32
CA LEU B 463 32.38 40.91 23.20
C LEU B 463 32.14 39.69 24.07
N MSE B 464 32.15 38.52 23.45
CA MSE B 464 31.87 37.28 24.18
C MSE B 464 32.97 36.89 25.16
O MSE B 464 32.66 36.51 26.30
CB MSE B 464 31.56 36.16 23.20
CG MSE B 464 30.12 36.21 22.71
SE MSE B 464 29.70 35.11 21.16
CE MSE B 464 29.87 36.48 19.82
N SER B 465 34.23 37.00 24.73
CA SER B 465 35.38 36.96 25.64
C SER B 465 35.15 37.74 26.92
N GLN B 466 34.89 39.03 26.79
CA GLN B 466 34.76 39.92 27.95
C GLN B 466 33.74 39.39 28.93
N MSE B 467 32.66 38.82 28.41
CA MSE B 467 31.55 38.42 29.24
C MSE B 467 31.81 37.06 29.86
O MSE B 467 31.42 36.80 31.01
CB MSE B 467 30.27 38.36 28.42
CG MSE B 467 29.05 38.24 29.30
SE MSE B 467 28.64 39.93 30.17
CE MSE B 467 28.76 41.13 28.61
N ILE B 468 32.43 36.19 29.08
CA ILE B 468 32.78 34.89 29.59
C ILE B 468 33.71 35.07 30.76
N GLU B 469 34.53 36.12 30.70
CA GLU B 469 35.52 36.40 31.76
C GLU B 469 34.95 37.17 32.99
N SER B 470 34.23 38.25 32.73
CA SER B 470 33.74 39.05 33.83
C SER B 470 32.53 38.45 34.57
N ALA B 471 31.62 37.80 33.85
CA ALA B 471 30.48 37.10 34.45
C ALA B 471 30.79 35.64 34.81
N ASN B 472 31.98 35.17 34.47
CA ASN B 472 32.41 33.82 34.83
C ASN B 472 31.51 32.71 34.29
N LEU B 473 31.03 32.87 33.06
CA LEU B 473 30.04 31.98 32.46
C LEU B 473 30.47 30.53 32.44
N ASP B 474 29.52 29.62 32.69
CA ASP B 474 29.79 28.20 32.60
C ASP B 474 29.19 27.64 31.33
N TYR B 475 28.29 28.41 30.71
CA TYR B 475 27.45 27.91 29.61
C TYR B 475 26.95 29.06 28.73
N ILE B 476 26.82 28.81 27.44
CA ILE B 476 26.33 29.82 26.52
C ILE B 476 25.34 29.19 25.55
N LYS B 477 24.15 29.78 25.48
CA LYS B 477 23.15 29.38 24.54
C LYS B 477 23.30 30.29 23.33
N TRP B 478 23.77 29.72 22.22
CA TRP B 478 24.13 30.48 21.03
C TRP B 478 23.03 30.32 19.99
N ASP B 479 22.24 31.37 19.78
CA ASP B 479 21.01 31.26 19.02
C ASP B 479 21.14 31.85 17.60
N MSE B 480 20.04 31.82 16.85
CA MSE B 480 20.03 32.19 15.43
C MSE B 480 18.57 32.16 14.93
O MSE B 480 18.01 31.09 14.69
CB MSE B 480 20.92 31.22 14.65
CG MSE B 480 21.53 31.77 13.42
SE MSE B 480 20.37 31.61 11.86
CE MSE B 480 20.65 29.72 11.50
N ASN B 481 17.96 33.34 14.78
CA ASN B 481 16.50 33.45 14.73
C ASN B 481 15.89 34.02 13.45
N ARG B 482 16.67 34.08 12.37
CA ARG B 482 16.10 34.36 11.06
C ARG B 482 16.97 33.74 10.00
N TYR B 483 16.46 33.69 8.77
CA TYR B 483 17.21 33.24 7.61
C TYR B 483 17.63 34.42 6.73
N ALA B 484 18.85 34.38 6.21
CA ALA B 484 19.35 35.51 5.44
C ALA B 484 18.58 35.68 4.15
N THR B 485 18.48 36.93 3.72
CA THR B 485 17.66 37.33 2.59
C THR B 485 18.50 38.40 1.89
N GLU B 486 18.35 38.58 0.58
CA GLU B 486 19.17 39.57 -0.16
C GLU B 486 20.69 39.37 -0.08
N MSE B 487 21.14 38.13 -0.16
CA MSE B 487 22.55 37.80 0.04
C MSE B 487 23.56 38.56 -0.78
O MSE B 487 23.61 38.44 -2.01
CB MSE B 487 22.76 36.34 -0.27
CG MSE B 487 21.78 35.45 0.43
SE MSE B 487 22.80 33.98 1.10
CE MSE B 487 21.39 33.15 2.21
N PHE B 488 24.43 39.28 -0.10
CA PHE B 488 25.51 39.97 -0.79
C PHE B 488 26.50 40.38 0.28
N SER B 489 27.79 40.38 -0.07
CA SER B 489 28.82 40.96 0.77
C SER B 489 29.63 41.96 -0.02
N SER B 490 29.72 43.18 0.50
CA SER B 490 30.49 44.23 -0.18
C SER B 490 31.99 44.04 0.06
N ARG B 491 32.36 42.95 0.69
CA ARG B 491 33.77 42.66 0.90
C ARG B 491 34.25 41.60 -0.08
N LEU B 492 33.33 41.08 -0.86
CA LEU B 492 33.66 40.04 -1.82
C LEU B 492 33.52 40.63 -3.21
N THR B 493 34.38 40.15 -4.11
CA THR B 493 34.37 40.64 -5.48
C THR B 493 33.13 40.14 -6.20
N SER B 494 32.89 40.68 -7.38
CA SER B 494 31.72 40.30 -8.14
C SER B 494 31.74 38.79 -8.29
N ASP B 495 32.94 38.26 -8.54
CA ASP B 495 33.14 36.85 -8.88
C ASP B 495 33.02 35.92 -7.67
N GLN B 496 33.00 36.49 -6.48
CA GLN B 496 33.06 35.71 -5.27
C GLN B 496 31.71 35.56 -4.58
N GLN B 497 30.71 36.32 -5.01
CA GLN B 497 29.43 36.37 -4.30
C GLN B 497 28.88 34.99 -4.01
N LEU B 498 29.04 34.06 -4.94
CA LEU B 498 28.59 32.68 -4.72
C LEU B 498 29.37 31.99 -3.61
N GLU B 499 30.36 32.69 -3.06
CA GLU B 499 31.13 32.15 -1.96
C GLU B 499 30.56 32.59 -0.62
N LEU B 500 29.56 33.45 -0.62
CA LEU B 500 29.04 34.01 0.63
C LEU B 500 28.52 32.97 1.63
N PRO B 501 27.56 32.13 1.20
CA PRO B 501 27.05 31.12 2.14
C PRO B 501 28.13 30.28 2.82
N HIS B 502 29.12 29.79 2.10
CA HIS B 502 30.14 28.94 2.70
C HIS B 502 31.13 29.71 3.56
N ARG B 503 31.61 30.82 3.01
CA ARG B 503 32.44 31.72 3.78
C ARG B 503 31.76 32.14 5.09
N TYR B 504 30.46 32.34 5.04
CA TYR B 504 29.69 32.79 6.20
C TYR B 504 29.69 31.72 7.29
N ILE B 505 29.40 30.49 6.88
CA ILE B 505 29.45 29.37 7.78
C ILE B 505 30.87 29.14 8.35
N LEU B 506 31.87 29.21 7.48
CA LEU B 506 33.25 29.13 7.94
C LEU B 506 33.51 30.15 9.05
N GLY B 507 32.90 31.33 8.90
CA GLY B 507 33.00 32.42 9.86
C GLY B 507 32.37 32.13 11.22
N VAL B 508 31.15 31.59 11.21
CA VAL B 508 30.55 31.05 12.43
C VAL B 508 31.46 30.02 13.07
N TYR B 509 31.99 29.09 12.28
CA TYR B 509 32.95 28.13 12.78
C TYR B 509 34.21 28.78 13.40
N GLN B 510 34.68 29.84 12.74
CA GLN B 510 35.81 30.59 13.26
C GLN B 510 35.51 31.12 14.67
N LEU B 511 34.34 31.71 14.84
CA LEU B 511 33.87 32.20 16.13
C LEU B 511 33.78 31.12 17.19
N TYR B 512 33.18 29.98 16.86
CA TYR B 512 33.07 28.85 17.78
C TYR B 512 34.42 28.26 18.16
N ALA B 513 35.33 28.18 17.19
CA ALA B 513 36.63 27.54 17.42
C ALA B 513 37.54 28.36 18.34
N ARG B 514 37.47 29.67 18.17
CA ARG B 514 38.27 30.60 18.93
C ARG B 514 37.75 30.68 20.36
N LEU B 515 36.43 30.64 20.52
CA LEU B 515 35.85 30.70 21.84
C LEU B 515 36.00 29.38 22.56
N THR B 516 35.90 28.26 21.86
CA THR B 516 36.01 26.96 22.52
C THR B 516 37.44 26.58 22.86
N GLN B 517 38.42 27.13 22.15
CA GLN B 517 39.82 26.89 22.49
C GLN B 517 40.25 27.74 23.69
N ALA B 518 39.90 29.01 23.63
CA ALA B 518 40.15 29.96 24.72
C ALA B 518 39.38 29.66 26.02
N TYR B 519 38.16 29.15 25.94
CA TYR B 519 37.40 28.85 27.15
C TYR B 519 36.83 27.44 27.10
N PRO B 520 37.71 26.44 27.15
CA PRO B 520 37.35 25.03 26.98
C PRO B 520 36.32 24.54 27.99
N ASN B 521 36.03 25.31 29.02
CA ASN B 521 35.13 24.84 30.06
C ASN B 521 33.71 25.42 29.95
N VAL B 522 33.54 26.37 29.04
CA VAL B 522 32.20 26.86 28.79
C VAL B 522 31.48 25.87 27.89
N LEU B 523 30.39 25.33 28.43
CA LEU B 523 29.54 24.39 27.71
C LEU B 523 28.57 25.18 26.84
N PHE B 524 28.76 25.08 25.52
CA PHE B 524 27.93 25.79 24.56
C PHE B 524 26.73 24.96 24.14
N GLU B 525 25.56 25.58 24.14
CA GLU B 525 24.38 24.93 23.57
C GLU B 525 23.95 25.73 22.37
N SER B 526 24.04 25.11 21.21
CA SER B 526 23.66 25.74 19.96
C SER B 526 22.15 25.81 19.81
N CYS B 527 21.68 26.84 19.14
CA CYS B 527 20.26 27.03 18.97
C CYS B 527 20.00 27.78 17.67
N ALA B 528 18.79 27.64 17.15
CA ALA B 528 18.41 28.44 15.99
C ALA B 528 16.90 28.39 15.88
N SER B 529 16.23 29.20 16.69
CA SER B 529 14.80 29.09 16.82
C SER B 529 14.50 27.62 17.01
N GLY B 530 15.14 27.00 17.99
CA GLY B 530 15.05 25.58 18.20
C GLY B 530 16.03 24.78 17.34
N GLY B 531 15.51 23.80 16.60
CA GLY B 531 16.33 22.86 15.81
C GLY B 531 16.62 23.26 14.36
N GLY B 532 16.90 24.56 14.14
CA GLY B 532 17.13 25.08 12.81
C GLY B 532 18.55 24.85 12.30
N ARG B 533 19.48 24.54 13.19
CA ARG B 533 20.82 24.11 12.81
C ARG B 533 21.21 22.90 13.61
N PHE B 534 20.28 21.95 13.72
CA PHE B 534 20.51 20.71 14.46
C PHE B 534 21.31 19.71 13.60
N ASP B 535 22.60 19.95 13.42
CA ASP B 535 23.43 19.09 12.59
C ASP B 535 24.75 18.80 13.28
N LEU B 536 25.60 18.01 12.64
CA LEU B 536 26.83 17.51 13.25
C LEU B 536 27.95 18.56 13.27
N GLY B 537 27.84 19.55 12.41
CA GLY B 537 28.85 20.57 12.38
C GLY B 537 28.82 21.28 13.70
N MSE B 538 27.63 21.65 14.15
CA MSE B 538 27.50 22.33 15.42
C MSE B 538 27.98 21.48 16.60
O MSE B 538 28.62 22.00 17.50
CB MSE B 538 26.06 22.74 15.64
CG MSE B 538 25.55 23.72 14.60
SE MSE B 538 26.46 25.45 14.71
CE MSE B 538 25.47 26.20 16.17
N MSE B 539 27.68 20.16 16.56
CA MSE B 539 28.04 19.22 17.65
C MSE B 539 29.54 19.13 17.95
O MSE B 539 29.94 18.78 19.06
CB MSE B 539 27.51 17.81 17.36
CG MSE B 539 26.03 17.71 17.05
SE MSE B 539 24.86 18.43 18.44
CE MSE B 539 23.13 18.19 17.54
N TYR B 540 30.37 19.45 16.96
CA TYR B 540 31.81 19.48 17.18
C TYR B 540 32.19 20.58 18.19
N TYR B 541 31.43 21.66 18.21
CA TYR B 541 31.73 22.81 19.07
C TYR B 541 30.87 22.78 20.30
N ALA B 542 29.56 22.74 20.10
CA ALA B 542 28.59 22.63 21.18
C ALA B 542 28.07 21.18 21.22
N PRO B 543 28.12 20.53 22.40
CA PRO B 543 27.82 19.10 22.39
C PRO B 543 26.33 18.85 22.46
N GLN B 544 25.53 19.91 22.51
CA GLN B 544 24.07 19.78 22.55
C GLN B 544 23.42 20.98 21.91
N ALA B 545 22.23 20.77 21.33
CA ALA B 545 21.44 21.85 20.70
C ALA B 545 20.07 21.92 21.33
N TRP B 546 19.35 23.02 21.12
CA TRP B 546 17.97 23.14 21.61
C TRP B 546 17.03 22.52 20.59
N THR B 547 16.68 21.26 20.80
CA THR B 547 15.99 20.44 19.84
C THR B 547 14.85 21.12 19.10
N SER B 548 14.00 21.85 19.82
CA SER B 548 12.94 22.58 19.18
C SER B 548 12.36 23.59 20.18
N ASP B 549 11.82 24.67 19.65
CA ASP B 549 11.10 25.64 20.45
C ASP B 549 9.79 25.05 20.97
N ASP B 550 9.34 23.98 20.32
CA ASP B 550 8.14 23.28 20.76
C ASP B 550 8.52 22.44 21.97
N THR B 551 7.95 22.79 23.12
CA THR B 551 8.25 22.16 24.41
C THR B 551 6.99 21.50 24.97
N ASP B 552 6.04 21.24 24.08
CA ASP B 552 4.90 20.42 24.41
C ASP B 552 5.28 18.95 24.42
N ALA B 553 4.93 18.23 25.49
CA ALA B 553 5.33 16.84 25.61
C ALA B 553 4.91 16.03 24.39
N ALA B 554 3.62 16.03 24.04
CA ALA B 554 3.16 15.23 22.90
C ALA B 554 3.90 15.60 21.62
N GLU B 555 4.09 16.88 21.35
CA GLU B 555 4.87 17.29 20.19
C GLU B 555 6.34 16.86 20.26
N ARG B 556 6.98 17.03 21.42
CA ARG B 556 8.36 16.59 21.57
C ARG B 556 8.48 15.07 21.38
N LEU B 557 7.39 14.34 21.61
CA LEU B 557 7.41 12.90 21.38
C LEU B 557 7.87 12.64 19.96
N LEU B 558 7.16 13.24 18.99
CA LEU B 558 7.52 13.07 17.59
C LEU B 558 8.91 13.67 17.22
N ILE B 559 9.21 14.87 17.69
CA ILE B 559 10.46 15.50 17.33
C ILE B 559 11.65 14.77 17.90
N GLN B 560 11.61 14.43 19.17
CA GLN B 560 12.72 13.71 19.74
C GLN B 560 12.87 12.36 19.06
N PHE B 561 11.72 11.72 18.79
CA PHE B 561 11.71 10.37 18.24
C PHE B 561 12.36 10.39 16.88
N GLY B 562 11.95 11.34 16.04
CA GLY B 562 12.46 11.44 14.68
C GLY B 562 13.93 11.84 14.68
N THR B 563 14.25 12.71 15.62
CA THR B 563 15.61 13.17 15.77
C THR B 563 16.51 11.99 16.08
N SER B 564 16.06 11.07 16.92
CA SER B 564 16.96 10.04 17.42
C SER B 564 17.52 9.14 16.33
N TYR B 565 16.96 9.19 15.12
CA TYR B 565 17.43 8.30 14.05
C TYR B 565 18.83 8.75 13.71
N GLY B 566 19.04 10.06 13.65
CA GLY B 566 20.34 10.59 13.32
C GLY B 566 21.17 11.00 14.53
N TYR B 567 20.55 11.30 15.65
CA TYR B 567 21.26 11.96 16.73
C TYR B 567 20.90 11.41 18.12
N PRO B 568 21.93 11.00 18.89
CA PRO B 568 21.74 10.39 20.22
C PRO B 568 21.13 11.37 21.18
N GLN B 569 20.55 10.87 22.27
CA GLN B 569 19.85 11.71 23.27
C GLN B 569 20.73 12.74 24.05
N ALA B 570 22.03 12.49 24.14
CA ALA B 570 22.94 13.46 24.76
C ALA B 570 22.93 14.81 24.04
N MSE B 571 22.57 14.80 22.76
CA MSE B 571 22.61 16.02 21.96
C MSE B 571 21.34 16.84 22.03
O MSE B 571 21.26 17.93 21.46
CB MSE B 571 22.93 15.73 20.50
CG MSE B 571 24.23 14.98 20.27
SE MSE B 571 24.51 14.57 18.35
CE MSE B 571 26.26 13.70 18.37
N MSE B 572 20.33 16.34 22.73
CA MSE B 572 19.02 16.97 22.66
C MSE B 572 18.65 17.66 23.95
O MSE B 572 18.28 17.01 24.91
CB MSE B 572 17.93 15.93 22.34
CG MSE B 572 18.04 15.18 21.01
SE MSE B 572 16.43 14.06 20.70
CE MSE B 572 17.20 12.26 20.88
N GLY B 573 18.70 18.98 23.98
CA GLY B 573 18.11 19.70 25.08
C GLY B 573 16.61 19.47 25.09
N ALA B 574 16.01 19.44 26.27
CA ALA B 574 14.60 19.11 26.43
C ALA B 574 14.16 19.68 27.76
N HIS B 575 13.08 20.47 27.77
CA HIS B 575 12.72 21.19 28.98
C HIS B 575 11.25 21.03 29.30
N VAL B 576 10.96 20.78 30.57
CA VAL B 576 9.61 20.81 31.06
C VAL B 576 9.13 22.22 31.05
N SER B 577 7.94 22.47 30.54
CA SER B 577 7.46 23.85 30.44
C SER B 577 6.02 24.00 30.92
N ALA B 578 5.51 25.23 30.89
CA ALA B 578 4.19 25.52 31.43
C ALA B 578 3.06 24.93 30.58
N VAL B 579 1.85 24.96 31.14
CA VAL B 579 0.67 24.41 30.51
C VAL B 579 -0.52 25.29 30.91
N PRO B 580 -1.41 25.63 29.95
CA PRO B 580 -1.43 25.31 28.52
C PRO B 580 -0.16 25.76 27.81
N ASN B 581 0.35 24.89 26.96
CA ASN B 581 1.58 25.14 26.23
C ASN B 581 1.51 26.40 25.36
N ASP B 582 2.55 27.24 25.44
CA ASP B 582 2.55 28.57 24.83
C ASP B 582 2.56 28.57 23.28
N GLN B 583 3.00 27.45 22.68
CA GLN B 583 3.11 27.34 21.23
C GLN B 583 1.83 26.84 20.55
N MSE B 584 1.12 25.91 21.18
CA MSE B 584 -0.07 25.35 20.55
C MSE B 584 -1.23 24.93 21.48
O MSE B 584 -2.19 24.34 21.02
CB MSE B 584 0.29 24.23 19.57
CG MSE B 584 1.47 23.36 20.01
SE MSE B 584 0.98 22.20 21.49
CE MSE B 584 -0.51 21.37 20.57
N GLY B 585 -1.13 25.22 22.77
CA GLY B 585 -2.28 25.14 23.64
C GLY B 585 -2.55 23.85 24.40
N ARG B 586 -1.77 22.81 24.11
CA ARG B 586 -1.99 21.50 24.73
C ARG B 586 -1.82 21.53 26.24
N ILE B 587 -2.72 20.85 26.94
CA ILE B 587 -2.58 20.63 28.37
C ILE B 587 -2.18 19.19 28.62
N THR B 588 -1.17 19.02 29.47
CA THR B 588 -0.44 17.78 29.58
C THR B 588 -0.04 17.65 31.05
N SER B 589 0.10 16.44 31.56
CA SER B 589 0.45 16.26 32.96
C SER B 589 1.93 16.56 33.16
N LEU B 590 2.27 17.16 34.30
CA LEU B 590 3.66 17.41 34.65
C LEU B 590 4.48 16.12 34.63
N LYS B 591 3.84 15.00 34.97
CA LYS B 591 4.50 13.70 34.94
C LYS B 591 4.96 13.35 33.52
N THR B 592 4.05 13.50 32.56
CA THR B 592 4.40 13.32 31.16
C THR B 592 5.50 14.27 30.65
N ARG B 593 5.34 15.58 30.86
CA ARG B 593 6.36 16.55 30.44
C ARG B 593 7.76 16.17 30.91
N GLY B 594 7.88 15.76 32.17
CA GLY B 594 9.16 15.32 32.67
C GLY B 594 9.66 14.06 31.97
N ALA B 595 8.74 13.10 31.84
CA ALA B 595 9.06 11.77 31.29
C ALA B 595 9.57 11.84 29.84
N VAL B 596 9.03 12.76 29.04
CA VAL B 596 9.55 12.98 27.70
C VAL B 596 10.92 13.62 27.83
N ALA B 597 11.04 14.66 28.65
CA ALA B 597 12.31 15.37 28.80
C ALA B 597 13.41 14.54 29.44
N PHE B 598 13.07 13.48 30.17
CA PHE B 598 14.10 12.62 30.76
C PHE B 598 15.04 12.06 29.68
N PHE B 599 14.46 11.66 28.54
CA PHE B 599 15.25 11.05 27.47
C PHE B 599 15.98 12.10 26.66
N GLY B 600 16.93 12.75 27.32
CA GLY B 600 17.74 13.80 26.74
C GLY B 600 18.45 14.54 27.86
N ASP B 601 18.58 15.85 27.66
CA ASP B 601 19.21 16.73 28.63
C ASP B 601 18.13 17.53 29.37
N LEU B 602 17.68 16.97 30.50
CA LEU B 602 16.70 17.60 31.36
C LEU B 602 16.95 19.07 31.72
N GLY B 603 15.91 19.86 31.60
CA GLY B 603 15.94 21.26 31.95
C GLY B 603 14.52 21.71 32.27
N TYR B 604 14.39 22.89 32.86
CA TYR B 604 13.07 23.45 33.20
C TYR B 604 12.95 24.84 32.56
N GLU B 605 11.75 25.14 32.07
CA GLU B 605 11.48 26.42 31.41
C GLU B 605 10.07 26.93 31.73
N LEU B 606 9.86 27.29 33.00
CA LEU B 606 8.59 27.84 33.45
C LEU B 606 8.78 28.58 34.77
N ASP B 607 7.85 29.46 35.10
CA ASP B 607 7.90 30.20 36.34
C ASP B 607 7.64 29.28 37.55
N ILE B 608 8.67 28.58 37.99
CA ILE B 608 8.53 27.66 39.13
C ILE B 608 8.08 28.33 40.44
N THR B 609 8.08 29.67 40.46
CA THR B 609 7.61 30.43 41.64
C THR B 609 6.08 30.54 41.69
N LYS B 610 5.42 30.16 40.59
CA LYS B 610 3.96 30.21 40.47
C LYS B 610 3.31 28.87 40.84
N MSE B 611 4.11 27.83 41.03
CA MSE B 611 3.58 26.54 41.40
C MSE B 611 3.14 26.51 42.86
O MSE B 611 3.39 27.43 43.62
CB MSE B 611 4.63 25.45 41.17
CG MSE B 611 4.98 25.23 39.71
SE MSE B 611 6.44 23.93 39.49
CE MSE B 611 6.01 23.32 37.68
N ALA B 612 2.46 25.41 43.21
CA ALA B 612 2.05 25.15 44.59
C ALA B 612 3.02 24.16 45.21
N PRO B 613 2.94 23.97 46.53
CA PRO B 613 3.87 23.06 47.23
C PRO B 613 3.99 21.63 46.67
N THR B 614 2.88 21.04 46.22
CA THR B 614 2.94 19.65 45.74
C THR B 614 3.49 19.55 44.35
N GLU B 615 3.24 20.56 43.53
CA GLU B 615 3.85 20.57 42.20
C GLU B 615 5.36 20.72 42.40
N LEU B 616 5.75 21.72 43.20
CA LEU B 616 7.13 21.92 43.62
C LEU B 616 7.79 20.62 44.07
N ASP B 617 7.07 19.85 44.88
CA ASP B 617 7.62 18.59 45.35
C ASP B 617 7.80 17.62 44.18
N GLN B 618 6.84 17.60 43.27
CA GLN B 618 6.94 16.71 42.14
C GLN B 618 8.20 16.99 41.33
N VAL B 619 8.50 18.26 41.10
CA VAL B 619 9.71 18.62 40.35
C VAL B 619 10.96 18.24 41.14
N LYS B 620 10.89 18.39 42.46
CA LYS B 620 12.00 18.01 43.33
C LYS B 620 12.36 16.56 43.06
N LYS B 621 11.35 15.68 43.11
CA LYS B 621 11.58 14.25 42.90
C LYS B 621 11.91 13.96 41.43
N GLN B 622 11.33 14.71 40.51
CA GLN B 622 11.66 14.54 39.11
C GLN B 622 13.15 14.68 38.93
N VAL B 623 13.70 15.73 39.54
CA VAL B 623 15.10 16.07 39.38
C VAL B 623 16.00 15.08 40.09
N ALA B 624 15.57 14.60 41.25
CA ALA B 624 16.39 13.62 41.97
C ALA B 624 16.43 12.29 41.20
N PHE B 625 15.29 11.95 40.60
CA PHE B 625 15.15 10.70 39.86
C PHE B 625 16.06 10.75 38.64
N TYR B 626 16.08 11.90 37.99
CA TYR B 626 16.89 12.05 36.80
C TYR B 626 18.40 11.97 37.08
N LYS B 627 18.88 12.71 38.08
CA LYS B 627 20.28 12.65 38.49
C LYS B 627 20.69 11.22 38.91
N CYS B 628 19.78 10.52 39.56
CA CYS B 628 20.05 9.18 40.03
C CYS B 628 20.38 8.32 38.83
N TYR B 629 19.76 8.63 37.69
CA TYR B 629 19.91 7.81 36.49
C TYR B 629 20.42 8.62 35.28
N ARG B 630 21.05 9.73 35.57
CA ARG B 630 21.41 10.67 34.53
C ARG B 630 22.36 10.00 33.56
N GLN B 631 23.20 9.12 34.10
CA GLN B 631 24.20 8.45 33.29
C GLN B 631 23.54 7.55 32.25
N LEU B 632 22.42 6.95 32.63
CA LEU B 632 21.70 6.06 31.74
C LEU B 632 20.79 6.85 30.78
N PHE B 633 20.06 7.83 31.31
CA PHE B 633 19.30 8.70 30.44
C PHE B 633 20.12 9.38 29.35
N GLN B 634 21.18 10.07 29.74
CA GLN B 634 22.01 10.80 28.77
C GLN B 634 22.91 9.95 27.89
N PHE B 635 23.35 8.78 28.35
CA PHE B 635 24.35 8.03 27.56
C PHE B 635 24.05 6.56 27.34
N GLY B 636 22.96 6.05 27.89
CA GLY B 636 22.55 4.70 27.62
C GLY B 636 22.35 4.47 26.13
N LYS B 637 22.40 3.20 25.75
CA LYS B 637 22.19 2.81 24.38
C LYS B 637 20.68 2.91 24.12
N PHE B 638 20.32 3.69 23.10
CA PHE B 638 18.93 4.09 22.91
C PHE B 638 18.23 3.24 21.86
N TYR B 639 17.07 2.71 22.22
CA TYR B 639 16.31 1.85 21.31
C TYR B 639 14.94 2.46 21.09
N ARG B 640 14.57 2.66 19.83
CA ARG B 640 13.20 3.01 19.48
C ARG B 640 12.39 1.74 19.47
N ILE B 641 11.17 1.82 19.97
CA ILE B 641 10.28 0.68 19.95
C ILE B 641 8.99 0.98 19.20
N ASP B 642 7.94 1.35 19.90
CA ASP B 642 6.69 1.71 19.23
C ASP B 642 6.83 3.09 18.58
N SER B 643 6.75 3.14 17.25
CA SER B 643 6.92 4.41 16.54
C SER B 643 5.63 5.15 16.25
N PRO B 644 5.65 6.49 16.43
CA PRO B 644 4.46 7.27 16.14
C PRO B 644 4.36 7.53 14.65
N PHE B 645 5.31 7.03 13.91
CA PHE B 645 5.37 7.25 12.47
C PHE B 645 4.86 6.03 11.69
N VAL B 646 4.49 4.99 12.46
CA VAL B 646 3.93 3.78 11.90
C VAL B 646 2.48 3.57 12.35
N GLU B 647 1.60 3.31 11.39
CA GLU B 647 0.19 3.09 11.71
C GLU B 647 -0.29 4.33 12.47
N ASP B 648 -1.13 4.16 13.49
CA ASP B 648 -1.88 5.31 14.00
C ASP B 648 -1.01 6.30 14.78
N GLY B 649 0.19 5.87 15.13
CA GLY B 649 1.05 6.70 15.93
C GLY B 649 0.37 7.18 17.21
N ASN B 650 -0.52 6.37 17.77
CA ASN B 650 -1.16 6.74 19.01
C ASN B 650 -0.28 6.43 20.20
N VAL B 651 0.59 5.45 20.01
CA VAL B 651 1.51 4.97 21.03
C VAL B 651 2.97 5.19 20.62
N THR B 652 3.79 5.71 21.54
CA THR B 652 5.22 5.87 21.30
C THR B 652 5.97 5.22 22.43
N SER B 653 7.02 4.47 22.12
CA SER B 653 7.84 3.88 23.16
C SER B 653 9.31 3.80 22.81
N TRP B 654 10.15 3.93 23.83
CA TRP B 654 11.60 3.83 23.67
C TRP B 654 12.22 3.45 25.01
N GLN B 655 13.53 3.20 24.99
CA GLN B 655 14.21 2.58 26.11
C GLN B 655 15.70 2.93 26.07
N VAL B 656 16.29 3.17 27.23
CA VAL B 656 17.74 3.29 27.32
C VAL B 656 18.31 2.17 28.20
N VAL B 657 19.42 1.58 27.76
CA VAL B 657 20.05 0.45 28.44
C VAL B 657 21.54 0.74 28.71
N SER B 658 22.02 0.29 29.87
CA SER B 658 23.42 0.43 30.28
C SER B 658 24.34 -0.46 29.44
N ASP B 659 25.65 -0.25 29.57
CA ASP B 659 26.65 -1.03 28.84
C ASP B 659 26.62 -2.49 29.28
N ASP B 660 26.43 -2.75 30.56
CA ASP B 660 26.37 -4.12 31.01
C ASP B 660 24.95 -4.73 30.99
N GLN B 661 23.95 -3.95 30.59
CA GLN B 661 22.59 -4.46 30.40
C GLN B 661 21.92 -4.88 31.71
N LYS B 662 22.55 -4.54 32.83
CA LYS B 662 22.00 -4.90 34.12
C LYS B 662 20.98 -3.85 34.56
N GLN B 663 20.98 -2.72 33.88
CA GLN B 663 20.09 -1.62 34.24
C GLN B 663 19.52 -0.92 32.98
N ALA B 664 18.25 -0.50 33.03
CA ALA B 664 17.59 0.17 31.91
C ALA B 664 16.29 0.86 32.30
N ILE B 665 15.89 1.88 31.55
CA ILE B 665 14.58 2.52 31.71
C ILE B 665 13.79 2.63 30.39
N ALA B 666 12.51 2.29 30.44
CA ALA B 666 11.64 2.41 29.26
C ALA B 666 10.44 3.30 29.55
N ALA B 667 9.82 3.77 28.47
CA ALA B 667 8.68 4.66 28.59
C ALA B 667 7.78 4.38 27.41
N ARG B 668 6.49 4.18 27.69
CA ARG B 668 5.48 4.00 26.67
C ARG B 668 4.55 5.20 26.82
N TYR B 669 4.29 5.90 25.73
CA TYR B 669 3.43 7.08 25.80
C TYR B 669 2.19 6.87 24.93
N GLN B 670 1.08 7.41 25.40
CA GLN B 670 -0.17 7.24 24.68
C GLN B 670 -0.87 8.58 24.55
N LEU B 671 -1.10 9.01 23.32
CA LEU B 671 -1.67 10.34 23.10
C LEU B 671 -3.14 10.39 23.56
N LEU B 672 -3.98 9.55 22.95
CA LEU B 672 -5.40 9.50 23.31
C LEU B 672 -5.73 8.18 24.00
N ASN B 673 -6.46 8.24 25.12
CA ASN B 673 -6.92 7.03 25.78
C ASN B 673 -8.16 6.55 25.06
N HIS B 674 -8.36 5.24 24.98
CA HIS B 674 -9.56 4.69 24.35
C HIS B 674 -10.22 3.67 25.29
N PRO B 675 -11.57 3.67 25.32
CA PRO B 675 -12.35 2.89 26.27
C PRO B 675 -12.37 1.41 25.88
N ASN B 676 -12.64 0.54 26.86
CA ASN B 676 -12.76 -0.90 26.60
C ASN B 676 -11.62 -1.43 25.73
N ALA B 677 -10.39 -1.15 26.14
CA ALA B 677 -9.23 -1.37 25.28
C ALA B 677 -8.68 -2.79 25.29
N PRO B 678 -7.98 -3.16 24.21
CA PRO B 678 -7.22 -4.41 24.26
C PRO B 678 -6.24 -4.33 25.42
N TYR B 679 -5.77 -5.48 25.88
CA TYR B 679 -4.74 -5.53 26.89
C TYR B 679 -3.47 -4.95 26.29
N THR B 680 -2.64 -4.33 27.11
CA THR B 680 -1.39 -3.80 26.61
C THR B 680 -0.27 -4.79 26.85
N ARG B 681 0.56 -5.01 25.85
CA ARG B 681 1.77 -5.77 26.09
C ARG B 681 2.98 -5.01 25.59
N PHE B 682 3.91 -4.72 26.48
CA PHE B 682 5.08 -3.95 26.13
C PHE B 682 6.29 -4.85 25.90
N TYR B 683 6.97 -4.71 24.76
CA TYR B 683 8.14 -5.55 24.50
C TYR B 683 9.47 -4.85 24.74
N PHE B 684 10.22 -5.30 25.74
CA PHE B 684 11.50 -4.68 26.06
C PHE B 684 12.55 -5.08 25.04
N LYS B 685 13.52 -4.19 24.81
CA LYS B 685 14.64 -4.53 23.94
C LYS B 685 15.95 -4.51 24.72
N GLY B 686 16.97 -5.19 24.17
CA GLY B 686 18.34 -5.00 24.61
C GLY B 686 18.76 -5.50 25.98
N LEU B 687 17.89 -6.23 26.68
CA LEU B 687 18.27 -6.91 27.90
C LEU B 687 19.05 -8.20 27.60
N ARG B 688 19.71 -8.77 28.61
CA ARG B 688 20.34 -10.09 28.46
C ARG B 688 19.31 -11.20 28.75
N PRO B 689 19.20 -12.15 27.82
CA PRO B 689 18.16 -13.19 27.85
C PRO B 689 18.15 -14.03 29.13
N ASN B 690 19.32 -14.34 29.67
CA ASN B 690 19.41 -15.27 30.79
C ASN B 690 19.64 -14.58 32.13
N GLN B 691 19.39 -13.29 32.15
CA GLN B 691 19.56 -12.44 33.31
C GLN B 691 18.19 -12.12 33.91
N ARG B 692 18.07 -12.19 35.24
CA ARG B 692 16.80 -11.94 35.92
C ARG B 692 16.67 -10.46 36.30
N TYR B 693 15.50 -9.85 36.08
CA TYR B 693 15.30 -8.41 36.27
C TYR B 693 14.10 -8.11 37.16
N GLN B 694 14.07 -6.92 37.74
CA GLN B 694 12.86 -6.43 38.41
C GLN B 694 12.36 -5.19 37.73
N ILE B 695 11.05 -5.01 37.77
CA ILE B 695 10.43 -3.85 37.15
C ILE B 695 9.48 -2.89 37.88
N ASN B 696 10.02 -1.73 38.22
CA ASN B 696 9.33 -0.80 39.08
C ASN B 696 9.06 -1.71 40.27
N ASP B 697 7.89 -1.51 40.88
CA ASP B 697 7.52 -2.08 42.19
C ASP B 697 6.86 -3.47 42.07
N ASP B 698 6.94 -4.07 40.89
CA ASP B 698 6.48 -5.44 40.71
C ASP B 698 7.38 -6.36 41.55
N PRO B 699 6.77 -7.29 42.29
CA PRO B 699 7.54 -8.19 43.16
C PRO B 699 8.17 -9.40 42.46
N SER B 700 7.71 -9.73 41.26
CA SER B 700 8.24 -10.90 40.56
C SER B 700 9.60 -10.59 39.93
N THR B 701 10.30 -11.62 39.50
CA THR B 701 11.53 -11.42 38.78
C THR B 701 11.43 -12.14 37.43
N TYR B 702 11.81 -11.44 36.37
CA TYR B 702 11.63 -11.92 35.01
C TYR B 702 12.95 -12.10 34.32
N TYR B 703 13.07 -13.21 33.61
CA TYR B 703 14.20 -13.43 32.74
C TYR B 703 14.17 -12.46 31.57
N GLY B 704 15.34 -12.05 31.12
CA GLY B 704 15.44 -11.21 29.95
C GLY B 704 14.59 -11.69 28.79
N ASP B 705 14.61 -12.99 28.53
CA ASP B 705 13.84 -13.46 27.39
C ASP B 705 12.30 -13.41 27.55
N GLU B 706 11.78 -13.54 28.76
CA GLU B 706 10.33 -13.31 28.97
C GLU B 706 9.97 -11.89 28.53
N LEU B 707 10.79 -10.94 28.96
CA LEU B 707 10.48 -9.53 28.80
C LEU B 707 10.58 -9.09 27.36
N MSE B 708 11.37 -9.82 26.57
CA MSE B 708 11.63 -9.40 25.20
C MSE B 708 10.79 -10.16 24.21
O MSE B 708 10.44 -9.64 23.14
CB MSE B 708 13.11 -9.57 24.87
CG MSE B 708 14.00 -8.50 25.44
SE MSE B 708 15.87 -8.77 24.85
CE MSE B 708 16.38 -10.32 25.94
N ASN B 709 10.45 -11.39 24.56
CA ASN B 709 9.81 -12.28 23.61
C ASN B 709 8.32 -12.40 23.86
N ALA B 710 7.94 -12.42 25.13
CA ALA B 710 6.55 -12.59 25.49
C ALA B 710 5.95 -11.23 25.81
N GLY B 711 6.82 -10.30 26.20
CA GLY B 711 6.37 -8.98 26.59
C GLY B 711 5.94 -8.91 28.04
N TYR B 712 5.56 -7.71 28.48
CA TYR B 712 5.23 -7.47 29.87
C TYR B 712 3.86 -6.82 29.89
N PHE B 713 2.93 -7.42 30.62
CA PHE B 713 1.58 -6.92 30.62
C PHE B 713 1.44 -5.64 31.41
N VAL B 714 0.94 -4.58 30.77
CA VAL B 714 0.80 -3.27 31.41
C VAL B 714 -0.67 -2.97 31.69
N PRO B 715 -0.99 -2.51 32.91
CA PRO B 715 -2.41 -2.33 33.24
C PRO B 715 -3.10 -1.28 32.34
N THR B 716 -4.40 -1.48 32.08
CA THR B 716 -5.17 -0.49 31.37
C THR B 716 -5.04 0.88 32.03
N ILE B 717 -5.15 1.92 31.21
CA ILE B 717 -5.19 3.28 31.69
C ILE B 717 -6.63 3.63 32.00
N LEU B 718 -6.94 3.79 33.28
CA LEU B 718 -8.31 3.96 33.72
C LEU B 718 -8.66 5.41 34.03
N ALA B 719 -9.90 5.79 33.74
CA ALA B 719 -10.45 7.05 34.17
C ALA B 719 -10.65 7.02 35.69
N ASP B 720 -10.32 8.12 36.33
CA ASP B 720 -10.41 8.21 37.79
C ASP B 720 -11.22 9.43 38.20
N GLY B 721 -11.85 10.08 37.21
CA GLY B 721 -12.65 11.27 37.46
C GLY B 721 -11.87 12.48 37.92
N GLN B 722 -10.55 12.38 37.96
CA GLN B 722 -9.72 13.45 38.52
C GLN B 722 -8.87 14.13 37.46
N GLU B 723 -8.11 13.35 36.70
CA GLU B 723 -7.33 13.93 35.62
C GLU B 723 -7.69 13.34 34.25
N SER B 724 -7.45 14.11 33.19
CA SER B 724 -7.49 13.60 31.83
C SER B 724 -6.60 12.37 31.76
N LYS B 725 -6.95 11.42 30.93
CA LYS B 725 -6.04 10.30 30.75
C LYS B 725 -5.33 10.31 29.40
N ASP B 726 -5.39 11.46 28.73
CA ASP B 726 -4.65 11.67 27.48
C ASP B 726 -3.19 12.07 27.76
N PHE B 727 -2.32 11.80 26.79
CA PHE B 727 -0.90 12.10 26.91
C PHE B 727 -0.39 11.48 28.20
N TYR B 728 -0.52 10.16 28.25
CA TYR B 728 -0.21 9.36 29.44
C TYR B 728 1.14 8.67 29.27
N THR B 729 1.90 8.64 30.36
CA THR B 729 3.22 8.02 30.39
C THR B 729 3.27 6.80 31.32
N GLN B 730 3.82 5.70 30.81
CA GLN B 730 4.09 4.53 31.61
C GLN B 730 5.60 4.29 31.62
N LEU B 731 6.21 4.43 32.79
CA LEU B 731 7.65 4.39 32.92
C LEU B 731 8.08 3.08 33.56
N PHE B 732 9.08 2.41 33.00
CA PHE B 732 9.52 1.14 33.56
C PHE B 732 11.00 1.22 33.85
N VAL B 733 11.35 1.25 35.14
CA VAL B 733 12.73 1.16 35.61
C VAL B 733 13.09 -0.34 35.77
N VAL B 734 14.09 -0.80 35.02
CA VAL B 734 14.39 -2.22 34.87
C VAL B 734 15.79 -2.52 35.38
N THR B 735 15.88 -3.30 36.45
CA THR B 735 17.12 -3.50 37.21
C THR B 735 17.47 -4.96 37.39
N ALA B 736 18.73 -5.34 37.15
CA ALA B 736 19.12 -6.70 37.45
C ALA B 736 19.12 -7.00 38.97
N ILE B 737 18.68 -8.21 39.31
CA ILE B 737 18.75 -8.80 40.65
C ILE B 737 20.15 -8.79 41.29
N SER C 2 -13.65 32.82 -21.33
CA SER C 2 -12.71 33.88 -21.66
C SER C 2 -11.94 34.40 -20.44
N ILE C 3 -11.17 35.48 -20.65
CA ILE C 3 -10.29 36.04 -19.64
C ILE C 3 -10.90 37.27 -19.04
N HIS C 4 -10.96 37.33 -17.73
CA HIS C 4 -11.60 38.47 -17.09
C HIS C 4 -10.59 39.16 -16.23
N VAL C 5 -10.40 40.45 -16.51
CA VAL C 5 -9.50 41.29 -15.73
C VAL C 5 -10.33 42.31 -14.98
N ASN C 6 -10.16 42.36 -13.66
CA ASN C 6 -10.79 43.38 -12.84
C ASN C 6 -9.75 44.45 -12.49
N GLU C 7 -9.72 45.53 -13.26
CA GLU C 7 -8.71 46.56 -13.10
C GLU C 7 -8.66 47.22 -11.70
N ALA C 8 -9.81 47.38 -11.07
CA ALA C 8 -9.84 48.02 -9.75
C ALA C 8 -8.95 47.31 -8.72
N ASN C 9 -8.94 45.98 -8.79
CA ASN C 9 -8.23 45.16 -7.81
C ASN C 9 -7.08 44.41 -8.44
N LEU C 10 -6.96 44.56 -9.75
CA LEU C 10 -5.93 43.84 -10.48
C LEU C 10 -6.08 42.33 -10.31
N THR C 11 -7.32 41.86 -10.37
CA THR C 11 -7.64 40.44 -10.35
C THR C 11 -7.72 39.85 -11.74
N PHE C 12 -6.95 38.80 -11.97
CA PHE C 12 -6.89 38.14 -13.26
C PHE C 12 -7.46 36.75 -13.13
N HIS C 13 -8.51 36.49 -13.92
CA HIS C 13 -9.32 35.30 -13.79
C HIS C 13 -9.49 34.69 -15.18
N LEU C 14 -8.71 33.68 -15.49
CA LEU C 14 -8.82 33.00 -16.76
C LEU C 14 -9.86 31.90 -16.62
N GLN C 15 -10.85 31.89 -17.50
CA GLN C 15 -11.89 30.85 -17.49
C GLN C 15 -11.94 30.07 -18.79
N THR C 16 -11.69 28.76 -18.71
CA THR C 16 -11.97 27.90 -19.85
C THR C 16 -13.40 27.42 -19.71
N ASP C 17 -13.79 26.48 -20.55
CA ASP C 17 -15.12 25.87 -20.46
C ASP C 17 -15.39 25.23 -19.08
N HIS C 18 -14.39 24.59 -18.48
CA HIS C 18 -14.59 23.92 -17.20
C HIS C 18 -13.61 24.30 -16.08
N THR C 19 -12.67 25.20 -16.36
CA THR C 19 -11.61 25.49 -15.40
C THR C 19 -11.41 26.98 -15.17
N SER C 20 -10.98 27.35 -13.96
CA SER C 20 -10.62 28.72 -13.61
C SER C 20 -9.17 28.73 -13.21
N TYR C 21 -8.41 29.72 -13.67
CA TYR C 21 -7.03 29.92 -13.21
C TYR C 21 -6.90 31.37 -12.83
N ILE C 22 -6.86 31.64 -11.52
CA ILE C 22 -6.93 33.03 -11.00
C ILE C 22 -5.66 33.50 -10.27
N PHE C 23 -5.22 34.72 -10.59
CA PHE C 23 -4.14 35.36 -9.82
C PHE C 23 -4.41 36.84 -9.59
N GLN C 24 -3.51 37.48 -8.83
CA GLN C 24 -3.72 38.85 -8.41
C GLN C 24 -2.38 39.51 -8.18
N ILE C 25 -2.31 40.81 -8.43
CA ILE C 25 -1.12 41.58 -8.16
C ILE C 25 -1.25 42.03 -6.71
N MSE C 26 -0.13 42.08 -5.99
CA MSE C 26 -0.23 42.34 -4.56
C MSE C 26 0.50 43.55 -4.02
O MSE C 26 1.14 44.31 -4.76
CB MSE C 26 0.18 41.08 -3.79
CG MSE C 26 -0.73 39.91 -4.13
SE MSE C 26 -0.25 38.29 -3.21
CE MSE C 26 1.58 38.03 -3.82
N LYS C 27 0.40 43.72 -2.73
CA LYS C 27 0.94 44.88 -2.05
C LYS C 27 2.41 45.06 -2.44
N ASN C 28 3.10 43.97 -2.74
CA ASN C 28 4.51 44.07 -3.06
C ASN C 28 4.75 44.14 -4.55
N GLY C 29 3.64 44.21 -5.30
CA GLY C 29 3.67 44.31 -6.75
C GLY C 29 3.96 43.03 -7.50
N GLU C 30 4.06 41.90 -6.79
CA GLU C 30 4.25 40.61 -7.46
C GLU C 30 2.92 39.89 -7.71
N ALA C 31 2.97 38.91 -8.61
CA ALA C 31 1.78 38.12 -8.91
C ALA C 31 1.66 36.95 -7.96
N GLY C 32 0.53 36.91 -7.26
CA GLY C 32 0.17 35.83 -6.35
C GLY C 32 -0.99 34.98 -6.85
N GLN C 33 -0.77 33.67 -6.90
CA GLN C 33 -1.74 32.73 -7.41
C GLN C 33 -2.89 32.59 -6.41
N ILE C 34 -4.12 32.57 -6.92
CA ILE C 34 -5.29 32.45 -6.07
C ILE C 34 -5.93 31.07 -6.15
N TYR C 35 -6.21 30.62 -7.37
CA TYR C 35 -6.87 29.33 -7.54
C TYR C 35 -6.66 28.75 -8.92
N TYR C 36 -6.53 27.44 -9.00
CA TYR C 36 -6.55 26.76 -10.29
C TYR C 36 -7.30 25.45 -10.12
N GLY C 37 -8.35 25.26 -10.90
CA GLY C 37 -9.21 24.09 -10.75
C GLY C 37 -10.52 24.20 -11.51
N PRO C 38 -11.55 23.47 -11.04
CA PRO C 38 -12.90 23.50 -11.61
C PRO C 38 -13.43 24.91 -11.64
N ARG C 39 -14.05 25.28 -12.75
CA ARG C 39 -14.47 26.65 -12.95
C ARG C 39 -15.21 27.17 -11.73
N ILE C 40 -14.93 28.42 -11.37
CA ILE C 40 -15.73 29.09 -10.36
C ILE C 40 -16.09 30.47 -10.87
N HIS C 41 -17.05 31.11 -10.21
CA HIS C 41 -17.61 32.41 -10.61
C HIS C 41 -16.66 33.57 -10.49
N VAL C 42 -16.65 34.41 -11.52
CA VAL C 42 -15.90 35.67 -11.47
C VAL C 42 -16.37 36.60 -10.36
N GLN C 43 -15.43 36.94 -9.49
CA GLN C 43 -15.65 37.90 -8.44
C GLN C 43 -14.60 38.97 -8.63
N PRO C 44 -14.90 40.21 -8.19
CA PRO C 44 -13.92 41.30 -8.27
C PRO C 44 -12.69 41.00 -7.43
N THR C 45 -12.86 40.25 -6.35
CA THR C 45 -11.73 39.94 -5.49
C THR C 45 -12.00 38.67 -4.64
N TYR C 46 -10.94 38.05 -4.14
CA TYR C 46 -11.10 36.88 -3.29
C TYR C 46 -10.42 37.04 -1.93
N GLN C 47 -10.92 37.94 -1.08
CA GLN C 47 -10.22 38.21 0.18
C GLN C 47 -10.03 36.93 0.97
N ASN C 48 -11.10 36.16 1.11
CA ASN C 48 -11.02 34.86 1.76
C ASN C 48 -9.84 34.03 1.28
N LEU C 49 -9.88 33.63 0.03
CA LEU C 49 -8.82 32.83 -0.56
C LEU C 49 -7.44 33.45 -0.43
N MSE C 50 -7.37 34.71 -0.01
CA MSE C 50 -6.11 35.42 -0.01
C MSE C 50 -5.69 35.78 1.42
O MSE C 50 -4.70 36.50 1.63
CB MSE C 50 -6.17 36.68 -0.88
CG MSE C 50 -5.93 36.42 -2.37
SE MSE C 50 -4.28 35.42 -2.75
CE MSE C 50 -3.65 36.49 -4.26
N SER C 51 -6.44 35.26 2.38
CA SER C 51 -6.16 35.45 3.80
C SER C 51 -4.72 35.14 4.11
N GLN C 52 -4.11 35.98 4.93
CA GLN C 52 -2.73 35.80 5.36
C GLN C 52 -2.65 35.75 6.88
N GLU C 53 -1.86 34.80 7.39
CA GLU C 53 -1.65 34.67 8.83
C GLU C 53 -0.18 34.52 9.17
N TRP C 54 0.22 35.19 10.25
CA TRP C 54 1.57 35.10 10.79
C TRP C 54 2.07 33.67 11.06
N ARG C 55 3.26 33.36 10.57
CA ARG C 55 4.01 32.16 10.95
C ARG C 55 5.43 32.53 11.42
N ASP C 56 5.90 31.89 12.49
CA ASP C 56 7.22 32.21 13.05
C ASP C 56 8.38 31.68 12.19
N ALA C 57 9.57 32.24 12.41
CA ALA C 57 10.84 31.81 11.80
C ALA C 57 10.90 31.93 10.28
N THR C 58 10.27 32.98 9.74
CA THR C 58 10.28 33.24 8.31
C THR C 58 10.23 34.76 8.06
N PRO C 59 11.00 35.24 7.07
CA PRO C 59 11.10 36.65 6.69
C PRO C 59 9.77 37.27 6.30
N SER C 60 9.63 38.57 6.51
CA SER C 60 8.41 39.31 6.22
C SER C 60 8.72 40.46 5.26
N LEU C 61 7.76 40.83 4.42
CA LEU C 61 7.92 41.95 3.48
C LEU C 61 8.65 43.16 4.10
N ASN C 62 8.10 43.65 5.22
CA ASN C 62 8.66 44.77 5.96
C ASN C 62 7.95 44.98 7.31
N GLU C 63 8.47 45.92 8.11
CA GLU C 63 7.94 46.13 9.46
C GLU C 63 6.47 46.49 9.52
N GLU C 64 5.95 46.97 8.40
CA GLU C 64 4.56 47.40 8.29
C GLU C 64 3.65 46.24 7.87
N ASN C 65 4.25 45.16 7.41
CA ASN C 65 3.49 44.00 6.96
C ASN C 65 4.05 42.70 7.50
N PRO C 66 4.08 42.54 8.84
CA PRO C 66 4.65 41.33 9.43
C PRO C 66 4.05 40.06 8.82
N ASN C 67 2.78 40.13 8.43
CA ASN C 67 2.03 38.95 8.00
C ASN C 67 2.23 38.62 6.54
N PHE C 68 2.81 39.55 5.80
CA PHE C 68 3.14 39.29 4.42
C PHE C 68 4.45 38.52 4.39
N GLN C 69 4.38 37.23 4.11
CA GLN C 69 5.54 36.35 4.18
C GLN C 69 5.60 35.45 2.96
N PRO C 70 6.57 35.68 2.08
CA PRO C 70 6.64 34.92 0.82
C PRO C 70 6.57 33.41 1.04
N ALA C 71 7.02 32.92 2.18
CA ALA C 71 7.03 31.48 2.44
C ALA C 71 5.63 30.88 2.45
N THR C 72 4.64 31.72 2.71
CA THR C 72 3.27 31.25 2.79
C THR C 72 2.37 31.79 1.67
N ILE C 73 2.96 32.17 0.54
CA ILE C 73 2.19 32.84 -0.50
C ILE C 73 2.39 32.19 -1.85
N LYS C 74 1.29 31.79 -2.48
CA LYS C 74 1.34 31.12 -3.77
C LYS C 74 1.71 32.15 -4.84
N ALA C 75 2.65 31.76 -5.69
CA ALA C 75 3.31 32.71 -6.55
C ALA C 75 3.22 32.25 -8.00
N GLU C 76 3.03 33.21 -8.90
CA GLU C 76 2.99 32.92 -10.32
C GLU C 76 4.38 32.66 -10.88
N TYR C 77 5.35 33.47 -10.47
CA TYR C 77 6.72 33.43 -11.01
C TYR C 77 7.69 34.01 -9.97
N ALA C 78 8.26 33.14 -9.14
CA ALA C 78 9.03 33.58 -7.97
C ALA C 78 10.55 33.59 -8.12
N SER C 79 11.18 34.49 -7.37
CA SER C 79 12.62 34.61 -7.34
C SER C 79 13.14 34.05 -6.04
N LEU C 80 14.42 33.72 -6.01
CA LEU C 80 15.07 33.37 -4.76
C LEU C 80 15.76 34.60 -4.17
N GLY C 81 15.62 34.80 -2.88
CA GLY C 81 16.29 35.88 -2.21
C GLY C 81 15.40 36.93 -1.57
N LYS C 82 14.09 36.81 -1.75
CA LYS C 82 13.17 37.81 -1.17
C LYS C 82 12.35 37.29 0.02
N GLY C 83 12.62 36.08 0.48
CA GLY C 83 11.96 35.55 1.65
C GLY C 83 11.33 34.20 1.37
N ASP C 84 11.34 33.84 0.09
CA ASP C 84 10.90 32.53 -0.39
C ASP C 84 12.12 31.68 -0.64
N PHE C 85 12.20 30.51 0.01
CA PHE C 85 13.35 29.61 -0.19
C PHE C 85 12.98 28.36 -0.96
N ARG C 86 11.77 28.32 -1.50
CA ARG C 86 11.43 27.31 -2.48
C ARG C 86 12.20 27.57 -3.76
N GLN C 87 12.39 26.52 -4.55
CA GLN C 87 13.04 26.66 -5.83
C GLN C 87 12.27 27.70 -6.63
N PRO C 88 13.02 28.58 -7.31
CA PRO C 88 12.47 29.72 -8.07
C PRO C 88 12.22 29.38 -9.55
N ALA C 89 11.42 30.23 -10.20
CA ALA C 89 11.18 30.11 -11.64
C ALA C 89 12.28 30.76 -12.51
N PHE C 90 13.02 31.72 -11.94
CA PHE C 90 14.12 32.36 -12.67
C PHE C 90 15.16 32.86 -11.70
N GLN C 91 16.31 33.23 -12.24
CA GLN C 91 17.34 33.89 -11.46
C GLN C 91 18.11 34.85 -12.35
N VAL C 92 18.38 36.07 -11.88
CA VAL C 92 19.17 37.02 -12.68
C VAL C 92 20.39 37.62 -11.95
N THR C 93 21.57 37.33 -12.47
CA THR C 93 22.85 37.84 -11.95
C THR C 93 23.26 39.20 -12.57
N GLN C 94 23.52 40.21 -11.74
CA GLN C 94 24.03 41.48 -12.24
C GLN C 94 25.57 41.53 -12.37
N ALA C 95 26.08 42.62 -12.94
CA ALA C 95 27.53 42.75 -13.16
C ALA C 95 28.25 42.72 -11.80
N ASN C 96 27.56 43.17 -10.76
CA ASN C 96 28.13 43.16 -9.41
C ASN C 96 28.02 41.82 -8.67
N GLY C 97 27.53 40.78 -9.36
CA GLY C 97 27.45 39.44 -8.79
C GLY C 97 26.16 39.11 -8.05
N SER C 98 25.43 40.14 -7.65
CA SER C 98 24.18 40.02 -6.93
C SER C 98 23.07 39.35 -7.77
N ARG C 99 22.12 38.72 -7.09
CA ARG C 99 21.15 37.84 -7.75
C ARG C 99 19.74 38.13 -7.33
N ILE C 100 19.51 39.33 -6.82
CA ILE C 100 18.20 39.73 -6.34
C ILE C 100 17.36 40.33 -7.45
N THR C 101 16.05 40.12 -7.39
CA THR C 101 15.11 40.66 -8.39
C THR C 101 13.80 41.07 -7.74
N GLU C 102 13.41 42.32 -7.91
CA GLU C 102 12.17 42.79 -7.32
C GLU C 102 11.16 43.22 -8.36
N LEU C 103 10.52 42.23 -8.98
CA LEU C 103 9.52 42.49 -10.02
C LEU C 103 8.38 43.33 -9.49
N THR C 104 7.94 44.28 -10.30
CA THR C 104 6.80 45.11 -9.97
C THR C 104 5.86 45.19 -11.16
N TYR C 105 4.57 45.04 -10.87
CA TYR C 105 3.57 45.04 -11.90
C TYR C 105 3.55 46.40 -12.58
N ASP C 106 3.46 46.42 -13.91
CA ASP C 106 3.31 47.70 -14.59
C ASP C 106 1.99 47.83 -15.34
N HIS C 107 1.81 46.99 -16.33
CA HIS C 107 0.60 47.07 -17.13
C HIS C 107 0.17 45.69 -17.62
N TYR C 108 -1.00 45.61 -18.21
CA TYR C 108 -1.39 44.37 -18.87
C TYR C 108 -1.94 44.64 -20.26
N GLN C 109 -2.01 43.58 -21.04
CA GLN C 109 -2.48 43.63 -22.40
C GLN C 109 -3.32 42.37 -22.68
N LEU C 110 -4.50 42.53 -23.28
CA LEU C 110 -5.40 41.39 -23.59
C LEU C 110 -5.68 41.28 -25.08
N LEU C 111 -5.04 40.34 -25.75
CA LEU C 111 -5.18 40.24 -27.19
C LEU C 111 -6.22 39.19 -27.58
N THR C 112 -6.73 39.25 -28.79
CA THR C 112 -7.55 38.15 -29.30
C THR C 112 -6.67 37.20 -30.10
N GLY C 113 -6.96 35.91 -29.99
CA GLY C 113 -6.21 34.92 -30.71
C GLY C 113 -4.91 34.52 -30.04
N LYS C 114 -3.95 34.08 -30.85
CA LYS C 114 -2.66 33.62 -30.37
C LYS C 114 -1.69 33.48 -31.54
N GLN C 115 -0.60 34.22 -31.48
CA GLN C 115 0.44 34.21 -32.51
C GLN C 115 1.55 33.26 -32.12
N ARG C 116 2.17 32.62 -33.11
CA ARG C 116 3.31 31.74 -32.87
C ARG C 116 4.42 32.62 -32.34
N LEU C 117 5.32 32.05 -31.56
CA LEU C 117 6.53 32.77 -31.18
C LEU C 117 7.46 32.86 -32.41
N ALA C 118 8.30 33.89 -32.45
CA ALA C 118 9.13 34.11 -33.64
C ALA C 118 9.99 32.91 -34.06
N ASN C 119 10.68 32.29 -33.12
CA ASN C 119 11.71 31.33 -33.52
C ASN C 119 11.62 29.97 -32.88
N LEU C 120 10.58 29.79 -32.07
CA LEU C 120 10.34 28.51 -31.42
C LEU C 120 9.07 27.85 -31.94
N PRO C 121 9.05 26.52 -31.94
CA PRO C 121 7.74 25.86 -32.06
C PRO C 121 6.83 26.49 -31.04
N SER C 122 5.54 26.61 -31.34
CA SER C 122 4.60 27.23 -30.40
C SER C 122 3.14 26.96 -30.74
N THR C 123 2.23 27.68 -30.09
CA THR C 123 0.81 27.43 -30.21
C THR C 123 0.09 28.61 -30.84
N PHE C 124 -1.05 28.32 -31.47
CA PHE C 124 -1.70 29.31 -32.30
C PHE C 124 -3.17 28.99 -32.45
N ASP C 125 -3.96 30.05 -32.64
CA ASP C 125 -5.35 29.92 -33.07
C ASP C 125 -5.53 30.42 -34.52
N ASP C 126 -5.43 29.52 -35.49
CA ASP C 126 -5.66 29.92 -36.88
C ASP C 126 -7.07 29.51 -37.30
N THR C 127 -7.94 29.28 -36.33
CA THR C 127 -9.21 28.64 -36.64
C THR C 127 -10.39 29.11 -35.79
N ASP C 128 -10.35 30.34 -35.31
CA ASP C 128 -11.52 30.95 -34.67
C ASP C 128 -12.00 30.18 -33.42
N ASP C 129 -11.05 29.66 -32.63
CA ASP C 129 -11.34 28.73 -31.54
C ASP C 129 -11.51 29.45 -30.21
N ASP C 130 -11.65 30.76 -30.28
CA ASP C 130 -11.86 31.55 -29.09
C ASP C 130 -10.63 31.65 -28.17
N ALA C 131 -9.44 31.50 -28.74
CA ALA C 131 -8.22 31.76 -27.97
C ALA C 131 -8.14 33.25 -27.59
N GLN C 132 -7.53 33.54 -26.44
CA GLN C 132 -7.22 34.92 -26.06
C GLN C 132 -5.79 34.94 -25.52
N THR C 133 -5.19 36.12 -25.40
CA THR C 133 -3.82 36.19 -24.88
C THR C 133 -3.59 37.31 -23.91
N LEU C 134 -3.12 36.96 -22.72
CA LEU C 134 -2.87 37.91 -21.66
C LEU C 134 -1.38 38.08 -21.41
N VAL C 135 -0.92 39.31 -21.48
CA VAL C 135 0.45 39.59 -21.15
C VAL C 135 0.42 40.49 -19.92
N VAL C 136 1.01 40.00 -18.83
CA VAL C 136 1.15 40.80 -17.64
C VAL C 136 2.60 41.24 -17.62
N SER C 137 2.87 42.55 -17.50
CA SER C 137 4.23 43.05 -17.61
C SER C 137 4.82 43.58 -16.30
N PHE C 138 6.06 43.22 -16.03
CA PHE C 138 6.69 43.65 -14.80
C PHE C 138 7.99 44.41 -15.08
N ASN C 139 8.37 45.29 -14.15
CA ASN C 139 9.70 45.86 -14.13
C ASN C 139 10.43 45.50 -12.85
N ASP C 140 11.67 45.02 -12.97
CA ASP C 140 12.57 44.90 -11.83
C ASP C 140 12.93 46.30 -11.31
N ARG C 141 12.67 46.56 -10.03
CA ARG C 141 13.09 47.83 -9.43
C ARG C 141 14.60 47.96 -9.34
N ILE C 142 15.28 46.85 -9.13
CA ILE C 142 16.71 46.88 -9.00
C ILE C 142 17.41 47.17 -10.32
N THR C 143 17.21 46.31 -11.33
CA THR C 143 17.96 46.41 -12.59
C THR C 143 17.29 47.14 -13.77
N GLY C 144 15.99 47.38 -13.71
CA GLY C 144 15.26 47.91 -14.84
C GLY C 144 14.86 46.86 -15.87
N LEU C 145 15.15 45.59 -15.59
CA LEU C 145 14.75 44.53 -16.47
C LEU C 145 13.22 44.39 -16.52
N ALA C 146 12.69 44.19 -17.72
CA ALA C 146 11.25 44.02 -17.92
C ALA C 146 10.89 42.53 -18.12
N LEU C 147 9.80 42.09 -17.50
CA LEU C 147 9.35 40.71 -17.68
C LEU C 147 7.89 40.67 -18.10
N ASP C 148 7.63 39.89 -19.15
CA ASP C 148 6.27 39.68 -19.64
C ASP C 148 5.91 38.21 -19.39
N LEU C 149 4.96 37.99 -18.49
CA LEU C 149 4.38 36.66 -18.30
C LEU C 149 3.21 36.55 -19.26
N ASN C 150 3.17 35.45 -20.00
CA ASN C 150 2.16 35.26 -21.05
C ASN C 150 1.21 34.11 -20.74
N TYR C 151 -0.08 34.40 -20.71
CA TYR C 151 -1.10 33.34 -20.56
C TYR C 151 -2.08 33.37 -21.74
N SER C 152 -2.07 32.31 -22.55
CA SER C 152 -2.99 32.18 -23.66
C SER C 152 -4.05 31.17 -23.31
N ILE C 153 -5.32 31.55 -23.42
CA ILE C 153 -6.40 30.65 -23.05
C ILE C 153 -6.98 29.95 -24.27
N PHE C 154 -7.28 28.67 -24.11
CA PHE C 154 -7.91 27.86 -25.15
C PHE C 154 -9.08 27.15 -24.49
N PRO C 155 -10.24 27.81 -24.42
CA PRO C 155 -11.33 27.43 -23.49
C PRO C 155 -11.99 26.11 -23.83
N HIS C 156 -12.00 25.75 -25.11
CA HIS C 156 -12.76 24.58 -25.51
C HIS C 156 -11.98 23.30 -25.32
N GLN C 157 -10.68 23.42 -25.05
CA GLN C 157 -9.88 22.25 -24.73
C GLN C 157 -9.41 22.29 -23.27
N ASP C 158 -9.75 23.35 -22.57
CA ASP C 158 -9.43 23.47 -21.15
C ASP C 158 -7.92 23.51 -20.95
N VAL C 159 -7.26 24.10 -21.93
CA VAL C 159 -5.83 24.25 -21.93
C VAL C 159 -5.44 25.71 -21.72
N ILE C 160 -4.34 25.93 -21.03
CA ILE C 160 -3.77 27.24 -20.85
C ILE C 160 -2.29 27.16 -21.25
N VAL C 161 -1.83 28.08 -22.08
CA VAL C 161 -0.43 28.07 -22.49
C VAL C 161 0.30 29.22 -21.83
N LYS C 162 1.51 28.95 -21.34
CA LYS C 162 2.26 29.96 -20.59
C LYS C 162 3.69 30.08 -21.04
N SER C 163 4.23 31.28 -20.87
CA SER C 163 5.65 31.52 -21.12
C SER C 163 6.10 32.84 -20.47
N ALA C 164 7.42 33.05 -20.41
CA ALA C 164 7.94 34.33 -19.95
C ALA C 164 8.79 34.91 -21.05
N LYS C 165 8.73 36.24 -21.21
CA LYS C 165 9.68 36.98 -22.06
C LYS C 165 10.48 38.02 -21.28
N PHE C 166 11.81 37.91 -21.35
CA PHE C 166 12.70 38.85 -20.68
C PHE C 166 13.23 39.88 -21.67
N THR C 167 13.14 41.15 -21.29
CA THR C 167 13.69 42.22 -22.09
C THR C 167 14.58 43.08 -21.20
N ASN C 168 15.78 43.35 -21.67
CA ASN C 168 16.73 44.17 -20.91
C ASN C 168 16.80 45.61 -21.42
N PRO C 169 15.96 46.50 -20.88
CA PRO C 169 16.03 47.87 -21.39
C PRO C 169 17.22 48.60 -20.81
N SER C 170 17.92 48.00 -19.87
CA SER C 170 18.94 48.74 -19.14
C SER C 170 20.19 48.91 -19.99
N SER C 171 21.19 49.60 -19.43
CA SER C 171 22.45 49.78 -20.12
C SER C 171 23.51 48.81 -19.60
N GLU C 172 23.11 47.93 -18.69
CA GLU C 172 24.04 46.98 -18.09
C GLU C 172 23.77 45.54 -18.48
N LYS C 173 24.82 44.73 -18.54
CA LYS C 173 24.71 43.32 -18.88
C LYS C 173 23.98 42.57 -17.80
N LEU C 174 23.07 41.70 -18.20
CA LEU C 174 22.38 40.85 -17.24
C LEU C 174 22.55 39.42 -17.65
N VAL C 175 22.52 38.51 -16.68
CA VAL C 175 22.59 37.10 -16.98
C VAL C 175 21.40 36.32 -16.42
N LEU C 176 20.70 35.63 -17.31
CA LEU C 176 19.66 34.68 -16.91
C LEU C 176 20.27 33.33 -16.53
N ASN C 177 20.24 32.98 -15.24
CA ASN C 177 20.82 31.72 -14.79
C ASN C 177 19.81 30.60 -14.89
N ARG C 178 18.55 31.00 -14.83
CA ARG C 178 17.42 30.11 -14.76
C ARG C 178 16.21 30.84 -15.36
N ALA C 179 15.62 30.27 -16.42
CA ALA C 179 14.40 30.87 -16.96
C ALA C 179 13.32 29.85 -17.28
N LEU C 180 12.61 29.40 -16.24
CA LEU C 180 11.55 28.40 -16.39
C LEU C 180 10.32 28.94 -17.16
N SER C 181 9.58 28.06 -17.84
CA SER C 181 8.40 28.49 -18.60
C SER C 181 7.16 28.72 -17.76
N SER C 182 6.92 27.84 -16.79
CA SER C 182 5.77 28.00 -15.92
C SER C 182 6.05 27.57 -14.52
N GLN C 183 5.42 28.28 -13.59
CA GLN C 183 5.38 27.87 -12.20
C GLN C 183 3.93 27.76 -11.79
N LEU C 184 3.56 26.70 -11.09
CA LEU C 184 2.22 26.62 -10.51
C LEU C 184 2.33 26.27 -9.03
N ASP C 185 1.76 27.12 -8.16
CA ASP C 185 1.69 26.83 -6.72
C ASP C 185 0.31 26.38 -6.25
N LEU C 186 0.20 25.10 -5.90
CA LEU C 186 -1.03 24.56 -5.32
C LEU C 186 -1.01 24.65 -3.80
N PRO C 187 -2.20 24.79 -3.18
CA PRO C 187 -2.35 24.98 -1.71
C PRO C 187 -2.25 23.70 -0.88
N ASP C 188 -2.24 22.52 -1.51
CA ASP C 188 -1.93 21.28 -0.80
C ASP C 188 -1.07 20.35 -1.66
N ALA C 189 -0.65 19.22 -1.09
CA ALA C 189 0.09 18.21 -1.86
C ALA C 189 -0.50 16.78 -1.85
N ASN C 190 -1.80 16.61 -1.64
CA ASN C 190 -2.35 15.27 -1.78
C ASN C 190 -2.44 14.87 -3.27
N TYR C 191 -1.30 14.68 -3.91
CA TYR C 191 -1.28 14.31 -5.32
C TYR C 191 -0.28 13.21 -5.57
N ASP C 192 -0.51 12.41 -6.62
CA ASP C 192 0.48 11.48 -7.10
C ASP C 192 1.20 12.15 -8.28
N LEU C 193 2.52 12.04 -8.31
CA LEU C 193 3.30 12.48 -9.46
C LEU C 193 3.35 11.34 -10.42
N ILE C 194 2.76 11.52 -11.59
CA ILE C 194 2.83 10.54 -12.65
C ILE C 194 3.81 10.99 -13.70
N GLN C 195 4.77 10.12 -14.03
CA GLN C 195 5.88 10.49 -14.88
C GLN C 195 6.11 9.37 -15.91
N PHE C 196 6.97 9.60 -16.89
CA PHE C 196 7.20 8.62 -17.95
C PHE C 196 8.67 8.35 -18.28
N SER C 197 9.18 7.26 -17.71
CA SER C 197 10.62 7.02 -17.72
C SER C 197 11.03 5.69 -18.33
N GLY C 198 12.26 5.66 -18.85
CA GLY C 198 12.84 4.45 -19.38
C GLY C 198 14.19 4.70 -20.04
N THR C 199 14.36 4.18 -21.24
CA THR C 199 15.63 4.27 -21.91
C THR C 199 15.39 3.75 -23.33
N TRP C 200 16.46 3.69 -24.12
CA TRP C 200 16.35 3.23 -25.50
C TRP C 200 15.69 1.86 -25.50
N ALA C 201 14.72 1.66 -26.39
CA ALA C 201 14.05 0.36 -26.54
C ALA C 201 12.96 0.07 -25.51
N ARG C 202 12.76 0.98 -24.56
CA ARG C 202 11.68 0.84 -23.57
C ARG C 202 11.30 2.18 -23.00
N GLU C 203 10.90 3.11 -23.87
CA GLU C 203 10.57 4.48 -23.44
C GLU C 203 9.23 4.57 -22.71
N ARG C 204 9.13 5.60 -21.87
CA ARG C 204 7.87 6.07 -21.31
C ARG C 204 6.95 5.04 -20.59
N HIS C 205 7.51 4.08 -19.86
CA HIS C 205 6.67 3.32 -18.95
C HIS C 205 6.13 4.28 -17.91
N LEU C 206 4.92 4.04 -17.46
CA LEU C 206 4.27 4.87 -16.46
C LEU C 206 4.80 4.57 -15.06
N TYR C 207 4.95 5.64 -14.27
CA TYR C 207 5.37 5.53 -12.89
C TYR C 207 4.52 6.46 -12.06
N ARG C 208 4.07 5.98 -10.90
CA ARG C 208 3.08 6.72 -10.14
C ARG C 208 3.40 6.65 -8.65
N HIS C 209 3.81 7.79 -8.10
CA HIS C 209 4.25 7.85 -6.71
C HIS C 209 3.64 9.01 -5.96
N PRO C 210 3.24 8.77 -4.72
CA PRO C 210 2.71 9.89 -3.95
C PRO C 210 3.80 10.95 -3.78
N LEU C 211 3.39 12.20 -3.70
CA LEU C 211 4.27 13.32 -3.46
C LEU C 211 4.80 13.19 -2.05
N ARG C 212 6.04 13.63 -1.83
CA ARG C 212 6.65 13.68 -0.51
C ARG C 212 7.44 14.97 -0.33
N PRO C 213 7.70 15.36 0.93
CA PRO C 213 8.39 16.62 1.26
C PRO C 213 9.71 16.86 0.50
N GLY C 214 9.91 18.07 0.01
CA GLY C 214 11.14 18.33 -0.70
C GLY C 214 10.93 18.19 -2.20
N MSE C 215 11.99 17.73 -2.88
CA MSE C 215 12.06 17.74 -4.32
C MSE C 215 11.88 16.37 -4.97
O MSE C 215 12.62 15.44 -4.66
CB MSE C 215 13.41 18.29 -4.76
CG MSE C 215 13.54 18.35 -6.25
SE MSE C 215 12.54 19.88 -6.99
CE MSE C 215 14.04 21.14 -7.09
N GLN C 216 10.90 16.26 -5.87
CA GLN C 216 10.81 15.13 -6.79
C GLN C 216 10.76 15.73 -8.17
N SER C 217 11.68 15.31 -9.04
CA SER C 217 11.85 15.97 -10.32
C SER C 217 12.29 15.00 -11.39
N ILE C 218 12.08 15.36 -12.65
CA ILE C 218 12.72 14.67 -13.76
C ILE C 218 13.29 15.71 -14.70
N SER C 219 14.31 15.32 -15.46
CA SER C 219 15.03 16.28 -16.29
C SER C 219 15.79 15.61 -17.43
N SER C 220 16.36 16.43 -18.30
CA SER C 220 17.43 15.96 -19.17
C SER C 220 18.66 16.89 -19.17
N LEU C 221 19.85 16.27 -19.18
CA LEU C 221 21.10 17.00 -19.42
C LEU C 221 21.73 16.50 -20.74
N ARG C 222 20.91 15.89 -21.57
CA ARG C 222 21.39 15.16 -22.73
C ARG C 222 21.17 15.93 -24.01
N MSE C 223 20.81 17.20 -23.88
CA MSE C 223 20.63 18.10 -25.03
C MSE C 223 19.45 17.67 -25.93
O MSE C 223 19.19 18.29 -26.98
CB MSE C 223 21.93 18.18 -25.84
CG MSE C 223 22.43 19.60 -26.06
SE MSE C 223 24.09 19.67 -27.12
CE MSE C 223 24.50 21.53 -26.92
N ALA C 224 18.78 16.60 -25.53
CA ALA C 224 17.51 16.20 -26.13
C ALA C 224 16.57 15.94 -24.97
N SER C 225 15.29 16.24 -25.12
CA SER C 225 14.28 15.71 -24.21
C SER C 225 14.31 14.19 -24.43
N SER C 226 14.85 13.45 -23.48
CA SER C 226 15.46 12.13 -23.78
C SER C 226 14.61 10.86 -24.04
N HIS C 227 15.31 9.72 -24.10
CA HIS C 227 14.69 8.39 -23.97
C HIS C 227 14.27 8.20 -22.53
N GLN C 228 15.08 8.74 -21.63
CA GLN C 228 15.09 8.38 -20.22
C GLN C 228 13.89 8.99 -19.48
N GLN C 229 13.61 10.25 -19.80
CA GLN C 229 12.57 11.02 -19.12
C GLN C 229 11.85 11.92 -20.11
N ASN C 230 10.57 12.16 -19.87
CA ASN C 230 9.78 12.88 -20.83
C ASN C 230 9.14 14.12 -20.22
N PRO C 231 9.04 15.19 -20.99
CA PRO C 231 8.57 16.43 -20.38
C PRO C 231 7.11 16.35 -19.92
N PHE C 232 6.35 15.36 -20.37
CA PHE C 232 4.95 15.28 -19.96
C PHE C 232 4.75 14.61 -18.59
N MSE C 233 4.14 15.32 -17.66
CA MSE C 233 3.86 14.72 -16.38
C MSE C 233 2.45 15.07 -15.95
O MSE C 233 1.87 16.02 -16.50
CB MSE C 233 4.85 15.20 -15.34
CG MSE C 233 4.97 16.71 -15.26
SE MSE C 233 5.78 17.30 -13.56
CE MSE C 233 4.17 17.14 -12.46
N MSE C 234 1.89 14.31 -15.01
CA MSE C 234 0.62 14.67 -14.37
C MSE C 234 0.72 14.69 -12.86
O MSE C 234 1.53 13.98 -12.29
CB MSE C 234 -0.48 13.70 -14.75
CG MSE C 234 -0.83 13.67 -16.20
SE MSE C 234 -1.98 12.14 -16.65
CE MSE C 234 -0.63 10.71 -16.59
N LEU C 235 -0.08 15.54 -12.22
CA LEU C 235 -0.38 15.41 -10.80
C LEU C 235 -1.83 15.00 -10.65
N ALA C 236 -2.08 13.75 -10.27
CA ALA C 236 -3.44 13.23 -10.10
C ALA C 236 -3.75 13.00 -8.64
N ARG C 237 -4.97 13.33 -8.25
CA ARG C 237 -5.46 12.97 -6.93
C ARG C 237 -5.31 11.45 -6.66
N PRO C 238 -5.15 11.09 -5.40
CA PRO C 238 -4.85 9.69 -5.07
C PRO C 238 -5.86 8.69 -5.65
N GLN C 239 -7.14 9.00 -5.68
CA GLN C 239 -8.10 8.05 -6.25
C GLN C 239 -8.47 8.30 -7.71
N THR C 240 -7.67 9.11 -8.39
CA THR C 240 -7.93 9.41 -9.80
C THR C 240 -7.46 8.26 -10.73
N THR C 241 -8.27 7.93 -11.73
CA THR C 241 -7.88 6.91 -12.70
C THR C 241 -8.06 7.41 -14.13
N ASP C 242 -7.99 6.49 -15.08
CA ASP C 242 -8.30 6.84 -16.47
C ASP C 242 -9.75 7.33 -16.68
N GLU C 243 -10.64 7.04 -15.73
CA GLU C 243 -12.06 7.33 -15.90
C GLU C 243 -12.66 8.45 -15.05
N GLN C 244 -12.10 8.68 -13.86
CA GLN C 244 -12.68 9.62 -12.88
C GLN C 244 -11.56 10.43 -12.19
N GLY C 245 -11.88 11.66 -11.81
CA GLY C 245 -11.10 12.38 -10.83
C GLY C 245 -10.23 13.52 -11.32
N ALA C 246 -10.00 14.47 -10.40
CA ALA C 246 -9.21 15.64 -10.68
C ALA C 246 -7.79 15.22 -11.04
N VAL C 247 -7.19 15.95 -11.98
CA VAL C 247 -5.82 15.69 -12.40
C VAL C 247 -5.31 16.85 -13.25
N PHE C 248 -4.03 17.18 -13.08
CA PHE C 248 -3.39 18.26 -13.82
C PHE C 248 -2.43 17.64 -14.83
N GLY C 249 -2.40 18.18 -16.04
CA GLY C 249 -1.43 17.77 -17.02
C GLY C 249 -0.48 18.91 -17.29
N PHE C 250 0.77 18.58 -17.62
CA PHE C 250 1.84 19.54 -17.90
C PHE C 250 2.67 19.07 -19.08
N ASN C 251 2.83 19.91 -20.09
CA ASN C 251 3.84 19.60 -21.13
C ASN C 251 4.71 20.80 -21.48
N LEU C 252 5.71 20.56 -22.32
CA LEU C 252 6.72 21.56 -22.68
C LEU C 252 7.00 21.52 -24.17
N VAL C 253 6.72 22.60 -24.89
CA VAL C 253 7.01 22.64 -26.30
C VAL C 253 8.51 22.94 -26.49
N TYR C 254 9.34 21.89 -26.42
CA TYR C 254 10.79 22.03 -26.42
C TYR C 254 11.43 20.66 -26.54
N SER C 255 12.61 20.58 -27.14
CA SER C 255 13.21 19.28 -27.34
C SER C 255 14.59 19.31 -26.76
N GLY C 256 14.87 20.38 -26.01
CA GLY C 256 16.13 20.49 -25.31
C GLY C 256 16.15 19.89 -23.91
N ASN C 257 17.11 20.36 -23.12
CA ASN C 257 17.20 20.07 -21.70
C ASN C 257 15.97 20.62 -20.98
N PHE C 258 15.15 19.74 -20.42
CA PHE C 258 14.04 20.24 -19.61
C PHE C 258 14.20 19.81 -18.16
N LEU C 259 13.47 20.50 -17.29
CA LEU C 259 13.32 20.14 -15.89
C LEU C 259 11.83 20.14 -15.61
N ASP C 260 11.31 19.00 -15.17
CA ASP C 260 9.99 18.94 -14.54
C ASP C 260 10.20 18.76 -13.05
N ALA C 261 9.69 19.69 -12.25
CA ALA C 261 10.02 19.66 -10.84
C ALA C 261 8.83 19.97 -9.94
N ILE C 262 8.73 19.23 -8.86
CA ILE C 262 7.67 19.46 -7.88
C ILE C 262 8.25 19.50 -6.49
N GLU C 263 8.09 20.65 -5.84
CA GLU C 263 8.59 20.84 -4.49
C GLU C 263 7.43 20.95 -3.55
N VAL C 264 7.39 20.05 -2.58
CA VAL C 264 6.42 20.10 -1.49
C VAL C 264 7.17 20.77 -0.35
N ASP C 265 6.67 21.92 0.07
CA ASP C 265 7.38 22.74 1.06
C ASP C 265 6.87 22.40 2.46
N GLN C 266 7.32 23.16 3.44
CA GLN C 266 7.07 22.87 4.85
C GLN C 266 5.59 22.99 5.23
N TYR C 267 4.78 23.53 4.33
CA TYR C 267 3.36 23.73 4.62
C TYR C 267 2.51 22.84 3.74
N SER C 268 3.16 21.85 3.17
CA SER C 268 2.47 20.87 2.39
C SER C 268 1.78 21.55 1.19
N THR C 269 2.34 22.67 0.71
CA THR C 269 1.92 23.23 -0.56
C THR C 269 2.85 22.71 -1.64
N SER C 270 2.37 22.71 -2.90
CA SER C 270 3.17 22.22 -4.04
C SER C 270 3.65 23.33 -4.96
N ARG C 271 4.87 23.19 -5.47
CA ARG C 271 5.32 24.06 -6.55
C ARG C 271 5.71 23.20 -7.74
N ILE C 272 5.04 23.40 -8.87
CA ILE C 272 5.35 22.67 -10.10
C ILE C 272 6.04 23.59 -11.11
N LEU C 273 7.32 23.33 -11.36
CA LEU C 273 8.14 24.15 -12.26
C LEU C 273 8.46 23.38 -13.52
N THR C 274 8.19 23.96 -14.68
CA THR C 274 8.65 23.34 -15.92
C THR C 274 9.32 24.33 -16.88
N GLY C 275 10.30 23.84 -17.63
CA GLY C 275 10.98 24.62 -18.63
C GLY C 275 12.35 24.07 -18.99
N ILE C 276 13.25 24.98 -19.37
CA ILE C 276 14.59 24.62 -19.75
C ILE C 276 15.37 24.31 -18.49
N ASN C 277 16.05 23.18 -18.50
CA ASN C 277 16.83 22.76 -17.36
C ASN C 277 17.74 23.88 -16.90
N PRO C 278 17.58 24.35 -15.65
CA PRO C 278 18.44 25.43 -15.18
C PRO C 278 19.90 25.04 -15.17
N ASP C 279 20.19 23.77 -14.96
CA ASP C 279 21.57 23.30 -15.07
C ASP C 279 22.10 23.31 -16.51
N GLU C 280 23.36 23.69 -16.69
CA GLU C 280 23.91 23.83 -18.05
C GLU C 280 23.14 24.87 -18.83
N PHE C 281 22.67 25.89 -18.15
CA PHE C 281 22.01 26.99 -18.82
C PHE C 281 22.36 28.34 -18.19
N GLY C 282 22.76 29.28 -19.02
CA GLY C 282 22.88 30.66 -18.62
C GLY C 282 22.74 31.47 -19.87
N TRP C 283 21.91 32.51 -19.85
CA TRP C 283 21.75 33.33 -21.04
C TRP C 283 22.22 34.75 -20.79
N ASN C 284 23.13 35.20 -21.65
CA ASN C 284 23.60 36.57 -21.60
C ASN C 284 22.59 37.50 -22.27
N LEU C 285 22.00 38.39 -21.47
CA LEU C 285 21.05 39.39 -21.93
C LEU C 285 21.71 40.79 -22.07
N ALA C 286 22.34 41.03 -23.21
CA ALA C 286 22.94 42.33 -23.52
C ALA C 286 21.89 43.44 -23.43
N PRO C 287 22.33 44.68 -23.17
CA PRO C 287 21.36 45.76 -23.20
C PRO C 287 20.56 45.87 -24.50
N GLN C 288 19.25 45.97 -24.36
CA GLN C 288 18.31 46.00 -25.48
C GLN C 288 17.96 44.61 -26.00
N ALA C 289 18.62 43.57 -25.47
CA ALA C 289 18.32 42.17 -25.86
C ALA C 289 17.10 41.56 -25.15
N THR C 290 16.66 40.40 -25.66
CA THR C 290 15.51 39.72 -25.10
C THR C 290 15.68 38.21 -25.07
N PHE C 291 14.85 37.56 -24.25
CA PHE C 291 14.82 36.09 -24.18
C PHE C 291 13.39 35.54 -24.01
N GLN C 292 13.03 34.61 -24.89
CA GLN C 292 11.72 33.96 -24.89
C GLN C 292 11.89 32.51 -24.43
N THR C 293 11.23 32.14 -23.33
CA THR C 293 11.19 30.74 -22.89
C THR C 293 10.27 29.95 -23.82
N PRO C 294 10.47 28.62 -23.90
CA PRO C 294 9.54 27.78 -24.64
C PRO C 294 8.15 27.92 -24.03
N GLU C 295 7.09 27.43 -24.68
CA GLU C 295 5.77 27.48 -24.06
C GLU C 295 5.49 26.24 -23.17
N ALA C 296 4.79 26.47 -22.06
CA ALA C 296 4.30 25.38 -21.21
C ALA C 296 2.80 25.19 -21.42
N ILE C 297 2.38 23.94 -21.55
CA ILE C 297 0.96 23.60 -21.71
C ILE C 297 0.42 23.07 -20.40
N LEU C 298 -0.54 23.79 -19.82
CA LEU C 298 -1.21 23.34 -18.59
C LEU C 298 -2.68 22.95 -18.84
N SER C 299 -3.14 21.89 -18.19
CA SER C 299 -4.54 21.49 -18.30
C SER C 299 -5.05 20.84 -17.01
N TYR C 300 -6.36 20.96 -16.77
CA TYR C 300 -7.03 20.29 -15.67
C TYR C 300 -8.36 19.68 -16.09
N THR C 301 -8.69 18.53 -15.52
CA THR C 301 -10.02 17.98 -15.65
C THR C 301 -10.42 17.26 -14.36
N SER C 302 -11.72 17.33 -14.04
CA SER C 302 -12.24 16.59 -12.90
C SER C 302 -12.57 15.19 -13.34
N ALA C 303 -12.43 14.94 -14.63
CA ALA C 303 -13.08 13.80 -15.25
C ALA C 303 -12.17 12.65 -15.61
N GLY C 304 -10.92 12.68 -15.15
CA GLY C 304 -10.02 11.54 -15.29
C GLY C 304 -9.01 11.64 -16.42
N MSE C 305 -8.04 10.74 -16.40
CA MSE C 305 -6.92 10.89 -17.29
C MSE C 305 -7.22 10.71 -18.77
O MSE C 305 -6.62 11.39 -19.63
CB MSE C 305 -5.76 10.01 -16.82
CG MSE C 305 -5.41 10.31 -15.37
SE MSE C 305 -3.77 9.44 -14.73
CE MSE C 305 -4.27 7.54 -14.64
N ASN C 306 -8.14 9.80 -19.10
CA ASN C 306 -8.57 9.68 -20.50
C ASN C 306 -9.05 11.03 -21.02
N GLN C 307 -9.95 11.66 -20.27
CA GLN C 307 -10.43 12.99 -20.59
C GLN C 307 -9.31 14.03 -20.65
N LEU C 308 -8.29 13.88 -19.81
CA LEU C 308 -7.19 14.83 -19.79
C LEU C 308 -6.36 14.71 -21.07
N SER C 309 -5.97 13.49 -21.43
CA SER C 309 -5.20 13.23 -22.62
C SER C 309 -5.96 13.61 -23.90
N GLN C 310 -7.23 13.26 -23.94
CA GLN C 310 -8.10 13.59 -25.06
C GLN C 310 -8.18 15.09 -25.29
N GLN C 311 -8.57 15.86 -24.28
CA GLN C 311 -8.63 17.31 -24.47
C GLN C 311 -7.27 17.91 -24.90
N MSE C 312 -6.17 17.42 -24.34
CA MSE C 312 -4.85 17.88 -24.75
C MSE C 312 -4.50 17.40 -26.16
O MSE C 312 -3.87 18.12 -26.91
CB MSE C 312 -3.77 17.46 -23.74
CG MSE C 312 -3.94 18.05 -22.32
SE MSE C 312 -2.58 17.46 -20.99
CE MSE C 312 -1.32 18.98 -21.17
N ALA C 313 -4.91 16.19 -26.53
CA ALA C 313 -4.65 15.70 -27.87
C ALA C 313 -5.48 16.51 -28.84
N SER C 314 -6.67 16.89 -28.40
CA SER C 314 -7.57 17.67 -29.22
C SER C 314 -6.93 19.05 -29.52
N PHE C 315 -6.31 19.63 -28.50
CA PHE C 315 -5.66 20.92 -28.62
C PHE C 315 -4.39 20.90 -29.52
N TYR C 316 -3.59 19.83 -29.45
CA TYR C 316 -2.39 19.77 -30.28
C TYR C 316 -2.78 19.71 -31.74
N GLN C 317 -3.76 18.87 -32.05
CA GLN C 317 -4.13 18.66 -33.45
C GLN C 317 -4.61 19.97 -34.07
N GLN C 318 -5.10 20.86 -33.24
CA GLN C 318 -5.73 22.05 -33.75
C GLN C 318 -4.91 23.32 -33.58
N HIS C 319 -3.91 23.29 -32.69
CA HIS C 319 -3.22 24.52 -32.29
C HIS C 319 -1.68 24.45 -32.23
N LEU C 320 -1.11 23.31 -32.60
CA LEU C 320 0.30 23.09 -32.40
C LEU C 320 0.80 22.32 -33.61
N VAL C 321 0.29 21.11 -33.81
CA VAL C 321 0.80 20.29 -34.90
C VAL C 321 0.78 21.06 -36.22
N ASN C 322 1.82 20.83 -37.02
CA ASN C 322 1.92 21.32 -38.41
C ASN C 322 0.58 21.18 -39.11
N PRO C 323 -0.07 22.32 -39.43
CA PRO C 323 -1.46 22.30 -39.91
C PRO C 323 -1.63 21.60 -41.26
N ARG C 324 -0.56 21.60 -42.04
CA ARG C 324 -0.54 20.93 -43.35
C ARG C 324 -0.77 19.43 -43.25
N PHE C 325 -0.34 18.79 -42.15
CA PHE C 325 -0.52 17.34 -41.96
C PHE C 325 -1.42 16.92 -40.79
N ALA C 326 -1.68 17.84 -39.88
CA ALA C 326 -2.42 17.56 -38.66
C ALA C 326 -3.62 16.63 -38.85
N HIS C 327 -4.53 17.01 -39.73
CA HIS C 327 -5.72 16.21 -40.03
C HIS C 327 -5.56 15.46 -41.33
N GLU C 328 -4.33 15.08 -41.70
CA GLU C 328 -4.13 14.37 -42.95
C GLU C 328 -3.74 12.91 -42.72
N GLU C 329 -4.61 12.01 -43.19
CA GLU C 329 -4.31 10.58 -43.10
C GLU C 329 -2.86 10.34 -43.46
N ARG C 330 -2.29 9.30 -42.89
CA ARG C 330 -0.87 9.05 -43.04
C ARG C 330 -0.54 7.76 -43.77
N PRO C 331 0.45 7.83 -44.67
CA PRO C 331 0.86 6.77 -45.58
C PRO C 331 1.15 5.47 -44.84
N VAL C 332 0.78 4.33 -45.43
CA VAL C 332 1.21 3.05 -44.91
C VAL C 332 2.53 2.69 -45.55
N LEU C 333 3.63 3.05 -44.91
CA LEU C 333 4.94 2.88 -45.54
C LEU C 333 5.55 1.51 -45.36
N ILE C 334 6.56 1.24 -46.17
CA ILE C 334 7.51 0.14 -45.92
C ILE C 334 8.89 0.78 -45.75
N ASN C 335 9.82 0.04 -45.16
CA ASN C 335 11.12 0.56 -44.76
C ASN C 335 12.08 -0.60 -44.65
N ASN C 336 13.18 -0.55 -45.39
CA ASN C 336 14.15 -1.65 -45.41
C ASN C 336 15.01 -1.75 -44.14
N TRP C 337 14.74 -0.86 -43.19
CA TRP C 337 15.55 -0.75 -41.97
C TRP C 337 16.02 -2.10 -41.41
N GLU C 338 15.10 -2.84 -40.80
CA GLU C 338 15.42 -4.12 -40.14
C GLU C 338 15.35 -5.30 -41.12
N ALA C 339 14.92 -5.01 -42.35
CA ALA C 339 14.75 -6.03 -43.37
C ALA C 339 16.06 -6.35 -44.08
N THR C 340 16.71 -5.31 -44.57
CA THR C 340 17.92 -5.46 -45.36
C THR C 340 19.13 -5.04 -44.51
N TYR C 341 18.93 -4.09 -43.62
CA TYR C 341 20.03 -3.43 -42.91
C TYR C 341 20.97 -2.76 -43.88
N PHE C 342 22.27 -2.81 -43.57
CA PHE C 342 23.26 -2.15 -44.40
C PHE C 342 23.53 -2.91 -45.69
N ASP C 343 23.14 -4.18 -45.72
CA ASP C 343 23.40 -5.06 -46.86
C ASP C 343 22.30 -5.02 -47.91
N PHE C 344 22.50 -4.19 -48.94
CA PHE C 344 21.56 -4.07 -50.05
C PHE C 344 22.13 -3.26 -51.23
N ASN C 345 21.55 -3.48 -52.42
CA ASN C 345 21.82 -2.68 -53.61
C ASN C 345 20.49 -2.31 -54.27
N GLU C 346 20.51 -1.58 -55.38
CA GLU C 346 19.25 -1.15 -56.00
C GLU C 346 18.44 -2.32 -56.56
N ALA C 347 19.13 -3.40 -56.94
CA ALA C 347 18.49 -4.59 -57.52
C ALA C 347 17.72 -5.44 -56.50
N LYS C 348 18.37 -5.72 -55.36
CA LYS C 348 17.76 -6.47 -54.26
C LYS C 348 16.62 -5.68 -53.65
N LEU C 349 16.85 -4.38 -53.50
CA LEU C 349 15.87 -3.46 -52.93
C LEU C 349 14.61 -3.39 -53.80
N MSE C 350 14.82 -3.43 -55.11
CA MSE C 350 13.75 -3.26 -56.08
C MSE C 350 12.67 -4.34 -56.02
O MSE C 350 11.49 -4.06 -56.26
CB MSE C 350 14.34 -3.17 -57.49
CG MSE C 350 13.35 -2.60 -58.48
SE MSE C 350 12.70 -0.85 -57.90
CE MSE C 350 14.04 0.28 -58.79
N THR C 351 13.06 -5.56 -55.69
CA THR C 351 12.11 -6.64 -55.53
C THR C 351 11.18 -6.41 -54.32
N ILE C 352 11.52 -5.41 -53.51
CA ILE C 352 10.74 -5.05 -52.34
C ILE C 352 9.72 -3.92 -52.63
N VAL C 353 10.04 -3.05 -53.57
CA VAL C 353 9.12 -1.99 -53.97
C VAL C 353 7.92 -2.56 -54.72
N ASN C 354 8.20 -3.37 -55.75
CA ASN C 354 7.13 -4.00 -56.52
C ASN C 354 6.30 -4.94 -55.65
N GLN C 355 6.98 -5.68 -54.78
CA GLN C 355 6.31 -6.55 -53.83
C GLN C 355 5.47 -5.74 -52.85
N ALA C 356 5.88 -4.50 -52.60
CA ALA C 356 5.18 -3.65 -51.66
C ALA C 356 3.86 -3.15 -52.23
N LYS C 357 3.88 -2.74 -53.49
CA LYS C 357 2.69 -2.24 -54.18
C LYS C 357 1.62 -3.32 -54.35
N ARG C 358 2.06 -4.55 -54.59
CA ARG C 358 1.14 -5.66 -54.80
C ARG C 358 0.40 -6.02 -53.51
N LEU C 359 0.82 -5.45 -52.39
CA LEU C 359 0.19 -5.71 -51.09
C LEU C 359 -0.80 -4.61 -50.68
N GLY C 360 -0.48 -3.37 -50.99
CA GLY C 360 -1.35 -2.25 -50.65
C GLY C 360 -0.57 -1.09 -50.09
N ILE C 361 0.69 -1.34 -49.77
CA ILE C 361 1.55 -0.30 -49.22
C ILE C 361 1.57 0.92 -50.15
N GLU C 362 1.79 2.09 -49.59
CA GLU C 362 1.63 3.34 -50.32
C GLU C 362 2.88 4.17 -50.39
N MSE C 363 3.95 3.69 -49.78
CA MSE C 363 5.17 4.48 -49.72
C MSE C 363 6.39 3.67 -49.35
O MSE C 363 6.35 2.88 -48.42
CB MSE C 363 5.02 5.64 -48.74
CG MSE C 363 6.21 6.56 -48.73
SE MSE C 363 6.32 7.76 -47.21
CE MSE C 363 5.08 9.18 -47.75
N PHE C 364 7.47 3.87 -50.09
CA PHE C 364 8.73 3.23 -49.75
C PHE C 364 9.73 4.25 -49.18
N VAL C 365 10.23 3.97 -47.98
CA VAL C 365 11.24 4.81 -47.35
C VAL C 365 12.60 4.14 -47.36
N LEU C 366 13.57 4.77 -48.02
CA LEU C 366 14.94 4.29 -48.03
C LEU C 366 15.65 4.74 -46.75
N ASP C 367 16.22 3.78 -46.02
CA ASP C 367 16.77 4.08 -44.70
C ASP C 367 18.29 4.30 -44.75
N ASP C 368 18.92 4.23 -43.58
CA ASP C 368 20.36 4.35 -43.42
C ASP C 368 21.13 3.57 -44.48
N GLY C 369 22.18 4.18 -45.00
CA GLY C 369 23.12 3.49 -45.87
C GLY C 369 22.94 3.74 -47.36
N TRP C 370 22.78 5.02 -47.72
CA TRP C 370 22.57 5.36 -49.11
C TRP C 370 23.47 6.52 -49.55
N PHE C 371 24.21 7.09 -48.62
CA PHE C 371 25.04 8.27 -48.90
C PHE C 371 26.46 8.31 -48.37
N GLY C 372 27.40 8.80 -49.19
CA GLY C 372 28.82 8.62 -48.96
C GLY C 372 29.25 7.19 -49.24
N HIS C 373 29.21 6.36 -48.21
CA HIS C 373 29.50 4.94 -48.35
C HIS C 373 29.21 4.19 -47.06
N ARG C 374 27.95 3.86 -46.83
CA ARG C 374 27.57 3.33 -45.52
C ARG C 374 27.27 1.83 -45.50
N ASP C 375 28.25 1.07 -45.02
CA ASP C 375 28.14 -0.37 -44.83
C ASP C 375 28.17 -0.71 -43.34
N ASP C 376 28.76 0.18 -42.55
CA ASP C 376 28.75 0.10 -41.10
C ASP C 376 28.01 1.32 -40.58
N ASP C 377 27.84 1.40 -39.26
CA ASP C 377 27.44 2.65 -38.63
C ASP C 377 28.69 3.42 -38.17
N THR C 378 29.75 3.37 -38.98
CA THR C 378 31.05 3.90 -38.60
C THR C 378 31.57 5.00 -39.52
N THR C 379 30.94 5.18 -40.68
CA THR C 379 31.49 6.09 -41.67
C THR C 379 30.46 6.88 -42.46
N SER C 380 30.88 8.01 -43.00
CA SER C 380 30.07 8.72 -44.00
C SER C 380 28.95 9.66 -43.52
N LEU C 381 28.73 9.76 -42.21
CA LEU C 381 27.76 10.73 -41.70
C LEU C 381 28.24 12.14 -41.97
N GLY C 382 27.43 12.92 -42.68
CA GLY C 382 27.82 14.27 -43.05
C GLY C 382 28.04 14.43 -44.55
N ASP C 383 28.11 13.29 -45.26
CA ASP C 383 28.23 13.24 -46.72
C ASP C 383 26.89 12.89 -47.40
N TRP C 384 26.04 13.91 -47.56
CA TRP C 384 24.65 13.70 -47.96
C TRP C 384 24.44 13.70 -49.48
N PHE C 385 25.15 12.78 -50.14
CA PHE C 385 25.02 12.56 -51.57
C PHE C 385 25.30 11.10 -51.91
N VAL C 386 24.68 10.65 -52.99
CA VAL C 386 24.54 9.22 -53.33
C VAL C 386 25.77 8.33 -53.11
N ASP C 387 25.50 7.04 -52.96
CA ASP C 387 26.52 5.99 -52.98
C ASP C 387 26.24 5.09 -54.19
N GLN C 388 27.10 5.21 -55.20
CA GLN C 388 26.83 4.62 -56.51
C GLN C 388 27.22 3.16 -56.61
N ARG C 389 27.49 2.54 -55.45
CA ARG C 389 27.77 1.10 -55.36
C ARG C 389 26.47 0.28 -55.25
N LYS C 390 25.46 0.88 -54.62
CA LYS C 390 24.19 0.20 -54.44
C LYS C 390 23.11 0.94 -55.24
N PHE C 391 23.44 2.17 -55.65
CA PHE C 391 22.60 2.99 -56.52
C PHE C 391 23.40 3.65 -57.65
N PRO C 392 23.65 2.89 -58.73
CA PRO C 392 24.48 3.32 -59.88
C PRO C 392 24.01 4.62 -60.54
N ASP C 393 22.71 4.73 -60.80
CA ASP C 393 22.16 5.91 -61.47
C ASP C 393 21.78 6.97 -60.44
N GLY C 394 22.18 6.72 -59.20
CA GLY C 394 21.85 7.59 -58.09
C GLY C 394 20.52 7.22 -57.45
N ILE C 395 19.85 8.23 -56.90
CA ILE C 395 18.56 8.05 -56.27
C ILE C 395 17.46 8.51 -57.23
N GLU C 396 17.75 9.59 -57.96
CA GLU C 396 16.75 10.25 -58.80
C GLU C 396 16.16 9.32 -59.87
N HIS C 397 16.88 8.24 -60.16
CA HIS C 397 16.39 7.21 -61.06
C HIS C 397 15.50 6.23 -60.28
N PHE C 398 15.86 6.02 -59.02
CA PHE C 398 15.22 5.02 -58.17
C PHE C 398 13.87 5.45 -57.59
N SER C 399 13.74 6.74 -57.27
CA SER C 399 12.47 7.29 -56.82
C SER C 399 11.52 7.36 -58.00
N GLN C 400 12.04 7.69 -59.16
CA GLN C 400 11.25 7.67 -60.39
C GLN C 400 10.65 6.29 -60.54
N ALA C 401 11.49 5.28 -60.44
CA ALA C 401 11.04 3.90 -60.46
C ALA C 401 9.87 3.70 -59.49
N VAL C 402 9.87 4.47 -58.41
CA VAL C 402 8.90 4.30 -57.33
C VAL C 402 7.62 5.11 -57.54
N HIS C 403 7.75 6.31 -58.07
CA HIS C 403 6.57 7.14 -58.31
C HIS C 403 5.69 6.53 -59.38
N GLN C 404 6.32 5.90 -60.36
CA GLN C 404 5.61 5.38 -61.52
C GLN C 404 4.70 4.23 -61.12
N GLN C 405 5.10 3.52 -60.07
CA GLN C 405 4.28 2.43 -59.52
C GLN C 405 3.15 2.94 -58.59
N GLY C 406 3.04 4.25 -58.45
CA GLY C 406 1.91 4.83 -57.74
C GLY C 406 2.18 5.22 -56.30
N MSE C 407 3.31 4.78 -55.78
CA MSE C 407 3.66 5.02 -54.37
C MSE C 407 4.43 6.32 -54.14
O MSE C 407 4.81 7.01 -55.08
CB MSE C 407 4.48 3.84 -53.85
CG MSE C 407 3.78 2.52 -54.00
SE MSE C 407 4.90 1.08 -53.35
CE MSE C 407 6.51 1.50 -54.36
N LYS C 408 4.62 6.65 -52.87
CA LYS C 408 5.45 7.80 -52.50
C LYS C 408 6.85 7.33 -52.12
N PHE C 409 7.75 8.28 -51.95
CA PHE C 409 9.13 7.95 -51.64
C PHE C 409 9.70 8.96 -50.67
N GLY C 410 10.42 8.45 -49.68
CA GLY C 410 11.11 9.28 -48.71
C GLY C 410 12.41 8.63 -48.28
N LEU C 411 13.28 9.39 -47.63
CA LEU C 411 14.55 8.82 -47.18
C LEU C 411 15.07 9.31 -45.82
N TRP C 412 16.05 8.58 -45.32
CA TRP C 412 16.62 8.75 -44.00
C TRP C 412 17.77 9.77 -43.94
N PHE C 413 17.90 10.45 -42.81
CA PHE C 413 18.85 11.55 -42.65
C PHE C 413 19.25 11.74 -41.18
N GLU C 414 20.54 12.00 -40.94
CA GLU C 414 21.02 12.41 -39.62
C GLU C 414 21.75 13.75 -39.72
N PRO C 415 21.04 14.83 -40.10
CA PRO C 415 21.62 16.15 -40.35
C PRO C 415 22.66 16.62 -39.31
N GLU C 416 22.36 16.44 -38.03
CA GLU C 416 23.16 17.00 -36.96
C GLU C 416 24.46 16.26 -36.66
N MSE C 417 24.75 15.20 -37.39
CA MSE C 417 25.92 14.37 -37.09
C MSE C 417 27.01 14.42 -38.17
O MSE C 417 26.72 14.69 -39.34
CB MSE C 417 25.50 12.92 -36.85
CG MSE C 417 24.40 12.75 -35.82
SE MSE C 417 24.95 13.16 -33.98
CE MSE C 417 23.34 14.11 -33.42
N VAL C 418 28.25 14.15 -37.77
CA VAL C 418 29.39 14.13 -38.68
C VAL C 418 30.42 13.08 -38.26
N SER C 419 30.52 12.00 -39.05
CA SER C 419 31.52 10.97 -38.78
C SER C 419 32.93 11.42 -39.12
N VAL C 420 33.92 10.89 -38.42
CA VAL C 420 35.32 11.20 -38.66
C VAL C 420 35.69 10.83 -40.09
N ASP C 421 35.33 9.60 -40.47
CA ASP C 421 35.53 9.08 -41.81
C ASP C 421 34.54 9.69 -42.81
N SER C 422 34.76 10.95 -43.16
CA SER C 422 33.82 11.68 -44.00
C SER C 422 34.47 12.86 -44.70
N ASP C 423 33.88 13.27 -45.81
CA ASP C 423 34.30 14.45 -46.56
C ASP C 423 34.19 15.70 -45.68
N LEU C 424 32.99 15.98 -45.21
CA LEU C 424 32.71 17.21 -44.46
C LEU C 424 33.76 17.45 -43.40
N TYR C 425 34.27 16.36 -42.83
CA TYR C 425 35.24 16.45 -41.75
C TYR C 425 36.53 17.15 -42.22
N GLN C 426 37.22 16.54 -43.18
CA GLN C 426 38.49 17.07 -43.70
C GLN C 426 38.35 18.52 -44.20
N GLN C 427 37.13 18.89 -44.57
CA GLN C 427 36.88 20.21 -45.12
C GLN C 427 36.41 21.17 -44.05
N HIS C 428 35.86 20.61 -42.96
CA HIS C 428 35.27 21.41 -41.89
C HIS C 428 35.40 20.78 -40.49
N PRO C 429 36.64 20.49 -40.03
CA PRO C 429 36.84 19.89 -38.70
C PRO C 429 36.60 20.91 -37.58
N ASP C 430 36.43 22.15 -37.99
CA ASP C 430 36.18 23.28 -37.11
C ASP C 430 34.74 23.28 -36.60
N TRP C 431 33.93 22.41 -37.19
CA TRP C 431 32.49 22.39 -36.98
C TRP C 431 32.08 21.31 -36.00
N LEU C 432 33.02 20.43 -35.66
CA LEU C 432 32.79 19.41 -34.66
C LEU C 432 32.65 20.00 -33.25
N ILE C 433 31.61 19.61 -32.52
CA ILE C 433 31.49 19.98 -31.11
C ILE C 433 32.55 19.24 -30.31
N HIS C 434 33.38 20.00 -29.60
CA HIS C 434 34.53 19.44 -28.92
C HIS C 434 35.25 20.46 -28.04
N ALA C 435 35.53 20.07 -26.80
CA ALA C 435 36.28 20.89 -25.85
C ALA C 435 37.77 20.72 -26.10
N PRO C 436 38.51 21.83 -26.13
CA PRO C 436 39.92 21.96 -26.54
C PRO C 436 40.93 20.88 -26.08
N LYS C 437 41.14 20.69 -24.79
CA LYS C 437 42.20 19.76 -24.42
C LYS C 437 41.70 18.33 -24.20
N SER C 438 40.40 18.15 -24.37
CA SER C 438 39.71 16.94 -23.94
C SER C 438 39.78 15.85 -24.98
N THR C 439 39.79 14.59 -24.52
CA THR C 439 39.78 13.41 -25.39
C THR C 439 38.36 13.04 -25.81
N PRO C 440 38.03 13.20 -27.10
CA PRO C 440 36.65 13.08 -27.59
C PRO C 440 36.06 11.67 -27.39
N THR C 441 34.83 11.61 -26.88
CA THR C 441 34.17 10.34 -26.57
C THR C 441 33.11 9.99 -27.63
N PRO C 442 33.39 8.95 -28.43
CA PRO C 442 32.61 8.54 -29.61
C PRO C 442 31.32 7.77 -29.30
N GLY C 443 30.18 8.36 -29.63
CA GLY C 443 28.89 7.68 -29.52
C GLY C 443 28.39 7.14 -30.84
N ARG C 444 28.33 5.80 -30.95
CA ARG C 444 28.05 5.09 -32.21
C ARG C 444 29.03 5.48 -33.31
N HIS C 445 30.30 5.59 -32.94
CA HIS C 445 31.35 5.87 -33.90
C HIS C 445 31.07 7.18 -34.63
N GLN C 446 30.39 8.10 -33.95
CA GLN C 446 30.06 9.40 -34.53
C GLN C 446 30.20 10.57 -33.55
N PHE C 447 30.23 11.78 -34.09
CA PHE C 447 30.32 13.00 -33.29
C PHE C 447 29.23 13.97 -33.74
N VAL C 448 29.14 15.14 -33.12
CA VAL C 448 28.03 16.06 -33.42
C VAL C 448 28.45 17.46 -33.92
N LEU C 449 27.67 18.00 -34.86
CA LEU C 449 27.93 19.30 -35.47
C LEU C 449 27.44 20.45 -34.62
N ASP C 450 28.19 21.54 -34.59
CA ASP C 450 27.80 22.72 -33.82
C ASP C 450 26.59 23.34 -34.50
N MSE C 451 25.42 22.85 -34.16
CA MSE C 451 24.18 23.36 -34.74
C MSE C 451 23.87 24.76 -34.25
O MSE C 451 22.83 25.32 -34.59
CB MSE C 451 23.02 22.46 -34.40
CG MSE C 451 23.12 21.07 -34.96
SE MSE C 451 22.83 21.08 -36.88
CE MSE C 451 21.21 22.18 -36.97
N ALA C 452 24.75 25.32 -33.42
CA ALA C 452 24.52 26.65 -32.92
C ALA C 452 25.20 27.67 -33.82
N ARG C 453 25.81 27.18 -34.89
CA ARG C 453 26.46 28.05 -35.88
C ARG C 453 25.52 28.26 -37.04
N PRO C 454 25.02 29.50 -37.20
CA PRO C 454 24.07 29.78 -38.28
C PRO C 454 24.50 29.24 -39.63
N GLU C 455 25.80 29.24 -39.90
CA GLU C 455 26.29 28.76 -41.19
C GLU C 455 26.33 27.24 -41.31
N VAL C 456 26.18 26.52 -40.19
CA VAL C 456 26.00 25.07 -40.27
C VAL C 456 24.58 24.70 -40.69
N VAL C 457 23.61 25.42 -40.15
CA VAL C 457 22.23 25.30 -40.60
C VAL C 457 22.20 25.52 -42.11
N ASP C 458 22.54 26.75 -42.52
CA ASP C 458 22.68 27.12 -43.94
C ASP C 458 23.23 25.99 -44.80
N TYR C 459 24.38 25.48 -44.43
CA TYR C 459 25.00 24.39 -45.19
C TYR C 459 24.09 23.18 -45.31
N LEU C 460 23.32 22.90 -44.25
CA LEU C 460 22.50 21.69 -44.25
C LEU C 460 21.20 21.90 -45.00
N PHE C 461 20.65 23.10 -44.89
CA PHE C 461 19.48 23.47 -45.67
C PHE C 461 19.74 23.27 -47.17
N LYS C 462 20.83 23.86 -47.65
CA LYS C 462 21.19 23.77 -49.07
C LYS C 462 21.36 22.32 -49.54
N LEU C 463 22.03 21.50 -48.74
CA LEU C 463 22.28 20.12 -49.12
C LEU C 463 20.99 19.33 -49.21
N MSE C 464 20.08 19.59 -48.27
CA MSE C 464 18.79 18.90 -48.23
C MSE C 464 17.78 19.51 -49.20
O MSE C 464 16.97 18.79 -49.78
CB MSE C 464 18.23 18.91 -46.80
CG MSE C 464 18.93 17.94 -45.87
SE MSE C 464 18.43 18.07 -43.98
CE MSE C 464 19.23 16.41 -43.39
N SER C 465 17.84 20.83 -49.38
CA SER C 465 16.97 21.47 -50.35
C SER C 465 17.19 20.85 -51.70
N GLN C 466 18.45 20.70 -52.08
CA GLN C 466 18.82 20.14 -53.37
C GLN C 466 18.51 18.66 -53.47
N MSE C 467 18.48 17.99 -52.33
CA MSE C 467 18.22 16.56 -52.35
C MSE C 467 16.71 16.24 -52.38
O MSE C 467 16.31 15.18 -52.82
CB MSE C 467 18.94 15.87 -51.17
CG MSE C 467 18.80 14.33 -51.16
SE MSE C 467 19.61 13.34 -52.66
CE MSE C 467 21.34 14.30 -52.69
N ILE C 468 15.89 17.19 -51.93
CA ILE C 468 14.44 17.01 -52.04
C ILE C 468 13.95 17.18 -53.49
N GLU C 469 14.54 18.14 -54.22
CA GLU C 469 14.15 18.41 -55.60
C GLU C 469 14.73 17.39 -56.56
N SER C 470 15.95 16.95 -56.26
CA SER C 470 16.58 15.89 -57.03
C SER C 470 15.73 14.62 -57.04
N ALA C 471 15.18 14.27 -55.89
CA ALA C 471 14.50 12.98 -55.73
C ALA C 471 12.97 13.09 -55.61
N ASN C 472 12.46 14.32 -55.67
CA ASN C 472 11.04 14.56 -55.52
C ASN C 472 10.52 14.00 -54.21
N LEU C 473 11.31 14.13 -53.16
CA LEU C 473 11.01 13.56 -51.86
C LEU C 473 9.62 13.87 -51.30
N ASP C 474 8.94 12.81 -50.87
CA ASP C 474 7.65 12.95 -50.22
C ASP C 474 7.78 12.94 -48.69
N TYR C 475 8.95 12.55 -48.20
CA TYR C 475 9.08 12.19 -46.81
C TYR C 475 10.55 12.04 -46.38
N ILE C 476 10.84 12.52 -45.18
CA ILE C 476 12.19 12.50 -44.64
C ILE C 476 12.25 11.97 -43.20
N LYS C 477 12.86 10.80 -43.01
CA LYS C 477 13.12 10.28 -41.66
C LYS C 477 14.35 10.99 -41.15
N TRP C 478 14.16 11.84 -40.14
CA TRP C 478 15.21 12.70 -39.61
C TRP C 478 15.73 12.19 -38.26
N ASP C 479 16.80 11.41 -38.31
CA ASP C 479 17.25 10.66 -37.15
C ASP C 479 18.30 11.44 -36.36
N MSE C 480 18.58 10.95 -35.15
CA MSE C 480 19.54 11.60 -34.27
C MSE C 480 20.07 10.58 -33.24
O MSE C 480 19.45 10.36 -32.21
CB MSE C 480 18.87 12.79 -33.58
CG MSE C 480 19.84 13.83 -33.09
SE MSE C 480 20.57 13.45 -31.32
CE MSE C 480 18.98 13.82 -30.24
N ASN C 481 21.22 9.98 -33.54
CA ASN C 481 21.64 8.76 -32.84
C ASN C 481 22.74 8.83 -31.79
N ARG C 482 22.89 9.96 -31.10
CA ARG C 482 23.71 9.97 -29.91
C ARG C 482 23.54 11.24 -29.12
N TYR C 483 24.16 11.29 -27.95
CA TYR C 483 24.05 12.42 -27.04
C TYR C 483 25.40 13.13 -26.87
N ALA C 484 25.39 14.45 -26.98
CA ALA C 484 26.64 15.22 -27.02
C ALA C 484 27.56 15.06 -25.80
N THR C 485 28.86 15.07 -26.06
CA THR C 485 29.86 14.87 -25.03
C THR C 485 30.91 15.96 -25.20
N GLU C 486 31.52 16.39 -24.11
CA GLU C 486 32.52 17.45 -24.12
C GLU C 486 32.00 18.71 -24.78
N MSE C 487 30.93 19.28 -24.25
CA MSE C 487 30.26 20.37 -24.96
C MSE C 487 31.01 21.67 -24.96
O MSE C 487 31.40 22.18 -23.90
CB MSE C 487 28.87 20.59 -24.40
CG MSE C 487 27.88 19.57 -24.86
SE MSE C 487 26.14 19.99 -24.10
CE MSE C 487 25.24 18.28 -24.49
N PHE C 488 31.18 22.21 -26.16
CA PHE C 488 31.94 23.42 -26.34
C PHE C 488 31.78 23.94 -27.76
N SER C 489 31.64 25.25 -27.88
CA SER C 489 31.61 25.89 -29.18
C SER C 489 32.73 26.90 -29.20
N SER C 490 33.57 26.84 -30.23
CA SER C 490 34.61 27.85 -30.44
C SER C 490 34.02 29.13 -31.05
N ARG C 491 32.72 29.09 -31.32
CA ARG C 491 31.98 30.20 -31.91
C ARG C 491 31.43 31.13 -30.83
N LEU C 492 31.43 30.64 -29.59
CA LEU C 492 30.96 31.47 -28.49
C LEU C 492 32.08 31.73 -27.49
N THR C 493 31.93 32.81 -26.73
CA THR C 493 32.96 33.24 -25.82
C THR C 493 32.92 32.43 -24.54
N SER C 494 33.98 32.47 -23.75
CA SER C 494 33.99 31.73 -22.50
C SER C 494 32.79 32.09 -21.63
N ASP C 495 32.21 33.26 -21.90
CA ASP C 495 31.03 33.71 -21.16
C ASP C 495 29.71 33.14 -21.68
N GLN C 496 29.76 32.48 -22.83
CA GLN C 496 28.54 32.04 -23.49
C GLN C 496 28.40 30.53 -23.57
N GLN C 497 29.33 29.78 -22.96
CA GLN C 497 29.31 28.33 -23.14
C GLN C 497 28.02 27.66 -22.63
N LEU C 498 27.39 28.29 -21.65
CA LEU C 498 26.14 27.78 -21.12
C LEU C 498 24.94 28.13 -22.01
N GLU C 499 25.17 28.90 -23.07
CA GLU C 499 24.13 29.16 -24.06
C GLU C 499 24.06 28.03 -25.12
N LEU C 500 25.02 27.12 -25.09
CA LEU C 500 25.22 26.17 -26.18
C LEU C 500 24.08 25.18 -26.38
N PRO C 501 23.57 24.58 -25.30
CA PRO C 501 22.47 23.62 -25.51
C PRO C 501 21.19 24.24 -26.09
N HIS C 502 20.78 25.39 -25.56
CA HIS C 502 19.62 26.08 -26.11
C HIS C 502 19.84 26.49 -27.57
N ARG C 503 20.99 27.10 -27.86
CA ARG C 503 21.32 27.56 -29.20
C ARG C 503 21.30 26.39 -30.15
N TYR C 504 21.88 25.28 -29.73
CA TYR C 504 21.87 24.08 -30.54
C TYR C 504 20.45 23.65 -30.90
N ILE C 505 19.53 23.68 -29.95
CA ILE C 505 18.17 23.33 -30.28
C ILE C 505 17.48 24.40 -31.14
N LEU C 506 17.71 25.68 -30.85
CA LEU C 506 17.17 26.73 -31.72
C LEU C 506 17.57 26.54 -33.18
N GLY C 507 18.72 25.94 -33.40
CA GLY C 507 19.28 25.80 -34.72
C GLY C 507 18.74 24.59 -35.45
N VAL C 508 18.61 23.48 -34.73
CA VAL C 508 17.81 22.36 -35.20
C VAL C 508 16.44 22.90 -35.59
N TYR C 509 15.88 23.81 -34.79
CA TYR C 509 14.60 24.45 -35.11
C TYR C 509 14.62 25.31 -36.38
N GLN C 510 15.71 26.03 -36.61
CA GLN C 510 15.82 26.82 -37.85
C GLN C 510 15.85 25.94 -39.09
N LEU C 511 16.66 24.88 -39.05
CA LEU C 511 16.73 23.94 -40.14
C LEU C 511 15.32 23.44 -40.48
N TYR C 512 14.60 22.95 -39.47
CA TYR C 512 13.23 22.48 -39.59
C TYR C 512 12.24 23.54 -40.11
N ALA C 513 12.33 24.76 -39.59
CA ALA C 513 11.38 25.80 -39.95
C ALA C 513 11.60 26.21 -41.38
N ARG C 514 12.86 26.26 -41.79
CA ARG C 514 13.21 26.62 -43.15
C ARG C 514 12.80 25.50 -44.10
N LEU C 515 13.21 24.28 -43.80
CA LEU C 515 12.83 23.15 -44.64
C LEU C 515 11.32 23.09 -44.81
N THR C 516 10.56 23.18 -43.73
CA THR C 516 9.10 22.98 -43.84
C THR C 516 8.40 24.11 -44.56
N GLN C 517 8.93 25.33 -44.44
CA GLN C 517 8.33 26.47 -45.12
C GLN C 517 8.68 26.55 -46.59
N ALA C 518 9.73 25.84 -46.98
CA ALA C 518 10.18 25.82 -48.36
C ALA C 518 9.63 24.60 -49.07
N TYR C 519 9.19 23.62 -48.31
CA TYR C 519 8.68 22.39 -48.89
C TYR C 519 7.47 21.88 -48.10
N PRO C 520 6.42 22.70 -47.99
CA PRO C 520 5.27 22.36 -47.18
C PRO C 520 4.65 20.99 -47.45
N ASN C 521 5.03 20.33 -48.55
CA ASN C 521 4.41 19.05 -48.87
C ASN C 521 5.28 17.85 -48.54
N VAL C 522 6.34 18.08 -47.78
CA VAL C 522 7.17 16.97 -47.33
C VAL C 522 6.72 16.48 -45.96
N LEU C 523 6.54 15.18 -45.84
CA LEU C 523 6.19 14.59 -44.56
C LEU C 523 7.45 14.28 -43.76
N PHE C 524 7.73 15.11 -42.76
CA PHE C 524 8.82 14.85 -41.82
C PHE C 524 8.38 13.95 -40.65
N GLU C 525 9.10 12.86 -40.46
CA GLU C 525 9.02 12.09 -39.23
C GLU C 525 10.30 12.34 -38.45
N SER C 526 10.17 12.82 -37.21
CA SER C 526 11.35 12.99 -36.36
C SER C 526 11.73 11.65 -35.75
N CYS C 527 13.03 11.44 -35.58
CA CYS C 527 13.52 10.20 -35.03
C CYS C 527 14.77 10.52 -34.25
N ALA C 528 14.82 10.10 -32.99
CA ALA C 528 16.05 10.16 -32.22
C ALA C 528 16.35 8.78 -31.60
N SER C 529 16.79 7.86 -32.46
CA SER C 529 17.08 6.50 -32.04
C SER C 529 15.78 5.90 -31.48
N GLY C 530 14.68 6.29 -32.10
CA GLY C 530 13.36 5.98 -31.59
C GLY C 530 12.80 7.21 -30.92
N GLY C 531 12.31 7.04 -29.69
CA GLY C 531 11.70 8.13 -28.95
C GLY C 531 12.65 8.97 -28.11
N GLY C 532 13.88 9.16 -28.59
CA GLY C 532 14.88 9.95 -27.88
C GLY C 532 14.56 11.43 -27.90
N ARG C 533 13.68 11.84 -28.80
CA ARG C 533 13.12 13.19 -28.82
C ARG C 533 11.64 13.11 -29.17
N PHE C 534 10.84 12.52 -28.29
CA PHE C 534 9.41 12.43 -28.56
C PHE C 534 8.66 13.51 -27.81
N ASP C 535 8.81 14.75 -28.26
CA ASP C 535 8.21 15.88 -27.55
C ASP C 535 7.40 16.79 -28.47
N LEU C 536 6.72 17.75 -27.85
CA LEU C 536 5.79 18.59 -28.58
C LEU C 536 6.53 19.51 -29.55
N GLY C 537 7.77 19.86 -29.21
CA GLY C 537 8.56 20.75 -30.03
C GLY C 537 8.76 20.22 -31.44
N MSE C 538 9.08 18.94 -31.55
CA MSE C 538 9.19 18.30 -32.85
C MSE C 538 7.85 18.16 -33.58
O MSE C 538 7.77 18.40 -34.79
CB MSE C 538 9.85 16.94 -32.69
CG MSE C 538 11.18 17.02 -31.95
SE MSE C 538 12.57 17.96 -32.96
CE MSE C 538 13.49 16.38 -33.65
N MSE C 539 6.79 17.78 -32.87
CA MSE C 539 5.46 17.63 -33.47
C MSE C 539 5.01 18.91 -34.19
O MSE C 539 4.18 18.85 -35.10
CB MSE C 539 4.40 17.24 -32.43
CG MSE C 539 4.71 16.01 -31.59
SE MSE C 539 5.13 14.44 -32.64
CE MSE C 539 6.13 13.39 -31.33
N TYR C 540 5.57 20.06 -33.81
CA TYR C 540 5.22 21.32 -34.46
C TYR C 540 5.67 21.36 -35.92
N TYR C 541 6.69 20.58 -36.24
CA TYR C 541 7.25 20.55 -37.59
C TYR C 541 7.00 19.18 -38.20
N ALA C 542 7.46 18.14 -37.52
CA ALA C 542 7.25 16.77 -37.98
C ALA C 542 6.10 16.12 -37.23
N PRO C 543 4.96 15.87 -37.90
CA PRO C 543 3.68 15.52 -37.25
C PRO C 543 3.62 14.13 -36.63
N GLN C 544 4.57 13.26 -36.97
CA GLN C 544 4.72 11.98 -36.26
C GLN C 544 6.17 11.72 -35.88
N ALA C 545 6.37 10.68 -35.09
CA ALA C 545 7.71 10.32 -34.68
C ALA C 545 7.86 8.80 -34.54
N TRP C 546 9.04 8.29 -34.87
CA TRP C 546 9.36 6.89 -34.62
C TRP C 546 9.30 6.69 -33.10
N THR C 547 8.34 5.90 -32.65
CA THR C 547 8.06 5.78 -31.21
C THR C 547 9.20 5.13 -30.43
N SER C 548 9.69 4.00 -30.92
CA SER C 548 10.77 3.27 -30.26
C SER C 548 11.51 2.37 -31.25
N ASP C 549 12.80 2.14 -31.03
CA ASP C 549 13.55 1.26 -31.91
C ASP C 549 13.14 -0.18 -31.69
N ASP C 550 12.45 -0.37 -30.57
CA ASP C 550 11.84 -1.63 -30.21
C ASP C 550 10.54 -1.78 -31.00
N THR C 551 10.38 -2.91 -31.68
CA THR C 551 9.25 -3.08 -32.58
C THR C 551 8.55 -4.37 -32.24
N ASP C 552 8.89 -4.88 -31.06
CA ASP C 552 8.23 -6.06 -30.52
C ASP C 552 6.82 -5.78 -30.02
N ALA C 553 5.86 -6.60 -30.45
CA ALA C 553 4.45 -6.36 -30.15
C ALA C 553 4.24 -6.11 -28.66
N ALA C 554 4.90 -6.92 -27.84
CA ALA C 554 4.72 -6.85 -26.40
C ALA C 554 5.30 -5.53 -25.84
N GLU C 555 6.59 -5.32 -26.01
CA GLU C 555 7.22 -4.13 -25.47
C GLU C 555 6.57 -2.84 -25.99
N ARG C 556 5.97 -2.91 -27.18
CA ARG C 556 5.34 -1.73 -27.80
C ARG C 556 3.98 -1.43 -27.19
N LEU C 557 3.33 -2.50 -26.74
CA LEU C 557 2.06 -2.37 -26.04
C LEU C 557 2.30 -1.45 -24.84
N LEU C 558 3.44 -1.63 -24.18
CA LEU C 558 3.80 -0.82 -23.03
C LEU C 558 4.17 0.60 -23.44
N ILE C 559 5.06 0.71 -24.42
CA ILE C 559 5.55 2.03 -24.79
C ILE C 559 4.42 2.89 -25.33
N GLN C 560 3.57 2.29 -26.16
CA GLN C 560 2.46 3.01 -26.77
C GLN C 560 1.40 3.42 -25.75
N PHE C 561 1.11 2.53 -24.82
CA PHE C 561 0.13 2.82 -23.79
C PHE C 561 0.65 3.99 -22.97
N GLY C 562 1.94 3.97 -22.66
CA GLY C 562 2.53 5.02 -21.89
C GLY C 562 2.67 6.35 -22.62
N THR C 563 2.93 6.28 -23.91
CA THR C 563 3.01 7.50 -24.69
C THR C 563 1.63 8.15 -24.80
N SER C 564 0.61 7.32 -24.92
CA SER C 564 -0.76 7.80 -25.10
C SER C 564 -1.21 8.86 -24.08
N TYR C 565 -0.68 8.79 -22.87
CA TYR C 565 -1.05 9.74 -21.85
C TYR C 565 -0.74 11.17 -22.28
N GLY C 566 0.43 11.40 -22.87
CA GLY C 566 0.79 12.76 -23.27
C GLY C 566 0.55 13.06 -24.75
N TYR C 567 0.39 12.03 -25.56
CA TYR C 567 0.42 12.17 -27.03
C TYR C 567 -0.53 11.20 -27.77
N PRO C 568 -1.29 11.71 -28.76
CA PRO C 568 -2.27 10.92 -29.55
C PRO C 568 -1.60 9.97 -30.54
N GLN C 569 -2.33 8.95 -30.96
CA GLN C 569 -1.77 7.88 -31.78
C GLN C 569 -1.32 8.34 -33.17
N ALA C 570 -1.72 9.55 -33.54
CA ALA C 570 -1.32 10.13 -34.82
C ALA C 570 0.19 10.40 -34.81
N MSE C 571 0.70 10.87 -33.68
CA MSE C 571 2.12 11.23 -33.58
C MSE C 571 2.97 9.97 -33.51
O MSE C 571 4.20 10.02 -33.60
CB MSE C 571 2.35 12.10 -32.35
CG MSE C 571 1.41 13.30 -32.28
SE MSE C 571 1.67 14.43 -30.69
CE MSE C 571 0.53 15.96 -31.18
N MSE C 572 2.30 8.84 -33.39
CA MSE C 572 2.97 7.59 -33.07
C MSE C 572 3.21 6.66 -34.25
O MSE C 572 2.32 5.94 -34.67
CB MSE C 572 2.15 6.83 -32.04
CG MSE C 572 2.40 7.24 -30.61
SE MSE C 572 1.84 5.78 -29.46
CE MSE C 572 0.11 6.49 -28.89
N GLY C 573 4.43 6.67 -34.77
CA GLY C 573 4.81 5.68 -35.76
C GLY C 573 4.85 4.30 -35.12
N ALA C 574 4.44 3.28 -35.85
CA ALA C 574 4.42 1.92 -35.33
C ALA C 574 4.62 0.91 -36.45
N HIS C 575 5.63 0.04 -36.34
CA HIS C 575 5.93 -0.86 -37.45
C HIS C 575 5.81 -2.36 -37.14
N VAL C 576 5.25 -3.10 -38.07
CA VAL C 576 5.28 -4.55 -38.03
C VAL C 576 6.66 -5.07 -38.45
N SER C 577 7.36 -5.71 -37.52
CA SER C 577 8.71 -6.15 -37.78
C SER C 577 8.78 -7.66 -37.81
N ALA C 578 10.00 -8.17 -37.90
CA ALA C 578 10.19 -9.59 -38.05
C ALA C 578 10.58 -10.28 -36.75
N VAL C 579 10.31 -11.58 -36.71
CA VAL C 579 10.30 -12.38 -35.51
C VAL C 579 11.10 -13.66 -35.75
N PRO C 580 11.87 -14.13 -34.75
CA PRO C 580 12.15 -13.55 -33.43
C PRO C 580 12.65 -12.12 -33.54
N ASN C 581 12.22 -11.27 -32.60
CA ASN C 581 12.55 -9.85 -32.57
C ASN C 581 14.03 -9.53 -32.34
N ASP C 582 14.53 -8.53 -33.07
CA ASP C 582 15.97 -8.23 -33.11
C ASP C 582 16.52 -7.54 -31.89
N GLN C 583 15.62 -7.04 -31.04
CA GLN C 583 16.04 -6.41 -29.80
C GLN C 583 16.12 -7.39 -28.60
N MSE C 584 15.02 -8.07 -28.27
CA MSE C 584 15.04 -8.98 -27.12
C MSE C 584 14.61 -10.44 -27.39
O MSE C 584 14.49 -11.23 -26.44
CB MSE C 584 14.25 -8.39 -25.93
CG MSE C 584 13.24 -7.33 -26.34
SE MSE C 584 11.86 -8.11 -27.44
CE MSE C 584 11.67 -9.70 -26.32
N GLY C 585 14.40 -10.76 -28.66
CA GLY C 585 14.25 -12.14 -29.09
C GLY C 585 12.89 -12.81 -28.96
N ARG C 586 11.85 -11.99 -28.76
CA ARG C 586 10.48 -12.48 -28.60
C ARG C 586 9.86 -13.02 -29.88
N ILE C 587 9.02 -14.04 -29.77
CA ILE C 587 8.27 -14.53 -30.92
C ILE C 587 6.78 -14.15 -30.84
N THR C 588 6.29 -13.50 -31.89
CA THR C 588 4.94 -12.94 -31.91
C THR C 588 4.23 -13.36 -33.19
N SER C 589 2.92 -13.61 -33.11
CA SER C 589 2.11 -13.89 -34.31
C SER C 589 1.99 -12.63 -35.16
N LEU C 590 1.69 -12.79 -36.45
CA LEU C 590 1.58 -11.63 -37.33
C LEU C 590 0.37 -10.80 -36.97
N LYS C 591 -0.72 -11.50 -36.65
CA LYS C 591 -1.96 -10.90 -36.20
C LYS C 591 -1.75 -9.79 -35.15
N THR C 592 -0.92 -10.10 -34.16
CA THR C 592 -0.69 -9.22 -32.99
C THR C 592 0.18 -7.99 -33.28
N ARG C 593 1.31 -8.20 -33.96
CA ARG C 593 2.12 -7.07 -34.36
C ARG C 593 1.29 -6.01 -35.08
N GLY C 594 0.40 -6.47 -35.94
CA GLY C 594 -0.41 -5.56 -36.71
C GLY C 594 -1.41 -4.87 -35.83
N ALA C 595 -2.05 -5.66 -34.97
CA ALA C 595 -3.12 -5.17 -34.10
C ALA C 595 -2.63 -4.17 -33.04
N VAL C 596 -1.35 -4.28 -32.66
CA VAL C 596 -0.67 -3.25 -31.87
C VAL C 596 -0.34 -2.03 -32.74
N ALA C 597 0.11 -2.27 -33.97
CA ALA C 597 0.50 -1.18 -34.85
C ALA C 597 -0.65 -0.35 -35.44
N PHE C 598 -1.85 -0.90 -35.49
CA PHE C 598 -2.95 -0.14 -36.06
C PHE C 598 -3.23 1.13 -35.25
N PHE C 599 -2.81 1.12 -33.99
CA PHE C 599 -3.11 2.23 -33.10
C PHE C 599 -1.98 3.26 -33.13
N GLY C 600 -1.90 3.93 -34.28
CA GLY C 600 -0.78 4.75 -34.64
C GLY C 600 -0.64 4.72 -36.15
N ASP C 601 0.55 5.02 -36.64
CA ASP C 601 0.78 5.16 -38.08
C ASP C 601 1.40 3.87 -38.63
N LEU C 602 0.55 3.01 -39.14
CA LEU C 602 0.93 1.66 -39.58
C LEU C 602 2.08 1.74 -40.54
N GLY C 603 3.06 0.85 -40.35
CA GLY C 603 4.21 0.76 -41.24
C GLY C 603 4.79 -0.64 -41.18
N TYR C 604 5.52 -1.03 -42.22
CA TYR C 604 6.15 -2.35 -42.23
C TYR C 604 7.64 -2.22 -42.32
N GLU C 605 8.37 -3.17 -41.75
CA GLU C 605 9.80 -2.99 -41.60
C GLU C 605 10.49 -4.34 -41.61
N LEU C 606 9.85 -5.32 -42.24
CA LEU C 606 10.46 -6.63 -42.43
C LEU C 606 10.73 -6.90 -43.90
N ASP C 607 11.55 -7.91 -44.19
CA ASP C 607 11.84 -8.25 -45.58
C ASP C 607 10.72 -9.11 -46.14
N ILE C 608 9.85 -8.50 -46.94
CA ILE C 608 8.67 -9.19 -47.41
C ILE C 608 8.94 -10.23 -48.49
N THR C 609 10.06 -10.08 -49.20
CA THR C 609 10.43 -11.06 -50.23
C THR C 609 10.86 -12.42 -49.63
N LYS C 610 10.99 -12.47 -48.30
CA LYS C 610 11.34 -13.71 -47.62
C LYS C 610 10.10 -14.35 -47.00
N MSE C 611 8.93 -13.99 -47.51
CA MSE C 611 7.68 -14.49 -46.97
C MSE C 611 7.06 -15.55 -47.87
O MSE C 611 7.55 -15.83 -48.97
CB MSE C 611 6.69 -13.35 -46.73
CG MSE C 611 7.19 -12.24 -45.82
SE MSE C 611 5.74 -11.03 -45.24
CE MSE C 611 4.98 -12.10 -43.79
N ALA C 612 5.95 -16.13 -47.41
CA ALA C 612 5.29 -17.22 -48.11
C ALA C 612 3.90 -16.80 -48.58
N PRO C 613 3.31 -17.57 -49.51
CA PRO C 613 1.99 -17.27 -50.06
C PRO C 613 1.01 -16.74 -49.01
N THR C 614 0.61 -17.60 -48.07
CA THR C 614 -0.33 -17.28 -46.99
C THR C 614 0.04 -16.01 -46.21
N GLU C 615 1.32 -15.89 -45.90
CA GLU C 615 1.86 -14.76 -45.14
C GLU C 615 1.62 -13.45 -45.89
N LEU C 616 2.15 -13.36 -47.10
CA LEU C 616 1.97 -12.17 -47.93
C LEU C 616 0.51 -11.73 -47.93
N ASP C 617 -0.39 -12.70 -48.03
CA ASP C 617 -1.81 -12.40 -48.07
C ASP C 617 -2.25 -11.75 -46.77
N GLN C 618 -1.78 -12.27 -45.64
CA GLN C 618 -2.20 -11.74 -44.33
C GLN C 618 -1.78 -10.28 -44.16
N VAL C 619 -0.66 -9.91 -44.77
CA VAL C 619 -0.24 -8.52 -44.77
C VAL C 619 -1.24 -7.73 -45.60
N LYS C 620 -1.46 -8.19 -46.83
CA LYS C 620 -2.44 -7.59 -47.72
C LYS C 620 -3.76 -7.32 -46.97
N LYS C 621 -4.28 -8.34 -46.32
CA LYS C 621 -5.47 -8.16 -45.51
C LYS C 621 -5.27 -7.03 -44.51
N GLN C 622 -4.19 -7.10 -43.74
CA GLN C 622 -3.91 -6.12 -42.71
C GLN C 622 -4.01 -4.69 -43.21
N VAL C 623 -3.32 -4.42 -44.32
CA VAL C 623 -3.30 -3.09 -44.93
C VAL C 623 -4.68 -2.67 -45.37
N ALA C 624 -5.46 -3.61 -45.88
CA ALA C 624 -6.77 -3.28 -46.40
C ALA C 624 -7.69 -2.90 -45.25
N PHE C 625 -7.63 -3.67 -44.16
CA PHE C 625 -8.40 -3.40 -42.95
C PHE C 625 -8.03 -2.03 -42.32
N TYR C 626 -6.73 -1.77 -42.25
CA TYR C 626 -6.24 -0.51 -41.70
C TYR C 626 -6.76 0.66 -42.52
N LYS C 627 -6.47 0.62 -43.83
CA LYS C 627 -6.85 1.68 -44.73
C LYS C 627 -8.34 1.93 -44.61
N CYS C 628 -9.09 0.86 -44.47
CA CYS C 628 -10.54 0.93 -44.38
C CYS C 628 -10.95 1.78 -43.20
N TYR C 629 -10.23 1.66 -42.09
CA TYR C 629 -10.63 2.33 -40.84
C TYR C 629 -9.63 3.39 -40.39
N ARG C 630 -8.64 3.65 -41.24
CA ARG C 630 -7.58 4.60 -40.92
C ARG C 630 -8.04 5.83 -40.14
N GLN C 631 -9.07 6.52 -40.64
CA GLN C 631 -9.57 7.74 -40.02
C GLN C 631 -10.00 7.54 -38.56
N LEU C 632 -10.26 6.28 -38.20
CA LEU C 632 -10.61 5.94 -36.83
C LEU C 632 -9.34 5.66 -36.01
N PHE C 633 -8.48 4.79 -36.55
CA PHE C 633 -7.23 4.47 -35.88
C PHE C 633 -6.39 5.71 -35.58
N GLN C 634 -6.09 6.47 -36.63
CA GLN C 634 -5.19 7.60 -36.52
C GLN C 634 -5.81 8.80 -35.81
N PHE C 635 -7.12 9.02 -35.95
CA PHE C 635 -7.71 10.21 -35.36
C PHE C 635 -8.93 10.00 -34.47
N GLY C 636 -9.26 8.76 -34.18
CA GLY C 636 -10.35 8.52 -33.26
C GLY C 636 -10.00 9.01 -31.87
N LYS C 637 -11.02 9.35 -31.09
CA LYS C 637 -10.85 9.64 -29.67
C LYS C 637 -10.29 8.40 -28.97
N PHE C 638 -9.20 8.56 -28.25
CA PHE C 638 -8.50 7.43 -27.67
C PHE C 638 -8.95 7.19 -26.22
N TYR C 639 -9.11 5.92 -25.86
CA TYR C 639 -9.48 5.53 -24.51
C TYR C 639 -8.61 4.39 -24.03
N ARG C 640 -7.79 4.65 -23.01
CA ARG C 640 -7.09 3.57 -22.32
C ARG C 640 -8.13 2.84 -21.49
N ILE C 641 -8.08 1.52 -21.48
CA ILE C 641 -8.97 0.74 -20.64
C ILE C 641 -8.21 -0.06 -19.56
N ASP C 642 -7.81 -1.29 -19.85
CA ASP C 642 -6.99 -2.06 -18.92
C ASP C 642 -5.54 -1.65 -19.12
N SER C 643 -4.85 -1.32 -18.02
CA SER C 643 -3.47 -0.86 -18.09
C SER C 643 -2.49 -1.96 -17.64
N PRO C 644 -1.33 -2.03 -18.29
CA PRO C 644 -0.29 -3.02 -18.00
C PRO C 644 0.67 -2.47 -16.96
N PHE C 645 0.32 -1.29 -16.46
CA PHE C 645 1.08 -0.65 -15.41
C PHE C 645 0.26 -0.73 -14.12
N VAL C 646 -0.92 -1.35 -14.20
CA VAL C 646 -1.73 -1.62 -13.03
C VAL C 646 -2.13 -3.09 -12.77
N GLU C 647 -1.90 -3.55 -11.54
CA GLU C 647 -1.96 -4.95 -11.12
C GLU C 647 -0.99 -5.75 -11.97
N ASP C 648 -1.28 -7.02 -12.22
CA ASP C 648 -0.33 -7.93 -12.83
C ASP C 648 0.05 -7.48 -14.23
N GLY C 649 -0.75 -6.57 -14.79
CA GLY C 649 -0.46 -6.00 -16.10
C GLY C 649 -0.36 -7.03 -17.23
N ASN C 650 -0.98 -8.19 -17.04
CA ASN C 650 -0.98 -9.22 -18.07
C ASN C 650 -1.78 -8.72 -19.26
N VAL C 651 -2.74 -7.86 -18.99
CA VAL C 651 -3.73 -7.49 -19.98
C VAL C 651 -3.77 -5.97 -20.23
N THR C 652 -3.35 -5.57 -21.44
CA THR C 652 -3.49 -4.20 -21.96
C THR C 652 -4.72 -4.14 -22.87
N SER C 653 -5.48 -3.05 -22.79
CA SER C 653 -6.61 -2.87 -23.68
C SER C 653 -6.90 -1.39 -23.92
N TRP C 654 -7.23 -1.06 -25.17
CA TRP C 654 -7.66 0.28 -25.53
C TRP C 654 -8.58 0.35 -26.76
N GLN C 655 -9.19 1.52 -26.94
CA GLN C 655 -10.30 1.68 -27.87
C GLN C 655 -10.27 3.09 -28.48
N VAL C 656 -10.52 3.15 -29.79
CA VAL C 656 -10.70 4.42 -30.49
C VAL C 656 -12.16 4.57 -30.86
N VAL C 657 -12.61 5.82 -30.98
CA VAL C 657 -14.03 6.15 -31.15
C VAL C 657 -14.19 7.33 -32.11
N SER C 658 -15.05 7.17 -33.10
CA SER C 658 -15.34 8.23 -34.06
C SER C 658 -16.02 9.40 -33.38
N ASP C 659 -15.90 10.58 -33.97
CA ASP C 659 -16.46 11.78 -33.37
C ASP C 659 -17.95 11.65 -33.05
N ASP C 660 -18.65 10.94 -33.93
CA ASP C 660 -20.11 10.78 -33.82
C ASP C 660 -20.51 9.63 -32.89
N GLN C 661 -19.51 8.86 -32.46
CA GLN C 661 -19.71 7.76 -31.54
C GLN C 661 -20.51 6.62 -32.15
N LYS C 662 -20.52 6.56 -33.48
CA LYS C 662 -21.23 5.50 -34.16
C LYS C 662 -20.29 4.42 -34.68
N GLN C 663 -18.98 4.66 -34.59
CA GLN C 663 -18.01 3.65 -34.96
C GLN C 663 -16.82 3.61 -33.98
N ALA C 664 -16.44 2.41 -33.56
CA ALA C 664 -15.27 2.26 -32.69
C ALA C 664 -14.50 1.01 -33.04
N ILE C 665 -13.25 0.95 -32.60
CA ILE C 665 -12.50 -0.30 -32.58
C ILE C 665 -11.75 -0.43 -31.26
N ALA C 666 -11.91 -1.58 -30.63
CA ALA C 666 -11.23 -1.82 -29.37
C ALA C 666 -10.32 -3.01 -29.57
N ALA C 667 -9.28 -3.11 -28.76
CA ALA C 667 -8.45 -4.29 -28.78
C ALA C 667 -8.09 -4.69 -27.36
N ARG C 668 -8.01 -5.99 -27.11
CA ARG C 668 -7.63 -6.52 -25.81
C ARG C 668 -6.42 -7.41 -26.00
N TYR C 669 -5.32 -7.08 -25.33
CA TYR C 669 -4.09 -7.87 -25.45
C TYR C 669 -3.78 -8.58 -24.13
N GLN C 670 -3.28 -9.80 -24.24
CA GLN C 670 -2.97 -10.60 -23.06
C GLN C 670 -1.64 -11.28 -23.33
N LEU C 671 -0.63 -10.94 -22.53
CA LEU C 671 0.73 -11.43 -22.77
C LEU C 671 0.83 -12.92 -22.54
N LEU C 672 0.47 -13.34 -21.34
CA LEU C 672 0.59 -14.73 -20.95
C LEU C 672 -0.80 -15.33 -20.82
N ASN C 673 -1.00 -16.47 -21.48
CA ASN C 673 -2.27 -17.16 -21.38
C ASN C 673 -2.16 -18.08 -20.19
N HIS C 674 -3.19 -18.14 -19.38
CA HIS C 674 -3.21 -19.03 -18.23
C HIS C 674 -4.35 -20.07 -18.32
N PRO C 675 -4.11 -21.28 -17.82
CA PRO C 675 -5.09 -22.38 -17.96
C PRO C 675 -6.32 -22.16 -17.09
N ASN C 676 -7.38 -22.91 -17.37
CA ASN C 676 -8.57 -22.90 -16.54
C ASN C 676 -8.90 -21.49 -16.06
N ALA C 677 -9.06 -20.58 -17.01
CA ALA C 677 -9.16 -19.16 -16.70
C ALA C 677 -10.56 -18.73 -16.31
N PRO C 678 -10.68 -17.63 -15.56
CA PRO C 678 -11.96 -16.96 -15.35
C PRO C 678 -12.65 -16.54 -16.67
N TYR C 679 -13.97 -16.48 -16.68
CA TYR C 679 -14.67 -15.89 -17.82
C TYR C 679 -14.22 -14.43 -18.02
N THR C 680 -13.93 -14.07 -19.28
CA THR C 680 -13.50 -12.71 -19.62
C THR C 680 -14.67 -11.78 -19.88
N ARG C 681 -14.68 -10.62 -19.23
CA ARG C 681 -15.66 -9.61 -19.58
C ARG C 681 -14.99 -8.29 -19.94
N PHE C 682 -15.20 -7.84 -21.18
CA PHE C 682 -14.57 -6.62 -21.67
C PHE C 682 -15.54 -5.44 -21.64
N TYR C 683 -15.07 -4.31 -21.13
CA TYR C 683 -15.96 -3.18 -20.88
C TYR C 683 -15.69 -2.00 -21.80
N PHE C 684 -16.49 -1.85 -22.85
CA PHE C 684 -16.27 -0.77 -23.82
C PHE C 684 -16.41 0.60 -23.14
N LYS C 685 -16.01 1.63 -23.88
CA LYS C 685 -16.07 3.00 -23.39
C LYS C 685 -16.48 3.94 -24.52
N GLY C 686 -17.03 5.10 -24.15
CA GLY C 686 -17.19 6.20 -25.08
C GLY C 686 -18.34 6.10 -26.06
N LEU C 687 -19.13 5.03 -25.96
CA LEU C 687 -20.29 4.82 -26.80
C LEU C 687 -21.49 5.59 -26.26
N ARG C 688 -22.54 5.67 -27.08
CA ARG C 688 -23.78 6.33 -26.67
C ARG C 688 -24.66 5.34 -25.93
N PRO C 689 -25.12 5.71 -24.73
CA PRO C 689 -25.86 4.77 -23.88
C PRO C 689 -27.12 4.23 -24.54
N ASN C 690 -27.84 5.09 -25.27
CA ASN C 690 -29.13 4.72 -25.84
C ASN C 690 -29.11 4.37 -27.32
N GLN C 691 -27.96 3.95 -27.80
CA GLN C 691 -27.76 3.71 -29.21
C GLN C 691 -27.45 2.23 -29.36
N ARG C 692 -27.86 1.61 -30.47
CA ARG C 692 -27.61 0.18 -30.63
C ARG C 692 -26.42 -0.07 -31.56
N TYR C 693 -25.67 -1.14 -31.26
CA TYR C 693 -24.35 -1.38 -31.86
C TYR C 693 -24.18 -2.85 -32.17
N GLN C 694 -23.21 -3.16 -33.02
CA GLN C 694 -22.95 -4.52 -33.48
C GLN C 694 -21.46 -4.80 -33.49
N ILE C 695 -21.05 -5.87 -32.83
CA ILE C 695 -19.64 -6.18 -32.69
C ILE C 695 -19.06 -7.39 -33.41
N ASN C 696 -18.25 -7.14 -34.44
CA ASN C 696 -17.73 -8.18 -35.32
C ASN C 696 -18.96 -8.94 -35.81
N ASP C 697 -18.85 -10.26 -35.92
CA ASP C 697 -19.86 -11.11 -36.55
C ASP C 697 -20.99 -11.57 -35.60
N ASP C 698 -20.86 -11.25 -34.31
CA ASP C 698 -21.96 -11.43 -33.34
C ASP C 698 -23.27 -10.90 -33.93
N PRO C 699 -24.18 -11.83 -34.27
CA PRO C 699 -25.46 -11.51 -34.91
C PRO C 699 -26.30 -10.51 -34.12
N SER C 700 -26.15 -10.52 -32.79
CA SER C 700 -26.98 -9.70 -31.92
C SER C 700 -26.67 -8.21 -31.98
N THR C 701 -27.62 -7.41 -31.52
CA THR C 701 -27.39 -6.00 -31.33
C THR C 701 -27.39 -5.66 -29.82
N TYR C 702 -26.58 -4.69 -29.42
CA TYR C 702 -26.45 -4.31 -28.01
C TYR C 702 -26.60 -2.81 -27.84
N TYR C 703 -27.24 -2.39 -26.76
CA TYR C 703 -27.28 -0.96 -26.43
C TYR C 703 -25.94 -0.60 -25.84
N GLY C 704 -25.49 0.62 -26.08
CA GLY C 704 -24.20 1.06 -25.59
C GLY C 704 -24.06 0.78 -24.11
N ASP C 705 -25.10 1.13 -23.36
CA ASP C 705 -25.10 0.90 -21.92
C ASP C 705 -24.99 -0.58 -21.50
N GLU C 706 -25.41 -1.51 -22.35
CA GLU C 706 -25.04 -2.90 -22.13
C GLU C 706 -23.51 -3.06 -22.21
N LEU C 707 -22.92 -2.50 -23.26
CA LEU C 707 -21.52 -2.74 -23.54
C LEU C 707 -20.58 -2.00 -22.57
N MSE C 708 -21.10 -0.99 -21.89
CA MSE C 708 -20.28 -0.24 -20.95
C MSE C 708 -20.50 -0.69 -19.50
O MSE C 708 -19.56 -0.78 -18.73
CB MSE C 708 -20.53 1.27 -21.11
CG MSE C 708 -20.02 1.85 -22.41
SE MSE C 708 -20.33 3.79 -22.66
CE MSE C 708 -22.29 3.88 -22.81
N ASN C 709 -21.74 -0.95 -19.13
CA ASN C 709 -22.07 -1.21 -17.74
C ASN C 709 -22.00 -2.67 -17.36
N ALA C 710 -22.45 -3.53 -18.27
CA ALA C 710 -22.44 -4.94 -18.02
C ALA C 710 -21.17 -5.55 -18.60
N GLY C 711 -20.70 -4.96 -19.69
CA GLY C 711 -19.58 -5.49 -20.42
C GLY C 711 -20.04 -6.52 -21.43
N TYR C 712 -19.08 -7.13 -22.11
CA TYR C 712 -19.35 -8.03 -23.21
C TYR C 712 -18.46 -9.27 -23.04
N PHE C 713 -19.09 -10.44 -23.03
CA PHE C 713 -18.39 -11.69 -22.79
C PHE C 713 -17.52 -12.06 -23.96
N VAL C 714 -16.22 -12.11 -23.72
CA VAL C 714 -15.27 -12.54 -24.73
C VAL C 714 -14.88 -13.99 -24.46
N PRO C 715 -14.86 -14.82 -25.51
CA PRO C 715 -14.45 -16.23 -25.41
C PRO C 715 -13.09 -16.38 -24.75
N THR C 716 -12.85 -17.57 -24.22
CA THR C 716 -11.58 -17.90 -23.61
C THR C 716 -10.54 -18.27 -24.68
N ILE C 717 -9.28 -17.95 -24.44
CA ILE C 717 -8.20 -18.30 -25.34
C ILE C 717 -7.79 -19.76 -25.15
N LEU C 718 -8.17 -20.60 -26.11
CA LEU C 718 -7.98 -22.05 -25.99
C LEU C 718 -6.77 -22.52 -26.77
N ALA C 719 -6.13 -23.56 -26.24
CA ALA C 719 -5.00 -24.20 -26.89
C ALA C 719 -5.52 -24.97 -28.09
N ASP C 720 -4.70 -25.09 -29.13
CA ASP C 720 -5.12 -25.83 -30.31
C ASP C 720 -3.96 -26.63 -30.91
N GLY C 721 -2.87 -26.73 -30.16
CA GLY C 721 -1.75 -27.56 -30.56
C GLY C 721 -0.92 -27.02 -31.71
N GLN C 722 -1.38 -25.95 -32.35
CA GLN C 722 -0.70 -25.41 -33.53
C GLN C 722 0.30 -24.31 -33.16
N GLU C 723 -0.21 -23.28 -32.48
CA GLU C 723 0.60 -22.10 -32.19
C GLU C 723 0.57 -21.76 -30.69
N SER C 724 1.43 -20.82 -30.31
CA SER C 724 1.48 -20.28 -28.96
C SER C 724 0.22 -19.46 -28.73
N LYS C 725 -0.28 -19.40 -27.49
CA LYS C 725 -1.42 -18.53 -27.20
C LYS C 725 -0.99 -17.36 -26.31
N ASP C 726 0.33 -17.20 -26.20
CA ASP C 726 0.93 -16.02 -25.58
C ASP C 726 0.95 -14.83 -26.56
N PHE C 727 0.91 -13.62 -26.01
CA PHE C 727 0.86 -12.40 -26.81
C PHE C 727 -0.32 -12.49 -27.76
N TYR C 728 -1.50 -12.58 -27.18
CA TYR C 728 -2.72 -12.84 -27.93
C TYR C 728 -3.60 -11.59 -28.02
N THR C 729 -4.16 -11.35 -29.20
CA THR C 729 -4.98 -10.16 -29.43
C THR C 729 -6.43 -10.51 -29.71
N GLN C 730 -7.32 -9.63 -29.27
CA GLN C 730 -8.73 -9.80 -29.54
C GLN C 730 -9.27 -8.48 -30.02
N LEU C 731 -9.47 -8.38 -31.34
CA LEU C 731 -10.01 -7.16 -31.92
C LEU C 731 -11.53 -7.17 -31.91
N PHE C 732 -12.10 -5.99 -31.63
CA PHE C 732 -13.54 -5.82 -31.58
C PHE C 732 -13.90 -4.62 -32.42
N VAL C 733 -14.46 -4.84 -33.60
CA VAL C 733 -15.00 -3.73 -34.38
C VAL C 733 -16.43 -3.47 -33.91
N VAL C 734 -16.70 -2.24 -33.52
CA VAL C 734 -18.01 -1.85 -33.02
C VAL C 734 -18.67 -0.86 -33.97
N THR C 735 -19.79 -1.27 -34.57
CA THR C 735 -20.52 -0.41 -35.50
C THR C 735 -21.99 -0.20 -35.12
N ALA C 736 -22.49 1.01 -35.31
CA ALA C 736 -23.86 1.33 -34.92
C ALA C 736 -24.93 0.79 -35.86
N ILE C 737 -26.17 0.81 -35.36
CA ILE C 737 -27.33 0.34 -36.09
C ILE C 737 -27.94 1.52 -36.85
N LEU C 738 -27.97 1.40 -38.17
CA LEU C 738 -28.51 2.46 -39.01
C LEU C 738 -30.02 2.47 -38.89
N ILE D 3 -40.08 -3.23 -12.91
CA ILE D 3 -39.92 -4.67 -13.09
C ILE D 3 -40.54 -5.17 -14.40
N HIS D 4 -39.73 -5.88 -15.18
CA HIS D 4 -40.10 -6.29 -16.51
C HIS D 4 -39.87 -7.76 -16.61
N VAL D 5 -40.90 -8.52 -16.97
CA VAL D 5 -40.76 -9.94 -17.17
C VAL D 5 -40.92 -10.28 -18.65
N ASN D 6 -40.06 -11.16 -19.15
CA ASN D 6 -40.21 -11.70 -20.48
C ASN D 6 -40.64 -13.13 -20.31
N GLU D 7 -41.94 -13.35 -20.50
CA GLU D 7 -42.55 -14.61 -20.11
C GLU D 7 -42.07 -15.71 -21.02
N ALA D 8 -41.69 -15.32 -22.23
CA ALA D 8 -41.23 -16.25 -23.24
C ALA D 8 -39.87 -16.86 -22.90
N ASN D 9 -39.05 -16.12 -22.15
CA ASN D 9 -37.73 -16.59 -21.73
C ASN D 9 -37.53 -16.62 -20.22
N LEU D 10 -38.55 -16.16 -19.50
CA LEU D 10 -38.48 -16.16 -18.05
C LEU D 10 -37.25 -15.36 -17.60
N THR D 11 -37.08 -14.21 -18.24
CA THR D 11 -36.08 -13.24 -17.87
C THR D 11 -36.71 -12.14 -17.02
N PHE D 12 -36.30 -12.07 -15.76
CA PHE D 12 -36.76 -11.08 -14.84
C PHE D 12 -35.70 -10.02 -14.70
N HIS D 13 -36.13 -8.78 -14.85
CA HIS D 13 -35.25 -7.66 -14.93
C HIS D 13 -35.87 -6.53 -14.12
N LEU D 14 -35.24 -6.21 -13.00
CA LEU D 14 -35.64 -5.11 -12.14
C LEU D 14 -34.91 -3.78 -12.49
N GLN D 15 -35.67 -2.70 -12.67
CA GLN D 15 -35.12 -1.37 -12.96
C GLN D 15 -35.52 -0.32 -11.93
N THR D 16 -34.52 0.22 -11.25
CA THR D 16 -34.72 1.39 -10.41
C THR D 16 -34.40 2.62 -11.26
N ASP D 17 -34.41 3.80 -10.68
CA ASP D 17 -34.01 4.96 -11.45
C ASP D 17 -32.63 4.80 -12.13
N HIS D 18 -31.68 4.13 -11.47
CA HIS D 18 -30.31 4.07 -12.00
C HIS D 18 -29.67 2.68 -12.03
N THR D 19 -30.36 1.68 -11.49
CA THR D 19 -29.77 0.33 -11.48
C THR D 19 -30.60 -0.73 -12.23
N SER D 20 -29.93 -1.84 -12.56
CA SER D 20 -30.59 -2.99 -13.17
C SER D 20 -30.13 -4.27 -12.50
N TYR D 21 -31.06 -4.95 -11.84
CA TYR D 21 -30.83 -6.28 -11.32
C TYR D 21 -31.55 -7.21 -12.29
N ILE D 22 -30.83 -8.15 -12.90
CA ILE D 22 -31.40 -9.03 -13.90
C ILE D 22 -31.07 -10.49 -13.59
N PHE D 23 -32.10 -11.35 -13.60
CA PHE D 23 -31.87 -12.79 -13.55
C PHE D 23 -32.78 -13.58 -14.49
N GLN D 24 -32.48 -14.86 -14.66
CA GLN D 24 -33.16 -15.71 -15.64
C GLN D 24 -33.37 -17.13 -15.13
N ILE D 25 -34.56 -17.68 -15.39
CA ILE D 25 -34.80 -19.09 -15.11
C ILE D 25 -34.06 -19.91 -16.15
N MSE D 26 -33.40 -20.96 -15.69
CA MSE D 26 -32.47 -21.67 -16.55
C MSE D 26 -32.86 -23.10 -16.93
O MSE D 26 -33.82 -23.67 -16.40
CB MSE D 26 -31.10 -21.66 -15.90
CG MSE D 26 -30.58 -20.26 -15.63
SE MSE D 26 -28.65 -20.33 -15.54
CE MSE D 26 -28.41 -21.59 -14.05
N LYS D 27 -32.09 -23.65 -17.86
CA LYS D 27 -32.29 -25.00 -18.36
C LYS D 27 -32.69 -25.97 -17.25
N ASN D 28 -31.96 -25.98 -16.15
CA ASN D 28 -32.23 -26.95 -15.08
C ASN D 28 -33.31 -26.55 -14.11
N GLY D 29 -33.93 -25.39 -14.35
CA GLY D 29 -35.06 -24.95 -13.54
C GLY D 29 -34.71 -23.96 -12.43
N GLU D 30 -33.42 -23.79 -12.17
CA GLU D 30 -32.95 -22.85 -11.15
C GLU D 30 -32.76 -21.47 -11.74
N ALA D 31 -32.82 -20.45 -10.88
CA ALA D 31 -32.65 -19.06 -11.30
C ALA D 31 -31.18 -18.67 -11.41
N GLY D 32 -30.83 -18.03 -12.53
CA GLY D 32 -29.47 -17.64 -12.85
C GLY D 32 -29.28 -16.14 -12.86
N GLN D 33 -28.38 -15.67 -12.03
CA GLN D 33 -28.11 -14.25 -11.90
C GLN D 33 -27.36 -13.81 -13.14
N ILE D 34 -27.78 -12.69 -13.73
CA ILE D 34 -27.16 -12.22 -14.97
C ILE D 34 -26.31 -10.95 -14.74
N TYR D 35 -26.85 -9.99 -14.02
CA TYR D 35 -26.19 -8.70 -13.91
C TYR D 35 -26.81 -7.78 -12.86
N TYR D 36 -25.97 -7.09 -12.09
CA TYR D 36 -26.43 -6.08 -11.14
C TYR D 36 -25.40 -4.98 -11.21
N GLY D 37 -25.85 -3.79 -11.53
CA GLY D 37 -24.94 -2.71 -11.86
C GLY D 37 -25.72 -1.48 -12.26
N PRO D 38 -25.05 -0.50 -12.88
CA PRO D 38 -25.83 0.65 -13.39
C PRO D 38 -26.93 0.15 -14.34
N ARG D 39 -27.99 0.95 -14.50
CA ARG D 39 -29.10 0.56 -15.37
C ARG D 39 -28.67 0.25 -16.80
N ILE D 40 -29.21 -0.83 -17.35
CA ILE D 40 -29.03 -1.14 -18.77
C ILE D 40 -30.38 -1.47 -19.39
N HIS D 41 -30.46 -1.49 -20.71
CA HIS D 41 -31.73 -1.59 -21.41
C HIS D 41 -32.42 -2.93 -21.23
N VAL D 42 -33.75 -2.92 -21.22
CA VAL D 42 -34.49 -4.18 -21.20
C VAL D 42 -34.35 -4.95 -22.53
N GLN D 43 -34.15 -6.26 -22.42
CA GLN D 43 -33.94 -7.12 -23.58
C GLN D 43 -34.49 -8.49 -23.25
N PRO D 44 -35.01 -9.20 -24.26
CA PRO D 44 -35.71 -10.46 -24.02
C PRO D 44 -34.78 -11.48 -23.40
N THR D 45 -33.59 -11.55 -23.94
CA THR D 45 -32.61 -12.51 -23.51
C THR D 45 -31.22 -11.84 -23.55
N TYR D 46 -30.28 -12.35 -22.77
CA TYR D 46 -28.91 -11.86 -22.74
C TYR D 46 -27.95 -13.00 -23.05
N GLN D 47 -28.06 -13.56 -24.24
CA GLN D 47 -27.29 -14.75 -24.61
C GLN D 47 -25.82 -14.53 -24.35
N ASN D 48 -25.37 -13.31 -24.57
CA ASN D 48 -23.97 -12.96 -24.41
C ASN D 48 -23.51 -13.09 -22.97
N LEU D 49 -24.17 -12.38 -22.08
CA LEU D 49 -23.80 -12.40 -20.67
C LEU D 49 -23.91 -13.79 -20.05
N MSE D 50 -24.70 -14.67 -20.67
CA MSE D 50 -24.97 -15.99 -20.12
C MSE D 50 -24.15 -17.11 -20.75
O MSE D 50 -24.45 -18.29 -20.54
CB MSE D 50 -26.47 -16.30 -20.24
CG MSE D 50 -27.33 -15.60 -19.21
SE MSE D 50 -26.82 -16.13 -17.38
CE MSE D 50 -27.92 -17.73 -17.25
N SER D 51 -23.12 -16.73 -21.49
CA SER D 51 -22.28 -17.71 -22.17
C SER D 51 -21.73 -18.75 -21.19
N GLN D 52 -21.52 -19.97 -21.67
CA GLN D 52 -21.04 -21.06 -20.84
C GLN D 52 -19.91 -21.79 -21.55
N GLU D 53 -18.82 -22.06 -20.82
CA GLU D 53 -17.70 -22.78 -21.40
C GLU D 53 -17.27 -23.94 -20.52
N TRP D 54 -16.79 -25.02 -21.13
CA TRP D 54 -16.28 -26.15 -20.39
C TRP D 54 -15.01 -25.81 -19.61
N ARG D 55 -15.05 -26.04 -18.30
CA ARG D 55 -13.88 -26.03 -17.43
C ARG D 55 -13.66 -27.44 -16.85
N ASP D 56 -12.42 -27.81 -16.56
CA ASP D 56 -12.12 -29.18 -16.14
C ASP D 56 -12.31 -29.43 -14.63
N ALA D 57 -12.46 -30.71 -14.28
CA ALA D 57 -12.44 -31.17 -12.89
C ALA D 57 -13.57 -30.59 -12.04
N THR D 58 -14.73 -30.45 -12.66
CA THR D 58 -15.92 -29.98 -11.98
C THR D 58 -17.18 -30.51 -12.66
N PRO D 59 -18.11 -31.02 -11.86
CA PRO D 59 -19.32 -31.68 -12.35
C PRO D 59 -20.15 -30.83 -13.33
N SER D 60 -20.84 -31.51 -14.25
CA SER D 60 -21.78 -30.86 -15.16
C SER D 60 -23.16 -31.41 -14.86
N LEU D 61 -24.20 -30.71 -15.30
CA LEU D 61 -25.59 -31.13 -15.09
C LEU D 61 -25.77 -32.60 -15.47
N ASN D 62 -25.56 -32.91 -16.74
CA ASN D 62 -25.63 -34.29 -17.21
C ASN D 62 -24.74 -34.52 -18.43
N GLU D 63 -25.04 -35.56 -19.21
CA GLU D 63 -24.19 -35.93 -20.35
C GLU D 63 -24.51 -35.13 -21.60
N GLU D 64 -25.72 -34.57 -21.66
CA GLU D 64 -26.17 -33.80 -22.83
C GLU D 64 -25.65 -32.38 -22.75
N ASN D 65 -25.29 -31.97 -21.54
CA ASN D 65 -24.78 -30.64 -21.32
C ASN D 65 -23.49 -30.68 -20.51
N PRO D 66 -22.36 -30.99 -21.16
CA PRO D 66 -21.09 -31.03 -20.41
C PRO D 66 -20.74 -29.64 -19.90
N ASN D 67 -21.16 -28.62 -20.63
CA ASN D 67 -20.75 -27.25 -20.35
C ASN D 67 -21.67 -26.54 -19.37
N PHE D 68 -22.77 -27.17 -18.98
CA PHE D 68 -23.58 -26.64 -17.90
C PHE D 68 -22.93 -27.10 -16.60
N GLN D 69 -22.24 -26.18 -15.92
CA GLN D 69 -21.50 -26.49 -14.70
C GLN D 69 -21.81 -25.45 -13.63
N PRO D 70 -22.48 -25.87 -12.56
CA PRO D 70 -22.90 -24.97 -11.47
C PRO D 70 -21.75 -24.19 -10.82
N ALA D 71 -20.52 -24.72 -10.89
CA ALA D 71 -19.32 -24.03 -10.36
C ALA D 71 -18.97 -22.73 -11.09
N THR D 72 -19.33 -22.63 -12.36
CA THR D 72 -19.09 -21.43 -13.15
C THR D 72 -20.38 -20.65 -13.45
N ILE D 73 -21.46 -20.98 -12.75
CA ILE D 73 -22.74 -20.29 -12.97
C ILE D 73 -23.18 -19.42 -11.80
N LYS D 74 -23.29 -18.12 -12.03
CA LYS D 74 -23.83 -17.22 -11.04
C LYS D 74 -25.28 -17.56 -10.66
N ALA D 75 -25.52 -17.78 -9.37
CA ALA D 75 -26.82 -18.20 -8.91
C ALA D 75 -27.52 -17.12 -8.14
N GLU D 76 -28.82 -17.30 -7.97
CA GLU D 76 -29.65 -16.33 -7.28
C GLU D 76 -29.98 -16.81 -5.88
N TYR D 77 -29.99 -18.12 -5.69
CA TYR D 77 -30.31 -18.72 -4.39
C TYR D 77 -29.90 -20.16 -4.48
N ALA D 78 -28.63 -20.44 -4.24
CA ALA D 78 -28.09 -21.77 -4.51
C ALA D 78 -28.08 -22.76 -3.34
N SER D 79 -28.09 -24.05 -3.66
CA SER D 79 -27.94 -25.10 -2.67
C SER D 79 -26.60 -25.80 -2.85
N LEU D 80 -26.23 -26.60 -1.86
CA LEU D 80 -25.01 -27.38 -1.93
C LEU D 80 -25.33 -28.84 -2.21
N GLY D 81 -24.62 -29.42 -3.18
CA GLY D 81 -24.77 -30.84 -3.45
C GLY D 81 -24.90 -31.16 -4.93
N LYS D 82 -25.12 -30.12 -5.72
CA LYS D 82 -25.46 -30.30 -7.11
C LYS D 82 -24.37 -29.87 -8.06
N GLY D 83 -23.13 -29.74 -7.58
CA GLY D 83 -22.02 -29.35 -8.43
C GLY D 83 -21.41 -28.01 -8.07
N ASP D 84 -22.18 -27.23 -7.31
CA ASP D 84 -21.68 -25.99 -6.75
C ASP D 84 -21.07 -26.29 -5.40
N PHE D 85 -19.85 -25.84 -5.19
CA PHE D 85 -19.18 -26.07 -3.91
C PHE D 85 -18.97 -24.80 -3.08
N ARG D 86 -19.41 -23.67 -3.63
CA ARG D 86 -19.43 -22.45 -2.86
C ARG D 86 -20.44 -22.57 -1.73
N GLN D 87 -20.51 -21.56 -0.88
CA GLN D 87 -21.44 -21.58 0.23
C GLN D 87 -22.84 -21.47 -0.31
N PRO D 88 -23.80 -22.18 0.31
CA PRO D 88 -25.17 -22.13 -0.19
C PRO D 88 -26.00 -21.07 0.50
N ALA D 89 -27.10 -20.67 -0.12
CA ALA D 89 -28.02 -19.74 0.49
C ALA D 89 -28.90 -20.46 1.48
N PHE D 90 -29.13 -21.75 1.26
CA PHE D 90 -30.03 -22.49 2.15
C PHE D 90 -29.62 -23.96 2.13
N GLN D 91 -30.20 -24.75 3.04
CA GLN D 91 -30.04 -26.21 3.06
C GLN D 91 -31.21 -26.85 3.79
N VAL D 92 -31.69 -28.00 3.29
CA VAL D 92 -32.82 -28.72 3.88
C VAL D 92 -32.54 -30.20 4.11
N THR D 93 -32.74 -30.66 5.34
CA THR D 93 -32.54 -32.05 5.71
C THR D 93 -33.88 -32.79 5.71
N GLN D 94 -33.91 -33.96 5.06
CA GLN D 94 -35.12 -34.77 5.07
C GLN D 94 -35.20 -35.68 6.28
N ALA D 95 -36.30 -36.43 6.36
CA ALA D 95 -36.48 -37.44 7.41
C ALA D 95 -35.39 -38.50 7.32
N ASN D 96 -34.85 -38.69 6.12
CA ASN D 96 -33.87 -39.75 5.88
C ASN D 96 -32.42 -39.31 5.99
N GLY D 97 -32.20 -38.02 6.15
CA GLY D 97 -30.85 -37.51 6.34
C GLY D 97 -30.24 -36.85 5.13
N SER D 98 -30.82 -37.11 3.96
CA SER D 98 -30.40 -36.48 2.71
C SER D 98 -30.55 -34.96 2.76
N ARG D 99 -29.57 -34.25 2.22
CA ARG D 99 -29.56 -32.81 2.25
C ARG D 99 -29.62 -32.22 0.84
N ILE D 100 -29.90 -33.07 -0.14
CA ILE D 100 -30.01 -32.64 -1.52
C ILE D 100 -31.33 -31.92 -1.76
N THR D 101 -31.28 -30.86 -2.56
CA THR D 101 -32.48 -30.14 -2.91
C THR D 101 -32.44 -29.73 -4.36
N GLU D 102 -33.49 -30.03 -5.10
CA GLU D 102 -33.52 -29.62 -6.50
C GLU D 102 -34.64 -28.65 -6.81
N LEU D 103 -34.37 -27.36 -6.67
CA LEU D 103 -35.37 -26.37 -7.01
C LEU D 103 -35.68 -26.39 -8.48
N THR D 104 -36.96 -26.17 -8.80
CA THR D 104 -37.43 -26.10 -10.15
C THR D 104 -38.53 -25.06 -10.18
N TYR D 105 -38.30 -24.01 -10.97
CA TYR D 105 -39.28 -22.93 -11.16
C TYR D 105 -40.64 -23.46 -11.58
N ASP D 106 -41.69 -22.83 -11.07
CA ASP D 106 -43.04 -23.20 -11.45
C ASP D 106 -43.82 -22.01 -11.99
N HIS D 107 -43.82 -20.89 -11.26
CA HIS D 107 -44.62 -19.73 -11.64
C HIS D 107 -44.18 -18.49 -10.90
N TYR D 108 -44.55 -17.32 -11.41
CA TYR D 108 -44.25 -16.06 -10.76
C TYR D 108 -45.49 -15.21 -10.59
N GLN D 109 -45.40 -14.18 -9.76
CA GLN D 109 -46.48 -13.24 -9.56
C GLN D 109 -45.94 -11.81 -9.39
N LEU D 110 -46.65 -10.82 -9.91
CA LEU D 110 -46.21 -9.41 -9.84
C LEU D 110 -47.26 -8.55 -9.14
N LEU D 111 -46.91 -7.99 -7.98
CA LEU D 111 -47.85 -7.20 -7.20
C LEU D 111 -47.48 -5.74 -7.31
N THR D 112 -48.32 -4.89 -6.77
CA THR D 112 -48.05 -3.48 -6.72
C THR D 112 -47.82 -3.06 -5.27
N GLY D 113 -46.91 -2.10 -5.10
CA GLY D 113 -46.53 -1.65 -3.77
C GLY D 113 -45.77 -2.72 -3.03
N LYS D 114 -45.97 -2.76 -1.72
CA LYS D 114 -45.24 -3.67 -0.86
C LYS D 114 -45.96 -3.70 0.49
N GLN D 115 -46.32 -4.89 0.96
CA GLN D 115 -46.99 -5.01 2.24
C GLN D 115 -46.02 -5.42 3.32
N ARG D 116 -46.27 -4.97 4.54
CA ARG D 116 -45.52 -5.45 5.69
C ARG D 116 -45.49 -6.99 5.74
N LEU D 117 -44.53 -7.53 6.48
CA LEU D 117 -44.53 -8.95 6.79
C LEU D 117 -45.38 -9.13 8.05
N ALA D 118 -45.92 -10.34 8.21
CA ALA D 118 -46.88 -10.55 9.26
C ALA D 118 -46.26 -10.29 10.62
N ASN D 119 -45.16 -10.96 10.93
CA ASN D 119 -44.63 -10.89 12.30
C ASN D 119 -43.24 -10.28 12.45
N LEU D 120 -42.65 -9.82 11.35
CA LEU D 120 -41.31 -9.26 11.36
C LEU D 120 -41.33 -7.79 10.95
N PRO D 121 -40.42 -6.98 11.52
CA PRO D 121 -40.20 -5.63 11.02
C PRO D 121 -39.86 -5.72 9.55
N SER D 122 -40.31 -4.79 8.74
CA SER D 122 -40.17 -4.96 7.29
C SER D 122 -40.52 -3.70 6.52
N THR D 123 -40.44 -3.81 5.20
CA THR D 123 -40.57 -2.63 4.36
C THR D 123 -41.94 -2.52 3.72
N PHE D 124 -42.37 -1.29 3.49
CA PHE D 124 -43.70 -1.06 2.99
C PHE D 124 -43.69 0.15 2.06
N ASP D 125 -44.64 0.18 1.13
CA ASP D 125 -44.90 1.36 0.32
C ASP D 125 -46.32 1.84 0.54
N ASP D 126 -46.50 2.76 1.48
CA ASP D 126 -47.81 3.33 1.74
C ASP D 126 -47.82 4.78 1.29
N THR D 127 -46.85 5.14 0.46
CA THR D 127 -46.66 6.53 0.08
C THR D 127 -46.71 6.66 -1.43
N ASP D 128 -47.36 5.69 -2.06
CA ASP D 128 -47.56 5.75 -3.50
C ASP D 128 -46.26 6.19 -4.15
N ASP D 129 -45.28 5.29 -4.18
CA ASP D 129 -43.91 5.65 -4.52
C ASP D 129 -43.40 4.70 -5.56
N ASP D 130 -44.33 4.07 -6.26
CA ASP D 130 -44.01 3.28 -7.46
C ASP D 130 -43.27 1.97 -7.19
N ALA D 131 -43.40 1.46 -5.96
CA ALA D 131 -42.78 0.17 -5.62
C ALA D 131 -43.54 -1.00 -6.22
N GLN D 132 -42.85 -2.12 -6.35
CA GLN D 132 -43.43 -3.32 -6.93
C GLN D 132 -42.86 -4.53 -6.20
N THR D 133 -43.65 -5.58 -6.03
CA THR D 133 -43.13 -6.81 -5.44
C THR D 133 -43.25 -7.93 -6.44
N LEU D 134 -42.14 -8.61 -6.71
CA LEU D 134 -42.07 -9.75 -7.60
C LEU D 134 -41.89 -10.98 -6.74
N VAL D 135 -42.74 -11.98 -6.90
CA VAL D 135 -42.60 -13.23 -6.13
C VAL D 135 -42.33 -14.39 -7.06
N VAL D 136 -41.19 -15.03 -6.91
CA VAL D 136 -40.79 -16.07 -7.85
C VAL D 136 -40.76 -17.43 -7.15
N SER D 137 -41.78 -18.24 -7.41
CA SER D 137 -41.97 -19.48 -6.67
C SER D 137 -41.35 -20.70 -7.35
N PHE D 138 -40.73 -21.56 -6.55
CA PHE D 138 -40.13 -22.79 -7.06
C PHE D 138 -40.70 -23.98 -6.29
N ASN D 139 -40.41 -25.19 -6.77
CA ASN D 139 -40.77 -26.41 -6.07
C ASN D 139 -39.61 -27.36 -6.16
N ASP D 140 -39.37 -28.09 -5.08
CA ASP D 140 -38.37 -29.14 -5.05
C ASP D 140 -38.90 -30.47 -5.60
N ARG D 141 -38.28 -30.95 -6.67
CA ARG D 141 -38.57 -32.27 -7.24
C ARG D 141 -38.36 -33.42 -6.24
N ILE D 142 -37.60 -33.18 -5.19
CA ILE D 142 -37.27 -34.24 -4.24
C ILE D 142 -38.17 -34.30 -3.00
N THR D 143 -38.56 -33.16 -2.46
CA THR D 143 -39.26 -33.20 -1.17
C THR D 143 -40.62 -32.54 -1.24
N GLY D 144 -40.86 -31.78 -2.29
CA GLY D 144 -42.15 -31.10 -2.44
C GLY D 144 -42.24 -29.75 -1.77
N LEU D 145 -41.22 -29.41 -0.99
CA LEU D 145 -41.08 -28.08 -0.38
C LEU D 145 -41.25 -27.01 -1.44
N ALA D 146 -41.90 -25.91 -1.07
CA ALA D 146 -42.01 -24.78 -1.96
C ALA D 146 -41.24 -23.58 -1.42
N LEU D 147 -40.66 -22.81 -2.33
CA LEU D 147 -39.86 -21.64 -1.96
C LEU D 147 -40.31 -20.41 -2.71
N ASP D 148 -40.68 -19.37 -1.96
CA ASP D 148 -40.94 -18.08 -2.59
C ASP D 148 -39.73 -17.15 -2.45
N LEU D 149 -39.22 -16.69 -3.59
CA LEU D 149 -38.17 -15.66 -3.63
C LEU D 149 -38.79 -14.29 -3.89
N ASN D 150 -38.66 -13.39 -2.93
CA ASN D 150 -39.26 -12.08 -3.05
C ASN D 150 -38.25 -11.02 -3.44
N TYR D 151 -38.74 -10.03 -4.16
CA TYR D 151 -37.93 -8.97 -4.72
C TYR D 151 -38.86 -7.79 -4.83
N SER D 152 -38.71 -6.80 -3.97
CA SER D 152 -39.47 -5.56 -4.14
C SER D 152 -38.57 -4.43 -4.65
N ILE D 153 -38.93 -3.87 -5.80
CA ILE D 153 -38.26 -2.70 -6.34
C ILE D 153 -38.74 -1.41 -5.68
N PHE D 154 -37.82 -0.55 -5.31
CA PHE D 154 -38.13 0.79 -4.82
C PHE D 154 -37.36 1.80 -5.65
N PRO D 155 -37.80 2.01 -6.90
CA PRO D 155 -37.02 2.67 -7.95
C PRO D 155 -36.41 4.00 -7.54
N HIS D 156 -37.10 4.78 -6.71
CA HIS D 156 -36.63 6.16 -6.48
C HIS D 156 -35.49 6.33 -5.44
N GLN D 157 -35.16 5.26 -4.73
CA GLN D 157 -34.04 5.30 -3.80
C GLN D 157 -33.03 4.25 -4.25
N ASP D 158 -33.26 3.68 -5.43
CA ASP D 158 -32.32 2.70 -5.97
C ASP D 158 -32.16 1.45 -5.09
N VAL D 159 -33.15 1.19 -4.25
CA VAL D 159 -33.18 0.04 -3.35
C VAL D 159 -33.98 -1.15 -3.91
N ILE D 160 -33.41 -2.34 -3.84
CA ILE D 160 -34.13 -3.58 -4.08
C ILE D 160 -34.13 -4.33 -2.77
N VAL D 161 -35.30 -4.75 -2.30
CA VAL D 161 -35.44 -5.51 -1.04
C VAL D 161 -35.71 -6.97 -1.31
N LYS D 162 -34.99 -7.86 -0.64
CA LYS D 162 -35.13 -9.29 -0.91
C LYS D 162 -35.50 -10.09 0.32
N SER D 163 -36.24 -11.18 0.12
CA SER D 163 -36.45 -12.18 1.16
C SER D 163 -36.73 -13.56 0.59
N ALA D 164 -36.98 -14.52 1.48
CA ALA D 164 -37.34 -15.86 1.08
C ALA D 164 -38.40 -16.39 2.03
N LYS D 165 -39.34 -17.15 1.50
CA LYS D 165 -40.39 -17.78 2.30
C LYS D 165 -40.48 -19.23 1.88
N PHE D 166 -40.33 -20.12 2.84
CA PHE D 166 -40.36 -21.56 2.58
C PHE D 166 -41.74 -22.12 2.93
N THR D 167 -42.27 -22.96 2.06
CA THR D 167 -43.54 -23.64 2.33
C THR D 167 -43.37 -25.16 2.27
N ASN D 168 -43.95 -25.87 3.23
CA ASN D 168 -43.97 -27.32 3.21
C ASN D 168 -45.38 -27.84 2.96
N PRO D 169 -45.67 -28.24 1.71
CA PRO D 169 -46.97 -28.82 1.33
C PRO D 169 -46.94 -30.35 1.35
N SER D 170 -45.76 -30.95 1.53
CA SER D 170 -45.67 -32.40 1.61
C SER D 170 -46.10 -32.90 3.00
N SER D 171 -46.12 -34.21 3.16
CA SER D 171 -46.64 -34.80 4.39
C SER D 171 -45.54 -35.08 5.42
N GLU D 172 -44.29 -34.96 4.98
CA GLU D 172 -43.14 -35.32 5.80
C GLU D 172 -42.47 -34.10 6.43
N LYS D 173 -41.79 -34.29 7.55
CA LYS D 173 -41.10 -33.19 8.21
C LYS D 173 -39.86 -32.78 7.41
N LEU D 174 -39.63 -31.46 7.32
CA LEU D 174 -38.42 -30.93 6.70
C LEU D 174 -37.69 -30.00 7.67
N VAL D 175 -36.36 -30.02 7.66
CA VAL D 175 -35.60 -29.12 8.54
C VAL D 175 -34.81 -28.09 7.74
N LEU D 176 -34.92 -26.82 8.11
CA LEU D 176 -34.09 -25.78 7.49
C LEU D 176 -32.83 -25.58 8.30
N ASN D 177 -31.69 -25.99 7.76
CA ASN D 177 -30.43 -25.79 8.46
C ASN D 177 -29.83 -24.40 8.21
N ARG D 178 -30.22 -23.83 7.08
CA ARG D 178 -29.69 -22.56 6.62
C ARG D 178 -30.75 -21.88 5.77
N ALA D 179 -31.13 -20.67 6.15
CA ALA D 179 -32.14 -19.92 5.43
C ALA D 179 -31.72 -18.46 5.28
N LEU D 180 -30.70 -18.21 4.46
CA LEU D 180 -30.24 -16.85 4.23
C LEU D 180 -31.32 -16.00 3.57
N SER D 181 -31.16 -14.69 3.64
CA SER D 181 -32.17 -13.77 3.12
C SER D 181 -31.86 -13.31 1.72
N SER D 182 -30.60 -13.30 1.35
CA SER D 182 -30.21 -12.80 0.04
C SER D 182 -28.89 -13.40 -0.39
N GLN D 183 -28.81 -13.76 -1.66
CA GLN D 183 -27.55 -14.15 -2.25
C GLN D 183 -27.32 -13.28 -3.44
N LEU D 184 -26.09 -12.82 -3.62
CA LEU D 184 -25.71 -12.07 -4.82
C LEU D 184 -24.42 -12.59 -5.37
N ASP D 185 -24.45 -13.07 -6.60
CA ASP D 185 -23.22 -13.45 -7.27
C ASP D 185 -22.82 -12.36 -8.26
N LEU D 186 -21.56 -11.93 -8.16
CA LEU D 186 -20.98 -10.98 -9.11
C LEU D 186 -19.88 -11.66 -9.88
N PRO D 187 -19.60 -11.16 -11.10
CA PRO D 187 -18.68 -11.75 -12.08
C PRO D 187 -17.19 -11.58 -11.77
N ASP D 188 -16.81 -10.69 -10.85
CA ASP D 188 -15.40 -10.50 -10.45
C ASP D 188 -15.23 -10.19 -8.95
N ALA D 189 -13.98 -10.02 -8.52
CA ALA D 189 -13.74 -9.81 -7.10
C ALA D 189 -12.81 -8.64 -6.86
N ASN D 190 -12.83 -7.68 -7.79
CA ASN D 190 -12.06 -6.46 -7.57
C ASN D 190 -12.85 -5.47 -6.70
N TYR D 191 -13.17 -5.87 -5.47
CA TYR D 191 -13.81 -4.93 -4.52
C TYR D 191 -13.07 -4.87 -3.20
N ASP D 192 -13.32 -3.81 -2.43
CA ASP D 192 -12.86 -3.77 -1.04
C ASP D 192 -14.12 -4.07 -0.27
N LEU D 193 -13.99 -4.86 0.79
CA LEU D 193 -15.07 -5.09 1.74
C LEU D 193 -14.96 -4.06 2.82
N ILE D 194 -16.05 -3.34 3.05
CA ILE D 194 -16.08 -2.31 4.07
C ILE D 194 -17.06 -2.75 5.16
N GLN D 195 -16.56 -2.86 6.39
CA GLN D 195 -17.35 -3.40 7.50
C GLN D 195 -17.31 -2.40 8.61
N PHE D 196 -18.07 -2.68 9.66
CA PHE D 196 -18.15 -1.78 10.79
C PHE D 196 -18.05 -2.56 12.09
N SER D 197 -16.83 -2.64 12.61
CA SER D 197 -16.53 -3.50 13.71
C SER D 197 -16.15 -2.65 14.91
N GLY D 198 -16.35 -3.18 16.11
CA GLY D 198 -15.87 -2.54 17.31
C GLY D 198 -16.21 -3.31 18.55
N THR D 199 -16.81 -2.58 19.49
CA THR D 199 -17.24 -3.13 20.76
C THR D 199 -17.87 -2.06 21.64
N TRP D 200 -18.22 -2.42 22.87
CA TRP D 200 -18.94 -1.50 23.72
C TRP D 200 -18.11 -0.24 23.93
N ALA D 201 -18.76 0.92 23.91
CA ALA D 201 -18.07 2.21 24.05
C ALA D 201 -17.13 2.56 22.86
N ARG D 202 -17.07 1.71 21.83
CA ARG D 202 -16.39 2.06 20.59
C ARG D 202 -16.98 1.36 19.37
N GLU D 203 -18.29 1.47 19.19
CA GLU D 203 -18.97 0.78 18.11
C GLU D 203 -18.62 1.26 16.69
N ARG D 204 -18.63 0.33 15.75
CA ARG D 204 -18.75 0.65 14.34
C ARG D 204 -17.64 1.50 13.73
N HIS D 205 -16.39 1.31 14.14
CA HIS D 205 -15.28 1.90 13.36
C HIS D 205 -15.23 1.23 11.99
N LEU D 206 -14.86 1.99 10.95
CA LEU D 206 -14.83 1.50 9.59
C LEU D 206 -13.53 0.74 9.24
N TYR D 207 -13.65 -0.42 8.61
CA TYR D 207 -12.48 -1.19 8.18
C TYR D 207 -12.65 -1.47 6.70
N ARG D 208 -11.56 -1.36 5.94
CA ARG D 208 -11.66 -1.41 4.49
C ARG D 208 -10.56 -2.30 3.96
N HIS D 209 -10.93 -3.47 3.43
CA HIS D 209 -9.97 -4.47 2.97
C HIS D 209 -10.34 -5.04 1.59
N PRO D 210 -9.33 -5.29 0.77
CA PRO D 210 -9.56 -5.92 -0.54
C PRO D 210 -10.03 -7.36 -0.34
N LEU D 211 -10.96 -7.84 -1.16
CA LEU D 211 -11.38 -9.23 -1.11
C LEU D 211 -10.18 -10.12 -1.38
N ARG D 212 -10.26 -11.37 -0.95
CA ARG D 212 -9.26 -12.39 -1.29
C ARG D 212 -9.92 -13.75 -1.49
N PRO D 213 -9.17 -14.73 -2.02
CA PRO D 213 -9.82 -16.01 -2.25
C PRO D 213 -10.29 -16.60 -0.95
N GLY D 214 -11.51 -17.12 -0.90
CA GLY D 214 -12.00 -17.72 0.31
C GLY D 214 -13.06 -16.89 1.01
N MSE D 215 -13.20 -17.13 2.30
CA MSE D 215 -14.28 -16.54 3.05
C MSE D 215 -13.81 -15.33 3.84
O MSE D 215 -12.82 -15.41 4.55
CB MSE D 215 -14.86 -17.56 4.02
CG MSE D 215 -16.01 -17.01 4.80
SE MSE D 215 -17.61 -16.99 3.69
CE MSE D 215 -18.19 -18.81 4.07
N GLN D 216 -14.49 -14.21 3.68
CA GLN D 216 -14.37 -13.10 4.60
C GLN D 216 -15.78 -12.74 4.98
N SER D 217 -16.08 -12.92 6.26
CA SER D 217 -17.40 -12.69 6.73
C SER D 217 -17.30 -11.96 8.06
N ILE D 218 -18.42 -11.39 8.49
CA ILE D 218 -18.58 -10.97 9.86
C ILE D 218 -19.95 -11.49 10.33
N SER D 219 -20.08 -11.77 11.61
CA SER D 219 -21.28 -12.45 12.11
C SER D 219 -21.60 -12.14 13.58
N SER D 220 -22.73 -12.66 14.04
CA SER D 220 -23.07 -12.56 15.44
C SER D 220 -23.67 -13.88 15.94
N LEU D 221 -23.19 -14.33 17.11
CA LEU D 221 -23.74 -15.51 17.79
C LEU D 221 -24.32 -15.12 19.10
N ARG D 222 -24.67 -13.85 19.27
CA ARG D 222 -25.04 -13.38 20.60
C ARG D 222 -26.52 -13.00 20.77
N MSE D 223 -27.39 -13.53 19.92
CA MSE D 223 -28.82 -13.19 19.92
C MSE D 223 -29.10 -11.66 19.84
O MSE D 223 -30.11 -11.18 20.37
CB MSE D 223 -29.52 -13.76 21.15
CG MSE D 223 -29.94 -15.21 21.07
SE MSE D 223 -30.89 -15.66 22.76
CE MSE D 223 -31.25 -17.53 22.38
N ALA D 224 -28.19 -10.96 19.20
CA ALA D 224 -28.35 -9.55 18.87
C ALA D 224 -27.37 -9.30 17.76
N SER D 225 -27.66 -8.35 16.88
CA SER D 225 -26.63 -7.80 16.03
C SER D 225 -25.74 -7.24 17.10
N SER D 226 -24.44 -7.30 16.97
CA SER D 226 -23.66 -6.97 18.18
C SER D 226 -23.19 -5.51 18.33
N HIS D 227 -22.50 -5.24 19.43
CA HIS D 227 -21.57 -4.12 19.50
C HIS D 227 -20.43 -4.43 18.53
N GLN D 228 -20.10 -5.71 18.41
CA GLN D 228 -18.86 -6.14 17.76
C GLN D 228 -18.87 -5.99 16.24
N GLN D 229 -19.95 -6.40 15.60
CA GLN D 229 -20.08 -6.33 14.14
C GLN D 229 -21.49 -5.88 13.79
N ASN D 230 -21.62 -4.90 12.90
CA ASN D 230 -22.93 -4.47 12.43
C ASN D 230 -23.32 -5.18 11.14
N PRO D 231 -24.64 -5.40 10.95
CA PRO D 231 -25.15 -6.09 9.75
C PRO D 231 -24.91 -5.35 8.44
N PHE D 232 -24.62 -4.04 8.50
CA PHE D 232 -24.39 -3.28 7.27
C PHE D 232 -22.97 -3.35 6.72
N MSE D 233 -22.84 -3.56 5.41
CA MSE D 233 -21.52 -3.65 4.81
C MSE D 233 -21.56 -3.11 3.40
O MSE D 233 -22.64 -2.90 2.85
CB MSE D 233 -21.07 -5.09 4.76
CG MSE D 233 -21.96 -5.96 3.91
SE MSE D 233 -21.31 -7.77 3.67
CE MSE D 233 -20.23 -7.53 2.07
N MSE D 234 -20.38 -2.89 2.82
CA MSE D 234 -20.30 -2.38 1.45
C MSE D 234 -19.28 -3.16 0.65
O MSE D 234 -18.32 -3.69 1.22
CB MSE D 234 -19.95 -0.90 1.43
CG MSE D 234 -20.98 -0.06 2.15
SE MSE D 234 -20.67 1.86 2.08
CE MSE D 234 -19.01 1.90 3.12
N LEU D 235 -19.51 -3.25 -0.66
CA LEU D 235 -18.47 -3.68 -1.58
C LEU D 235 -18.12 -2.48 -2.46
N ALA D 236 -16.96 -1.88 -2.24
CA ALA D 236 -16.56 -0.75 -3.05
C ALA D 236 -15.53 -1.18 -4.10
N ARG D 237 -15.59 -0.54 -5.27
CA ARG D 237 -14.49 -0.65 -6.19
C ARG D 237 -13.32 0.03 -5.47
N PRO D 238 -12.07 -0.32 -5.85
CA PRO D 238 -10.86 0.09 -5.12
C PRO D 238 -10.68 1.60 -4.98
N GLN D 239 -11.21 2.38 -5.92
CA GLN D 239 -11.04 3.83 -5.89
C GLN D 239 -12.28 4.58 -5.49
N THR D 240 -13.35 3.85 -5.21
CA THR D 240 -14.54 4.49 -4.68
C THR D 240 -14.29 5.19 -3.34
N THR D 241 -14.88 6.37 -3.19
CA THR D 241 -14.78 7.17 -2.00
C THR D 241 -16.18 7.69 -1.62
N ASP D 242 -16.23 8.65 -0.71
CA ASP D 242 -17.49 9.23 -0.31
C ASP D 242 -17.98 10.17 -1.37
N GLU D 243 -17.10 10.55 -2.29
CA GLU D 243 -17.45 11.53 -3.32
C GLU D 243 -17.84 10.97 -4.70
N GLN D 244 -17.27 9.81 -5.08
CA GLN D 244 -17.34 9.29 -6.45
C GLN D 244 -17.16 7.78 -6.46
N GLY D 245 -17.75 7.09 -7.45
CA GLY D 245 -17.45 5.67 -7.67
C GLY D 245 -18.45 4.60 -7.23
N ALA D 246 -18.26 3.42 -7.81
CA ALA D 246 -19.17 2.28 -7.69
C ALA D 246 -19.08 1.57 -6.36
N VAL D 247 -20.22 1.16 -5.83
CA VAL D 247 -20.30 0.54 -4.51
C VAL D 247 -21.67 -0.11 -4.26
N PHE D 248 -21.64 -1.32 -3.73
CA PHE D 248 -22.84 -2.00 -3.28
C PHE D 248 -23.00 -1.86 -1.78
N GLY D 249 -24.24 -1.81 -1.33
CA GLY D 249 -24.54 -1.72 0.08
C GLY D 249 -25.51 -2.80 0.46
N PHE D 250 -25.26 -3.44 1.59
CA PHE D 250 -26.12 -4.53 2.03
C PHE D 250 -26.52 -4.30 3.47
N ASN D 251 -27.82 -4.29 3.74
CA ASN D 251 -28.25 -4.28 5.13
C ASN D 251 -29.36 -5.33 5.41
N LEU D 252 -29.87 -5.37 6.64
CA LEU D 252 -30.68 -6.49 7.07
C LEU D 252 -31.71 -6.05 8.11
N VAL D 253 -33.00 -6.20 7.82
CA VAL D 253 -33.96 -5.84 8.86
C VAL D 253 -34.13 -6.98 9.85
N TYR D 254 -33.17 -7.11 10.77
CA TYR D 254 -33.13 -8.20 11.73
C TYR D 254 -32.29 -7.73 12.90
N SER D 255 -32.46 -8.31 14.08
CA SER D 255 -31.79 -7.78 15.26
C SER D 255 -31.14 -8.87 16.07
N GLY D 256 -31.14 -10.08 15.52
CA GLY D 256 -30.59 -11.24 16.21
C GLY D 256 -29.34 -11.70 15.51
N ASN D 257 -29.07 -13.00 15.55
CA ASN D 257 -27.87 -13.53 14.94
C ASN D 257 -27.81 -13.31 13.44
N PHE D 258 -26.76 -12.66 12.96
CA PHE D 258 -26.65 -12.48 11.52
C PHE D 258 -25.34 -12.99 10.93
N LEU D 259 -25.34 -13.19 9.61
CA LEU D 259 -24.12 -13.45 8.84
C LEU D 259 -24.00 -12.54 7.59
N ASP D 260 -22.85 -11.93 7.41
CA ASP D 260 -22.51 -11.16 6.22
C ASP D 260 -21.29 -11.83 5.65
N ALA D 261 -21.44 -12.51 4.53
CA ALA D 261 -20.37 -13.36 4.06
C ALA D 261 -20.09 -13.13 2.61
N ILE D 262 -18.81 -13.03 2.28
CA ILE D 262 -18.36 -12.81 0.93
C ILE D 262 -17.29 -13.82 0.58
N GLU D 263 -17.56 -14.60 -0.45
CA GLU D 263 -16.67 -15.67 -0.86
C GLU D 263 -16.20 -15.39 -2.27
N VAL D 264 -14.90 -15.47 -2.47
CA VAL D 264 -14.29 -15.32 -3.78
C VAL D 264 -13.85 -16.71 -4.19
N ASP D 265 -14.42 -17.20 -5.28
CA ASP D 265 -14.19 -18.59 -5.67
C ASP D 265 -12.98 -18.73 -6.57
N GLN D 266 -12.78 -19.95 -7.06
CA GLN D 266 -11.63 -20.28 -7.90
C GLN D 266 -11.53 -19.43 -9.16
N TYR D 267 -12.66 -18.93 -9.65
CA TYR D 267 -12.68 -18.11 -10.88
C TYR D 267 -12.88 -16.62 -10.56
N SER D 268 -12.53 -16.23 -9.34
CA SER D 268 -12.53 -14.83 -8.93
C SER D 268 -13.90 -14.17 -9.08
N THR D 269 -14.95 -14.94 -8.83
CA THR D 269 -16.29 -14.37 -8.63
C THR D 269 -16.62 -14.24 -7.14
N SER D 270 -17.64 -13.45 -6.86
CA SER D 270 -17.99 -13.13 -5.50
C SER D 270 -19.42 -13.52 -5.17
N ARG D 271 -19.59 -14.31 -4.11
CA ARG D 271 -20.90 -14.53 -3.54
C ARG D 271 -21.09 -13.74 -2.23
N ILE D 272 -22.02 -12.79 -2.25
CA ILE D 272 -22.41 -12.07 -1.04
C ILE D 272 -23.68 -12.68 -0.44
N LEU D 273 -23.56 -13.26 0.75
CA LEU D 273 -24.68 -13.90 1.44
C LEU D 273 -25.03 -13.06 2.63
N THR D 274 -26.31 -12.79 2.85
CA THR D 274 -26.73 -12.10 4.07
C THR D 274 -28.07 -12.58 4.64
N GLY D 275 -28.12 -12.80 5.95
CA GLY D 275 -29.34 -13.13 6.64
C GLY D 275 -29.06 -13.66 8.02
N ILE D 276 -29.96 -14.50 8.53
CA ILE D 276 -29.80 -15.15 9.81
C ILE D 276 -28.57 -16.05 9.78
N ASN D 277 -27.73 -15.91 10.79
CA ASN D 277 -26.54 -16.73 10.91
C ASN D 277 -26.85 -18.22 10.88
N PRO D 278 -26.41 -18.92 9.83
CA PRO D 278 -26.62 -20.37 9.72
C PRO D 278 -26.15 -21.14 10.96
N ASP D 279 -25.18 -20.61 11.70
CA ASP D 279 -24.74 -21.23 12.93
C ASP D 279 -25.68 -20.94 14.11
N GLU D 280 -25.84 -21.93 14.98
CA GLU D 280 -26.85 -21.87 16.04
C GLU D 280 -28.22 -21.55 15.48
N PHE D 281 -28.54 -22.16 14.34
CA PHE D 281 -29.86 -22.02 13.75
C PHE D 281 -30.33 -23.27 13.01
N GLY D 282 -31.62 -23.54 13.15
CA GLY D 282 -32.25 -24.67 12.51
C GLY D 282 -33.74 -24.51 12.75
N TRP D 283 -34.55 -24.67 11.71
CA TRP D 283 -35.97 -24.46 11.87
C TRP D 283 -36.82 -25.63 11.41
N ASN D 284 -37.51 -26.28 12.35
CA ASN D 284 -38.39 -27.40 12.05
C ASN D 284 -39.66 -26.98 11.34
N LEU D 285 -39.78 -27.41 10.10
CA LEU D 285 -40.87 -27.03 9.22
C LEU D 285 -41.83 -28.21 9.07
N ALA D 286 -42.84 -28.26 9.92
CA ALA D 286 -43.83 -29.31 9.85
C ALA D 286 -44.64 -29.21 8.55
N PRO D 287 -45.38 -30.28 8.21
CA PRO D 287 -46.28 -30.16 7.07
C PRO D 287 -47.27 -28.99 7.23
N GLN D 288 -47.48 -28.26 6.13
CA GLN D 288 -48.40 -27.12 6.05
C GLN D 288 -47.81 -25.88 6.71
N ALA D 289 -46.54 -25.98 7.11
CA ALA D 289 -45.85 -24.91 7.82
C ALA D 289 -45.06 -24.03 6.87
N THR D 290 -44.72 -22.84 7.35
CA THR D 290 -44.02 -21.86 6.55
C THR D 290 -42.91 -21.19 7.33
N PHE D 291 -41.90 -20.73 6.61
CA PHE D 291 -40.83 -19.95 7.24
C PHE D 291 -40.46 -18.73 6.41
N GLN D 292 -40.59 -17.55 7.02
CA GLN D 292 -40.23 -16.26 6.37
C GLN D 292 -38.84 -15.75 6.83
N THR D 293 -37.92 -15.49 5.90
CA THR D 293 -36.66 -14.85 6.30
C THR D 293 -36.85 -13.36 6.57
N PRO D 294 -35.98 -12.75 7.41
CA PRO D 294 -36.01 -11.31 7.58
C PRO D 294 -35.59 -10.71 6.25
N GLU D 295 -35.91 -9.44 6.01
CA GLU D 295 -35.60 -8.82 4.73
C GLU D 295 -34.14 -8.34 4.59
N ALA D 296 -33.58 -8.53 3.40
CA ALA D 296 -32.28 -7.96 3.07
C ALA D 296 -32.48 -6.69 2.25
N ILE D 297 -31.81 -5.60 2.63
CA ILE D 297 -31.76 -4.38 1.81
C ILE D 297 -30.53 -4.38 0.89
N LEU D 298 -30.74 -4.21 -0.41
CA LEU D 298 -29.66 -4.12 -1.39
C LEU D 298 -29.67 -2.79 -2.14
N SER D 299 -28.50 -2.33 -2.56
CA SER D 299 -28.38 -1.02 -3.20
C SER D 299 -27.04 -0.84 -3.91
N TYR D 300 -27.07 -0.03 -4.96
CA TYR D 300 -25.88 0.26 -5.72
C TYR D 300 -25.93 1.72 -6.14
N THR D 301 -24.75 2.27 -6.40
CA THR D 301 -24.62 3.59 -7.02
C THR D 301 -23.25 3.70 -7.65
N SER D 302 -23.09 4.64 -8.57
CA SER D 302 -21.79 4.89 -9.18
C SER D 302 -21.30 6.24 -8.71
N ALA D 303 -22.12 6.87 -7.88
CA ALA D 303 -21.87 8.23 -7.47
C ALA D 303 -21.22 8.32 -6.07
N GLY D 304 -20.64 7.20 -5.61
CA GLY D 304 -19.91 7.21 -4.35
C GLY D 304 -20.71 6.96 -3.08
N MSE D 305 -20.00 6.85 -1.97
CA MSE D 305 -20.63 6.37 -0.73
C MSE D 305 -21.58 7.34 -0.03
O MSE D 305 -22.54 6.92 0.63
CB MSE D 305 -19.57 5.83 0.24
CG MSE D 305 -18.79 4.66 -0.35
SE MSE D 305 -17.42 3.90 0.84
CE MSE D 305 -16.05 5.29 0.83
N ASN D 306 -21.34 8.64 -0.15
CA ASN D 306 -22.28 9.59 0.41
C ASN D 306 -23.63 9.33 -0.24
N GLN D 307 -23.62 9.17 -1.56
CA GLN D 307 -24.83 8.95 -2.33
C GLN D 307 -25.50 7.65 -1.88
N LEU D 308 -24.71 6.60 -1.68
CA LEU D 308 -25.23 5.35 -1.17
C LEU D 308 -25.90 5.53 0.19
N SER D 309 -25.26 6.23 1.12
CA SER D 309 -25.90 6.39 2.42
C SER D 309 -27.15 7.23 2.29
N GLN D 310 -27.07 8.28 1.49
CA GLN D 310 -28.19 9.21 1.37
C GLN D 310 -29.48 8.55 0.88
N GLN D 311 -29.40 7.77 -0.20
CA GLN D 311 -30.58 7.12 -0.78
C GLN D 311 -31.08 6.05 0.16
N MSE D 312 -30.23 5.11 0.55
CA MSE D 312 -30.62 4.16 1.57
C MSE D 312 -31.31 4.83 2.76
O MSE D 312 -32.26 4.28 3.30
CB MSE D 312 -29.44 3.32 2.03
CG MSE D 312 -29.24 2.11 1.13
SE MSE D 312 -27.53 1.23 1.38
CE MSE D 312 -28.10 -0.63 1.39
N ALA D 313 -30.87 6.03 3.11
CA ALA D 313 -31.46 6.74 4.24
C ALA D 313 -32.82 7.33 3.90
N SER D 314 -32.97 7.77 2.66
CA SER D 314 -34.28 8.20 2.19
C SER D 314 -35.22 7.02 2.08
N PHE D 315 -34.67 5.87 1.72
CA PHE D 315 -35.47 4.67 1.66
C PHE D 315 -35.97 4.30 3.05
N TYR D 316 -35.09 4.37 4.05
CA TYR D 316 -35.46 3.96 5.41
C TYR D 316 -36.52 4.90 6.00
N GLN D 317 -36.41 6.19 5.69
CA GLN D 317 -37.26 7.20 6.29
C GLN D 317 -38.67 7.13 5.72
N GLN D 318 -38.79 6.68 4.49
CA GLN D 318 -40.09 6.64 3.85
C GLN D 318 -40.74 5.25 3.94
N HIS D 319 -39.91 4.22 4.04
CA HIS D 319 -40.38 2.85 3.85
C HIS D 319 -39.96 1.82 4.92
N LEU D 320 -39.52 2.28 6.09
CA LEU D 320 -39.11 1.35 7.13
C LEU D 320 -39.39 1.90 8.52
N VAL D 321 -39.02 3.14 8.77
CA VAL D 321 -39.14 3.67 10.12
C VAL D 321 -40.63 3.75 10.47
N ASN D 322 -40.93 3.54 11.74
CA ASN D 322 -42.19 3.90 12.37
C ASN D 322 -42.56 5.25 11.76
N PRO D 323 -43.66 5.29 10.99
CA PRO D 323 -44.20 6.51 10.36
C PRO D 323 -44.69 7.57 11.35
N ARG D 324 -44.95 7.15 12.57
CA ARG D 324 -45.37 8.05 13.62
C ARG D 324 -44.23 8.99 14.00
N PHE D 325 -43.00 8.59 13.71
CA PHE D 325 -41.86 9.41 14.14
C PHE D 325 -40.82 9.62 13.05
N ALA D 326 -40.99 8.95 11.93
CA ALA D 326 -40.06 9.04 10.81
C ALA D 326 -39.64 10.48 10.50
N HIS D 327 -40.61 11.40 10.53
CA HIS D 327 -40.39 12.80 10.14
C HIS D 327 -40.60 13.80 11.28
N GLU D 328 -40.97 13.32 12.45
CA GLU D 328 -41.23 14.22 13.57
C GLU D 328 -39.94 14.61 14.29
N GLU D 329 -39.74 15.91 14.46
CA GLU D 329 -38.60 16.37 15.23
C GLU D 329 -38.61 15.71 16.60
N ARG D 330 -37.44 15.22 17.00
CA ARG D 330 -37.29 14.60 18.30
C ARG D 330 -36.84 15.56 19.38
N PRO D 331 -37.47 15.44 20.56
CA PRO D 331 -37.33 16.46 21.60
C PRO D 331 -35.90 16.51 22.17
N VAL D 332 -35.50 17.64 22.72
CA VAL D 332 -34.26 17.71 23.47
C VAL D 332 -34.52 17.17 24.87
N LEU D 333 -33.81 16.12 25.25
CA LEU D 333 -34.09 15.47 26.52
C LEU D 333 -32.96 15.62 27.51
N ILE D 334 -33.25 15.36 28.78
CA ILE D 334 -32.21 15.21 29.77
C ILE D 334 -32.40 13.90 30.52
N ASN D 335 -31.30 13.22 30.83
CA ASN D 335 -31.32 11.88 31.42
C ASN D 335 -30.41 11.91 32.64
N ASN D 336 -30.90 11.40 33.78
CA ASN D 336 -30.17 11.46 35.06
C ASN D 336 -29.13 10.34 35.31
N TRP D 337 -28.91 9.49 34.31
CA TRP D 337 -28.00 8.36 34.43
C TRP D 337 -26.58 8.75 34.86
N GLU D 338 -25.79 9.34 33.95
CA GLU D 338 -24.40 9.77 34.26
C GLU D 338 -24.36 10.96 35.24
N ALA D 339 -25.56 11.45 35.59
CA ALA D 339 -25.69 12.60 36.48
C ALA D 339 -25.78 12.18 37.94
N THR D 340 -26.48 11.08 38.22
CA THR D 340 -26.71 10.64 39.59
C THR D 340 -26.28 9.17 39.73
N TYR D 341 -26.50 8.38 38.68
CA TYR D 341 -26.56 6.92 38.74
C TYR D 341 -27.64 6.55 39.76
N PHE D 342 -27.46 5.46 40.50
CA PHE D 342 -28.53 4.94 41.37
C PHE D 342 -28.79 5.84 42.57
N ASP D 343 -27.89 6.80 42.80
CA ASP D 343 -27.96 7.67 43.98
C ASP D 343 -28.90 8.86 43.75
N PHE D 344 -30.21 8.60 43.83
CA PHE D 344 -31.20 9.65 43.67
C PHE D 344 -32.51 9.36 44.39
N ASN D 345 -33.33 10.39 44.50
CA ASN D 345 -34.69 10.28 45.01
C ASN D 345 -35.54 11.40 44.38
N GLU D 346 -36.87 11.32 44.52
CA GLU D 346 -37.75 12.24 43.82
C GLU D 346 -37.35 13.71 43.96
N ALA D 347 -37.13 14.14 45.19
CA ALA D 347 -36.76 15.52 45.51
C ALA D 347 -35.51 15.97 44.76
N LYS D 348 -34.49 15.12 44.73
CA LYS D 348 -33.26 15.44 44.02
C LYS D 348 -33.53 15.60 42.54
N LEU D 349 -34.40 14.75 42.00
CA LEU D 349 -34.69 14.77 40.56
C LEU D 349 -35.52 15.99 40.17
N MSE D 350 -36.30 16.48 41.11
CA MSE D 350 -37.11 17.65 40.87
C MSE D 350 -36.23 18.89 40.64
O MSE D 350 -36.52 19.72 39.79
CB MSE D 350 -38.10 17.88 42.01
CG MSE D 350 -39.34 18.61 41.57
SE MSE D 350 -40.16 17.65 40.07
CE MSE D 350 -41.20 16.35 41.12
N THR D 351 -35.16 19.00 41.42
CA THR D 351 -34.22 20.08 41.21
C THR D 351 -33.74 20.05 39.76
N ILE D 352 -33.51 18.86 39.24
CA ILE D 352 -33.08 18.71 37.86
C ILE D 352 -34.17 19.19 36.92
N VAL D 353 -35.34 18.57 37.02
CA VAL D 353 -36.46 18.90 36.15
C VAL D 353 -36.71 20.41 36.07
N ASN D 354 -36.54 21.10 37.20
CA ASN D 354 -36.80 22.54 37.29
C ASN D 354 -35.75 23.38 36.59
N GLN D 355 -34.49 23.06 36.85
CA GLN D 355 -33.38 23.68 36.15
C GLN D 355 -33.47 23.35 34.66
N ALA D 356 -33.79 22.11 34.34
CA ALA D 356 -33.86 21.67 32.95
C ALA D 356 -34.77 22.58 32.15
N LYS D 357 -35.91 22.91 32.73
CA LYS D 357 -36.92 23.75 32.09
C LYS D 357 -36.40 25.15 31.77
N ARG D 358 -35.71 25.77 32.73
CA ARG D 358 -35.22 27.13 32.53
C ARG D 358 -34.20 27.18 31.41
N LEU D 359 -33.67 26.02 31.05
CA LEU D 359 -32.67 25.91 29.99
C LEU D 359 -33.31 25.69 28.63
N GLY D 360 -34.60 25.36 28.65
CA GLY D 360 -35.36 25.16 27.44
C GLY D 360 -35.45 23.72 27.03
N ILE D 361 -34.99 22.82 27.89
CA ILE D 361 -35.05 21.39 27.62
C ILE D 361 -36.50 20.91 27.58
N GLU D 362 -36.79 19.91 26.75
CA GLU D 362 -38.17 19.59 26.41
C GLU D 362 -38.72 18.31 27.01
N MSE D 363 -37.86 17.50 27.63
CA MSE D 363 -38.27 16.18 28.11
C MSE D 363 -37.31 15.68 29.16
O MSE D 363 -36.10 15.83 29.02
CB MSE D 363 -38.36 15.18 26.97
CG MSE D 363 -38.52 13.74 27.43
SE MSE D 363 -38.38 12.43 26.00
CE MSE D 363 -40.09 12.69 25.13
N PHE D 364 -37.85 15.08 30.22
CA PHE D 364 -37.03 14.49 31.25
C PHE D 364 -37.18 12.98 31.18
N VAL D 365 -36.08 12.26 31.28
CA VAL D 365 -36.06 10.79 31.23
C VAL D 365 -35.46 10.14 32.47
N LEU D 366 -36.31 9.62 33.35
CA LEU D 366 -35.84 8.90 34.52
C LEU D 366 -35.19 7.57 34.09
N ASP D 367 -33.94 7.35 34.50
CA ASP D 367 -33.22 6.15 34.04
C ASP D 367 -33.26 5.05 35.10
N ASP D 368 -32.25 4.18 35.05
CA ASP D 368 -32.18 2.99 35.89
C ASP D 368 -32.31 3.35 37.37
N GLY D 369 -33.14 2.61 38.09
CA GLY D 369 -33.20 2.73 39.53
C GLY D 369 -34.57 2.97 40.16
N TRP D 370 -35.59 3.18 39.33
CA TRP D 370 -36.89 3.58 39.86
C TRP D 370 -37.76 2.42 40.37
N PHE D 371 -37.40 1.21 39.98
CA PHE D 371 -38.23 0.05 40.24
C PHE D 371 -37.70 -0.84 41.39
N GLY D 372 -38.57 -1.69 41.94
CA GLY D 372 -38.17 -2.66 42.94
C GLY D 372 -37.33 -2.12 44.09
N HIS D 373 -36.06 -2.50 44.13
CA HIS D 373 -35.12 -1.90 45.08
C HIS D 373 -33.76 -1.61 44.43
N ARG D 374 -33.81 -1.14 43.18
CA ARG D 374 -32.60 -0.87 42.41
C ARG D 374 -31.72 0.21 43.01
N ASP D 375 -30.88 -0.17 43.96
CA ASP D 375 -29.93 0.76 44.53
C ASP D 375 -28.55 0.34 44.05
N ASP D 376 -28.55 -0.81 43.37
CA ASP D 376 -27.36 -1.41 42.83
C ASP D 376 -27.71 -1.92 41.46
N ASP D 377 -26.73 -2.43 40.73
CA ASP D 377 -27.03 -3.13 39.48
C ASP D 377 -27.05 -4.66 39.64
N THR D 378 -27.67 -5.14 40.72
CA THR D 378 -27.66 -6.57 41.00
C THR D 378 -28.94 -7.08 41.65
N THR D 379 -30.04 -6.38 41.47
CA THR D 379 -31.28 -6.70 42.19
C THR D 379 -32.48 -6.02 41.56
N SER D 380 -33.64 -6.67 41.59
CA SER D 380 -34.92 -6.05 41.19
C SER D 380 -35.19 -5.98 39.69
N LEU D 381 -34.22 -6.40 38.89
CA LEU D 381 -34.44 -6.54 37.46
C LEU D 381 -35.53 -7.55 37.21
N GLY D 382 -36.74 -7.06 36.93
CA GLY D 382 -37.89 -7.91 36.68
C GLY D 382 -39.10 -7.37 37.41
N ASP D 383 -38.86 -6.46 38.35
CA ASP D 383 -39.91 -5.89 39.17
C ASP D 383 -40.32 -4.51 38.68
N TRP D 384 -41.03 -4.50 37.56
CA TRP D 384 -41.37 -3.25 36.88
C TRP D 384 -42.54 -2.51 37.56
N PHE D 385 -42.33 -2.20 38.82
CA PHE D 385 -43.27 -1.38 39.57
C PHE D 385 -42.49 -0.43 40.48
N VAL D 386 -43.17 0.62 40.95
CA VAL D 386 -42.54 1.75 41.66
C VAL D 386 -41.80 1.42 42.98
N ASP D 387 -40.64 2.04 43.16
CA ASP D 387 -39.84 1.87 44.37
C ASP D 387 -40.15 2.97 45.36
N GLN D 388 -40.90 2.66 46.41
CA GLN D 388 -41.43 3.69 47.31
C GLN D 388 -40.39 4.43 48.18
N ARG D 389 -39.20 3.87 48.34
CA ARG D 389 -38.15 4.58 49.05
C ARG D 389 -37.78 5.87 48.31
N LYS D 390 -37.85 5.82 46.98
CA LYS D 390 -37.38 6.94 46.18
C LYS D 390 -38.54 7.65 45.49
N PHE D 391 -39.71 7.02 45.51
CA PHE D 391 -40.93 7.63 44.97
C PHE D 391 -42.15 7.31 45.82
N PRO D 392 -42.32 8.06 46.93
CA PRO D 392 -43.38 7.85 47.91
C PRO D 392 -44.80 7.82 47.34
N ASP D 393 -45.11 8.75 46.42
CA ASP D 393 -46.46 8.84 45.86
C ASP D 393 -46.51 8.22 44.47
N GLY D 394 -45.76 7.14 44.28
CA GLY D 394 -45.69 6.48 43.00
C GLY D 394 -45.13 7.40 41.94
N ILE D 395 -44.96 6.88 40.73
CA ILE D 395 -44.44 7.67 39.62
C ILE D 395 -45.48 8.65 39.10
N GLU D 396 -46.74 8.23 39.09
CA GLU D 396 -47.85 9.06 38.60
C GLU D 396 -47.70 10.52 39.00
N HIS D 397 -47.25 10.74 40.24
CA HIS D 397 -47.05 12.08 40.75
C HIS D 397 -45.90 12.80 40.04
N PHE D 398 -44.74 12.17 40.05
CA PHE D 398 -43.52 12.77 39.49
C PHE D 398 -43.67 13.18 38.03
N SER D 399 -44.50 12.44 37.30
CA SER D 399 -44.76 12.75 35.90
C SER D 399 -45.75 13.89 35.83
N GLN D 400 -46.70 13.92 36.76
CA GLN D 400 -47.65 15.01 36.83
C GLN D 400 -46.88 16.31 36.99
N ALA D 401 -45.90 16.31 37.88
CA ALA D 401 -45.03 17.47 38.03
C ALA D 401 -44.36 17.84 36.72
N VAL D 402 -43.64 16.86 36.15
CA VAL D 402 -42.96 17.06 34.87
C VAL D 402 -43.89 17.68 33.82
N HIS D 403 -45.10 17.15 33.70
CA HIS D 403 -46.04 17.62 32.70
C HIS D 403 -46.60 19.03 32.98
N GLN D 404 -46.80 19.36 34.26
CA GLN D 404 -47.35 20.66 34.63
C GLN D 404 -46.32 21.72 34.29
N GLN D 405 -45.09 21.26 34.12
CA GLN D 405 -43.98 22.09 33.68
C GLN D 405 -43.93 22.26 32.15
N GLY D 406 -44.89 21.68 31.44
CA GLY D 406 -44.94 21.78 29.99
C GLY D 406 -43.93 20.87 29.30
N MSE D 407 -43.39 19.94 30.07
CA MSE D 407 -42.37 19.02 29.57
C MSE D 407 -42.89 17.60 29.32
O MSE D 407 -44.00 17.26 29.70
CB MSE D 407 -41.20 18.97 30.53
CG MSE D 407 -40.24 20.12 30.36
SE MSE D 407 -38.69 19.84 31.49
CE MSE D 407 -39.46 20.33 33.19
N LYS D 408 -42.07 16.79 28.65
CA LYS D 408 -42.43 15.41 28.37
C LYS D 408 -41.73 14.51 29.36
N PHE D 409 -42.24 13.30 29.54
CA PHE D 409 -41.68 12.39 30.52
C PHE D 409 -41.41 11.04 29.92
N GLY D 410 -40.25 10.49 30.25
CA GLY D 410 -39.87 9.17 29.75
C GLY D 410 -39.19 8.40 30.84
N LEU D 411 -39.23 7.06 30.73
CA LEU D 411 -38.53 6.21 31.69
C LEU D 411 -37.94 4.95 31.06
N TRP D 412 -37.09 4.30 31.83
CA TRP D 412 -36.19 3.24 31.39
C TRP D 412 -36.69 1.86 31.83
N PHE D 413 -36.84 0.96 30.88
CA PHE D 413 -37.06 -0.45 31.19
C PHE D 413 -35.91 -1.27 30.62
N GLU D 414 -35.72 -2.47 31.16
CA GLU D 414 -34.87 -3.51 30.57
C GLU D 414 -35.64 -4.82 30.66
N PRO D 415 -36.71 -4.95 29.84
CA PRO D 415 -37.72 -6.01 29.87
C PRO D 415 -37.18 -7.43 29.82
N GLU D 416 -36.34 -7.70 28.83
CA GLU D 416 -35.85 -9.04 28.57
C GLU D 416 -35.02 -9.67 29.72
N MSE D 417 -34.81 -8.91 30.81
CA MSE D 417 -33.87 -9.29 31.88
C MSE D 417 -34.48 -9.61 33.25
O MSE D 417 -35.53 -9.09 33.63
CB MSE D 417 -32.78 -8.22 32.05
CG MSE D 417 -31.97 -7.96 30.79
SE MSE D 417 -31.10 -9.57 30.04
CE MSE D 417 -30.75 -8.85 28.27
N VAL D 418 -33.81 -10.49 34.00
CA VAL D 418 -34.25 -10.91 35.34
C VAL D 418 -33.06 -11.08 36.29
N SER D 419 -33.12 -10.42 37.44
CA SER D 419 -32.15 -10.61 38.52
C SER D 419 -32.61 -11.71 39.46
N VAL D 420 -31.68 -12.44 40.09
CA VAL D 420 -32.08 -13.52 40.97
C VAL D 420 -32.71 -12.96 42.25
N ASP D 421 -32.16 -11.85 42.73
CA ASP D 421 -32.82 -11.12 43.81
C ASP D 421 -33.99 -10.33 43.23
N SER D 422 -35.08 -11.00 42.91
CA SER D 422 -36.27 -10.30 42.44
C SER D 422 -37.57 -11.10 42.57
N ASP D 423 -38.62 -10.41 42.98
CA ASP D 423 -39.96 -10.98 43.10
C ASP D 423 -40.35 -11.89 41.92
N LEU D 424 -39.91 -11.50 40.72
CA LEU D 424 -40.28 -12.22 39.51
C LEU D 424 -39.65 -13.61 39.56
N TYR D 425 -38.41 -13.67 40.03
CA TYR D 425 -37.67 -14.90 39.98
C TYR D 425 -38.32 -15.91 40.91
N GLN D 426 -38.90 -15.41 41.98
CA GLN D 426 -39.51 -16.26 42.99
C GLN D 426 -40.88 -16.74 42.53
N GLN D 427 -41.37 -16.16 41.45
CA GLN D 427 -42.68 -16.51 40.89
C GLN D 427 -42.60 -17.41 39.66
N HIS D 428 -41.49 -17.30 38.92
CA HIS D 428 -41.30 -18.10 37.73
C HIS D 428 -39.81 -18.34 37.47
N PRO D 429 -39.15 -19.08 38.36
CA PRO D 429 -37.73 -19.36 38.12
C PRO D 429 -37.54 -20.01 36.75
N ASP D 430 -38.52 -20.81 36.33
CA ASP D 430 -38.46 -21.52 35.06
C ASP D 430 -38.47 -20.60 33.84
N TRP D 431 -38.50 -19.29 34.09
CA TRP D 431 -38.50 -18.30 33.02
C TRP D 431 -37.09 -17.83 32.59
N LEU D 432 -36.10 -18.03 33.46
CA LEU D 432 -34.67 -17.84 33.12
C LEU D 432 -34.17 -18.81 32.05
N ILE D 433 -33.68 -18.29 30.94
CA ILE D 433 -32.96 -19.12 29.98
C ILE D 433 -31.79 -19.87 30.64
N HIS D 434 -31.93 -21.18 30.75
CA HIS D 434 -30.91 -21.96 31.44
C HIS D 434 -30.80 -23.37 30.87
N ALA D 435 -29.58 -23.83 30.63
CA ALA D 435 -29.40 -25.21 30.17
C ALA D 435 -29.41 -26.19 31.35
N PRO D 436 -30.26 -27.22 31.27
CA PRO D 436 -30.58 -28.14 32.37
C PRO D 436 -29.52 -28.36 33.48
N LYS D 437 -28.28 -28.76 33.17
CA LYS D 437 -27.38 -29.09 34.28
C LYS D 437 -26.24 -28.10 34.50
N SER D 438 -26.28 -26.99 33.76
CA SER D 438 -25.14 -26.12 33.65
C SER D 438 -25.08 -25.11 34.78
N THR D 439 -23.90 -24.52 34.95
CA THR D 439 -23.66 -23.47 35.94
C THR D 439 -23.98 -22.13 35.32
N PRO D 440 -25.04 -21.48 35.80
CA PRO D 440 -25.51 -20.20 35.26
C PRO D 440 -24.42 -19.15 35.28
N THR D 441 -24.19 -18.54 34.12
CA THR D 441 -23.14 -17.55 33.98
C THR D 441 -23.74 -16.16 33.90
N PRO D 442 -23.46 -15.32 34.93
CA PRO D 442 -24.04 -13.98 35.05
C PRO D 442 -23.49 -13.00 34.01
N GLY D 443 -24.32 -11.99 33.71
CA GLY D 443 -23.88 -10.89 32.87
C GLY D 443 -24.32 -9.64 33.57
N ARG D 444 -23.38 -8.82 33.98
CA ARG D 444 -23.70 -7.66 34.81
C ARG D 444 -24.69 -8.08 35.91
N HIS D 445 -24.42 -9.24 36.52
CA HIS D 445 -25.20 -9.73 37.67
C HIS D 445 -26.70 -9.97 37.36
N GLN D 446 -26.98 -10.46 36.15
CA GLN D 446 -28.34 -10.72 35.68
C GLN D 446 -28.41 -11.86 34.63
N PHE D 447 -29.62 -12.27 34.29
CA PHE D 447 -29.81 -13.35 33.32
C PHE D 447 -30.97 -12.99 32.42
N VAL D 448 -31.20 -13.77 31.38
CA VAL D 448 -32.21 -13.37 30.40
C VAL D 448 -33.49 -14.22 30.44
N LEU D 449 -34.63 -13.55 30.31
CA LEU D 449 -35.94 -14.22 30.27
C LEU D 449 -36.14 -14.97 28.97
N ASP D 450 -36.78 -16.12 29.04
CA ASP D 450 -37.13 -16.82 27.80
C ASP D 450 -38.24 -16.12 27.00
N MSE D 451 -37.86 -15.14 26.20
CA MSE D 451 -38.80 -14.42 25.34
C MSE D 451 -39.48 -15.32 24.33
O MSE D 451 -40.37 -14.87 23.60
CB MSE D 451 -38.05 -13.32 24.57
CG MSE D 451 -37.43 -12.23 25.44
SE MSE D 451 -38.78 -11.22 26.43
CE MSE D 451 -39.82 -10.55 24.92
N ALA D 452 -39.05 -16.56 24.24
CA ALA D 452 -39.63 -17.49 23.27
C ALA D 452 -41.00 -17.95 23.75
N ARG D 453 -41.28 -17.73 25.03
CA ARG D 453 -42.56 -18.11 25.62
C ARG D 453 -43.57 -16.98 25.55
N PRO D 454 -44.71 -17.24 24.91
CA PRO D 454 -45.77 -16.24 24.83
C PRO D 454 -46.34 -15.84 26.20
N GLU D 455 -46.17 -16.67 27.22
CA GLU D 455 -46.62 -16.25 28.54
C GLU D 455 -45.76 -15.10 29.04
N VAL D 456 -44.49 -15.11 28.66
CA VAL D 456 -43.56 -14.08 29.07
C VAL D 456 -43.88 -12.73 28.43
N VAL D 457 -44.14 -12.72 27.13
CA VAL D 457 -44.48 -11.50 26.43
C VAL D 457 -45.75 -10.84 27.01
N ASP D 458 -46.74 -11.68 27.35
CA ASP D 458 -48.01 -11.22 27.93
C ASP D 458 -47.83 -10.54 29.27
N TYR D 459 -46.97 -11.12 30.10
CA TYR D 459 -46.66 -10.58 31.41
C TYR D 459 -45.96 -9.24 31.29
N LEU D 460 -45.07 -9.13 30.30
CA LEU D 460 -44.32 -7.91 30.11
C LEU D 460 -45.20 -6.83 29.49
N PHE D 461 -45.97 -7.20 28.47
CA PHE D 461 -46.88 -6.25 27.86
C PHE D 461 -47.82 -5.66 28.92
N LYS D 462 -48.39 -6.51 29.75
CA LYS D 462 -49.31 -6.03 30.78
C LYS D 462 -48.63 -5.07 31.75
N LEU D 463 -47.43 -5.43 32.22
CA LEU D 463 -46.68 -4.59 33.16
C LEU D 463 -46.26 -3.23 32.61
N MSE D 464 -45.91 -3.19 31.33
CA MSE D 464 -45.44 -1.95 30.73
C MSE D 464 -46.58 -1.00 30.36
O MSE D 464 -46.48 0.21 30.60
CB MSE D 464 -44.54 -2.24 29.53
CG MSE D 464 -43.21 -2.76 29.94
SE MSE D 464 -41.97 -2.96 28.46
CE MSE D 464 -41.61 -4.84 28.64
N SER D 465 -47.66 -1.54 29.80
CA SER D 465 -48.83 -0.74 29.45
C SER D 465 -49.46 -0.16 30.72
N GLN D 466 -49.41 -0.92 31.80
CA GLN D 466 -49.94 -0.41 33.06
C GLN D 466 -49.16 0.82 33.49
N MSE D 467 -47.88 0.86 33.11
CA MSE D 467 -46.99 1.95 33.48
C MSE D 467 -47.13 3.16 32.55
O MSE D 467 -46.99 4.32 32.96
CB MSE D 467 -45.56 1.47 33.54
CG MSE D 467 -44.62 2.43 34.26
SE MSE D 467 -45.02 2.65 36.17
CE MSE D 467 -45.24 0.77 36.64
N ILE D 468 -47.41 2.87 31.27
CA ILE D 468 -47.65 3.90 30.27
C ILE D 468 -48.96 4.62 30.54
N GLU D 469 -49.97 3.85 30.94
CA GLU D 469 -51.29 4.43 31.29
C GLU D 469 -51.26 5.16 32.62
N SER D 470 -50.60 4.54 33.59
CA SER D 470 -50.53 5.09 34.94
C SER D 470 -49.75 6.40 34.96
N ALA D 471 -48.62 6.43 34.27
CA ALA D 471 -47.72 7.58 34.33
C ALA D 471 -47.73 8.45 33.05
N ASN D 472 -48.63 8.13 32.12
CA ASN D 472 -48.79 8.87 30.87
C ASN D 472 -47.47 9.12 30.14
N LEU D 473 -46.74 8.04 29.90
CA LEU D 473 -45.42 8.14 29.32
C LEU D 473 -45.42 8.69 27.91
N ASP D 474 -44.43 9.51 27.60
CA ASP D 474 -44.28 10.03 26.26
C ASP D 474 -43.23 9.25 25.53
N TYR D 475 -42.46 8.46 26.29
CA TYR D 475 -41.18 7.94 25.82
C TYR D 475 -40.68 6.85 26.75
N ILE D 476 -40.05 5.84 26.17
CA ILE D 476 -39.47 4.75 26.93
C ILE D 476 -38.07 4.42 26.39
N LYS D 477 -37.09 4.39 27.28
CA LYS D 477 -35.79 3.88 26.92
C LYS D 477 -35.82 2.39 27.25
N TRP D 478 -35.72 1.58 26.21
CA TRP D 478 -35.77 0.12 26.34
C TRP D 478 -34.37 -0.46 26.14
N ASP D 479 -33.73 -0.76 27.27
CA ASP D 479 -32.33 -1.15 27.28
C ASP D 479 -32.19 -2.68 27.26
N MSE D 480 -30.95 -3.17 27.23
CA MSE D 480 -30.67 -4.60 27.12
C MSE D 480 -29.16 -4.81 27.32
O MSE D 480 -28.37 -4.60 26.40
CB MSE D 480 -31.12 -5.14 25.77
CG MSE D 480 -31.31 -6.64 25.71
SE MSE D 480 -29.67 -7.66 25.41
CE MSE D 480 -29.37 -7.32 23.49
N ASN D 481 -28.77 -5.23 28.52
CA ASN D 481 -27.40 -5.07 29.01
C ASN D 481 -26.51 -6.32 29.22
N ARG D 482 -26.92 -7.47 28.73
CA ARG D 482 -25.99 -8.60 28.69
C ARG D 482 -26.26 -9.50 27.51
N TYR D 483 -25.34 -10.42 27.24
CA TYR D 483 -25.52 -11.39 26.16
C TYR D 483 -25.92 -12.77 26.74
N ALA D 484 -26.92 -13.41 26.13
CA ALA D 484 -27.37 -14.69 26.66
C ALA D 484 -26.26 -15.75 26.63
N THR D 485 -26.40 -16.72 27.52
CA THR D 485 -25.37 -17.69 27.82
C THR D 485 -26.11 -18.99 28.22
N GLU D 486 -25.46 -20.15 28.03
CA GLU D 486 -26.11 -21.44 28.27
C GLU D 486 -27.52 -21.51 27.73
N MSE D 487 -27.68 -21.38 26.41
CA MSE D 487 -29.01 -21.30 25.81
C MSE D 487 -29.88 -22.56 25.84
O MSE D 487 -29.53 -23.60 25.30
CB MSE D 487 -28.90 -20.79 24.39
CG MSE D 487 -29.11 -19.29 24.32
SE MSE D 487 -28.36 -18.58 22.68
CE MSE D 487 -27.36 -17.09 23.49
N PHE D 488 -31.05 -22.44 26.46
CA PHE D 488 -32.00 -23.52 26.50
C PHE D 488 -33.39 -23.00 26.77
N SER D 489 -34.39 -23.64 26.17
CA SER D 489 -35.77 -23.31 26.46
C SER D 489 -36.49 -24.61 26.78
N SER D 490 -37.13 -24.68 27.94
CA SER D 490 -37.93 -25.84 28.30
C SER D 490 -39.23 -25.87 27.49
N ARG D 491 -39.58 -24.72 26.94
CA ARG D 491 -40.79 -24.56 26.13
C ARG D 491 -40.66 -25.25 24.78
N LEU D 492 -39.43 -25.54 24.39
CA LEU D 492 -39.18 -26.12 23.07
C LEU D 492 -38.73 -27.56 23.25
N THR D 493 -38.96 -28.40 22.26
CA THR D 493 -38.53 -29.78 22.33
C THR D 493 -37.02 -29.88 22.09
N SER D 494 -36.48 -31.09 22.11
CA SER D 494 -35.06 -31.28 21.89
C SER D 494 -34.65 -30.79 20.50
N ASP D 495 -35.47 -31.12 19.51
CA ASP D 495 -35.22 -30.80 18.13
C ASP D 495 -35.34 -29.31 17.84
N GLN D 496 -36.18 -28.62 18.61
CA GLN D 496 -36.41 -27.20 18.40
C GLN D 496 -35.40 -26.29 19.08
N GLN D 497 -34.37 -26.84 19.71
CA GLN D 497 -33.48 -25.96 20.47
C GLN D 497 -32.70 -24.96 19.60
N LEU D 498 -32.42 -25.33 18.36
CA LEU D 498 -31.74 -24.43 17.44
C LEU D 498 -32.66 -23.34 16.94
N GLU D 499 -33.86 -23.27 17.49
CA GLU D 499 -34.85 -22.26 17.08
C GLU D 499 -34.99 -21.20 18.15
N LEU D 500 -34.24 -21.32 19.23
CA LEU D 500 -34.39 -20.37 20.34
C LEU D 500 -33.96 -18.99 19.91
N PRO D 501 -32.73 -18.85 19.39
CA PRO D 501 -32.31 -17.49 19.06
C PRO D 501 -33.33 -16.75 18.20
N HIS D 502 -33.78 -17.33 17.10
CA HIS D 502 -34.73 -16.60 16.26
C HIS D 502 -36.06 -16.37 16.95
N ARG D 503 -36.50 -17.33 17.76
CA ARG D 503 -37.79 -17.22 18.42
C ARG D 503 -37.71 -16.12 19.45
N TYR D 504 -36.61 -16.08 20.18
CA TYR D 504 -36.40 -15.06 21.19
C TYR D 504 -36.55 -13.69 20.53
N ILE D 505 -35.94 -13.55 19.36
CA ILE D 505 -36.04 -12.31 18.63
C ILE D 505 -37.50 -12.01 18.20
N LEU D 506 -38.19 -12.99 17.63
CA LEU D 506 -39.60 -12.81 17.31
C LEU D 506 -40.38 -12.34 18.54
N GLY D 507 -40.03 -12.89 19.71
CA GLY D 507 -40.62 -12.45 20.96
C GLY D 507 -40.45 -10.96 21.24
N VAL D 508 -39.22 -10.47 21.08
CA VAL D 508 -38.95 -9.06 21.27
C VAL D 508 -39.84 -8.30 20.29
N TYR D 509 -39.87 -8.70 19.03
CA TYR D 509 -40.74 -8.00 18.09
C TYR D 509 -42.20 -8.04 18.56
N GLN D 510 -42.65 -9.22 18.96
CA GLN D 510 -43.99 -9.34 19.55
C GLN D 510 -44.23 -8.22 20.55
N LEU D 511 -43.29 -8.02 21.47
CA LEU D 511 -43.49 -7.04 22.53
C LEU D 511 -43.51 -5.62 22.00
N TYR D 512 -42.63 -5.32 21.06
CA TYR D 512 -42.57 -3.98 20.50
C TYR D 512 -43.78 -3.79 19.64
N ALA D 513 -44.23 -4.87 19.02
CA ALA D 513 -45.34 -4.76 18.10
C ALA D 513 -46.61 -4.41 18.86
N ARG D 514 -46.81 -5.04 20.01
CA ARG D 514 -48.03 -4.83 20.77
C ARG D 514 -48.03 -3.51 21.52
N LEU D 515 -46.88 -3.13 22.05
CA LEU D 515 -46.77 -1.85 22.74
C LEU D 515 -46.95 -0.66 21.78
N THR D 516 -46.36 -0.73 20.58
CA THR D 516 -46.46 0.40 19.65
C THR D 516 -47.84 0.53 18.99
N GLN D 517 -48.55 -0.58 18.84
CA GLN D 517 -49.91 -0.51 18.28
C GLN D 517 -50.91 0.03 19.30
N ALA D 518 -50.72 -0.31 20.57
CA ALA D 518 -51.67 0.08 21.61
C ALA D 518 -51.45 1.49 22.14
N TYR D 519 -50.22 1.98 22.05
CA TYR D 519 -49.88 3.33 22.53
C TYR D 519 -48.95 4.04 21.56
N PRO D 520 -49.44 4.31 20.35
CA PRO D 520 -48.61 4.81 19.24
C PRO D 520 -47.97 6.19 19.44
N ASN D 521 -48.29 6.91 20.51
CA ASN D 521 -47.71 8.24 20.72
C ASN D 521 -46.46 8.19 21.58
N VAL D 522 -46.07 6.96 21.91
CA VAL D 522 -44.93 6.76 22.75
C VAL D 522 -43.72 6.59 21.86
N LEU D 523 -42.74 7.44 22.08
CA LEU D 523 -41.45 7.39 21.41
C LEU D 523 -40.58 6.35 22.11
N PHE D 524 -40.20 5.30 21.40
CA PHE D 524 -39.27 4.31 21.93
C PHE D 524 -37.88 4.60 21.41
N GLU D 525 -36.96 4.84 22.35
CA GLU D 525 -35.54 4.87 22.07
C GLU D 525 -35.01 3.49 22.39
N SER D 526 -34.52 2.80 21.37
CA SER D 526 -33.92 1.48 21.51
C SER D 526 -32.54 1.60 22.18
N CYS D 527 -32.14 0.56 22.94
CA CYS D 527 -30.86 0.62 23.62
C CYS D 527 -30.33 -0.78 23.86
N ALA D 528 -29.01 -0.91 23.92
CA ALA D 528 -28.37 -2.18 24.26
C ALA D 528 -26.95 -1.91 24.73
N SER D 529 -26.83 -1.40 25.97
CA SER D 529 -25.54 -0.98 26.51
C SER D 529 -24.92 0.02 25.53
N GLY D 530 -25.75 0.92 25.01
CA GLY D 530 -25.34 1.75 23.90
C GLY D 530 -25.77 1.07 22.62
N GLY D 531 -24.85 0.89 21.69
CA GLY D 531 -25.23 0.44 20.35
C GLY D 531 -25.11 -1.04 20.03
N GLY D 532 -25.47 -1.89 20.98
CA GLY D 532 -25.33 -3.32 20.82
C GLY D 532 -26.44 -3.97 20.02
N ARG D 533 -27.45 -3.19 19.63
CA ARG D 533 -28.49 -3.70 18.74
C ARG D 533 -28.84 -2.69 17.67
N PHE D 534 -27.90 -1.81 17.37
CA PHE D 534 -28.17 -0.70 16.48
C PHE D 534 -28.44 -1.18 15.05
N ASP D 535 -29.71 -1.52 14.76
CA ASP D 535 -30.02 -2.12 13.47
C ASP D 535 -31.40 -1.83 12.91
N LEU D 536 -31.59 -2.09 11.62
CA LEU D 536 -32.83 -1.74 10.94
C LEU D 536 -34.02 -2.43 11.63
N GLY D 537 -33.77 -3.58 12.24
CA GLY D 537 -34.83 -4.33 12.86
C GLY D 537 -35.52 -3.52 13.93
N MSE D 538 -34.75 -2.74 14.67
CA MSE D 538 -35.31 -1.97 15.77
C MSE D 538 -35.84 -0.62 15.33
O MSE D 538 -36.76 -0.09 15.99
CB MSE D 538 -34.24 -1.78 16.84
CG MSE D 538 -33.63 -3.07 17.31
SE MSE D 538 -34.76 -3.97 18.65
CE MSE D 538 -34.73 -2.60 20.03
N MSE D 539 -35.31 -0.06 14.25
CA MSE D 539 -35.74 1.23 13.75
C MSE D 539 -37.18 1.19 13.21
O MSE D 539 -37.86 2.23 13.15
CB MSE D 539 -34.81 1.74 12.63
CG MSE D 539 -33.33 1.86 13.01
SE MSE D 539 -32.94 2.94 14.61
CE MSE D 539 -31.15 2.26 14.92
N TYR D 540 -37.63 0.01 12.79
CA TYR D 540 -39.00 -0.14 12.36
C TYR D 540 -39.95 0.27 13.47
N TYR D 541 -39.63 -0.11 14.70
CA TYR D 541 -40.47 0.12 15.86
C TYR D 541 -40.02 1.35 16.61
N ALA D 542 -38.72 1.44 16.85
CA ALA D 542 -38.09 2.54 17.59
C ALA D 542 -37.23 3.37 16.63
N PRO D 543 -37.67 4.61 16.33
CA PRO D 543 -37.06 5.40 15.25
C PRO D 543 -35.66 5.86 15.59
N GLN D 544 -35.24 5.71 16.84
CA GLN D 544 -33.90 6.15 17.22
C GLN D 544 -33.26 5.21 18.23
N ALA D 545 -31.93 5.11 18.20
CA ALA D 545 -31.23 4.25 19.12
C ALA D 545 -30.23 5.05 19.92
N TRP D 546 -29.91 4.58 21.14
CA TRP D 546 -28.81 5.15 21.92
C TRP D 546 -27.49 4.64 21.32
N THR D 547 -26.81 5.50 20.57
CA THR D 547 -25.74 5.06 19.67
C THR D 547 -24.55 4.37 20.36
N SER D 548 -24.08 4.96 21.44
CA SER D 548 -23.01 4.37 22.23
C SER D 548 -23.13 4.82 23.67
N ASP D 549 -22.74 3.97 24.60
CA ASP D 549 -22.57 4.39 25.98
C ASP D 549 -21.42 5.36 26.10
N ASP D 550 -20.49 5.29 25.16
CA ASP D 550 -19.41 6.25 25.10
C ASP D 550 -19.98 7.59 24.63
N THR D 551 -20.00 8.57 25.54
CA THR D 551 -20.50 9.92 25.25
C THR D 551 -19.37 10.96 25.25
N ASP D 552 -18.13 10.50 25.16
CA ASP D 552 -17.01 11.42 24.92
C ASP D 552 -17.08 12.03 23.51
N ALA D 553 -16.81 13.34 23.40
CA ALA D 553 -16.84 14.04 22.11
C ALA D 553 -15.92 13.42 21.05
N ALA D 554 -14.65 13.24 21.39
CA ALA D 554 -13.69 12.67 20.45
C ALA D 554 -14.06 11.27 20.00
N GLU D 555 -14.45 10.39 20.92
CA GLU D 555 -14.81 9.03 20.57
C GLU D 555 -16.07 8.98 19.70
N ARG D 556 -17.04 9.85 20.00
CA ARG D 556 -18.29 9.86 19.27
C ARG D 556 -18.06 10.24 17.80
N LEU D 557 -17.21 11.22 17.56
CA LEU D 557 -16.80 11.52 16.20
C LEU D 557 -16.60 10.22 15.44
N LEU D 558 -15.71 9.36 15.93
CA LEU D 558 -15.48 8.11 15.22
C LEU D 558 -16.76 7.27 15.11
N ILE D 559 -17.47 7.10 16.23
CA ILE D 559 -18.65 6.23 16.26
C ILE D 559 -19.77 6.71 15.34
N GLN D 560 -20.03 8.01 15.36
CA GLN D 560 -21.05 8.61 14.49
C GLN D 560 -20.65 8.62 13.01
N PHE D 561 -19.40 8.97 12.74
CA PHE D 561 -18.94 8.94 11.37
C PHE D 561 -19.21 7.56 10.78
N GLY D 562 -18.78 6.51 11.47
CA GLY D 562 -19.00 5.16 11.00
C GLY D 562 -20.47 4.80 10.89
N THR D 563 -21.24 5.12 11.93
CA THR D 563 -22.65 4.78 11.90
C THR D 563 -23.35 5.38 10.67
N SER D 564 -22.99 6.61 10.29
CA SER D 564 -23.64 7.30 9.16
C SER D 564 -23.58 6.59 7.82
N TYR D 565 -22.58 5.74 7.61
CA TYR D 565 -22.52 4.95 6.38
C TYR D 565 -23.78 4.09 6.25
N GLY D 566 -24.28 3.63 7.39
CA GLY D 566 -25.41 2.74 7.40
C GLY D 566 -26.67 3.38 7.92
N TYR D 567 -26.53 4.46 8.67
CA TYR D 567 -27.68 5.01 9.37
C TYR D 567 -27.66 6.55 9.46
N PRO D 568 -28.76 7.19 9.05
CA PRO D 568 -28.92 8.65 9.07
C PRO D 568 -28.95 9.16 10.49
N GLN D 569 -28.56 10.42 10.69
CA GLN D 569 -28.46 10.99 12.03
C GLN D 569 -29.77 10.99 12.80
N ALA D 570 -30.89 10.96 12.10
CA ALA D 570 -32.19 10.90 12.77
C ALA D 570 -32.26 9.73 13.74
N MSE D 571 -31.53 8.67 13.44
CA MSE D 571 -31.55 7.44 14.22
C MSE D 571 -30.62 7.43 15.45
O MSE D 571 -30.76 6.57 16.32
CB MSE D 571 -31.23 6.26 13.30
CG MSE D 571 -32.25 6.03 12.20
SE MSE D 571 -31.80 4.45 11.13
CE MSE D 571 -33.20 4.56 9.74
N MSE D 572 -29.69 8.39 15.50
CA MSE D 572 -28.64 8.39 16.52
C MSE D 572 -28.90 9.32 17.71
O MSE D 572 -28.76 10.54 17.58
CB MSE D 572 -27.32 8.82 15.90
CG MSE D 572 -26.60 7.78 15.06
SE MSE D 572 -25.06 8.63 14.14
CE MSE D 572 -25.80 8.85 12.32
N GLY D 573 -29.23 8.76 18.86
CA GLY D 573 -29.27 9.57 20.06
C GLY D 573 -27.84 10.05 20.35
N ALA D 574 -27.69 11.24 20.90
CA ALA D 574 -26.39 11.74 21.32
C ALA D 574 -26.55 12.74 22.46
N HIS D 575 -25.95 12.45 23.61
CA HIS D 575 -26.07 13.36 24.75
C HIS D 575 -24.76 14.11 25.05
N VAL D 576 -24.85 15.37 25.40
CA VAL D 576 -23.69 16.09 25.94
C VAL D 576 -23.44 15.63 27.36
N SER D 577 -22.24 15.09 27.61
CA SER D 577 -21.97 14.50 28.92
C SER D 577 -20.94 15.27 29.74
N ALA D 578 -20.73 14.82 30.97
CA ALA D 578 -19.82 15.52 31.87
C ALA D 578 -18.36 15.15 31.60
N VAL D 579 -17.46 15.95 32.15
CA VAL D 579 -16.04 15.87 31.85
C VAL D 579 -15.24 16.03 33.17
N PRO D 580 -14.13 15.28 33.35
CA PRO D 580 -13.52 14.23 32.50
C PRO D 580 -14.41 13.02 32.37
N ASN D 581 -14.72 12.66 31.13
CA ASN D 581 -15.56 11.54 30.76
C ASN D 581 -15.39 10.32 31.65
N ASP D 582 -16.51 9.75 32.10
CA ASP D 582 -16.50 8.62 33.04
C ASP D 582 -16.06 7.28 32.40
N GLN D 583 -16.20 7.16 31.09
CA GLN D 583 -15.79 5.95 30.37
C GLN D 583 -14.29 5.85 30.16
N MSE D 584 -13.60 6.98 29.97
CA MSE D 584 -12.18 6.94 29.59
C MSE D 584 -11.31 8.16 29.88
O MSE D 584 -10.14 8.17 29.52
CB MSE D 584 -12.05 6.52 28.13
CG MSE D 584 -13.17 7.03 27.26
SE MSE D 584 -12.84 8.88 26.74
CE MSE D 584 -11.07 8.57 25.98
N GLY D 585 -11.89 9.18 30.50
CA GLY D 585 -11.12 10.21 31.17
C GLY D 585 -10.79 11.48 30.42
N ARG D 586 -11.10 11.49 29.12
CA ARG D 586 -10.81 12.65 28.30
C ARG D 586 -11.55 13.90 28.80
N ILE D 587 -10.95 15.06 28.62
CA ILE D 587 -11.59 16.32 28.95
C ILE D 587 -11.76 17.05 27.65
N THR D 588 -12.88 17.74 27.49
CA THR D 588 -13.25 18.34 26.23
C THR D 588 -14.03 19.63 26.47
N SER D 589 -13.93 20.60 25.59
CA SER D 589 -14.72 21.82 25.81
C SER D 589 -16.21 21.53 25.79
N LEU D 590 -17.00 22.35 26.47
CA LEU D 590 -18.45 22.18 26.36
C LEU D 590 -18.94 22.48 24.93
N LYS D 591 -18.23 23.37 24.24
CA LYS D 591 -18.56 23.71 22.85
C LYS D 591 -18.43 22.51 21.92
N THR D 592 -17.40 21.71 22.11
CA THR D 592 -17.21 20.57 21.23
C THR D 592 -18.19 19.43 21.52
N ARG D 593 -18.33 19.05 22.79
CA ARG D 593 -19.35 18.07 23.20
C ARG D 593 -20.70 18.42 22.62
N GLY D 594 -21.06 19.70 22.72
CA GLY D 594 -22.30 20.19 22.12
C GLY D 594 -22.32 19.95 20.62
N ALA D 595 -21.21 20.30 19.95
CA ALA D 595 -21.14 20.34 18.48
C ALA D 595 -21.10 18.98 17.79
N VAL D 596 -20.56 17.97 18.46
CA VAL D 596 -20.68 16.58 17.98
C VAL D 596 -22.11 16.04 18.21
N ALA D 597 -22.80 16.51 19.24
CA ALA D 597 -24.12 15.99 19.54
C ALA D 597 -25.26 16.61 18.72
N PHE D 598 -25.02 17.78 18.13
CA PHE D 598 -26.05 18.36 17.27
C PHE D 598 -26.35 17.43 16.09
N PHE D 599 -25.36 16.71 15.61
CA PHE D 599 -25.57 15.90 14.40
C PHE D 599 -26.20 14.54 14.73
N GLY D 600 -27.37 14.63 15.34
CA GLY D 600 -28.14 13.49 15.76
C GLY D 600 -29.26 14.06 16.57
N ASP D 601 -29.69 13.31 17.57
CA ASP D 601 -30.78 13.72 18.43
C ASP D 601 -30.23 14.16 19.78
N LEU D 602 -30.07 15.48 19.91
CA LEU D 602 -29.43 16.12 21.05
C LEU D 602 -30.13 15.83 22.38
N GLY D 603 -29.33 15.66 23.42
CA GLY D 603 -29.82 15.26 24.72
C GLY D 603 -28.75 15.60 25.74
N TYR D 604 -29.12 15.69 27.00
CA TYR D 604 -28.16 16.04 28.04
C TYR D 604 -28.17 15.00 29.13
N GLU D 605 -26.98 14.63 29.59
CA GLU D 605 -26.85 13.54 30.54
C GLU D 605 -25.89 13.94 31.64
N LEU D 606 -26.05 15.16 32.14
CA LEU D 606 -25.18 15.66 33.20
C LEU D 606 -25.96 16.39 34.29
N ASP D 607 -25.38 16.44 35.48
CA ASP D 607 -26.03 17.07 36.62
C ASP D 607 -25.95 18.58 36.47
N ILE D 608 -26.93 19.16 35.78
CA ILE D 608 -26.94 20.60 35.52
C ILE D 608 -27.21 21.42 36.78
N THR D 609 -27.67 20.78 37.85
CA THR D 609 -27.78 21.44 39.15
C THR D 609 -26.40 21.78 39.73
N LYS D 610 -25.36 21.12 39.22
CA LYS D 610 -23.97 21.32 39.67
C LYS D 610 -23.14 22.18 38.71
N MSE D 611 -23.77 23.12 38.03
CA MSE D 611 -23.09 23.92 37.02
C MSE D 611 -23.06 25.39 37.37
O MSE D 611 -24.01 25.94 37.92
CB MSE D 611 -23.79 23.77 35.68
CG MSE D 611 -23.39 22.55 34.87
SE MSE D 611 -24.29 22.54 33.13
CE MSE D 611 -22.88 21.73 32.05
N ALA D 612 -21.95 26.05 37.02
CA ALA D 612 -21.79 27.48 37.22
C ALA D 612 -22.72 28.26 36.29
N PRO D 613 -23.11 29.48 36.70
CA PRO D 613 -23.90 30.37 35.84
C PRO D 613 -23.45 30.46 34.37
N THR D 614 -22.18 30.76 34.10
CA THR D 614 -21.73 30.86 32.73
C THR D 614 -21.92 29.56 31.94
N GLU D 615 -21.77 28.41 32.61
CA GLU D 615 -21.93 27.11 31.96
C GLU D 615 -23.40 26.90 31.58
N LEU D 616 -24.28 27.13 32.54
CA LEU D 616 -25.73 27.10 32.30
C LEU D 616 -26.12 27.94 31.08
N ASP D 617 -25.60 29.16 30.98
CA ASP D 617 -25.92 30.02 29.86
C ASP D 617 -25.46 29.44 28.53
N GLN D 618 -24.31 28.78 28.56
CA GLN D 618 -23.75 28.14 27.37
C GLN D 618 -24.72 27.06 26.89
N VAL D 619 -25.20 26.27 27.84
CA VAL D 619 -26.13 25.21 27.52
C VAL D 619 -27.44 25.75 26.98
N LYS D 620 -28.01 26.72 27.66
CA LYS D 620 -29.24 27.38 27.20
C LYS D 620 -29.10 27.79 25.75
N LYS D 621 -27.90 28.20 25.35
CA LYS D 621 -27.71 28.71 24.01
C LYS D 621 -27.56 27.57 23.00
N GLN D 622 -26.86 26.51 23.40
CA GLN D 622 -26.82 25.30 22.59
C GLN D 622 -28.22 24.80 22.25
N VAL D 623 -29.12 24.81 23.23
CA VAL D 623 -30.49 24.36 23.06
C VAL D 623 -31.31 25.24 22.12
N ALA D 624 -31.19 26.57 22.26
CA ALA D 624 -31.86 27.51 21.36
C ALA D 624 -31.30 27.37 19.95
N PHE D 625 -29.99 27.20 19.86
CA PHE D 625 -29.35 27.01 18.58
C PHE D 625 -29.84 25.72 17.95
N TYR D 626 -29.83 24.63 18.71
CA TYR D 626 -30.21 23.34 18.17
C TYR D 626 -31.66 23.35 17.71
N LYS D 627 -32.52 23.95 18.53
CA LYS D 627 -33.95 24.04 18.22
C LYS D 627 -34.20 24.82 16.92
N CYS D 628 -33.50 25.95 16.78
CA CYS D 628 -33.58 26.82 15.61
C CYS D 628 -33.33 26.01 14.34
N TYR D 629 -32.41 25.06 14.43
CA TYR D 629 -31.99 24.35 13.24
C TYR D 629 -32.26 22.86 13.37
N ARG D 630 -33.30 22.51 14.11
CA ARG D 630 -33.52 21.11 14.40
C ARG D 630 -33.82 20.29 13.15
N GLN D 631 -34.63 20.85 12.25
CA GLN D 631 -35.04 20.16 11.03
C GLN D 631 -33.82 19.84 10.16
N LEU D 632 -32.89 20.79 10.12
CA LEU D 632 -31.66 20.66 9.36
C LEU D 632 -30.75 19.57 9.96
N PHE D 633 -30.52 19.68 11.27
CA PHE D 633 -29.63 18.78 11.99
C PHE D 633 -30.13 17.33 11.99
N GLN D 634 -31.39 17.14 12.33
CA GLN D 634 -31.96 15.82 12.38
C GLN D 634 -32.29 15.19 11.02
N PHE D 635 -32.80 15.95 10.06
CA PHE D 635 -33.30 15.32 8.81
C PHE D 635 -32.63 15.78 7.51
N GLY D 636 -31.79 16.80 7.61
CA GLY D 636 -31.05 17.29 6.45
C GLY D 636 -30.17 16.22 5.83
N LYS D 637 -29.92 16.37 4.53
CA LYS D 637 -29.11 15.40 3.80
C LYS D 637 -27.68 15.45 4.33
N PHE D 638 -27.11 14.27 4.58
CA PHE D 638 -25.85 14.17 5.30
C PHE D 638 -24.68 13.85 4.40
N TYR D 639 -23.69 14.72 4.40
CA TYR D 639 -22.43 14.51 3.70
C TYR D 639 -21.28 14.33 4.68
N ARG D 640 -20.53 13.25 4.54
CA ARG D 640 -19.23 13.11 5.17
C ARG D 640 -18.20 13.80 4.29
N ILE D 641 -17.25 14.48 4.91
CA ILE D 641 -16.21 15.16 4.16
C ILE D 641 -14.85 14.56 4.53
N ASP D 642 -14.20 15.12 5.56
CA ASP D 642 -12.94 14.62 6.08
C ASP D 642 -13.16 13.45 7.04
N SER D 643 -12.42 12.35 6.86
CA SER D 643 -12.67 11.11 7.59
C SER D 643 -11.58 10.73 8.58
N PRO D 644 -11.97 10.43 9.84
CA PRO D 644 -11.02 9.99 10.87
C PRO D 644 -10.51 8.60 10.57
N PHE D 645 -11.02 7.99 9.49
CA PHE D 645 -10.61 6.63 9.12
C PHE D 645 -9.67 6.62 7.93
N VAL D 646 -9.32 7.80 7.41
CA VAL D 646 -8.49 7.95 6.22
C VAL D 646 -7.32 8.71 6.82
N GLU D 647 -6.15 8.58 6.20
CA GLU D 647 -5.02 9.45 6.52
C GLU D 647 -4.68 9.29 8.00
N ASP D 648 -4.31 10.38 8.67
CA ASP D 648 -3.92 10.29 10.08
C ASP D 648 -5.13 10.32 11.02
N GLY D 649 -6.29 10.64 10.45
CA GLY D 649 -7.50 10.71 11.23
C GLY D 649 -7.56 11.86 12.23
N ASN D 650 -6.78 12.91 12.01
CA ASN D 650 -6.77 14.01 12.96
C ASN D 650 -7.98 14.94 12.76
N VAL D 651 -8.47 15.00 11.52
CA VAL D 651 -9.58 15.89 11.23
C VAL D 651 -10.81 15.13 10.74
N THR D 652 -11.95 15.36 11.40
CA THR D 652 -13.23 14.81 10.99
C THR D 652 -14.13 15.95 10.64
N SER D 653 -14.83 15.89 9.51
CA SER D 653 -15.78 16.94 9.20
C SER D 653 -16.97 16.45 8.44
N TRP D 654 -18.11 17.09 8.69
CA TRP D 654 -19.28 16.83 7.89
C TRP D 654 -20.30 17.95 7.76
N GLN D 655 -21.38 17.67 7.04
CA GLN D 655 -22.33 18.70 6.65
C GLN D 655 -23.76 18.16 6.53
N VAL D 656 -24.73 18.91 7.03
CA VAL D 656 -26.13 18.62 6.71
C VAL D 656 -26.70 19.74 5.83
N VAL D 657 -27.46 19.35 4.80
CA VAL D 657 -28.01 20.28 3.82
C VAL D 657 -29.53 20.11 3.73
N SER D 658 -30.23 21.24 3.66
CA SER D 658 -31.68 21.26 3.48
C SER D 658 -32.16 20.73 2.11
N ASP D 659 -33.48 20.54 1.98
CA ASP D 659 -34.12 20.05 0.75
C ASP D 659 -33.80 20.95 -0.46
N ASP D 660 -34.01 22.25 -0.28
CA ASP D 660 -33.82 23.23 -1.34
C ASP D 660 -32.38 23.72 -1.45
N GLN D 661 -31.48 23.16 -0.65
CA GLN D 661 -30.06 23.51 -0.71
C GLN D 661 -29.77 24.99 -0.38
N LYS D 662 -30.69 25.63 0.34
CA LYS D 662 -30.54 27.04 0.71
C LYS D 662 -30.04 27.22 2.15
N GLN D 663 -29.97 26.14 2.90
CA GLN D 663 -29.36 26.21 4.22
C GLN D 663 -28.43 25.03 4.42
N ALA D 664 -27.38 25.23 5.21
CA ALA D 664 -26.47 24.13 5.54
C ALA D 664 -25.72 24.43 6.81
N ILE D 665 -25.40 23.37 7.57
CA ILE D 665 -24.43 23.49 8.64
C ILE D 665 -23.30 22.48 8.48
N ALA D 666 -22.07 23.00 8.41
CA ALA D 666 -20.87 22.18 8.32
C ALA D 666 -20.12 22.23 9.63
N ALA D 667 -19.29 21.23 9.88
CA ALA D 667 -18.52 21.23 11.11
C ALA D 667 -17.22 20.54 10.83
N ARG D 668 -16.13 21.14 11.32
CA ARG D 668 -14.80 20.55 11.25
C ARG D 668 -14.30 20.38 12.69
N TYR D 669 -13.90 19.16 13.03
CA TYR D 669 -13.34 18.88 14.34
C TYR D 669 -11.90 18.43 14.17
N GLN D 670 -10.99 19.03 14.90
CA GLN D 670 -9.61 18.55 14.89
C GLN D 670 -9.34 17.98 16.26
N LEU D 671 -8.73 16.79 16.30
CA LEU D 671 -8.49 16.17 17.60
C LEU D 671 -7.27 16.78 18.32
N LEU D 672 -6.15 16.89 17.61
CA LEU D 672 -4.92 17.34 18.22
C LEU D 672 -4.50 18.61 17.51
N ASN D 673 -4.17 19.65 18.25
CA ASN D 673 -3.73 20.87 17.61
C ASN D 673 -2.23 20.78 17.31
N HIS D 674 -1.80 21.28 16.15
CA HIS D 674 -0.38 21.30 15.82
C HIS D 674 0.11 22.70 15.49
N PRO D 675 1.37 23.01 15.84
CA PRO D 675 1.88 24.38 15.75
C PRO D 675 2.37 24.67 14.36
N ASN D 676 2.45 25.95 13.99
CA ASN D 676 3.04 26.34 12.70
C ASN D 676 2.40 25.57 11.59
N ALA D 677 1.09 25.58 11.56
CA ALA D 677 0.37 24.66 10.71
C ALA D 677 0.19 25.17 9.26
N PRO D 678 -0.12 24.25 8.34
CA PRO D 678 -0.61 24.67 7.02
C PRO D 678 -1.90 25.47 7.18
N TYR D 679 -2.21 26.25 6.16
CA TYR D 679 -3.45 26.99 6.08
C TYR D 679 -4.59 25.99 5.92
N THR D 680 -5.72 26.27 6.54
CA THR D 680 -6.86 25.39 6.46
C THR D 680 -7.75 25.79 5.30
N ARG D 681 -8.06 24.82 4.45
CA ARG D 681 -9.15 25.03 3.51
C ARG D 681 -10.22 23.96 3.67
N PHE D 682 -11.41 24.40 4.06
CA PHE D 682 -12.57 23.54 4.15
C PHE D 682 -13.38 23.49 2.85
N TYR D 683 -13.65 22.30 2.32
CA TYR D 683 -14.42 22.20 1.07
C TYR D 683 -15.87 21.75 1.28
N PHE D 684 -16.82 22.69 1.30
CA PHE D 684 -18.22 22.31 1.41
C PHE D 684 -18.63 21.34 0.28
N LYS D 685 -19.60 20.48 0.58
CA LYS D 685 -20.28 19.67 -0.42
C LYS D 685 -21.79 19.91 -0.37
N GLY D 686 -22.49 19.47 -1.39
CA GLY D 686 -23.94 19.48 -1.40
C GLY D 686 -24.65 20.79 -1.67
N LEU D 687 -23.96 21.79 -2.18
CA LEU D 687 -24.61 23.07 -2.42
C LEU D 687 -24.98 23.27 -3.89
N ARG D 688 -25.80 24.28 -4.13
CA ARG D 688 -26.12 24.67 -5.49
C ARG D 688 -25.02 25.58 -6.04
N PRO D 689 -24.41 25.18 -7.16
CA PRO D 689 -23.27 25.88 -7.76
C PRO D 689 -23.50 27.38 -8.00
N ASN D 690 -24.68 27.77 -8.48
CA ASN D 690 -24.88 29.14 -8.92
C ASN D 690 -25.65 29.98 -7.93
N GLN D 691 -25.89 29.44 -6.74
CA GLN D 691 -26.60 30.18 -5.69
C GLN D 691 -25.57 30.95 -4.84
N ARG D 692 -25.94 32.14 -4.40
CA ARG D 692 -25.06 32.91 -3.57
C ARG D 692 -25.34 32.67 -2.10
N TYR D 693 -24.29 32.45 -1.30
CA TYR D 693 -24.41 32.14 0.13
C TYR D 693 -23.55 33.04 1.00
N GLN D 694 -23.84 33.04 2.30
CA GLN D 694 -23.00 33.70 3.30
C GLN D 694 -22.77 32.73 4.44
N ILE D 695 -21.62 32.90 5.08
CA ILE D 695 -21.20 31.98 6.10
C ILE D 695 -20.82 32.59 7.42
N ASN D 696 -21.65 32.32 8.39
CA ASN D 696 -21.54 32.86 9.72
C ASN D 696 -21.55 34.34 9.54
N ASP D 697 -20.77 35.06 10.30
CA ASP D 697 -20.83 36.51 10.31
C ASP D 697 -19.87 37.15 9.28
N ASP D 698 -19.27 36.33 8.41
CA ASP D 698 -18.42 36.82 7.32
C ASP D 698 -19.31 37.56 6.33
N PRO D 699 -18.98 38.83 6.06
CA PRO D 699 -19.79 39.79 5.30
C PRO D 699 -19.75 39.54 3.80
N SER D 700 -18.77 38.79 3.34
CA SER D 700 -18.66 38.44 1.92
C SER D 700 -19.75 37.48 1.46
N THR D 701 -19.96 37.45 0.16
CA THR D 701 -20.90 36.52 -0.44
C THR D 701 -20.17 35.58 -1.40
N TYR D 702 -20.54 34.30 -1.35
CA TYR D 702 -19.84 33.27 -2.09
C TYR D 702 -20.82 32.48 -2.96
N TYR D 703 -20.43 32.21 -4.20
CA TYR D 703 -21.17 31.24 -5.01
C TYR D 703 -20.90 29.81 -4.54
N GLY D 704 -21.93 28.98 -4.60
CA GLY D 704 -21.80 27.59 -4.26
C GLY D 704 -20.53 26.99 -4.81
N ASP D 705 -20.19 27.31 -6.06
CA ASP D 705 -19.01 26.67 -6.66
C ASP D 705 -17.66 27.17 -6.12
N GLU D 706 -17.64 28.39 -5.56
CA GLU D 706 -16.42 28.86 -4.89
C GLU D 706 -16.22 27.98 -3.68
N LEU D 707 -17.29 27.79 -2.91
CA LEU D 707 -17.19 27.12 -1.64
C LEU D 707 -16.91 25.63 -1.79
N MSE D 708 -17.21 25.08 -2.96
CA MSE D 708 -17.07 23.66 -3.23
C MSE D 708 -15.82 23.25 -4.00
O MSE D 708 -15.34 22.14 -3.86
CB MSE D 708 -18.29 23.14 -3.98
CG MSE D 708 -19.51 22.91 -3.12
SE MSE D 708 -20.95 22.02 -4.12
CE MSE D 708 -21.41 23.45 -5.39
N ASN D 709 -15.31 24.15 -4.85
CA ASN D 709 -14.22 23.82 -5.76
C ASN D 709 -12.92 24.50 -5.35
N ALA D 710 -13.01 25.72 -4.80
CA ALA D 710 -11.83 26.43 -4.33
C ALA D 710 -11.66 26.22 -2.84
N GLY D 711 -12.79 26.20 -2.13
CA GLY D 711 -12.76 26.05 -0.70
C GLY D 711 -12.96 27.34 0.07
N TYR D 712 -12.99 27.21 1.39
CA TYR D 712 -13.15 28.32 2.29
C TYR D 712 -11.93 28.33 3.20
N PHE D 713 -11.26 29.47 3.27
CA PHE D 713 -10.12 29.61 4.17
C PHE D 713 -10.63 29.64 5.61
N VAL D 714 -10.03 28.83 6.47
CA VAL D 714 -10.38 28.86 7.88
C VAL D 714 -9.19 29.23 8.75
N PRO D 715 -9.37 30.26 9.60
CA PRO D 715 -8.43 30.68 10.64
C PRO D 715 -7.77 29.50 11.33
N THR D 716 -6.45 29.59 11.44
CA THR D 716 -5.70 28.65 12.25
C THR D 716 -6.18 28.66 13.71
N ILE D 717 -6.08 27.50 14.36
CA ILE D 717 -6.36 27.39 15.78
C ILE D 717 -5.14 27.78 16.61
N LEU D 718 -5.24 28.90 17.31
CA LEU D 718 -4.09 29.49 18.01
C LEU D 718 -4.11 29.29 19.52
N ALA D 719 -2.93 29.29 20.12
CA ALA D 719 -2.81 29.27 21.57
C ALA D 719 -3.25 30.63 22.15
N ASP D 720 -4.01 30.61 23.25
CA ASP D 720 -4.45 31.84 23.92
C ASP D 720 -4.12 31.89 25.43
N GLY D 721 -3.39 30.90 25.92
CA GLY D 721 -3.01 30.81 27.32
C GLY D 721 -4.14 30.48 28.29
N GLN D 722 -5.34 30.19 27.76
CA GLN D 722 -6.53 30.04 28.60
C GLN D 722 -7.06 28.60 28.65
N GLU D 723 -7.10 27.95 27.50
CA GLU D 723 -7.66 26.60 27.38
C GLU D 723 -6.87 25.72 26.40
N SER D 724 -7.08 24.41 26.51
CA SER D 724 -6.51 23.48 25.56
C SER D 724 -7.09 23.78 24.20
N LYS D 725 -6.31 23.56 23.15
CA LYS D 725 -6.82 23.72 21.81
C LYS D 725 -6.88 22.36 21.13
N ASP D 726 -6.96 21.32 21.96
CA ASP D 726 -7.22 19.98 21.47
C ASP D 726 -8.73 19.78 21.35
N PHE D 727 -9.16 18.83 20.53
CA PHE D 727 -10.58 18.57 20.34
C PHE D 727 -11.34 19.86 20.02
N TYR D 728 -10.97 20.48 18.90
CA TYR D 728 -11.45 21.82 18.55
C TYR D 728 -12.50 21.71 17.48
N THR D 729 -13.50 22.58 17.56
CA THR D 729 -14.56 22.57 16.59
C THR D 729 -14.74 23.91 15.89
N GLN D 730 -14.85 23.84 14.57
CA GLN D 730 -15.23 24.98 13.76
C GLN D 730 -16.57 24.68 13.08
N LEU D 731 -17.56 25.51 13.38
CA LEU D 731 -18.91 25.38 12.87
C LEU D 731 -19.14 26.42 11.79
N PHE D 732 -19.93 26.06 10.77
CA PHE D 732 -20.17 26.89 9.62
C PHE D 732 -21.65 26.90 9.24
N VAL D 733 -22.38 27.93 9.64
CA VAL D 733 -23.78 28.10 9.26
C VAL D 733 -23.90 28.80 7.91
N VAL D 734 -24.47 28.08 6.93
CA VAL D 734 -24.53 28.58 5.56
C VAL D 734 -25.93 29.04 5.20
N THR D 735 -26.07 30.32 4.89
CA THR D 735 -27.37 30.88 4.52
C THR D 735 -27.35 31.35 3.07
N ALA D 736 -28.39 30.96 2.33
CA ALA D 736 -28.58 31.48 0.99
C ALA D 736 -29.01 32.97 1.00
N ILE D 737 -28.37 33.75 0.13
CA ILE D 737 -28.82 35.11 -0.13
C ILE D 737 -29.92 35.05 -1.19
N LEU D 738 -31.12 35.46 -0.79
CA LEU D 738 -32.26 35.53 -1.71
C LEU D 738 -32.60 36.98 -2.05
N GLU D 739 -32.44 37.34 -3.32
CA GLU D 739 -32.80 38.66 -3.83
C GLU D 739 -32.60 38.62 -5.34
N HIS D 740 -33.25 39.51 -6.08
CA HIS D 740 -33.05 39.50 -7.52
C HIS D 740 -31.58 39.81 -7.77
N HIS D 741 -30.98 39.17 -8.76
CA HIS D 741 -29.62 39.54 -9.12
C HIS D 741 -29.30 39.24 -10.56
N HIS D 742 -28.68 40.17 -11.27
CA HIS D 742 -28.26 39.90 -12.63
C HIS D 742 -26.95 39.12 -12.65
N HIS D 743 -27.04 37.85 -12.98
CA HIS D 743 -25.92 36.93 -12.81
C HIS D 743 -25.00 36.85 -14.02
N HIS D 744 -23.75 36.49 -13.75
CA HIS D 744 -22.81 36.13 -14.81
C HIS D 744 -22.22 34.76 -14.50
N HIS D 745 -22.90 33.73 -15.00
CA HIS D 745 -22.59 32.34 -14.65
C HIS D 745 -21.51 31.72 -15.54
#